data_9EUH
#
_entry.id   9EUH
#
loop_
_entity.id
_entity.type
_entity.pdbx_description
1 polymer 'Peptidase C51 domain-containing protein'
2 polymer TmpF
3 polymer 'Baseplate wedge subunit'
4 polymer 'Baseplate component'
5 polymer 'Putative baseplate component'
6 polymer 'Baseplate component'
7 polymer 'GP-PDE domain-containing protein'
8 polymer 'NlpC/P60 domain-containing protein'
#
loop_
_entity_poly.entity_id
_entity_poly.type
_entity_poly.pdbx_seq_one_letter_code
_entity_poly.pdbx_strand_id
1 'polypeptide(L)'
;MRRIRRPKVRIEIVTDDNTFTLRFEDTRDYNGDEFGAKLLGFQTKNSMEDDSSVFQINMAGDTYWDKLVMANDIIRIFIT
PNDDPNDKEGKQERLIQVGMVSQVSKVGSYGNDQTQFRITGQSFVKPFMKFGLGVIQEVQAVLPEVGWLIDGDGDNEVKF
TGSSAHEVMTGIIRRFIPYMKYNYTEKTYNTIDNYLDYDDLSSWDEFEKLTEVSAFTNFDGSLKQLMDMVTARPFNELFF
KNSEKTPGKAQLVLRKTPFNPTEWRALDMIKVPTEDFIEEDVGKSDVETYSIFTATPAGMLKELNGDVFSKPQFHPELTD
RYGYTKFEVENIYLSTKSGSATEDSDSSGDDNGTERGTYSKIMKDLSNYGRDNISKGIDKYTSKLSSKYKNLKKAQAKKI
IEKFVKEGKVTEKEYEKITGNKVDDELTSDNRPKLTKDKLKSILKEKFKTQDDFNNSKKKKKAKTDALKELTTKYRFGNK
THATTLLDEYIKYKGEPPNDEAFDKYLKAIEGVSNVATDTGSDASDSPLVMFSRMLFNWYHGNPNFYAGDIIVLGDPKYD
LGKRLFIEDKQRGDTWEFYIESVEHKFDYKQGYYTTVGVTRGLKDAILEDGKGSPHRFAGLWNQSSDFMGGLMGEDTSKE
LKEKGVAEKQSSGDKDGGSDSGGAQDGGSLDSLKKYNGKLPKHDPSFVQPGNRHYKYQCTWYAYNRRGQLGIPVPLWGDA
ADWIGGAKGAGYGVGRTPKQGACVIWQRGVQGGSPQYGHVAFVEKVLDGGKKIFISEHNYATPNGYGTRTIDMSSAIGKN
AQFIYDKK
;
E
2 'polypeptide(L)'
;MANFLKNLHPLLRRDRNKKDNQDPNFALIDALNEEMNQVEKDAIESKLQSSLKTSTSEYLDKFGDWFGVYRKTDEKDDVY
RARIIKYLLLKRGTNNAIIDAIKDYLGRDDIDVSVYEPFTNIFYTNKSHLNGEDHLMGYYYRFAVINVSIGDYFPVEIID
VINEFKPAGVTLYVTYDGASTIRGGAIIKWLDGLPKIETYQEFDRFTGYDDTFYGHINMNQSKDTDNSSSDIFKTNHSLI
NSLDVLTGSSSVGRQYINYGYVTSYVYNPGMTSSVNQISASTEGRGQEVPTDYYMYTSTKNNNTVELSMQTTSGVSYLYN
NFNFRDYMSKYRPQVDLQSDEARRIVSDYIKELSIDYYLSAVIPPDESIEIKLQVYDFSINRWLTVSINNLSFYEKNIGS
NIGYIKDYLNSELNMFTRLEINAGKRDSVDIKVNYLDLMFYYYERGIYTIKPYKALIENYLDISRETYVEAFKIASLSNG
DIITKTGFQPIGYLKLVGNYENTIPSTINIVAKDTDNNPIESNELDVYNTVENRNLLQSYKGVNTIAREITSTKEFTVSG
WAKEIYSTNYLSKVLKPGKVYTLSFDMEITGNDPTLKSYSDNHGIYLYSNTKGIVVNGVKSMERTIGNKVSVTQTFTAPT
ITDHRLLIYTGRYTSDGKASTPPVFFNTVKITELKLTEGSSKLEYSPAPEDKPNVIEKGIKFNNILTNIQTLSINSDTIL
KNVTLYYSYYGDSWVELKTLGNISTGETTETNNLIDLYGLQTVDYSNINPMSKVSLRSIWNVKLGELNNQEGSLSNMPND
YFNAVWQDIDKLSDIELGSMRMVKDTEGGVFDGATGEIIKATLFNVGAYTDLDMLAYTLTNYTEPLTLGSSRLISELKEE
LLTSESFNVDNRIKVIDSIYEELPNTSIIKNGFVEREVTGSKYLDYGLYEPIEDGTRYKLIVEGEFKDNIEFISLYNSNP
NFNETFIYPSEIINGVAEKEFIAKPSTEDKPRLNTDVRIYIRPYDSTISKVRRVELRKV
;
J,H
3 'polypeptide(L)'
;MRFKKHVVQHEETMQAIAQRYYGDVSYWIDLVEHNNLKYPYLVETDEEKMKDPERLASTGDTLIIPIESDLTDVSAKEIN
SRDKDVLVELALGRDLNITADEKYFNEHGTSDNILAFSTNGNGDLDTVKGIDNMKQQLQARLLTPRGSLMLHPNYGSDLH
NLFGLNIPEQATLIEMEVLRTLTSDNRVKSANLIDWKIQGNVYSGQFSVEIKSVEESINFVLGQDEEGIFALFE
;
O,L
4 'polypeptide(L)'
;MNNFIPQPQGLLRFLNTLDTDLTSSHMNLLDEEVSFVSKFYTPQLQLSELAKKVLTNIKTDDIPVLEREFNDNTIIHKAN
DTLLKVQAPRMYMILQSIVLEAYAIVNCFVENPSSLKYLTEEDVSITRENLNYVADYLGNYDDYNSVVLDLRDLDLCFSA
IELQLPLIKKEANV
;
G,F
5 'polypeptide(L)'
;MPQSDGISNLHRIALRFPKEGGGYDMYRFKVNPENYTIDSPQRTTAIKTKSDIVIEDYGKDIEVINFTGTTGFRPVREAD
GLKTGKQKMEELQSRVSEYAMQGGSGNVSGSYLQFFNFTDDSYYKVHLAPQGLKITRSKDEPLLFRYEITLVVIGSLTEA
DRSAVTTEEFGNVKPNASQRVDEGIKELDKNARKTRDRNNQEISRRENTIPKSTGDNTNEGNRLKQSFPSSSIYNPRQST
NGLKGNIDNMALIIGYGDGGVSS
;
M,N
6 'polypeptide(L)'
;MKTRKLTNILSKLIDKTMAGTSKITDFTPGSASRSLLEAVSLEIEQFYILTKENIDWGIQEGIIEAFDFQKRQSKRAYGD
VTIQFYQPLDMRMYIPAGTTFTSTRQEYPQQFETLVDYYAEPDSTEIVVEVYCKETGVAGNVPEGTINTIASGSSLIRSV
NNEYSFNTGTKEESQEDFKRRFHSFVESRGRATNKSVRYGALQIPDVEGVYVYEETGHITVFAHDRNGNLSDTLKEDIID
ALQDYRPSGIMLDVTGVEKEEVNVSATVTISNKSRIGDTLQKHIESVIRSYLNNLKTSDDLIITDLIQAIMNIDDVLIYD
VSFDNLDENIIVPPQGIIRAGEIKVELK
;
D,I,C,K
7 'polypeptide(L)'
;MVVRFQSSMGRSLKRVDSDDLNVKGLVLATVSKINYKYQSVEVKVNNLTLGSRIGDDGSLAVPYPKSFIGRTPEGSVFGT
KPLITEGSVVLIGFLNDDINSPIILSVYGDNEQNKMINTNPLDGGKFDTESVYKYSSSLYEILPSLNYKYDDGEGTSIRT
YNGKSFFSMTSGEEEKPQATDFYTGTEYQDLFTSYYGNKTLIEPRIQKAPNMLFKHQGVFYDDGTPDNHITTLFISERGD
IRASVLNTETQKRTTQEMSSDGSYRVIKQDDDLMLDEAQVWIEYGISEDNKFYIKNDKHKFEFTDEGIYIDDKPMLENLD
ESIAEAMKNLNEIQKELDDINYLLKGVGKDNLEELIESTKESIEASKKATSDVNRLTTQIAEVSGRTEGIITQFQKFRDE
TFKDFYEDASTVINEVNQNFPTMKTDVKTLKTKVDNLEKTEIPNIKTRLTELENNNNNADKIISDRGEHIGAMIQLEENV
TVPMRKYMPIPWSKVTYNNAEFWDSNNPTRLVVPKGITKVRVAGNVLWDSNATGQRMLRILKNGTYSIGLPYTRDVAIST
APQNGTSGVIPVKEGDYFEFEAFQDSEGDRQFRADPYTWFSIEAIELETETMEKDFMLIGHRGATGYTDEHTIKGYQMAL
DKGADYIELDLQLTKDNKLLCMHDSTIDRTTTGTGKVGDMTLSYIQTNFTSLNGEPIPSLDDVLNHFGTKVKYYIETKRP
FDANMDRELLTQLKAKGLIGIGSERFQVIIQSFARESLINIHNQFSNIPLAYLTSTFSESEMDDCLSYGFYAIAPKYTTI
TKELVDLAHSKGLKVHAWTVNTKEEMQSLIQMGVDGFFTNYLDEYKKI
;
B
8 'polypeptide(L)'
;MATDKEAKDVIDKFIDNVFNFDVLTKERIKEKDEEIKKITTDDMYEKVVYIRPYVGVIQSLNPQHVQYESFSNNGYDIEA
ELSFRKVSYLVDKGSIPTDSLSTLTVHLVERNQELLIDYFDEIQDVLYGEYMEEEYVFDEDVPLSTILALDLNDNLKSLS
NIKYMFKGAPKENPFGTDKDVYIDTYNLLYWLYLGEDEELAYPMNINYFFTEGRFFTIFGKGHKYKVDVSKFIVGDILFF
GRSDTNIGIYVGDGEFISMMGKFPKDETPIGKYKLDDYWNEFNGRVMRFDEEVYI
;
A
#
# COMPACT_ATOMS: atom_id res chain seq x y z
N MET A 1 -11.41 -52.00 -1.07
CA MET A 1 -10.21 -51.47 -1.78
C MET A 1 -9.48 -50.47 -0.91
N ARG A 2 -8.16 -50.37 -1.11
CA ARG A 2 -7.30 -49.47 -0.36
C ARG A 2 -6.95 -48.26 -1.22
N ARG A 3 -7.08 -47.07 -0.64
CA ARG A 3 -6.82 -45.84 -1.37
C ARG A 3 -5.34 -45.73 -1.73
N ILE A 4 -5.08 -45.14 -2.90
CA ILE A 4 -3.74 -44.87 -3.39
C ILE A 4 -3.53 -43.36 -3.37
N ARG A 5 -2.36 -42.93 -2.92
CA ARG A 5 -2.02 -41.52 -2.77
C ARG A 5 -0.66 -41.26 -3.39
N ARG A 6 -0.56 -40.16 -4.16
CA ARG A 6 0.66 -39.75 -4.83
C ARG A 6 0.87 -38.26 -4.54
N PRO A 7 1.41 -37.91 -3.37
CA PRO A 7 1.63 -36.50 -3.07
C PRO A 7 2.61 -35.84 -4.03
N LYS A 8 2.39 -34.55 -4.27
CA LYS A 8 3.24 -33.77 -5.17
C LYS A 8 3.22 -32.33 -4.67
N VAL A 9 4.30 -31.92 -4.00
CA VAL A 9 4.37 -30.62 -3.35
C VAL A 9 4.93 -29.59 -4.32
N ARG A 10 4.37 -28.38 -4.28
CA ARG A 10 4.83 -27.25 -5.09
C ARG A 10 5.04 -26.06 -4.16
N ILE A 11 6.11 -25.31 -4.43
CA ILE A 11 6.48 -24.14 -3.63
C ILE A 11 6.64 -22.95 -4.57
N GLU A 12 6.09 -21.80 -4.17
CA GLU A 12 6.21 -20.54 -4.88
C GLU A 12 6.81 -19.51 -3.94
N ILE A 13 7.73 -18.70 -4.45
CA ILE A 13 8.44 -17.69 -3.68
C ILE A 13 8.41 -16.38 -4.43
N VAL A 14 8.22 -15.28 -3.70
CA VAL A 14 8.25 -13.94 -4.25
C VAL A 14 9.10 -13.06 -3.33
N THR A 15 9.97 -12.26 -3.92
CA THR A 15 10.85 -11.38 -3.16
C THR A 15 10.12 -10.10 -2.78
N TYR A 30 16.26 -15.95 -7.02
CA TYR A 30 16.22 -17.31 -7.53
C TYR A 30 14.79 -17.76 -7.82
N ASN A 31 14.64 -18.60 -8.83
CA ASN A 31 13.31 -19.04 -9.26
C ASN A 31 12.66 -19.92 -8.19
N GLY A 32 11.34 -19.79 -8.06
CA GLY A 32 10.63 -20.57 -7.07
C GLY A 32 10.63 -22.06 -7.39
N ASP A 33 10.54 -22.42 -8.67
CA ASP A 33 10.50 -23.82 -9.05
C ASP A 33 11.79 -24.54 -8.66
N GLU A 34 12.94 -23.88 -8.86
CA GLU A 34 14.20 -24.48 -8.45
C GLU A 34 14.26 -24.66 -6.94
N PHE A 35 13.72 -23.69 -6.19
CA PHE A 35 13.67 -23.82 -4.73
C PHE A 35 12.82 -25.01 -4.32
N GLY A 36 11.66 -25.20 -4.95
CA GLY A 36 10.78 -26.28 -4.59
C GLY A 36 11.29 -27.66 -4.97
N ALA A 37 12.21 -27.73 -5.93
CA ALA A 37 12.75 -29.02 -6.33
C ALA A 37 13.55 -29.66 -5.21
N LYS A 38 14.30 -28.87 -4.46
CA LYS A 38 15.18 -29.37 -3.40
C LYS A 38 14.46 -29.59 -2.08
N LEU A 39 13.13 -29.59 -2.06
CA LEU A 39 12.40 -29.80 -0.82
C LEU A 39 12.64 -31.21 -0.30
N LEU A 40 12.70 -31.34 1.03
CA LEU A 40 12.87 -32.63 1.70
C LEU A 40 11.76 -32.83 2.73
N GLY A 41 11.36 -31.75 3.40
CA GLY A 41 10.30 -31.84 4.38
C GLY A 41 10.08 -30.48 5.01
N PHE A 42 8.95 -30.36 5.70
CA PHE A 42 8.61 -29.11 6.37
C PHE A 42 7.62 -29.39 7.49
N GLN A 43 7.52 -28.43 8.40
CA GLN A 43 6.57 -28.45 9.50
C GLN A 43 5.82 -27.12 9.54
N THR A 44 4.60 -27.15 10.03
CA THR A 44 3.73 -25.97 10.07
C THR A 44 2.93 -26.02 11.37
N LYS A 45 3.41 -25.32 12.39
CA LYS A 45 2.76 -25.29 13.70
C LYS A 45 1.81 -24.09 13.75
N ASN A 46 0.52 -24.36 13.61
CA ASN A 46 -0.53 -23.36 13.74
C ASN A 46 -1.41 -23.74 14.93
N SER A 47 -1.67 -22.78 15.81
CA SER A 47 -2.45 -23.07 17.01
C SER A 47 -3.12 -21.79 17.50
N MET A 48 -4.41 -21.88 17.82
CA MET A 48 -5.14 -20.76 18.38
C MET A 48 -4.87 -20.56 19.86
N GLU A 49 -4.36 -21.58 20.55
CA GLU A 49 -4.10 -21.47 21.98
C GLU A 49 -3.05 -20.40 22.27
N ASP A 50 -1.97 -20.39 21.49
CA ASP A 50 -0.92 -19.39 21.61
C ASP A 50 -1.16 -18.25 20.64
N ASP A 51 -0.45 -17.14 20.87
CA ASP A 51 -0.60 -15.92 20.10
C ASP A 51 0.42 -15.81 18.97
N SER A 52 0.85 -16.95 18.42
CA SER A 52 1.83 -16.95 17.34
C SER A 52 1.71 -18.23 16.55
N SER A 53 1.84 -18.13 15.23
CA SER A 53 1.88 -19.26 14.32
C SER A 53 3.25 -19.31 13.67
N VAL A 54 3.85 -20.50 13.63
CA VAL A 54 5.22 -20.69 13.17
C VAL A 54 5.30 -21.94 12.32
N PHE A 55 6.14 -21.90 11.29
CA PHE A 55 6.38 -23.04 10.41
C PHE A 55 7.87 -23.18 10.18
N GLN A 56 8.29 -24.40 9.81
CA GLN A 56 9.68 -24.72 9.52
C GLN A 56 9.74 -25.51 8.22
N ILE A 57 10.82 -25.29 7.47
CA ILE A 57 11.06 -25.95 6.19
C ILE A 57 12.47 -26.51 6.19
N ASN A 58 12.61 -27.76 5.77
CA ASN A 58 13.90 -28.42 5.63
C ASN A 58 14.30 -28.42 4.16
N MET A 59 15.56 -28.07 3.89
CA MET A 59 16.07 -27.93 2.53
C MET A 59 17.35 -28.74 2.38
N ALA A 60 17.61 -29.19 1.16
CA ALA A 60 18.79 -29.98 0.86
C ALA A 60 20.02 -29.08 0.78
N GLY A 61 21.19 -29.72 0.87
CA GLY A 61 22.46 -29.02 0.85
C GLY A 61 23.10 -28.94 -0.51
N ASP A 62 22.32 -29.15 -1.58
CA ASP A 62 22.87 -29.11 -2.93
C ASP A 62 23.43 -27.74 -3.26
N THR A 63 22.71 -26.68 -2.90
CA THR A 63 23.12 -25.30 -3.16
C THR A 63 23.30 -24.56 -1.84
N TYR A 64 24.08 -23.47 -1.90
CA TYR A 64 24.38 -22.66 -0.73
C TYR A 64 23.27 -21.64 -0.56
N TRP A 65 22.23 -22.02 0.19
CA TRP A 65 21.08 -21.15 0.38
C TRP A 65 21.40 -19.95 1.27
N ASP A 66 22.49 -19.99 2.03
CA ASP A 66 22.81 -18.89 2.94
C ASP A 66 23.05 -17.59 2.19
N LYS A 67 23.62 -17.66 0.98
CA LYS A 67 23.93 -16.48 0.19
C LYS A 67 22.78 -16.04 -0.70
N LEU A 68 21.69 -16.80 -0.79
CA LEU A 68 20.60 -16.53 -1.71
C LEU A 68 19.33 -16.05 -1.01
N VAL A 69 18.84 -16.80 -0.02
CA VAL A 69 17.55 -16.50 0.59
C VAL A 69 17.70 -15.38 1.61
N MET A 70 17.50 -14.14 1.17
CA MET A 70 17.49 -13.02 2.09
C MET A 70 16.28 -13.11 3.01
N ALA A 71 16.44 -12.57 4.21
CA ALA A 71 15.40 -12.70 5.23
C ALA A 71 14.17 -11.89 4.85
N ASN A 72 13.06 -12.23 5.50
CA ASN A 72 11.76 -11.57 5.37
C ASN A 72 11.07 -11.87 4.04
N ASP A 73 11.57 -12.84 3.26
CA ASP A 73 10.91 -13.22 2.03
C ASP A 73 9.66 -14.02 2.31
N ILE A 74 8.74 -14.02 1.33
CA ILE A 74 7.46 -14.71 1.42
C ILE A 74 7.56 -16.01 0.63
N ILE A 75 7.15 -17.12 1.25
CA ILE A 75 7.14 -18.43 0.63
C ILE A 75 5.74 -19.00 0.71
N ARG A 76 5.23 -19.49 -0.41
CA ARG A 76 3.93 -20.14 -0.49
C ARG A 76 4.13 -21.62 -0.78
N ILE A 77 3.32 -22.45 -0.13
CA ILE A 77 3.41 -23.90 -0.22
C ILE A 77 2.08 -24.44 -0.72
N PHE A 78 2.11 -25.28 -1.75
CA PHE A 78 0.95 -25.97 -2.27
C PHE A 78 1.21 -27.48 -2.24
N ILE A 79 0.19 -28.23 -1.85
CA ILE A 79 0.29 -29.68 -1.69
C ILE A 79 -0.78 -30.32 -2.57
N THR A 80 -0.37 -31.33 -3.35
CA THR A 80 -1.29 -32.10 -4.17
C THR A 80 -1.77 -33.29 -3.35
N PRO A 81 -3.05 -33.39 -2.98
CA PRO A 81 -3.46 -34.54 -2.15
C PRO A 81 -3.32 -35.88 -2.83
N ASN A 82 -3.89 -36.04 -4.02
CA ASN A 82 -3.99 -37.35 -4.67
C ASN A 82 -3.73 -37.18 -6.16
N ASP A 83 -4.03 -38.23 -6.93
CA ASP A 83 -3.72 -38.25 -8.35
C ASP A 83 -4.54 -37.21 -9.11
N ASP A 84 -3.93 -36.66 -10.16
CA ASP A 84 -4.57 -35.66 -11.01
C ASP A 84 -5.58 -36.30 -11.97
N PRO A 85 -5.20 -37.28 -12.81
CA PRO A 85 -6.15 -37.79 -13.80
C PRO A 85 -7.32 -38.56 -13.20
N ASN A 86 -7.23 -39.00 -11.95
CA ASN A 86 -8.31 -39.78 -11.35
C ASN A 86 -9.58 -38.97 -11.11
N ASP A 87 -9.52 -37.64 -11.20
CA ASP A 87 -10.70 -36.78 -11.05
C ASP A 87 -11.29 -36.90 -9.65
N LYS A 88 -10.41 -37.01 -8.65
CA LYS A 88 -10.86 -36.98 -7.26
C LYS A 88 -11.15 -35.54 -6.83
N GLU A 89 -11.90 -35.43 -5.73
CA GLU A 89 -12.19 -34.11 -5.16
C GLU A 89 -10.94 -33.46 -4.59
N GLY A 90 -9.89 -34.24 -4.29
CA GLY A 90 -8.67 -33.68 -3.75
C GLY A 90 -7.90 -32.82 -4.73
N LYS A 91 -8.17 -32.95 -6.03
CA LYS A 91 -7.45 -32.18 -7.04
C LYS A 91 -7.94 -30.73 -6.96
N GLN A 92 -7.33 -30.00 -6.02
CA GLN A 92 -7.69 -28.61 -5.75
C GLN A 92 -6.49 -27.69 -5.58
N GLU A 93 -5.27 -28.22 -5.47
CA GLU A 93 -4.04 -27.45 -5.19
C GLU A 93 -4.25 -26.43 -4.08
N ARG A 94 -4.86 -26.88 -3.00
CA ARG A 94 -5.16 -26.02 -1.87
C ARG A 94 -3.88 -25.59 -1.17
N LEU A 95 -3.74 -24.29 -0.93
CA LEU A 95 -2.58 -23.79 -0.20
C LEU A 95 -2.67 -24.21 1.26
N ILE A 96 -1.55 -24.70 1.80
CA ILE A 96 -1.51 -25.21 3.16
C ILE A 96 -1.11 -24.12 4.15
N GLN A 97 -0.20 -23.22 3.77
CA GLN A 97 0.27 -22.19 4.67
C GLN A 97 1.13 -21.20 3.88
N VAL A 98 1.10 -19.94 4.30
CA VAL A 98 1.94 -18.89 3.75
C VAL A 98 2.42 -18.02 4.91
N GLY A 99 3.69 -17.62 4.85
CA GLY A 99 4.25 -16.82 5.92
C GLY A 99 5.55 -16.16 5.51
N MET A 100 6.12 -15.43 6.46
CA MET A 100 7.34 -14.65 6.25
C MET A 100 8.49 -15.35 6.96
N VAL A 101 9.55 -15.66 6.20
CA VAL A 101 10.72 -16.29 6.79
C VAL A 101 11.44 -15.28 7.69
N SER A 102 12.03 -15.80 8.78
CA SER A 102 12.76 -14.97 9.72
C SER A 102 14.05 -15.61 10.21
N GLN A 103 14.47 -16.74 9.64
CA GLN A 103 15.70 -17.40 10.09
C GLN A 103 16.14 -18.46 9.08
N VAL A 104 17.44 -18.47 8.77
CA VAL A 104 18.05 -19.50 7.94
C VAL A 104 19.39 -19.85 8.55
N SER A 105 19.69 -21.15 8.61
CA SER A 105 20.90 -21.61 9.28
C SER A 105 21.37 -22.93 8.69
N LYS A 106 22.69 -23.09 8.61
CA LYS A 106 23.28 -24.37 8.23
C LYS A 106 23.06 -25.38 9.34
N VAL A 107 22.86 -26.64 8.94
CA VAL A 107 22.72 -27.75 9.88
C VAL A 107 23.44 -28.95 9.29
N GLY A 108 24.16 -29.68 10.14
CA GLY A 108 24.83 -30.88 9.67
C GLY A 108 25.66 -31.57 10.75
N SER A 109 25.55 -32.89 10.81
CA SER A 109 26.36 -33.74 11.69
C SER A 109 27.27 -34.56 10.79
N TYR A 110 28.51 -34.08 10.61
CA TYR A 110 29.43 -34.72 9.68
C TYR A 110 29.85 -36.11 10.14
N GLY A 111 29.65 -36.44 11.42
CA GLY A 111 29.85 -37.82 11.84
C GLY A 111 28.92 -38.78 11.11
N ASN A 112 27.69 -38.35 10.87
CA ASN A 112 26.73 -39.11 10.09
C ASN A 112 26.86 -38.89 8.59
N ASP A 113 27.70 -37.94 8.15
CA ASP A 113 27.91 -37.65 6.74
C ASP A 113 26.62 -37.16 6.09
N GLN A 114 26.06 -36.09 6.64
CA GLN A 114 24.81 -35.53 6.16
C GLN A 114 24.68 -34.10 6.64
N THR A 115 24.13 -33.24 5.78
CA THR A 115 23.90 -31.84 6.12
C THR A 115 22.58 -31.38 5.53
N GLN A 116 22.00 -30.35 6.14
CA GLN A 116 20.71 -29.82 5.71
C GLN A 116 20.65 -28.34 6.01
N PHE A 117 19.74 -27.65 5.33
CA PHE A 117 19.44 -26.24 5.55
C PHE A 117 18.01 -26.11 6.04
N ARG A 118 17.83 -25.36 7.13
CA ARG A 118 16.54 -25.19 7.78
C ARG A 118 16.12 -23.74 7.71
N ILE A 119 14.87 -23.51 7.32
CA ILE A 119 14.28 -22.18 7.25
C ILE A 119 12.95 -22.21 8.00
N THR A 120 12.70 -21.17 8.80
CA THR A 120 11.49 -21.08 9.59
C THR A 120 10.95 -19.65 9.54
N GLY A 121 9.65 -19.53 9.80
CA GLY A 121 9.00 -18.24 9.77
C GLY A 121 7.64 -18.31 10.42
N GLN A 122 6.93 -17.19 10.36
CA GLN A 122 5.59 -17.06 10.94
C GLN A 122 4.63 -16.51 9.91
N SER A 123 3.34 -16.79 10.12
CA SER A 123 2.29 -16.46 9.15
C SER A 123 1.84 -15.01 9.38
N PHE A 124 2.66 -14.08 8.89
CA PHE A 124 2.36 -12.65 8.90
C PHE A 124 2.17 -12.08 10.31
N VAL A 125 2.68 -12.78 11.33
CA VAL A 125 2.72 -12.22 12.68
C VAL A 125 3.99 -11.42 12.93
N LYS A 126 5.02 -11.60 12.09
CA LYS A 126 6.27 -10.87 12.27
C LYS A 126 6.10 -9.35 12.20
N PRO A 127 5.37 -8.78 11.23
CA PRO A 127 5.34 -7.30 11.15
C PRO A 127 4.68 -6.65 12.36
N PHE A 128 3.51 -7.14 12.77
CA PHE A 128 2.84 -6.58 13.93
C PHE A 128 3.63 -6.82 15.21
N MET A 129 4.22 -8.00 15.35
CA MET A 129 4.98 -8.31 16.55
C MET A 129 6.22 -7.43 16.68
N LYS A 130 6.93 -7.21 15.58
CA LYS A 130 8.16 -6.41 15.64
C LYS A 130 7.86 -4.92 15.73
N PHE A 131 6.77 -4.46 15.11
CA PHE A 131 6.45 -3.03 15.08
C PHE A 131 5.99 -2.61 16.46
N GLY A 132 6.89 -2.01 17.23
CA GLY A 132 6.61 -1.56 18.58
C GLY A 132 6.33 -0.07 18.62
N LEU A 133 5.14 0.28 19.10
CA LEU A 133 4.77 1.69 19.21
C LEU A 133 5.50 2.33 20.38
N GLY A 134 6.66 2.92 20.10
CA GLY A 134 7.50 3.47 21.13
C GLY A 134 7.01 4.81 21.65
N VAL A 135 7.74 5.31 22.65
CA VAL A 135 7.41 6.55 23.35
C VAL A 135 8.54 7.54 23.12
N ILE A 136 8.18 8.78 22.81
CA ILE A 136 9.13 9.88 22.63
C ILE A 136 8.92 10.86 23.78
N GLN A 137 10.00 11.19 24.49
CA GLN A 137 9.89 11.87 25.78
C GLN A 137 9.99 13.39 25.66
N GLU A 138 10.83 13.88 24.74
CA GLU A 138 11.30 15.27 24.78
C GLU A 138 11.04 16.02 23.48
N VAL A 139 9.82 15.91 22.95
CA VAL A 139 9.40 16.65 21.77
C VAL A 139 8.21 17.52 22.13
N GLN A 140 8.29 18.82 21.81
CA GLN A 140 7.26 19.79 22.13
C GLN A 140 6.32 20.03 20.96
N ALA A 141 6.88 20.34 19.79
CA ALA A 141 6.10 20.58 18.57
C ALA A 141 5.12 21.75 18.77
N VAL A 142 5.69 22.93 18.97
CA VAL A 142 4.94 24.15 19.18
C VAL A 142 4.88 24.93 17.88
N LEU A 143 4.02 25.94 17.84
CA LEU A 143 3.87 26.84 16.70
C LEU A 143 3.79 28.27 17.22
N PRO A 144 4.14 29.28 16.38
CA PRO A 144 4.09 30.67 16.85
C PRO A 144 2.68 31.22 16.80
N GLU A 145 2.08 31.42 17.98
CA GLU A 145 0.75 31.99 18.11
C GLU A 145 -0.30 31.15 17.38
N VAL A 146 -0.09 29.85 17.31
CA VAL A 146 -1.02 28.92 16.65
C VAL A 146 -1.12 27.66 17.51
N GLY A 147 -2.33 27.13 17.62
CA GLY A 147 -2.57 25.93 18.40
C GLY A 147 -3.64 25.09 17.76
N TRP A 148 -3.74 23.85 18.24
CA TRP A 148 -4.71 22.87 17.75
C TRP A 148 -5.86 22.78 18.74
N LEU A 149 -7.08 22.94 18.22
CA LEU A 149 -8.26 22.97 19.10
C LEU A 149 -8.44 21.64 19.83
N ILE A 150 -8.27 20.53 19.12
CA ILE A 150 -8.40 19.21 19.74
C ILE A 150 -7.17 18.93 20.58
N ASP A 151 -7.39 18.45 21.81
CA ASP A 151 -6.27 18.10 22.67
C ASP A 151 -5.59 16.83 22.14
N GLY A 152 -4.45 16.49 22.74
CA GLY A 152 -3.67 15.37 22.26
C GLY A 152 -3.07 15.62 20.90
N ASP A 153 -2.65 16.85 20.62
CA ASP A 153 -2.01 17.23 19.37
C ASP A 153 -0.68 17.90 19.69
N GLY A 154 0.23 17.84 18.74
CA GLY A 154 1.61 18.25 18.95
C GLY A 154 2.46 17.10 19.46
N ASP A 155 1.96 16.39 20.47
CA ASP A 155 2.56 15.15 20.88
C ASP A 155 2.14 14.03 19.92
N ASN A 156 2.73 12.86 20.11
CA ASN A 156 2.47 11.71 19.24
C ASN A 156 1.21 10.93 19.61
N GLU A 157 0.36 11.47 20.48
CA GLU A 157 -0.84 10.76 20.89
C GLU A 157 -1.79 10.58 19.70
N VAL A 158 -2.34 9.38 19.59
CA VAL A 158 -3.33 9.05 18.57
C VAL A 158 -4.48 8.30 19.25
N LYS A 159 -5.70 8.75 19.00
CA LYS A 159 -6.90 8.17 19.60
C LYS A 159 -7.74 7.51 18.52
N PHE A 160 -8.16 6.28 18.79
CA PHE A 160 -9.05 5.51 17.91
C PHE A 160 -10.42 5.41 18.56
N THR A 161 -11.46 5.72 17.79
CA THR A 161 -12.83 5.73 18.28
C THR A 161 -13.72 4.91 17.35
N GLY A 162 -14.69 4.23 17.94
CA GLY A 162 -15.63 3.44 17.16
C GLY A 162 -16.57 2.70 18.08
N SER A 163 -17.73 2.35 17.53
CA SER A 163 -18.79 1.70 18.29
C SER A 163 -18.75 0.18 18.19
N SER A 164 -17.75 -0.40 17.53
CA SER A 164 -17.65 -1.83 17.40
C SER A 164 -16.20 -2.21 17.12
N ALA A 165 -15.91 -3.50 17.28
CA ALA A 165 -14.55 -3.98 17.07
C ALA A 165 -14.12 -3.82 15.61
N HIS A 166 -15.03 -4.11 14.67
CA HIS A 166 -14.67 -3.99 13.26
C HIS A 166 -14.42 -2.54 12.87
N GLU A 167 -15.11 -1.60 13.51
CA GLU A 167 -14.83 -0.19 13.26
C GLU A 167 -13.49 0.22 13.87
N VAL A 168 -13.23 -0.21 15.11
CA VAL A 168 -11.98 0.14 15.77
C VAL A 168 -10.81 -0.58 15.12
N MET A 169 -10.98 -1.87 14.81
CA MET A 169 -9.88 -2.64 14.24
C MET A 169 -9.49 -2.11 12.87
N THR A 170 -10.47 -1.67 12.08
CA THR A 170 -10.16 -1.10 10.77
C THR A 170 -9.29 0.15 10.92
N GLY A 171 -9.61 1.01 11.89
CA GLY A 171 -8.79 2.17 12.14
C GLY A 171 -7.40 1.82 12.65
N ILE A 172 -7.31 0.80 13.51
CA ILE A 172 -6.02 0.40 14.06
C ILE A 172 -5.12 -0.13 12.96
N ILE A 173 -5.63 -1.05 12.14
CA ILE A 173 -4.82 -1.64 11.08
C ILE A 173 -4.51 -0.60 10.01
N ARG A 174 -5.50 0.20 9.61
CA ARG A 174 -5.32 1.18 8.55
C ARG A 174 -4.33 2.28 8.93
N ARG A 175 -4.13 2.53 10.23
CA ARG A 175 -3.25 3.61 10.64
C ARG A 175 -1.81 3.33 10.24
N PHE A 176 -1.34 2.09 10.43
CA PHE A 176 0.07 1.74 10.29
C PHE A 176 0.38 0.82 9.12
N ILE A 177 -0.62 0.17 8.52
CA ILE A 177 -0.33 -0.82 7.48
C ILE A 177 0.32 -0.22 6.23
N PRO A 178 -0.13 0.92 5.68
CA PRO A 178 0.41 1.30 4.37
C PRO A 178 1.85 1.78 4.43
N TYR A 179 2.27 2.33 5.57
CA TYR A 179 3.63 2.86 5.70
C TYR A 179 4.67 1.79 6.00
N MET A 180 4.24 0.57 6.35
CA MET A 180 5.18 -0.53 6.61
C MET A 180 5.67 -1.07 5.26
N LYS A 181 6.53 -0.28 4.63
CA LYS A 181 7.02 -0.58 3.29
C LYS A 181 8.09 -1.67 3.33
N TYR A 182 8.20 -2.40 2.21
CA TYR A 182 9.21 -3.42 2.03
C TYR A 182 9.70 -3.35 0.59
N ASN A 183 10.60 -4.28 0.23
CA ASN A 183 11.26 -4.29 -1.06
C ASN A 183 10.61 -5.27 -2.05
N TYR A 184 9.30 -5.45 -1.96
CA TYR A 184 8.62 -6.34 -2.90
C TYR A 184 8.67 -5.75 -4.31
N THR A 185 8.99 -6.60 -5.29
CA THR A 185 9.13 -6.11 -6.66
C THR A 185 7.78 -5.71 -7.24
N GLU A 186 6.71 -6.42 -6.88
CA GLU A 186 5.37 -6.14 -7.39
C GLU A 186 4.72 -5.01 -6.60
N ASN A 190 3.93 -3.47 -3.95
CA ASN A 190 2.85 -3.82 -3.03
C ASN A 190 3.38 -3.98 -1.62
N THR A 191 2.46 -4.07 -0.65
CA THR A 191 2.81 -4.23 0.75
C THR A 191 1.79 -5.18 1.39
N ILE A 192 1.77 -5.20 2.73
CA ILE A 192 0.98 -6.19 3.45
C ILE A 192 -0.52 -6.02 3.19
N ASP A 193 -0.95 -4.81 2.84
CA ASP A 193 -2.38 -4.57 2.64
C ASP A 193 -2.93 -5.39 1.49
N ASN A 194 -2.17 -5.52 0.40
CA ASN A 194 -2.63 -6.30 -0.74
C ASN A 194 -2.75 -7.78 -0.38
N TYR A 195 -1.78 -8.32 0.36
CA TYR A 195 -1.81 -9.73 0.70
C TYR A 195 -2.85 -10.05 1.77
N LEU A 196 -3.01 -9.19 2.78
CA LEU A 196 -3.92 -9.42 3.89
C LEU A 196 -5.21 -8.64 3.64
N ASP A 197 -6.33 -9.37 3.57
CA ASP A 197 -7.62 -8.72 3.32
C ASP A 197 -8.10 -7.94 4.53
N TYR A 198 -8.00 -8.55 5.72
CA TYR A 198 -8.50 -8.01 7.00
C TYR A 198 -9.88 -7.37 6.87
N ASP A 199 -10.76 -7.97 6.09
CA ASP A 199 -12.13 -7.51 5.86
C ASP A 199 -13.11 -8.54 6.38
N ASP A 200 -14.41 -8.23 6.25
CA ASP A 200 -15.49 -9.10 6.72
C ASP A 200 -15.40 -9.31 8.22
N LEU A 201 -15.10 -8.25 8.95
CA LEU A 201 -14.98 -8.28 10.40
C LEU A 201 -16.30 -7.87 11.05
N SER A 202 -16.59 -8.49 12.19
CA SER A 202 -17.83 -8.22 12.90
C SER A 202 -17.63 -8.53 14.38
N SER A 203 -18.56 -8.02 15.20
CA SER A 203 -18.53 -8.23 16.64
C SER A 203 -19.89 -7.81 17.19
N TRP A 204 -20.01 -7.76 18.51
CA TRP A 204 -21.26 -7.43 19.18
C TRP A 204 -21.42 -5.90 19.18
N ASP A 205 -21.90 -5.39 18.04
CA ASP A 205 -22.10 -3.96 17.91
C ASP A 205 -23.18 -3.45 18.86
N GLU A 206 -24.27 -4.22 19.01
CA GLU A 206 -25.40 -3.75 19.80
C GLU A 206 -25.02 -3.59 21.27
N PHE A 207 -24.29 -4.56 21.83
CA PHE A 207 -23.98 -4.54 23.26
C PHE A 207 -22.80 -3.64 23.60
N GLU A 208 -21.97 -3.28 22.61
CA GLU A 208 -20.78 -2.48 22.85
C GLU A 208 -21.06 -1.01 22.56
N LYS A 209 -20.70 -0.15 23.49
CA LYS A 209 -20.88 1.29 23.35
C LYS A 209 -19.69 1.90 22.64
N LEU A 210 -19.71 3.23 22.47
CA LEU A 210 -18.61 3.93 21.84
C LEU A 210 -17.35 3.81 22.69
N THR A 211 -16.21 3.64 22.03
CA THR A 211 -14.93 3.42 22.67
C THR A 211 -13.96 4.55 22.34
N GLU A 212 -12.96 4.69 23.20
CA GLU A 212 -11.88 5.66 23.02
C GLU A 212 -10.53 4.99 23.31
N VAL A 213 -10.32 3.82 22.70
CA VAL A 213 -9.10 3.06 22.95
C VAL A 213 -7.90 3.87 22.48
N SER A 214 -6.89 3.97 23.34
CA SER A 214 -5.70 4.74 23.07
C SER A 214 -4.67 3.90 22.32
N ALA A 215 -3.78 4.60 21.59
CA ALA A 215 -2.73 3.92 20.86
C ALA A 215 -1.64 3.43 21.79
N PHE A 216 -1.30 4.21 22.80
CA PHE A 216 -0.18 3.94 23.70
C PHE A 216 -0.62 3.27 25.00
N THR A 217 -1.65 2.43 24.92
CA THR A 217 -2.12 1.72 26.12
C THR A 217 -1.04 0.82 26.70
N ASN A 218 -0.16 0.29 25.86
CA ASN A 218 0.96 -0.55 26.28
C ASN A 218 2.26 0.21 26.02
N PHE A 219 3.08 0.33 27.05
CA PHE A 219 4.35 1.06 26.93
C PHE A 219 5.29 0.29 26.01
N ASP A 220 5.67 0.94 24.90
CA ASP A 220 6.58 0.39 23.87
C ASP A 220 6.21 -1.04 23.49
N GLY A 221 4.89 -1.32 23.45
CA GLY A 221 4.42 -2.64 23.10
C GLY A 221 4.20 -2.82 21.61
N SER A 222 4.11 -4.08 21.20
CA SER A 222 3.85 -4.40 19.81
C SER A 222 2.39 -4.17 19.47
N LEU A 223 2.11 -4.13 18.17
CA LEU A 223 0.72 -4.00 17.72
C LEU A 223 -0.11 -5.22 18.15
N LYS A 224 0.52 -6.38 18.26
CA LYS A 224 -0.19 -7.57 18.74
C LYS A 224 -0.68 -7.36 20.16
N GLN A 225 0.14 -6.74 21.02
CA GLN A 225 -0.29 -6.44 22.37
C GLN A 225 -1.47 -5.48 22.37
N LEU A 226 -1.41 -4.44 21.53
CA LEU A 226 -2.54 -3.54 21.40
C LEU A 226 -3.71 -4.21 20.70
N MET A 227 -3.43 -5.16 19.81
CA MET A 227 -4.50 -5.91 19.14
C MET A 227 -5.30 -6.72 20.15
N ASP A 228 -4.62 -7.26 21.17
CA ASP A 228 -5.31 -8.07 22.18
C ASP A 228 -6.34 -7.25 22.94
N MET A 229 -6.00 -6.00 23.27
CA MET A 229 -6.94 -5.15 24.01
C MET A 229 -8.19 -4.88 23.18
N VAL A 230 -8.02 -4.64 21.88
CA VAL A 230 -9.17 -4.39 21.01
C VAL A 230 -10.02 -5.64 20.89
N THR A 231 -9.40 -6.81 20.85
CA THR A 231 -10.14 -8.05 20.67
C THR A 231 -11.09 -8.30 21.84
N ALA A 232 -10.64 -8.03 23.06
CA ALA A 232 -11.43 -8.27 24.27
C ALA A 232 -11.81 -9.75 24.39
N ARG A 233 -10.78 -10.59 24.40
CA ARG A 233 -10.98 -12.02 24.49
C ARG A 233 -11.58 -12.38 25.86
N PRO A 234 -12.31 -13.51 25.96
CA PRO A 234 -12.64 -14.51 24.93
C PRO A 234 -13.90 -14.17 24.15
N PHE A 235 -14.45 -12.97 24.31
CA PHE A 235 -15.70 -12.64 23.63
C PHE A 235 -15.55 -12.56 22.11
N ASN A 236 -14.34 -12.37 21.61
CA ASN A 236 -14.07 -12.35 20.18
C ASN A 236 -12.82 -13.17 19.90
N GLU A 237 -12.85 -13.90 18.78
CA GLU A 237 -11.74 -14.75 18.37
C GLU A 237 -10.94 -14.06 17.27
N LEU A 238 -9.61 -14.11 17.40
CA LEU A 238 -8.70 -13.55 16.41
C LEU A 238 -7.61 -14.57 16.09
N PHE A 239 -7.34 -14.75 14.81
CA PHE A 239 -6.32 -15.70 14.36
C PHE A 239 -6.07 -15.46 12.88
N PHE A 240 -4.93 -15.96 12.41
CA PHE A 240 -4.52 -15.87 11.01
C PHE A 240 -4.73 -17.23 10.35
N LYS A 241 -5.37 -17.22 9.18
CA LYS A 241 -5.67 -18.45 8.46
C LYS A 241 -5.73 -18.15 6.97
N ASN A 242 -5.68 -19.21 6.17
CA ASN A 242 -5.73 -19.07 4.73
C ASN A 242 -7.12 -18.65 4.28
N SER A 243 -7.17 -17.86 3.21
CA SER A 243 -8.42 -17.34 2.66
C SER A 243 -8.98 -18.37 1.68
N GLU A 244 -9.95 -19.16 2.15
CA GLU A 244 -10.57 -20.15 1.27
C GLU A 244 -11.33 -19.48 0.14
N LYS A 245 -12.03 -18.39 0.44
CA LYS A 245 -12.81 -17.69 -0.59
C LYS A 245 -11.90 -17.11 -1.66
N THR A 246 -10.68 -16.71 -1.30
CA THR A 246 -9.71 -16.12 -2.22
C THR A 246 -8.40 -16.88 -2.07
N PRO A 247 -8.25 -18.03 -2.74
CA PRO A 247 -6.99 -18.77 -2.65
C PRO A 247 -5.82 -17.96 -3.17
N GLY A 248 -4.66 -18.18 -2.57
CA GLY A 248 -3.43 -17.51 -2.94
C GLY A 248 -3.03 -16.35 -2.05
N LYS A 249 -3.76 -16.09 -0.97
CA LYS A 249 -3.43 -15.00 -0.07
C LYS A 249 -4.05 -15.29 1.29
N ALA A 250 -3.50 -14.62 2.32
CA ALA A 250 -3.94 -14.81 3.69
C ALA A 250 -5.06 -13.83 4.04
N GLN A 251 -5.59 -14.00 5.25
CA GLN A 251 -6.67 -13.15 5.73
C GLN A 251 -6.59 -13.05 7.25
N LEU A 252 -7.00 -11.90 7.77
CA LEU A 252 -7.10 -11.67 9.21
C LEU A 252 -8.57 -11.75 9.61
N VAL A 253 -8.86 -12.61 10.59
CA VAL A 253 -10.23 -12.89 11.01
C VAL A 253 -10.46 -12.27 12.38
N LEU A 254 -11.55 -11.54 12.52
CA LEU A 254 -11.98 -10.98 13.81
C LEU A 254 -13.50 -11.06 13.84
N ARG A 255 -14.02 -12.09 14.50
CA ARG A 255 -15.45 -12.35 14.57
C ARG A 255 -15.84 -12.70 15.99
N LYS A 256 -17.13 -12.56 16.28
CA LYS A 256 -17.67 -12.98 17.56
C LYS A 256 -17.46 -14.49 17.74
N THR A 257 -17.43 -14.92 19.00
CA THR A 257 -17.09 -16.30 19.29
C THR A 257 -18.16 -17.24 18.73
N PRO A 258 -17.80 -18.41 18.20
CA PRO A 258 -18.81 -19.29 17.61
C PRO A 258 -19.65 -20.07 18.62
N PHE A 259 -19.47 -19.84 19.92
CA PHE A 259 -20.22 -20.61 20.91
C PHE A 259 -21.71 -20.27 20.93
N ASN A 260 -22.13 -19.20 20.26
CA ASN A 260 -23.54 -18.89 20.18
C ASN A 260 -24.24 -19.98 19.35
N PRO A 261 -25.55 -20.21 19.58
CA PRO A 261 -26.21 -21.27 18.78
C PRO A 261 -26.23 -21.00 17.29
N THR A 262 -26.72 -19.84 16.86
CA THR A 262 -26.81 -19.57 15.43
C THR A 262 -25.42 -19.42 14.80
N GLU A 263 -24.50 -18.77 15.51
CA GLU A 263 -23.15 -18.62 14.98
C GLU A 263 -22.45 -19.97 14.88
N TRP A 264 -22.76 -20.90 15.79
CA TRP A 264 -22.22 -22.24 15.67
C TRP A 264 -22.70 -22.93 14.40
N ARG A 265 -23.97 -22.76 14.05
CA ARG A 265 -24.49 -23.32 12.80
C ARG A 265 -23.85 -22.65 11.59
N ALA A 266 -23.42 -21.40 11.73
CA ALA A 266 -22.88 -20.67 10.58
C ALA A 266 -21.57 -21.26 10.09
N LEU A 267 -20.78 -21.87 10.99
CA LEU A 267 -19.49 -22.42 10.60
C LEU A 267 -19.67 -23.58 9.63
N ASP A 268 -18.80 -23.62 8.62
CA ASP A 268 -18.84 -24.71 7.66
C ASP A 268 -18.43 -26.02 8.33
N MET A 269 -19.10 -27.11 7.93
CA MET A 269 -18.88 -28.42 8.50
C MET A 269 -17.93 -29.22 7.62
N ILE A 270 -17.08 -30.03 8.26
CA ILE A 270 -16.10 -30.87 7.58
C ILE A 270 -16.26 -32.29 8.11
N LYS A 271 -16.29 -33.26 7.20
CA LYS A 271 -16.41 -34.67 7.52
C LYS A 271 -15.05 -35.36 7.46
N VAL A 272 -14.89 -36.38 8.30
CA VAL A 272 -13.73 -37.26 8.25
C VAL A 272 -14.12 -38.60 8.87
N PRO A 273 -14.01 -39.73 8.17
CA PRO A 273 -14.32 -41.02 8.78
C PRO A 273 -13.13 -41.53 9.59
N THR A 274 -13.34 -42.70 10.22
CA THR A 274 -12.26 -43.35 10.96
C THR A 274 -11.18 -43.92 10.07
N GLU A 275 -11.41 -43.99 8.75
CA GLU A 275 -10.41 -44.55 7.84
C GLU A 275 -9.14 -43.71 7.77
N ASP A 276 -9.21 -42.43 8.14
CA ASP A 276 -8.07 -41.51 8.07
C ASP A 276 -7.40 -41.28 9.42
N PHE A 277 -7.76 -42.02 10.45
CA PHE A 277 -7.26 -41.77 11.80
C PHE A 277 -6.03 -42.64 12.07
N ILE A 278 -4.90 -41.99 12.33
CA ILE A 278 -3.67 -42.70 12.66
C ILE A 278 -3.58 -42.97 14.16
N GLU A 279 -3.82 -41.95 14.97
CA GLU A 279 -3.85 -42.11 16.41
C GLU A 279 -4.77 -41.03 17.00
N GLU A 280 -5.22 -41.27 18.22
CA GLU A 280 -6.17 -40.38 18.88
C GLU A 280 -5.85 -40.32 20.37
N ASP A 281 -6.02 -39.14 20.95
CA ASP A 281 -5.90 -38.94 22.40
C ASP A 281 -6.90 -37.84 22.77
N VAL A 282 -8.08 -38.26 23.20
CA VAL A 282 -9.20 -37.35 23.49
C VAL A 282 -9.91 -37.85 24.73
N GLY A 283 -10.37 -36.93 25.56
CA GLY A 283 -11.11 -37.30 26.75
C GLY A 283 -11.58 -36.08 27.50
N LYS A 284 -12.33 -36.34 28.57
CA LYS A 284 -12.82 -35.28 29.44
C LYS A 284 -11.70 -34.80 30.36
N SER A 285 -11.94 -33.65 31.00
CA SER A 285 -10.98 -33.08 31.92
C SER A 285 -11.66 -32.00 32.74
N ASP A 286 -11.41 -32.00 34.05
CA ASP A 286 -11.94 -31.01 34.97
C ASP A 286 -10.91 -29.93 35.31
N VAL A 287 -9.97 -29.67 34.40
CA VAL A 287 -8.97 -28.63 34.63
C VAL A 287 -9.63 -27.27 34.74
N GLU A 288 -10.56 -26.98 33.83
CA GLU A 288 -11.32 -25.74 33.83
C GLU A 288 -12.67 -25.98 34.48
N THR A 289 -12.93 -25.28 35.58
CA THR A 289 -14.18 -25.44 36.32
C THR A 289 -14.49 -24.13 37.02
N TYR A 290 -15.59 -23.48 36.62
CA TYR A 290 -16.03 -22.24 37.22
C TYR A 290 -17.55 -22.29 37.38
N SER A 291 -18.03 -21.65 38.44
CA SER A 291 -19.45 -21.60 38.78
C SER A 291 -20.08 -20.24 38.55
N ILE A 292 -19.38 -19.16 38.89
CA ILE A 292 -19.86 -17.80 38.75
C ILE A 292 -19.11 -17.15 37.60
N PHE A 293 -19.85 -16.51 36.69
CA PHE A 293 -19.30 -15.84 35.52
C PHE A 293 -19.78 -14.41 35.49
N THR A 294 -18.89 -13.50 35.11
CA THR A 294 -19.23 -12.08 35.02
C THR A 294 -18.32 -11.42 34.00
N ALA A 295 -18.78 -10.27 33.49
CA ALA A 295 -18.03 -9.45 32.53
C ALA A 295 -18.03 -8.01 33.08
N THR A 296 -17.04 -7.71 33.91
CA THR A 296 -16.98 -6.40 34.54
C THR A 296 -16.59 -5.33 33.52
N PRO A 297 -16.94 -4.06 33.79
CA PRO A 297 -16.48 -2.99 32.89
C PRO A 297 -15.00 -2.67 33.09
N ALA A 298 -14.51 -1.62 32.45
CA ALA A 298 -13.12 -1.23 32.60
C ALA A 298 -12.81 -0.91 34.06
N GLY A 299 -11.52 -1.02 34.40
CA GLY A 299 -11.09 -0.85 35.78
C GLY A 299 -11.28 0.55 36.32
N MET A 300 -11.50 1.54 35.45
CA MET A 300 -11.68 2.91 35.92
C MET A 300 -12.93 3.03 36.78
N LEU A 301 -14.03 2.40 36.37
CA LEU A 301 -15.25 2.43 37.16
C LEU A 301 -15.09 1.55 38.40
N LYS A 302 -15.64 2.02 39.52
CA LYS A 302 -15.54 1.32 40.79
C LYS A 302 -16.86 1.45 41.54
N GLU A 303 -17.19 0.42 42.32
CA GLU A 303 -18.48 0.37 43.01
C GLU A 303 -18.61 1.48 44.04
N LEU A 304 -17.53 1.76 44.78
CA LEU A 304 -17.65 2.70 45.90
C LEU A 304 -17.88 4.13 45.41
N ASN A 305 -17.21 4.51 44.32
CA ASN A 305 -17.26 5.86 43.77
C ASN A 305 -17.89 5.87 42.39
N GLY A 306 -18.98 5.13 42.21
CA GLY A 306 -19.63 5.07 40.91
C GLY A 306 -20.89 4.25 40.95
N ASP A 307 -21.32 3.82 39.77
CA ASP A 307 -22.55 3.08 39.60
C ASP A 307 -22.29 1.60 39.86
N VAL A 308 -23.23 0.74 39.47
CA VAL A 308 -23.09 -0.71 39.67
C VAL A 308 -21.85 -1.20 38.93
N PHE A 309 -21.12 -2.10 39.58
CA PHE A 309 -19.85 -2.62 39.06
C PHE A 309 -19.99 -3.97 38.37
N SER A 310 -20.86 -4.85 38.86
CA SER A 310 -20.99 -6.18 38.30
C SER A 310 -22.36 -6.74 38.65
N LYS A 311 -22.74 -7.80 37.94
CA LYS A 311 -24.01 -8.50 38.17
C LYS A 311 -23.84 -9.95 37.72
N PRO A 312 -23.11 -10.76 38.51
CA PRO A 312 -22.77 -12.12 38.04
C PRO A 312 -23.98 -13.04 37.89
N GLN A 313 -23.72 -14.25 37.42
CA GLN A 313 -24.74 -15.26 37.19
C GLN A 313 -24.21 -16.61 37.65
N PHE A 314 -25.11 -17.49 38.09
CA PHE A 314 -24.73 -18.80 38.59
C PHE A 314 -25.94 -19.73 38.48
N HIS A 315 -25.71 -21.01 38.79
CA HIS A 315 -26.74 -22.03 38.81
C HIS A 315 -26.81 -22.63 40.22
N PRO A 316 -28.01 -22.80 40.81
CA PRO A 316 -28.05 -23.28 42.20
C PRO A 316 -27.48 -24.67 42.40
N GLU A 317 -27.63 -25.58 41.43
CA GLU A 317 -27.09 -26.92 41.58
C GLU A 317 -25.59 -26.96 41.34
N LEU A 318 -25.07 -26.13 40.44
CA LEU A 318 -23.65 -26.18 40.11
C LEU A 318 -22.78 -25.77 41.29
N THR A 319 -23.21 -24.78 42.06
CA THR A 319 -22.37 -24.25 43.13
C THR A 319 -22.18 -25.24 44.28
N ASP A 320 -23.03 -26.27 44.37
CA ASP A 320 -22.87 -27.23 45.45
C ASP A 320 -21.56 -27.98 45.34
N ARG A 321 -21.20 -28.43 44.14
CA ARG A 321 -19.96 -29.16 43.95
C ARG A 321 -18.74 -28.23 43.94
N TYR A 322 -18.89 -27.03 43.39
CA TYR A 322 -17.80 -26.05 43.32
C TYR A 322 -18.38 -24.70 43.78
N GLY A 323 -18.18 -24.38 45.05
CA GLY A 323 -18.81 -23.20 45.63
C GLY A 323 -18.07 -21.90 45.42
N TYR A 324 -18.77 -20.92 44.86
CA TYR A 324 -18.26 -19.56 44.71
C TYR A 324 -16.97 -19.51 43.89
N THR A 325 -16.92 -20.33 42.84
CA THR A 325 -15.79 -20.31 41.90
C THR A 325 -16.08 -19.27 40.84
N LYS A 326 -15.38 -18.14 40.90
CA LYS A 326 -15.63 -16.99 40.05
C LYS A 326 -14.74 -17.00 38.81
N PHE A 327 -15.23 -16.34 37.76
CA PHE A 327 -14.49 -16.16 36.52
C PHE A 327 -14.72 -14.74 36.03
N GLU A 328 -13.73 -13.88 36.21
CA GLU A 328 -13.84 -12.46 35.93
C GLU A 328 -13.08 -12.11 34.65
N VAL A 329 -13.70 -11.30 33.80
CA VAL A 329 -13.09 -10.79 32.58
C VAL A 329 -13.39 -9.31 32.48
N GLU A 330 -12.36 -8.52 32.15
CA GLU A 330 -12.49 -7.08 32.02
C GLU A 330 -12.63 -6.72 30.54
N ASN A 331 -13.71 -6.03 30.20
CA ASN A 331 -14.01 -5.61 28.83
C ASN A 331 -13.74 -4.11 28.72
N ILE A 332 -12.90 -3.73 27.75
CA ILE A 332 -12.57 -2.32 27.56
C ILE A 332 -13.73 -1.59 26.88
N TYR A 333 -14.55 -2.30 26.10
CA TYR A 333 -15.64 -1.65 25.39
C TYR A 333 -16.65 -1.06 26.35
N LEU A 334 -16.98 -1.77 27.43
CA LEU A 334 -17.94 -1.29 28.41
C LEU A 334 -17.26 -0.33 29.38
N THR A 358 -54.05 19.96 58.38
CA THR A 358 -53.18 19.15 59.23
C THR A 358 -52.30 20.05 60.10
N TYR A 359 -52.88 21.15 60.57
CA TYR A 359 -52.14 22.08 61.43
C TYR A 359 -51.74 21.41 62.74
N SER A 360 -52.65 20.64 63.34
CA SER A 360 -52.34 19.99 64.61
C SER A 360 -51.22 18.97 64.45
N LYS A 361 -51.25 18.19 63.37
CA LYS A 361 -50.23 17.18 63.17
C LYS A 361 -48.86 17.82 62.91
N ILE A 362 -48.83 18.92 62.15
CA ILE A 362 -47.57 19.60 61.87
C ILE A 362 -46.97 20.15 63.17
N MET A 363 -47.81 20.78 63.99
CA MET A 363 -47.33 21.31 65.26
C MET A 363 -46.89 20.19 66.19
N LYS A 364 -47.63 19.08 66.20
CA LYS A 364 -47.28 17.96 67.06
C LYS A 364 -45.95 17.35 66.66
N ASP A 365 -45.68 17.26 65.35
CA ASP A 365 -44.42 16.70 64.90
C ASP A 365 -43.24 17.57 65.35
N LEU A 366 -43.39 18.89 65.26
CA LEU A 366 -42.33 19.77 65.72
C LEU A 366 -42.10 19.63 67.22
N SER A 367 -43.18 19.52 68.00
CA SER A 367 -43.03 19.36 69.44
C SER A 367 -42.42 18.01 69.80
N ASN A 368 -42.64 16.99 68.97
CA ASN A 368 -42.10 15.67 69.26
C ASN A 368 -40.57 15.69 69.21
N TYR A 369 -40.00 16.22 68.13
CA TYR A 369 -38.54 16.30 68.02
C TYR A 369 -37.98 17.33 68.98
N GLY A 370 -38.69 18.44 69.17
CA GLY A 370 -38.25 19.51 70.03
C GLY A 370 -37.44 20.56 69.27
N ARG A 371 -37.38 21.76 69.87
CA ARG A 371 -36.67 22.86 69.24
C ARG A 371 -35.17 22.60 69.18
N ASP A 372 -34.61 21.98 70.22
CA ASP A 372 -33.18 21.72 70.25
C ASP A 372 -32.77 20.76 69.13
N ASN A 373 -33.53 19.69 68.93
CA ASN A 373 -33.19 18.73 67.88
C ASN A 373 -33.45 19.32 66.50
N ILE A 374 -34.55 20.06 66.35
CA ILE A 374 -34.89 20.63 65.05
C ILE A 374 -33.87 21.68 64.64
N SER A 375 -33.35 22.44 65.60
CA SER A 375 -32.41 23.51 65.28
C SER A 375 -31.15 22.99 64.58
N LYS A 376 -30.75 21.76 64.89
CA LYS A 376 -29.60 21.12 64.25
C LYS A 376 -30.11 20.40 63.01
N GLY A 377 -29.94 21.02 61.84
CA GLY A 377 -30.35 20.42 60.58
C GLY A 377 -31.76 20.79 60.18
N ILE A 378 -32.07 22.09 60.15
CA ILE A 378 -33.42 22.52 59.79
C ILE A 378 -33.74 22.14 58.35
N ASP A 379 -32.74 22.20 57.47
CA ASP A 379 -32.98 21.90 56.05
C ASP A 379 -33.40 20.45 55.85
N LYS A 380 -32.75 19.52 56.56
CA LYS A 380 -33.04 18.11 56.37
C LYS A 380 -34.19 17.62 57.25
N TYR A 381 -34.34 18.17 58.45
CA TYR A 381 -35.56 17.90 59.22
C TYR A 381 -36.78 18.48 58.52
N THR A 382 -36.61 19.55 57.75
CA THR A 382 -37.71 20.07 56.93
C THR A 382 -38.14 19.04 55.89
N SER A 383 -37.18 18.33 55.29
CA SER A 383 -37.52 17.31 54.30
C SER A 383 -38.34 16.18 54.90
N LYS A 384 -38.17 15.91 56.20
CA LYS A 384 -38.95 14.87 56.84
C LYS A 384 -40.44 15.21 56.81
N LEU A 385 -40.79 16.46 57.14
CA LEU A 385 -42.18 16.86 57.09
C LEU A 385 -42.72 16.87 55.67
N SER A 386 -41.91 17.33 54.72
CA SER A 386 -42.34 17.35 53.32
C SER A 386 -42.56 15.94 52.78
N SER A 387 -41.69 15.01 53.16
CA SER A 387 -41.84 13.63 52.68
C SER A 387 -43.13 13.01 53.22
N LYS A 388 -43.43 13.25 54.49
CA LYS A 388 -44.65 12.69 55.07
C LYS A 388 -45.89 13.26 54.40
N TYR A 389 -45.91 14.56 54.15
CA TYR A 389 -47.05 15.27 53.58
C TYR A 389 -46.60 15.99 52.31
N LYS A 390 -47.07 15.50 51.15
CA LYS A 390 -46.71 16.11 49.88
C LYS A 390 -47.40 17.45 49.66
N ASN A 391 -48.39 17.81 50.49
CA ASN A 391 -49.09 19.07 50.31
C ASN A 391 -48.16 20.26 50.49
N LEU A 392 -47.12 20.12 51.31
CA LEU A 392 -46.18 21.20 51.61
C LEU A 392 -44.93 21.05 50.77
N LYS A 393 -44.56 22.12 50.07
CA LYS A 393 -43.32 22.15 49.31
C LYS A 393 -42.16 22.45 50.25
N LYS A 394 -40.94 22.45 49.69
CA LYS A 394 -39.75 22.71 50.50
C LYS A 394 -39.78 24.11 51.09
N ALA A 395 -40.18 25.10 50.29
CA ALA A 395 -40.20 26.48 50.77
C ALA A 395 -41.24 26.68 51.86
N GLN A 396 -42.42 26.07 51.71
CA GLN A 396 -43.48 26.23 52.70
C GLN A 396 -43.06 25.64 54.05
N ALA A 397 -42.49 24.43 54.03
CA ALA A 397 -42.05 23.80 55.27
C ALA A 397 -40.74 24.40 55.79
N LYS A 398 -39.93 25.02 54.93
CA LYS A 398 -38.72 25.67 55.40
C LYS A 398 -39.05 26.90 56.25
N LYS A 399 -40.04 27.68 55.83
CA LYS A 399 -40.33 28.94 56.51
C LYS A 399 -41.01 28.71 57.86
N ILE A 400 -41.88 27.70 57.95
CA ILE A 400 -42.63 27.48 59.18
C ILE A 400 -41.69 27.03 60.30
N ILE A 401 -40.70 26.20 59.97
CA ILE A 401 -39.76 25.73 60.99
C ILE A 401 -38.91 26.89 61.49
N GLU A 402 -38.50 27.79 60.58
CA GLU A 402 -37.75 28.97 61.00
C GLU A 402 -38.55 29.83 61.96
N LYS A 403 -39.84 30.02 61.67
CA LYS A 403 -40.71 30.77 62.57
C LYS A 403 -40.89 30.03 63.89
N PHE A 404 -40.97 28.70 63.85
CA PHE A 404 -41.19 27.93 65.06
C PHE A 404 -40.01 28.06 66.02
N VAL A 405 -38.79 27.92 65.51
CA VAL A 405 -37.62 27.94 66.37
C VAL A 405 -37.38 29.34 66.94
N LYS A 406 -37.50 30.36 66.08
CA LYS A 406 -37.22 31.72 66.53
C LYS A 406 -38.26 32.19 67.54
N GLU A 407 -39.54 32.04 67.21
CA GLU A 407 -40.60 32.48 68.13
C GLU A 407 -40.80 31.49 69.27
N GLY A 408 -40.55 30.20 69.04
CA GLY A 408 -40.80 29.16 70.02
C GLY A 408 -42.15 28.50 69.93
N LYS A 409 -43.07 29.05 69.13
CA LYS A 409 -44.38 28.44 68.94
C LYS A 409 -44.95 28.91 67.62
N VAL A 410 -45.94 28.18 67.12
CA VAL A 410 -46.63 28.47 65.87
C VAL A 410 -48.12 28.52 66.15
N THR A 411 -48.76 29.62 65.74
CA THR A 411 -50.19 29.83 65.92
C THR A 411 -50.91 29.69 64.57
N GLU A 412 -52.23 29.79 64.61
CA GLU A 412 -53.01 29.69 63.39
C GLU A 412 -52.70 30.83 62.43
N LYS A 413 -52.36 32.01 62.95
CA LYS A 413 -52.02 33.13 62.08
C LYS A 413 -50.76 32.83 61.28
N GLU A 414 -49.77 32.20 61.91
CA GLU A 414 -48.55 31.84 61.18
C GLU A 414 -48.84 30.80 60.10
N TYR A 415 -49.67 29.81 60.42
CA TYR A 415 -49.94 28.74 59.47
C TYR A 415 -50.66 29.25 58.22
N GLU A 416 -51.69 30.08 58.43
CA GLU A 416 -52.44 30.60 57.28
C GLU A 416 -51.59 31.59 56.48
N LYS A 417 -50.70 32.33 57.15
CA LYS A 417 -49.84 33.27 56.44
C LYS A 417 -48.90 32.54 55.49
N ILE A 418 -48.38 31.39 55.91
CA ILE A 418 -47.48 30.62 55.05
C ILE A 418 -48.22 30.15 53.80
N THR A 419 -49.44 29.65 53.97
CA THR A 419 -50.25 29.21 52.85
C THR A 419 -51.72 29.24 53.26
N GLY A 420 -52.59 29.58 52.32
CA GLY A 420 -54.01 29.67 52.61
C GLY A 420 -54.61 28.29 52.79
N ASN A 421 -55.11 28.00 53.99
CA ASN A 421 -55.73 26.72 54.28
C ASN A 421 -56.81 26.93 55.34
N LYS A 422 -57.76 25.99 55.36
CA LYS A 422 -58.87 26.02 56.32
C LYS A 422 -58.42 25.31 57.58
N VAL A 423 -57.78 26.08 58.48
CA VAL A 423 -57.31 25.50 59.74
C VAL A 423 -58.50 25.06 60.60
N ASP A 424 -59.61 25.80 60.54
CA ASP A 424 -60.80 25.48 61.33
C ASP A 424 -61.71 24.51 60.55
N ASP A 425 -61.14 23.36 60.22
CA ASP A 425 -61.88 22.34 59.47
C ASP A 425 -61.28 20.98 59.82
N GLU A 426 -61.98 20.21 60.66
CA GLU A 426 -61.54 18.90 61.10
C GLU A 426 -62.34 17.75 60.50
N LEU A 427 -63.49 18.04 59.89
CA LEU A 427 -64.33 16.96 59.35
C LEU A 427 -63.63 16.21 58.23
N THR A 428 -62.72 16.87 57.51
CA THR A 428 -62.01 16.23 56.40
C THR A 428 -61.08 15.10 56.87
N SER A 429 -60.74 15.06 58.15
CA SER A 429 -59.81 14.02 58.63
C SER A 429 -60.42 12.63 58.47
N ASP A 430 -61.70 12.47 58.81
CA ASP A 430 -62.35 11.17 58.76
C ASP A 430 -62.95 10.88 57.39
N ASN A 431 -63.86 11.74 56.93
CA ASN A 431 -64.53 11.56 55.65
C ASN A 431 -64.79 12.92 55.01
N ARG A 432 -64.99 12.91 53.70
CA ARG A 432 -65.22 14.12 52.93
C ARG A 432 -65.99 13.75 51.67
N PRO A 433 -66.60 14.73 51.00
CA PRO A 433 -67.40 14.41 49.80
C PRO A 433 -66.56 13.75 48.72
N LYS A 434 -67.19 12.82 47.99
CA LYS A 434 -66.51 12.06 46.95
C LYS A 434 -66.46 12.79 45.61
N LEU A 435 -67.22 13.87 45.44
CA LEU A 435 -67.31 14.59 44.17
C LEU A 435 -67.84 13.66 43.07
N THR A 436 -69.06 13.16 43.29
CA THR A 436 -69.67 12.16 42.42
C THR A 436 -70.44 12.88 41.30
N LYS A 437 -69.85 12.90 40.10
CA LYS A 437 -70.53 13.36 38.90
C LYS A 437 -70.99 14.82 39.01
N ASP A 438 -72.24 15.04 39.41
CA ASP A 438 -72.83 16.37 39.32
C ASP A 438 -72.17 17.38 40.25
N LYS A 439 -71.41 16.92 41.25
CA LYS A 439 -70.70 17.86 42.11
C LYS A 439 -69.69 18.69 41.33
N LEU A 440 -68.97 18.06 40.40
CA LEU A 440 -68.02 18.78 39.56
C LEU A 440 -68.73 19.80 38.69
N LYS A 441 -69.88 19.42 38.12
CA LYS A 441 -70.62 20.34 37.26
C LYS A 441 -71.12 21.55 38.04
N SER A 442 -71.61 21.32 39.27
CA SER A 442 -72.18 22.41 40.05
C SER A 442 -71.10 23.40 40.49
N ILE A 443 -69.97 22.90 40.98
CA ILE A 443 -68.94 23.79 41.51
C ILE A 443 -68.29 24.60 40.38
N LEU A 444 -68.10 23.97 39.21
CA LEU A 444 -67.51 24.69 38.09
C LEU A 444 -68.41 25.82 37.60
N LYS A 445 -69.73 25.68 37.77
CA LYS A 445 -70.63 26.75 37.36
C LYS A 445 -70.40 28.02 38.17
N GLU A 446 -70.16 27.87 39.47
CA GLU A 446 -69.94 29.03 40.32
C GLU A 446 -68.66 29.76 39.94
N LYS A 447 -67.59 29.01 39.66
CA LYS A 447 -66.31 29.64 39.34
C LYS A 447 -66.39 30.43 38.04
N PHE A 448 -67.05 29.87 37.02
CA PHE A 448 -67.23 30.51 35.72
C PHE A 448 -68.69 30.93 35.62
N LYS A 449 -68.99 32.14 36.11
CA LYS A 449 -70.34 32.68 36.12
C LYS A 449 -70.61 33.65 34.98
N THR A 450 -69.57 34.19 34.35
CA THR A 450 -69.72 35.18 33.28
C THR A 450 -68.76 34.83 32.15
N GLN A 451 -69.14 35.24 30.93
CA GLN A 451 -68.40 34.85 29.73
C GLN A 451 -67.08 35.61 29.58
N ASP A 452 -66.93 36.76 30.22
CA ASP A 452 -65.70 37.54 30.08
C ASP A 452 -64.49 36.84 30.68
N ASP A 453 -64.71 35.83 31.54
CA ASP A 453 -63.58 35.09 32.10
C ASP A 453 -62.79 34.37 31.02
N PHE A 454 -63.48 33.80 30.04
CA PHE A 454 -62.78 33.13 28.93
C PHE A 454 -61.98 34.12 28.11
N ASN A 455 -62.54 35.30 27.85
CA ASN A 455 -61.84 36.30 27.05
C ASN A 455 -60.67 36.89 27.81
N ASN A 456 -60.87 37.24 29.08
CA ASN A 456 -59.84 37.83 29.92
C ASN A 456 -59.03 36.70 30.56
N SER A 457 -57.82 36.48 30.07
CA SER A 457 -56.98 35.39 30.56
C SER A 457 -56.39 35.64 31.94
N LYS A 458 -56.30 36.92 32.36
CA LYS A 458 -55.71 37.22 33.65
C LYS A 458 -56.55 36.65 34.79
N LYS A 459 -57.86 36.94 34.79
CA LYS A 459 -58.74 36.37 35.80
C LYS A 459 -58.98 34.89 35.57
N LYS A 460 -58.79 34.39 34.34
CA LYS A 460 -58.93 32.97 34.10
C LYS A 460 -57.90 32.17 34.87
N LYS A 461 -56.67 32.67 34.93
CA LYS A 461 -55.63 32.00 35.73
C LYS A 461 -56.00 31.98 37.21
N LYS A 462 -56.55 33.10 37.70
CA LYS A 462 -57.00 33.15 39.09
C LYS A 462 -58.12 32.15 39.34
N ALA A 463 -59.08 32.08 38.41
CA ALA A 463 -60.24 31.23 38.62
C ALA A 463 -59.87 29.75 38.62
N LYS A 464 -59.03 29.34 37.66
CA LYS A 464 -58.68 27.92 37.56
C LYS A 464 -57.82 27.49 38.75
N THR A 465 -56.92 28.37 39.21
CA THR A 465 -56.10 28.03 40.37
C THR A 465 -56.97 27.84 41.61
N ASP A 466 -57.98 28.68 41.79
CA ASP A 466 -58.89 28.52 42.93
C ASP A 466 -59.66 27.22 42.84
N ALA A 467 -60.12 26.87 41.63
CA ALA A 467 -60.86 25.61 41.46
C ALA A 467 -59.97 24.41 41.74
N LEU A 468 -58.74 24.42 41.21
CA LEU A 468 -57.84 23.30 41.46
C LEU A 468 -57.43 23.22 42.92
N LYS A 469 -57.25 24.37 43.58
CA LYS A 469 -56.88 24.37 44.99
C LYS A 469 -57.96 23.75 45.84
N GLU A 470 -59.23 24.11 45.60
CA GLU A 470 -60.33 23.55 46.37
C GLU A 470 -60.68 22.13 45.94
N LEU A 471 -60.57 21.82 44.64
CA LEU A 471 -60.98 20.51 44.16
C LEU A 471 -60.10 19.41 44.71
N THR A 472 -58.78 19.60 44.70
CA THR A 472 -57.87 18.55 45.13
C THR A 472 -57.83 18.38 46.64
N THR A 473 -58.07 19.46 47.39
CA THR A 473 -57.97 19.42 48.85
C THR A 473 -59.30 19.07 49.52
N LYS A 474 -60.41 19.55 48.98
CA LYS A 474 -61.71 19.41 49.61
C LYS A 474 -62.47 18.15 49.18
N TYR A 475 -61.85 17.28 48.38
CA TYR A 475 -62.50 16.07 47.90
C TYR A 475 -61.52 14.90 47.96
N ARG A 476 -62.09 13.70 47.91
CA ARG A 476 -61.27 12.48 48.06
C ARG A 476 -60.26 12.34 46.94
N PHE A 477 -60.67 12.61 45.70
CA PHE A 477 -59.84 12.43 44.53
C PHE A 477 -59.36 13.79 44.02
N GLY A 478 -58.06 13.90 43.79
CA GLY A 478 -57.47 15.14 43.32
C GLY A 478 -56.29 14.86 42.43
N ASN A 479 -56.10 15.74 41.44
CA ASN A 479 -54.98 15.62 40.52
C ASN A 479 -54.80 16.95 39.79
N LYS A 480 -53.56 17.22 39.37
CA LYS A 480 -53.24 18.47 38.69
C LYS A 480 -53.31 18.30 37.17
N THR A 481 -52.52 17.39 36.61
CA THR A 481 -52.47 17.21 35.17
C THR A 481 -53.81 16.74 34.62
N HIS A 482 -54.44 15.77 35.30
CA HIS A 482 -55.73 15.27 34.85
C HIS A 482 -56.80 16.36 34.92
N ALA A 483 -56.81 17.11 36.02
CA ALA A 483 -57.77 18.21 36.14
C ALA A 483 -57.47 19.32 35.13
N THR A 484 -56.18 19.59 34.88
CA THR A 484 -55.81 20.63 33.92
C THR A 484 -56.31 20.29 32.52
N THR A 485 -56.28 19.01 32.15
CA THR A 485 -56.78 18.61 30.84
C THR A 485 -58.27 18.90 30.71
N LEU A 486 -59.04 18.64 31.77
CA LEU A 486 -60.46 18.96 31.75
C LEU A 486 -60.68 20.46 31.63
N LEU A 487 -59.88 21.25 32.34
CA LEU A 487 -60.02 22.70 32.27
C LEU A 487 -59.68 23.21 30.87
N ASP A 488 -58.65 22.66 30.24
CA ASP A 488 -58.29 23.09 28.89
C ASP A 488 -59.40 22.78 27.90
N GLU A 489 -59.99 21.58 27.99
CA GLU A 489 -61.14 21.26 27.15
C GLU A 489 -62.33 22.13 27.51
N TYR A 490 -62.55 22.35 28.81
CA TYR A 490 -63.67 23.19 29.25
C TYR A 490 -63.52 24.61 28.75
N ILE A 491 -62.31 25.16 28.80
CA ILE A 491 -62.08 26.52 28.34
C ILE A 491 -62.26 26.61 26.83
N LYS A 492 -61.74 25.64 26.08
CA LYS A 492 -61.81 25.70 24.62
C LYS A 492 -63.26 25.63 24.13
N TYR A 493 -64.07 24.78 24.74
CA TYR A 493 -65.47 24.64 24.37
C TYR A 493 -66.38 25.66 25.03
N LYS A 494 -65.82 26.62 25.77
CA LYS A 494 -66.59 27.71 26.40
C LYS A 494 -67.62 27.16 27.38
N GLY A 495 -67.30 26.03 28.03
CA GLY A 495 -68.18 25.45 29.02
C GLY A 495 -69.40 24.73 28.47
N GLU A 496 -69.49 24.56 27.15
CA GLU A 496 -70.60 23.86 26.50
C GLU A 496 -70.06 22.89 25.47
N PRO A 497 -69.37 21.83 25.91
CA PRO A 497 -68.82 20.87 24.96
C PRO A 497 -69.94 20.06 24.29
N PRO A 498 -69.66 19.43 23.14
CA PRO A 498 -70.73 18.68 22.46
C PRO A 498 -71.24 17.50 23.24
N ASN A 499 -70.48 16.98 24.21
CA ASN A 499 -70.87 15.82 24.99
C ASN A 499 -70.53 16.06 26.45
N ASP A 500 -71.25 15.34 27.32
CA ASP A 500 -71.05 15.46 28.77
C ASP A 500 -69.90 14.60 29.28
N GLU A 501 -69.22 13.85 28.41
CA GLU A 501 -68.10 13.01 28.85
C GLU A 501 -66.96 13.85 29.42
N ALA A 502 -66.83 15.09 28.98
CA ALA A 502 -65.73 15.94 29.45
C ALA A 502 -65.81 16.16 30.96
N PHE A 503 -67.01 16.37 31.48
CA PHE A 503 -67.18 16.53 32.94
C PHE A 503 -66.78 15.24 33.66
N ASP A 504 -67.16 14.09 33.11
CA ASP A 504 -66.85 12.80 33.72
C ASP A 504 -65.52 12.22 33.24
N LYS A 505 -64.84 12.87 32.29
CA LYS A 505 -63.56 12.36 31.81
C LYS A 505 -62.53 12.34 32.93
N TYR A 506 -62.49 13.39 33.75
CA TYR A 506 -61.54 13.44 34.85
C TYR A 506 -61.82 12.35 35.87
N LEU A 507 -63.09 12.09 36.16
CA LEU A 507 -63.44 11.12 37.18
C LEU A 507 -63.01 9.71 36.78
N LYS A 508 -63.23 9.32 35.52
CA LYS A 508 -62.87 7.98 35.10
C LYS A 508 -61.36 7.80 35.00
N ALA A 509 -60.64 8.86 34.62
CA ALA A 509 -59.19 8.76 34.48
C ALA A 509 -58.52 8.45 35.82
N ILE A 510 -58.95 9.11 36.88
CA ILE A 510 -58.39 8.88 38.21
C ILE A 510 -59.13 7.72 38.86
N GLU A 511 -58.37 6.80 39.45
CA GLU A 511 -58.94 5.63 40.10
C GLU A 511 -59.73 6.04 41.34
N SER A 527 -28.86 -3.71 30.76
CA SER A 527 -29.20 -4.85 29.91
C SER A 527 -27.97 -5.50 29.26
N PRO A 528 -27.02 -4.70 28.75
CA PRO A 528 -25.75 -5.30 28.32
C PRO A 528 -25.03 -6.06 29.43
N LEU A 529 -25.10 -5.57 30.66
CA LEU A 529 -24.47 -6.27 31.77
C LEU A 529 -25.11 -7.64 31.99
N VAL A 530 -26.43 -7.71 31.90
CA VAL A 530 -27.11 -8.99 32.08
C VAL A 530 -26.84 -9.91 30.91
N MET A 531 -26.84 -9.38 29.69
CA MET A 531 -26.64 -10.21 28.50
C MET A 531 -25.24 -10.82 28.49
N PHE A 532 -24.22 -10.02 28.81
CA PHE A 532 -22.85 -10.54 28.82
C PHE A 532 -22.67 -11.60 29.88
N SER A 533 -23.24 -11.38 31.07
CA SER A 533 -23.12 -12.37 32.14
C SER A 533 -23.84 -13.66 31.77
N ARG A 534 -25.03 -13.54 31.18
CA ARG A 534 -25.80 -14.74 30.82
C ARG A 534 -25.09 -15.54 29.74
N MET A 535 -24.67 -14.89 28.65
CA MET A 535 -24.03 -15.61 27.56
C MET A 535 -22.68 -16.17 27.97
N LEU A 536 -21.95 -15.46 28.85
CA LEU A 536 -20.67 -15.98 29.33
C LEU A 536 -20.87 -17.27 30.12
N PHE A 537 -21.91 -17.34 30.93
CA PHE A 537 -22.21 -18.57 31.65
C PHE A 537 -22.56 -19.69 30.69
N ASN A 538 -23.29 -19.37 29.62
CA ASN A 538 -23.71 -20.40 28.67
C ASN A 538 -22.51 -21.05 28.00
N TRP A 539 -21.48 -20.26 27.68
CA TRP A 539 -20.35 -20.79 26.92
C TRP A 539 -19.47 -21.69 27.78
N TYR A 540 -19.16 -21.28 29.00
CA TYR A 540 -18.08 -21.88 29.79
C TYR A 540 -18.55 -22.68 30.99
N HIS A 541 -19.86 -22.79 31.24
CA HIS A 541 -20.31 -23.66 32.32
C HIS A 541 -20.18 -25.13 31.99
N GLY A 542 -20.15 -25.48 30.70
CA GLY A 542 -20.11 -26.86 30.26
C GLY A 542 -18.72 -27.37 29.96
N ASN A 543 -17.70 -26.78 30.56
CA ASN A 543 -16.33 -27.28 30.39
C ASN A 543 -16.20 -28.74 30.79
N PRO A 544 -16.67 -29.18 31.96
CA PRO A 544 -16.75 -30.62 32.20
C PRO A 544 -17.78 -31.27 31.30
N ASN A 545 -17.58 -32.56 31.03
CA ASN A 545 -18.38 -33.43 30.17
C ASN A 545 -18.10 -33.20 28.69
N PHE A 546 -17.29 -32.20 28.32
CA PHE A 546 -16.84 -32.03 26.95
C PHE A 546 -15.58 -32.86 26.70
N TYR A 547 -15.21 -32.99 25.43
CA TYR A 547 -14.07 -33.77 25.01
C TYR A 547 -13.08 -32.88 24.27
N ALA A 548 -11.80 -33.07 24.56
CA ALA A 548 -10.75 -32.26 23.97
C ALA A 548 -9.47 -33.08 23.89
N GLY A 549 -8.57 -32.67 23.02
CA GLY A 549 -7.30 -33.36 22.84
C GLY A 549 -6.72 -33.06 21.46
N ASP A 550 -5.96 -34.03 20.96
CA ASP A 550 -5.32 -33.95 19.66
C ASP A 550 -5.61 -35.22 18.87
N ILE A 551 -5.73 -35.06 17.55
CA ILE A 551 -6.03 -36.15 16.64
C ILE A 551 -5.05 -36.08 15.48
N ILE A 552 -4.50 -37.22 15.09
CA ILE A 552 -3.58 -37.32 13.95
C ILE A 552 -4.39 -37.96 12.82
N VAL A 553 -4.97 -37.12 11.98
CA VAL A 553 -5.73 -37.57 10.81
C VAL A 553 -4.77 -37.71 9.64
N LEU A 554 -5.21 -38.36 8.57
CA LEU A 554 -4.39 -38.48 7.38
C LEU A 554 -4.13 -37.10 6.77
N GLY A 555 -2.91 -36.90 6.30
CA GLY A 555 -2.49 -35.60 5.80
C GLY A 555 -3.26 -35.12 4.58
N ASP A 556 -4.10 -34.11 4.77
CA ASP A 556 -4.83 -33.46 3.69
C ASP A 556 -4.92 -31.97 4.00
N PRO A 557 -5.11 -31.13 2.99
CA PRO A 557 -5.21 -29.69 3.22
C PRO A 557 -6.62 -29.19 3.56
N LYS A 558 -7.62 -30.07 3.59
CA LYS A 558 -8.98 -29.63 3.83
C LYS A 558 -9.18 -29.08 5.23
N TYR A 559 -8.36 -29.52 6.19
CA TYR A 559 -8.51 -29.10 7.57
C TYR A 559 -7.83 -27.75 7.79
N ASP A 560 -8.54 -26.84 8.45
CA ASP A 560 -8.05 -25.49 8.70
C ASP A 560 -8.46 -25.05 10.10
N LEU A 561 -7.74 -24.08 10.63
CA LEU A 561 -8.02 -23.58 11.97
C LEU A 561 -9.39 -22.90 12.01
N GLY A 562 -10.12 -23.13 13.10
CA GLY A 562 -11.42 -22.56 13.30
C GLY A 562 -12.56 -23.26 12.61
N LYS A 563 -12.30 -24.34 11.89
CA LYS A 563 -13.34 -25.08 11.19
C LYS A 563 -13.98 -26.12 12.09
N ARG A 564 -15.25 -26.39 11.85
CA ARG A 564 -15.98 -27.38 12.62
C ARG A 564 -15.68 -28.78 12.08
N LEU A 565 -15.40 -29.71 12.99
CA LEU A 565 -15.01 -31.07 12.63
C LEU A 565 -16.13 -32.03 13.00
N PHE A 566 -16.49 -32.90 12.06
CA PHE A 566 -17.48 -33.95 12.26
C PHE A 566 -16.79 -35.30 12.08
N ILE A 567 -17.00 -36.20 13.04
CA ILE A 567 -16.39 -37.53 13.04
C ILE A 567 -17.47 -38.55 13.25
N GLU A 568 -17.47 -39.61 12.43
CA GLU A 568 -18.37 -40.75 12.57
C GLU A 568 -17.53 -41.98 12.91
N ASP A 569 -17.91 -42.66 13.99
CA ASP A 569 -17.15 -43.79 14.51
C ASP A 569 -17.78 -45.08 14.00
N LYS A 570 -17.00 -45.85 13.23
CA LYS A 570 -17.46 -47.14 12.73
C LYS A 570 -17.23 -48.27 13.72
N GLN A 571 -16.51 -48.03 14.82
CA GLN A 571 -16.27 -49.08 15.80
C GLN A 571 -17.58 -49.56 16.43
N ARG A 572 -18.47 -48.61 16.77
CA ARG A 572 -19.75 -48.95 17.38
C ARG A 572 -20.89 -48.09 16.83
N GLY A 573 -20.73 -47.53 15.64
CA GLY A 573 -21.80 -46.73 15.05
C GLY A 573 -22.12 -45.47 15.81
N ASP A 574 -21.10 -44.80 16.33
CA ASP A 574 -21.26 -43.57 17.10
C ASP A 574 -20.91 -42.36 16.25
N THR A 575 -21.35 -41.19 16.70
CA THR A 575 -21.10 -39.92 16.04
C THR A 575 -20.48 -38.96 17.04
N TRP A 576 -19.57 -38.12 16.56
CA TRP A 576 -18.86 -37.16 17.39
C TRP A 576 -18.79 -35.81 16.68
N GLU A 577 -18.68 -34.75 17.47
CA GLU A 577 -18.53 -33.38 16.98
C GLU A 577 -17.39 -32.72 17.73
N PHE A 578 -16.68 -31.83 17.04
CA PHE A 578 -15.51 -31.18 17.61
C PHE A 578 -15.33 -29.81 16.98
N TYR A 579 -14.60 -28.94 17.67
CA TYR A 579 -14.23 -27.63 17.20
C TYR A 579 -12.71 -27.55 17.11
N ILE A 580 -12.19 -27.20 15.94
CA ILE A 580 -10.76 -27.19 15.70
C ILE A 580 -10.17 -25.91 16.27
N GLU A 581 -9.08 -26.05 17.04
CA GLU A 581 -8.34 -24.93 17.58
C GLU A 581 -6.86 -24.91 17.21
N SER A 582 -6.30 -26.02 16.77
CA SER A 582 -4.89 -26.08 16.40
C SER A 582 -4.67 -27.21 15.41
N VAL A 583 -3.76 -26.98 14.46
CA VAL A 583 -3.37 -27.98 13.48
C VAL A 583 -1.86 -27.89 13.29
N GLU A 584 -1.21 -29.05 13.23
CA GLU A 584 0.24 -29.14 13.03
C GLU A 584 0.51 -30.14 11.91
N HIS A 585 1.06 -29.66 10.80
CA HIS A 585 1.36 -30.49 9.64
C HIS A 585 2.81 -30.96 9.69
N LYS A 586 3.04 -32.16 9.17
CA LYS A 586 4.39 -32.75 9.12
C LYS A 586 4.51 -33.51 7.81
N PHE A 587 5.38 -33.02 6.91
CA PHE A 587 5.64 -33.64 5.63
C PHE A 587 7.11 -34.03 5.57
N ASP A 588 7.38 -35.28 5.19
CA ASP A 588 8.74 -35.78 5.05
C ASP A 588 8.73 -37.07 4.24
N TYR A 589 9.62 -37.17 3.25
CA TYR A 589 9.69 -38.37 2.43
C TYR A 589 10.17 -39.58 3.21
N LYS A 590 10.78 -39.38 4.39
CA LYS A 590 11.26 -40.51 5.18
C LYS A 590 10.11 -41.39 5.65
N GLN A 591 9.03 -40.78 6.17
CA GLN A 591 7.88 -41.56 6.65
C GLN A 591 6.62 -40.74 6.43
N GLY A 592 5.95 -41.00 5.31
CA GLY A 592 4.58 -40.59 5.10
C GLY A 592 4.37 -39.08 5.14
N TYR A 593 3.16 -38.70 5.50
CA TYR A 593 2.77 -37.29 5.60
C TYR A 593 1.55 -37.21 6.50
N TYR A 594 1.72 -36.62 7.68
CA TYR A 594 0.70 -36.56 8.71
C TYR A 594 0.20 -35.15 8.90
N THR A 595 -0.86 -35.00 9.69
CA THR A 595 -1.45 -33.70 9.97
C THR A 595 -2.22 -33.80 11.28
N THR A 596 -1.73 -33.11 12.31
CA THR A 596 -2.42 -33.07 13.58
C THR A 596 -3.63 -32.14 13.50
N VAL A 597 -4.67 -32.49 14.25
CA VAL A 597 -5.89 -31.70 14.34
C VAL A 597 -6.24 -31.58 15.82
N GLY A 598 -5.84 -30.48 16.44
CA GLY A 598 -6.25 -30.22 17.81
C GLY A 598 -7.72 -29.85 17.87
N VAL A 599 -8.41 -30.35 18.91
CA VAL A 599 -9.84 -30.17 19.05
C VAL A 599 -10.16 -29.80 20.51
N THR A 600 -11.28 -29.11 20.68
CA THR A 600 -11.76 -28.74 22.01
C THR A 600 -13.28 -28.61 21.95
N ARG A 601 -13.91 -28.76 23.11
CA ARG A 601 -15.36 -28.62 23.25
C ARG A 601 -16.10 -29.63 22.39
N GLY A 602 -15.76 -30.91 22.56
CA GLY A 602 -16.39 -31.98 21.81
C GLY A 602 -17.60 -32.56 22.51
N LEU A 603 -18.45 -33.21 21.72
CA LEU A 603 -19.63 -33.88 22.27
C LEU A 603 -20.07 -34.95 21.27
N LYS A 604 -20.86 -35.90 21.78
CA LYS A 604 -21.30 -37.06 21.03
C LYS A 604 -22.69 -36.81 20.43
N ASP A 605 -23.28 -37.85 19.86
CA ASP A 605 -24.61 -37.87 19.24
C ASP A 605 -24.85 -36.64 18.36
N ALA A 606 -23.94 -36.48 17.39
CA ALA A 606 -24.02 -35.38 16.45
C ALA A 606 -25.03 -35.67 15.34
N ILE A 607 -25.46 -34.61 14.66
CA ILE A 607 -26.37 -34.68 13.53
C ILE A 607 -25.78 -33.89 12.38
N LEU A 608 -25.84 -34.45 11.17
CA LEU A 608 -25.20 -33.88 10.00
C LEU A 608 -26.09 -32.93 9.21
N GLU A 609 -27.40 -32.93 9.46
CA GLU A 609 -28.32 -32.17 8.63
C GLU A 609 -28.17 -30.68 8.91
N ASP A 610 -27.71 -29.93 7.90
CA ASP A 610 -27.62 -28.47 7.94
C ASP A 610 -26.73 -28.00 9.09
N GLY A 611 -25.73 -28.79 9.43
CA GLY A 611 -24.84 -28.43 10.54
C GLY A 611 -25.57 -28.32 11.87
N LYS A 612 -26.57 -29.17 12.09
CA LYS A 612 -27.31 -29.13 13.35
C LYS A 612 -26.41 -29.46 14.53
N GLY A 613 -25.51 -30.43 14.34
CA GLY A 613 -24.66 -30.84 15.44
C GLY A 613 -25.43 -31.66 16.46
N SER A 614 -24.85 -31.76 17.65
CA SER A 614 -25.44 -32.55 18.72
C SER A 614 -26.57 -31.76 19.37
N PRO A 615 -27.82 -32.27 19.40
CA PRO A 615 -28.86 -31.55 20.16
C PRO A 615 -28.57 -31.45 21.64
N HIS A 616 -27.79 -32.39 22.20
CA HIS A 616 -27.47 -32.37 23.61
C HIS A 616 -26.51 -31.25 24.00
N ARG A 617 -25.93 -30.54 23.02
CA ARG A 617 -25.04 -29.43 23.34
C ARG A 617 -25.76 -28.34 24.11
N PHE A 618 -26.97 -28.00 23.69
CA PHE A 618 -27.79 -27.00 24.38
C PHE A 618 -28.64 -27.70 25.44
N ALA A 619 -27.96 -28.09 26.52
CA ALA A 619 -28.60 -28.85 27.59
C ALA A 619 -29.60 -27.99 28.35
N GLY A 620 -30.28 -28.60 29.32
CA GLY A 620 -31.27 -27.89 30.10
C GLY A 620 -30.69 -26.79 30.95
N LEU A 621 -29.41 -26.87 31.31
CA LEU A 621 -28.74 -25.85 32.09
C LEU A 621 -28.12 -24.75 31.23
N TRP A 622 -28.33 -24.79 29.91
CA TRP A 622 -27.72 -23.79 29.03
C TRP A 622 -28.26 -22.40 29.32
N ASN A 623 -29.59 -22.26 29.36
CA ASN A 623 -30.25 -20.96 29.59
C ASN A 623 -30.81 -20.83 30.99
N GLN A 624 -31.26 -21.92 31.60
CA GLN A 624 -31.84 -21.85 32.94
C GLN A 624 -30.77 -21.47 33.95
N SER A 625 -30.99 -20.36 34.66
CA SER A 625 -30.06 -19.86 35.65
C SER A 625 -30.77 -18.78 36.46
N SER A 626 -30.03 -18.10 37.33
CA SER A 626 -30.61 -17.05 38.17
C SER A 626 -29.49 -16.11 38.60
N ASP A 627 -29.89 -14.93 39.07
CA ASP A 627 -28.94 -13.93 39.51
C ASP A 627 -28.19 -14.41 40.75
N PHE A 628 -26.94 -13.96 40.87
CA PHE A 628 -26.06 -14.40 41.95
C PHE A 628 -26.12 -13.43 43.11
N MET A 629 -26.40 -13.96 44.31
CA MET A 629 -26.45 -13.18 45.53
C MET A 629 -26.06 -14.08 46.69
N GLY A 630 -25.97 -13.49 47.88
CA GLY A 630 -25.58 -14.21 49.07
C GLY A 630 -26.73 -15.02 49.64
N GLY A 631 -26.52 -15.48 50.88
CA GLY A 631 -27.50 -16.29 51.58
C GLY A 631 -27.49 -17.75 51.24
N LEU A 632 -26.49 -18.23 50.48
CA LEU A 632 -26.44 -19.63 50.07
C LEU A 632 -25.62 -20.49 51.01
N MET A 633 -24.64 -19.91 51.71
CA MET A 633 -23.78 -20.69 52.59
C MET A 633 -23.15 -19.75 53.62
N GLY A 634 -23.49 -19.93 54.88
CA GLY A 634 -22.92 -19.16 55.98
C GLY A 634 -23.58 -17.82 56.23
N GLU A 635 -23.97 -17.13 55.15
CA GLU A 635 -24.60 -15.82 55.30
C GLU A 635 -25.94 -15.93 56.03
N ASP A 636 -26.73 -16.96 55.71
CA ASP A 636 -28.10 -17.05 56.22
C ASP A 636 -28.20 -17.70 57.59
N THR A 637 -27.11 -18.23 58.15
CA THR A 637 -27.20 -18.93 59.43
C THR A 637 -27.49 -17.98 60.58
N SER A 638 -27.01 -16.73 60.50
CA SER A 638 -27.18 -15.76 61.57
C SER A 638 -28.49 -14.98 61.49
N LYS A 639 -29.24 -15.10 60.39
CA LYS A 639 -30.46 -14.34 60.18
C LYS A 639 -31.71 -15.15 60.49
N GLU A 640 -31.57 -16.34 61.09
CA GLU A 640 -32.72 -17.17 61.44
C GLU A 640 -33.31 -16.67 62.76
N LEU A 641 -33.97 -15.51 62.67
CA LEU A 641 -34.60 -14.90 63.83
C LEU A 641 -35.89 -15.63 64.19
N ALA B 2 41.52 -7.01 -30.63
CA ALA B 2 40.70 -7.95 -31.44
C ALA B 2 39.81 -7.19 -32.42
N ASN B 3 39.05 -7.93 -33.22
CA ASN B 3 38.15 -7.35 -34.20
C ASN B 3 36.84 -8.13 -34.21
N PHE B 4 35.86 -7.59 -34.93
CA PHE B 4 34.54 -8.22 -34.98
C PHE B 4 34.62 -9.60 -35.64
N LEU B 5 35.46 -9.74 -36.67
CA LEU B 5 35.59 -11.03 -37.35
C LEU B 5 36.15 -12.09 -36.40
N LYS B 6 37.11 -11.73 -35.56
CA LYS B 6 37.72 -12.69 -34.66
C LYS B 6 36.72 -13.23 -33.64
N ASN B 7 35.87 -12.35 -33.11
CA ASN B 7 34.91 -12.72 -32.09
C ASN B 7 33.59 -13.22 -32.66
N LEU B 8 33.44 -13.28 -33.98
CA LEU B 8 32.20 -13.76 -34.57
C LEU B 8 32.04 -15.26 -34.36
N HIS B 9 30.84 -15.75 -34.61
CA HIS B 9 30.56 -17.17 -34.42
C HIS B 9 31.41 -17.99 -35.38
N PRO B 10 31.97 -19.14 -34.95
CA PRO B 10 32.81 -19.91 -35.87
C PRO B 10 32.09 -20.39 -37.12
N LEU B 11 30.82 -20.75 -37.00
CA LEU B 11 30.09 -21.30 -38.14
C LEU B 11 29.85 -20.25 -39.22
N LEU B 12 29.66 -18.99 -38.83
CA LEU B 12 29.40 -17.94 -39.81
C LEU B 12 30.61 -17.75 -40.72
N ARG B 13 30.34 -17.47 -41.99
CA ARG B 13 31.40 -17.31 -42.97
C ARG B 13 32.24 -16.07 -42.67
N ARG B 14 33.49 -16.10 -43.14
CA ARG B 14 34.43 -15.01 -42.96
C ARG B 14 35.20 -14.73 -44.25
N ASP B 15 34.60 -15.03 -45.40
CA ASP B 15 35.25 -14.82 -46.69
C ASP B 15 34.18 -14.79 -47.77
N ARG B 16 34.52 -14.21 -48.91
CA ARG B 16 33.60 -14.16 -50.03
C ARG B 16 33.31 -15.56 -50.56
N ASN B 17 32.05 -15.80 -50.88
CA ASN B 17 31.66 -17.10 -51.41
C ASN B 17 32.15 -17.25 -52.85
N LYS B 18 32.61 -18.45 -53.18
CA LYS B 18 33.13 -18.77 -54.51
C LYS B 18 32.12 -19.53 -55.36
N LYS B 19 30.83 -19.26 -55.16
CA LYS B 19 29.76 -19.92 -55.91
C LYS B 19 28.84 -18.88 -56.57
N ASP B 20 28.63 -17.76 -55.91
CA ASP B 20 27.80 -16.69 -56.45
C ASP B 20 28.38 -15.34 -56.02
N ASN B 21 28.27 -14.36 -56.91
CA ASN B 21 28.81 -13.03 -56.62
C ASN B 21 28.08 -12.38 -55.46
N GLN B 22 26.75 -12.50 -55.43
CA GLN B 22 25.95 -11.86 -54.40
C GLN B 22 26.09 -12.63 -53.09
N ASP B 23 26.42 -11.90 -52.01
CA ASP B 23 26.61 -12.49 -50.69
C ASP B 23 26.09 -11.50 -49.65
N PRO B 24 24.78 -11.56 -49.34
CA PRO B 24 24.25 -10.66 -48.29
C PRO B 24 24.93 -10.82 -46.95
N ASN B 25 25.30 -12.04 -46.57
CA ASN B 25 26.03 -12.25 -45.34
C ASN B 25 27.38 -11.53 -45.37
N PHE B 26 28.11 -11.67 -46.47
CA PHE B 26 29.39 -10.97 -46.59
C PHE B 26 29.18 -9.47 -46.60
N ALA B 27 28.10 -8.99 -47.22
CA ALA B 27 27.82 -7.56 -47.23
C ALA B 27 27.61 -7.03 -45.82
N LEU B 28 26.76 -7.71 -45.04
CA LEU B 28 26.50 -7.26 -43.68
C LEU B 28 27.75 -7.33 -42.82
N ILE B 29 28.51 -8.41 -42.92
CA ILE B 29 29.72 -8.55 -42.11
C ILE B 29 30.73 -7.48 -42.48
N ASP B 30 30.90 -7.22 -43.78
CA ASP B 30 31.85 -6.20 -44.22
C ASP B 30 31.42 -4.82 -43.75
N ALA B 31 30.12 -4.51 -43.83
CA ALA B 31 29.65 -3.21 -43.39
C ALA B 31 29.89 -3.02 -41.90
N LEU B 32 29.54 -4.03 -41.10
CA LEU B 32 29.75 -3.93 -39.65
C LEU B 32 31.23 -3.82 -39.32
N ASN B 33 32.07 -4.61 -39.98
CA ASN B 33 33.51 -4.56 -39.73
C ASN B 33 34.08 -3.20 -40.09
N GLU B 34 33.67 -2.63 -41.23
CA GLU B 34 34.17 -1.33 -41.64
C GLU B 34 33.73 -0.25 -40.65
N GLU B 35 32.47 -0.30 -40.21
CA GLU B 35 32.00 0.70 -39.25
C GLU B 35 32.75 0.59 -37.92
N MET B 36 32.95 -0.63 -37.44
CA MET B 36 33.65 -0.80 -36.16
C MET B 36 35.12 -0.41 -36.29
N ASN B 37 35.74 -0.68 -37.43
CA ASN B 37 37.13 -0.25 -37.63
C ASN B 37 37.23 1.27 -37.68
N GLN B 38 36.27 1.93 -38.33
CA GLN B 38 36.27 3.39 -38.37
C GLN B 38 36.09 3.95 -36.96
N VAL B 39 35.19 3.35 -36.17
CA VAL B 39 35.00 3.80 -34.80
C VAL B 39 36.26 3.58 -33.97
N GLU B 40 36.96 2.47 -34.22
CA GLU B 40 38.21 2.21 -33.53
C GLU B 40 39.26 3.25 -33.88
N LYS B 41 39.35 3.60 -35.17
CA LYS B 41 40.30 4.64 -35.58
C LYS B 41 39.95 5.98 -34.95
N ASP B 42 38.67 6.32 -34.88
CA ASP B 42 38.25 7.55 -34.23
C ASP B 42 38.61 7.53 -32.75
N ALA B 43 38.39 6.40 -32.07
CA ALA B 43 38.70 6.31 -30.65
C ALA B 43 40.20 6.43 -30.40
N ILE B 44 41.02 5.85 -31.28
CA ILE B 44 42.47 5.96 -31.13
C ILE B 44 42.90 7.41 -31.26
N GLU B 45 42.31 8.14 -32.21
CA GLU B 45 42.64 9.55 -32.38
C GLU B 45 42.16 10.42 -31.22
N SER B 46 41.21 9.91 -30.40
CA SER B 46 40.72 10.69 -29.28
C SER B 46 41.79 10.94 -28.22
N LYS B 47 42.83 10.10 -28.18
CA LYS B 47 43.92 10.31 -27.22
C LYS B 47 44.62 11.63 -27.47
N LEU B 48 44.77 12.03 -28.74
CA LEU B 48 45.43 13.29 -29.04
C LEU B 48 44.64 14.48 -28.49
N GLN B 49 43.31 14.44 -28.62
CA GLN B 49 42.49 15.55 -28.16
C GLN B 49 42.53 15.74 -26.66
N SER B 50 42.81 14.68 -25.89
CA SER B 50 42.91 14.79 -24.45
C SER B 50 44.15 15.55 -23.98
N SER B 51 45.13 15.76 -24.85
CA SER B 51 46.38 16.44 -24.53
C SER B 51 46.42 17.79 -25.23
N LEU B 52 46.90 18.82 -24.51
CA LEU B 52 47.00 20.14 -25.09
C LEU B 52 48.02 20.18 -26.24
N LYS B 53 49.00 19.26 -26.23
CA LYS B 53 50.03 19.26 -27.26
C LYS B 53 49.48 18.95 -28.64
N THR B 54 48.30 18.31 -28.74
CA THR B 54 47.71 17.95 -30.01
C THR B 54 46.22 18.24 -30.10
N SER B 55 45.61 18.85 -29.09
CA SER B 55 44.19 19.19 -29.16
C SER B 55 43.95 20.22 -30.25
N THR B 56 42.82 20.08 -30.95
CA THR B 56 42.48 20.93 -32.07
C THR B 56 41.00 21.27 -32.04
N SER B 57 40.66 22.40 -32.65
CA SER B 57 39.27 22.82 -32.83
C SER B 57 38.60 23.08 -31.48
N GLU B 58 37.54 22.32 -31.15
CA GLU B 58 36.77 22.63 -29.94
C GLU B 58 37.55 22.31 -28.68
N TYR B 59 38.37 21.26 -28.70
CA TYR B 59 39.11 20.89 -27.50
C TYR B 59 40.18 21.91 -27.18
N LEU B 60 40.86 22.45 -28.21
CA LEU B 60 41.81 23.53 -27.99
C LEU B 60 41.09 24.78 -27.46
N ASP B 61 39.87 25.02 -27.95
CA ASP B 61 39.09 26.15 -27.44
C ASP B 61 38.77 25.96 -25.96
N LYS B 62 38.40 24.74 -25.56
CA LYS B 62 38.14 24.46 -24.15
C LYS B 62 39.40 24.64 -23.32
N PHE B 63 40.54 24.18 -23.83
CA PHE B 63 41.80 24.38 -23.11
C PHE B 63 42.10 25.86 -22.92
N GLY B 64 41.92 26.66 -23.97
CA GLY B 64 42.17 28.08 -23.86
C GLY B 64 41.21 28.77 -22.91
N ASP B 65 39.92 28.37 -22.95
CA ASP B 65 38.95 28.95 -22.04
C ASP B 65 39.28 28.61 -20.59
N TRP B 66 39.70 27.38 -20.33
CA TRP B 66 40.10 27.01 -18.97
C TRP B 66 41.36 27.76 -18.55
N PHE B 67 42.28 28.00 -19.49
CA PHE B 67 43.46 28.81 -19.21
C PHE B 67 43.18 30.31 -19.29
N GLY B 68 41.98 30.71 -19.72
CA GLY B 68 41.63 32.11 -19.83
C GLY B 68 42.03 32.79 -21.12
N VAL B 69 42.73 32.09 -22.01
CA VAL B 69 43.16 32.65 -23.30
C VAL B 69 42.13 32.20 -24.33
N TYR B 70 41.24 33.10 -24.71
CA TYR B 70 40.19 32.80 -25.67
C TYR B 70 40.71 32.97 -27.10
N ARG B 71 39.93 32.46 -28.05
CA ARG B 71 40.33 32.44 -29.45
C ARG B 71 40.06 33.80 -30.09
N LYS B 72 41.08 34.36 -30.74
CA LYS B 72 40.92 35.58 -31.51
C LYS B 72 40.21 35.27 -32.83
N THR B 73 39.49 36.25 -33.36
CA THR B 73 38.78 36.08 -34.61
C THR B 73 39.76 35.78 -35.75
N ASP B 74 39.40 34.79 -36.57
CA ASP B 74 40.22 34.37 -37.71
C ASP B 74 41.62 33.94 -37.28
N GLU B 75 41.68 33.21 -36.17
CA GLU B 75 42.93 32.70 -35.62
C GLU B 75 42.99 31.19 -35.81
N LYS B 76 44.09 30.71 -36.41
CA LYS B 76 44.24 29.29 -36.66
C LYS B 76 44.69 28.57 -35.38
N ASP B 77 44.66 27.24 -35.44
CA ASP B 77 44.89 26.44 -34.25
C ASP B 77 46.32 26.55 -33.74
N ASP B 78 47.29 26.61 -34.66
CA ASP B 78 48.69 26.58 -34.25
C ASP B 78 49.06 27.83 -33.45
N VAL B 79 48.75 29.00 -33.98
CA VAL B 79 49.09 30.25 -33.30
C VAL B 79 48.31 30.37 -32.00
N TYR B 80 47.05 29.91 -31.99
CA TYR B 80 46.25 29.96 -30.77
C TYR B 80 46.87 29.08 -29.69
N ARG B 81 47.28 27.86 -30.04
CA ARG B 81 47.92 26.98 -29.07
C ARG B 81 49.24 27.57 -28.59
N ALA B 82 50.01 28.17 -29.49
CA ALA B 82 51.28 28.78 -29.09
C ALA B 82 51.05 29.92 -28.11
N ARG B 83 50.04 30.76 -28.36
CA ARG B 83 49.74 31.86 -27.45
C ARG B 83 49.23 31.34 -26.12
N ILE B 84 48.45 30.26 -26.14
CA ILE B 84 47.95 29.67 -24.89
C ILE B 84 49.13 29.16 -24.05
N ILE B 85 50.06 28.44 -24.68
CA ILE B 85 51.19 27.90 -23.95
C ILE B 85 52.08 29.02 -23.43
N LYS B 86 52.35 30.02 -24.26
CA LYS B 86 53.21 31.12 -23.86
C LYS B 86 52.60 32.00 -22.78
N TYR B 87 51.27 31.98 -22.62
CA TYR B 87 50.61 32.86 -21.67
C TYR B 87 50.95 32.53 -20.22
N LEU B 88 51.45 31.32 -19.95
CA LEU B 88 51.83 30.93 -18.60
C LEU B 88 53.23 31.36 -18.21
N LEU B 89 53.97 32.02 -19.12
CA LEU B 89 55.33 32.46 -18.86
C LEU B 89 55.42 33.98 -19.00
N LEU B 90 54.49 34.69 -18.37
CA LEU B 90 54.45 36.14 -18.49
C LEU B 90 55.70 36.79 -17.90
N LYS B 91 56.18 36.25 -16.77
CA LYS B 91 57.27 36.83 -15.98
C LYS B 91 57.13 38.34 -15.85
N ARG B 92 55.91 38.77 -15.50
CA ARG B 92 55.59 40.19 -15.44
C ARG B 92 56.35 40.87 -14.31
N GLY B 93 56.65 42.15 -14.53
CA GLY B 93 57.35 42.97 -13.55
C GLY B 93 58.73 43.37 -14.01
N THR B 94 59.42 42.47 -14.71
CA THR B 94 60.75 42.75 -15.20
C THR B 94 60.70 43.74 -16.37
N ASN B 95 61.74 44.56 -16.47
CA ASN B 95 61.81 45.54 -17.55
C ASN B 95 61.87 44.86 -18.92
N ASN B 96 62.71 43.83 -19.05
CA ASN B 96 62.77 43.11 -20.31
C ASN B 96 61.47 42.36 -20.59
N ALA B 97 60.78 41.90 -19.54
CA ALA B 97 59.47 41.30 -19.73
C ALA B 97 58.47 42.32 -20.28
N ILE B 98 58.52 43.56 -19.78
CA ILE B 98 57.65 44.60 -20.29
C ILE B 98 58.00 44.92 -21.74
N ILE B 99 59.29 44.92 -22.07
CA ILE B 99 59.71 45.18 -23.45
C ILE B 99 59.19 44.07 -24.37
N ASP B 100 59.29 42.82 -23.92
CA ASP B 100 58.78 41.71 -24.72
C ASP B 100 57.27 41.80 -24.90
N ALA B 101 56.55 42.18 -23.84
CA ALA B 101 55.11 42.35 -23.94
C ALA B 101 54.75 43.46 -24.92
N ILE B 102 55.49 44.57 -24.89
CA ILE B 102 55.23 45.66 -25.83
C ILE B 102 55.52 45.21 -27.26
N LYS B 103 56.59 44.45 -27.45
CA LYS B 103 56.90 43.93 -28.79
C LYS B 103 55.80 43.00 -29.29
N ASP B 104 55.28 42.15 -28.40
CA ASP B 104 54.17 41.27 -28.80
C ASP B 104 52.93 42.09 -29.14
N TYR B 105 52.66 43.13 -28.36
CA TYR B 105 51.54 44.02 -28.68
C TYR B 105 51.78 44.74 -30.00
N LEU B 106 53.00 45.18 -30.24
CA LEU B 106 53.36 45.87 -31.48
C LEU B 106 53.18 44.93 -32.67
N ARG C 2 1.29 -24.24 -23.80
CA ARG C 2 1.10 -25.35 -24.77
C ARG C 2 -0.37 -25.64 -24.99
N PHE C 3 -0.67 -26.56 -25.91
CA PHE C 3 -2.04 -26.91 -26.24
C PHE C 3 -2.04 -28.30 -26.86
N LYS C 4 -3.23 -28.77 -27.21
CA LYS C 4 -3.41 -30.07 -27.86
C LYS C 4 -4.28 -29.89 -29.09
N LYS C 5 -3.81 -30.41 -30.22
CA LYS C 5 -4.58 -30.33 -31.46
C LYS C 5 -5.80 -31.24 -31.39
N HIS C 6 -6.86 -30.83 -32.08
CA HIS C 6 -8.10 -31.59 -32.11
C HIS C 6 -8.76 -31.42 -33.47
N VAL C 7 -9.40 -32.50 -33.93
CA VAL C 7 -10.14 -32.51 -35.19
C VAL C 7 -11.59 -32.87 -34.88
N VAL C 8 -12.52 -32.12 -35.45
CA VAL C 8 -13.93 -32.32 -35.16
C VAL C 8 -14.40 -33.62 -35.78
N GLN C 9 -15.05 -34.46 -34.98
CA GLN C 9 -15.59 -35.72 -35.46
C GLN C 9 -16.91 -35.48 -36.18
N HIS C 10 -17.54 -36.57 -36.65
CA HIS C 10 -18.85 -36.47 -37.28
C HIS C 10 -19.88 -35.95 -36.31
N GLU C 11 -20.40 -34.74 -36.57
CA GLU C 11 -21.37 -34.03 -35.73
C GLU C 11 -20.97 -34.08 -34.25
N GLU C 12 -19.69 -33.86 -33.98
CA GLU C 12 -19.19 -33.89 -32.62
C GLU C 12 -19.71 -32.70 -31.83
N THR C 13 -19.83 -32.88 -30.52
CA THR C 13 -20.35 -31.88 -29.61
C THR C 13 -19.20 -31.19 -28.87
N MET C 14 -19.28 -29.86 -28.79
CA MET C 14 -18.24 -29.10 -28.10
C MET C 14 -18.19 -29.46 -26.61
N GLN C 15 -19.34 -29.65 -25.99
CA GLN C 15 -19.37 -30.03 -24.58
C GLN C 15 -18.72 -31.39 -24.37
N ALA C 16 -18.93 -32.32 -25.29
CA ALA C 16 -18.26 -33.62 -25.20
C ALA C 16 -16.75 -33.46 -25.30
N ILE C 17 -16.29 -32.58 -26.18
CA ILE C 17 -14.85 -32.33 -26.31
C ILE C 17 -14.29 -31.76 -25.02
N ALA C 18 -15.01 -30.79 -24.42
CA ALA C 18 -14.54 -30.19 -23.18
C ALA C 18 -14.51 -31.23 -22.05
N GLN C 19 -15.52 -32.09 -21.99
CA GLN C 19 -15.54 -33.15 -20.98
C GLN C 19 -14.38 -34.11 -21.16
N ARG C 20 -14.10 -34.49 -22.42
CA ARG C 20 -13.01 -35.42 -22.69
C ARG C 20 -11.66 -34.82 -22.32
N TYR C 21 -11.41 -33.57 -22.70
CA TYR C 21 -10.11 -32.95 -22.53
C TYR C 21 -9.91 -32.29 -21.16
N TYR C 22 -10.97 -32.16 -20.36
CA TYR C 22 -10.87 -31.53 -19.04
C TYR C 22 -11.60 -32.30 -17.94
N GLY C 23 -12.44 -33.27 -18.27
CA GLY C 23 -13.18 -34.01 -17.27
C GLY C 23 -14.49 -33.34 -16.91
N ASP C 24 -14.42 -32.09 -16.46
CA ASP C 24 -15.62 -31.32 -16.15
C ASP C 24 -16.22 -30.73 -17.43
N VAL C 25 -17.52 -30.97 -17.62
CA VAL C 25 -18.17 -30.51 -18.84
C VAL C 25 -18.31 -28.99 -18.85
N SER C 26 -18.44 -28.37 -17.68
CA SER C 26 -18.81 -26.96 -17.58
C SER C 26 -17.74 -26.01 -18.11
N TYR C 27 -16.53 -26.49 -18.37
CA TYR C 27 -15.45 -25.63 -18.86
C TYR C 27 -15.56 -25.33 -20.35
N TRP C 28 -16.62 -25.78 -21.04
CA TRP C 28 -16.74 -25.50 -22.46
C TRP C 28 -16.92 -24.00 -22.74
N ILE C 29 -17.46 -23.25 -21.77
CA ILE C 29 -17.67 -21.83 -21.98
C ILE C 29 -16.35 -21.09 -22.17
N ASP C 30 -15.30 -21.54 -21.49
CA ASP C 30 -13.99 -20.92 -21.66
C ASP C 30 -13.34 -21.34 -22.96
N LEU C 31 -13.55 -22.59 -23.40
CA LEU C 31 -12.90 -23.07 -24.61
C LEU C 31 -13.37 -22.33 -25.84
N VAL C 32 -14.67 -22.07 -25.94
CA VAL C 32 -15.19 -21.36 -27.12
C VAL C 32 -14.69 -19.92 -27.14
N GLU C 33 -14.56 -19.31 -25.95
CA GLU C 33 -13.97 -17.97 -25.88
C GLU C 33 -12.51 -18.00 -26.31
N HIS C 34 -11.79 -19.05 -25.92
CA HIS C 34 -10.41 -19.21 -26.38
C HIS C 34 -10.34 -19.31 -27.91
N ASN C 35 -11.26 -20.08 -28.51
CA ASN C 35 -11.29 -20.23 -29.95
C ASN C 35 -11.94 -19.05 -30.66
N ASN C 36 -12.62 -18.16 -29.95
CA ASN C 36 -13.27 -16.98 -30.53
C ASN C 36 -14.28 -17.38 -31.60
N LEU C 37 -15.33 -18.08 -31.14
CA LEU C 37 -16.38 -18.59 -32.01
C LEU C 37 -17.74 -18.07 -31.54
N LYS C 38 -18.62 -17.84 -32.51
CA LYS C 38 -19.99 -17.44 -32.21
C LYS C 38 -20.76 -18.64 -31.65
N TYR C 39 -22.06 -18.43 -31.40
CA TYR C 39 -22.89 -19.50 -30.84
C TYR C 39 -22.91 -20.77 -31.68
N PRO C 40 -22.99 -20.72 -33.02
CA PRO C 40 -22.87 -21.96 -33.79
C PRO C 40 -21.44 -22.49 -33.74
N TYR C 41 -21.12 -23.17 -32.64
CA TYR C 41 -19.74 -23.62 -32.42
C TYR C 41 -19.33 -24.67 -33.45
N LEU C 42 -20.21 -25.62 -33.73
CA LEU C 42 -19.94 -26.69 -34.69
C LEU C 42 -21.18 -26.90 -35.55
N VAL C 43 -20.97 -26.94 -36.87
CA VAL C 43 -22.03 -27.15 -37.84
C VAL C 43 -21.59 -28.24 -38.81
N GLU C 44 -22.47 -29.20 -39.06
CA GLU C 44 -22.15 -30.29 -39.98
C GLU C 44 -21.95 -29.77 -41.40
N THR C 45 -22.81 -28.85 -41.84
CA THR C 45 -22.74 -28.36 -43.22
C THR C 45 -21.57 -27.40 -43.38
N ASP C 46 -20.74 -27.66 -44.39
CA ASP C 46 -19.60 -26.79 -44.67
C ASP C 46 -20.00 -25.48 -45.32
N GLU C 47 -21.13 -25.47 -46.04
CA GLU C 47 -21.56 -24.25 -46.73
C GLU C 47 -21.90 -23.14 -45.74
N GLU C 48 -22.33 -23.50 -44.53
CA GLU C 48 -22.63 -22.49 -43.53
C GLU C 48 -21.38 -21.71 -43.12
N LYS C 49 -20.21 -22.34 -43.20
CA LYS C 49 -18.97 -21.66 -42.86
C LYS C 49 -18.63 -20.52 -43.82
N MET C 50 -19.21 -20.52 -45.02
CA MET C 50 -18.90 -19.49 -46.00
C MET C 50 -19.34 -18.11 -45.54
N LYS C 51 -20.41 -18.03 -44.74
CA LYS C 51 -20.90 -16.74 -44.29
C LYS C 51 -19.90 -16.05 -43.37
N ASP C 52 -19.42 -16.76 -42.34
CA ASP C 52 -18.48 -16.23 -41.37
C ASP C 52 -17.37 -17.26 -41.14
N PRO C 53 -16.46 -17.42 -42.11
CA PRO C 53 -15.43 -18.47 -41.97
C PRO C 53 -14.56 -18.31 -40.73
N GLU C 54 -14.23 -17.08 -40.34
CA GLU C 54 -13.36 -16.88 -39.19
C GLU C 54 -14.06 -17.27 -37.89
N ARG C 55 -15.36 -16.98 -37.79
CA ARG C 55 -16.12 -17.15 -36.55
C ARG C 55 -17.09 -18.32 -36.64
N LEU C 56 -16.76 -19.35 -37.41
CA LEU C 56 -17.61 -20.53 -37.52
C LEU C 56 -16.75 -21.71 -37.92
N ALA C 57 -16.89 -22.82 -37.18
CA ALA C 57 -16.12 -24.03 -37.39
C ALA C 57 -17.03 -25.14 -37.89
N SER C 58 -16.52 -25.95 -38.82
CA SER C 58 -17.23 -27.06 -39.41
C SER C 58 -16.47 -28.36 -39.12
N THR C 59 -16.95 -29.46 -39.70
CA THR C 59 -16.30 -30.75 -39.50
C THR C 59 -14.90 -30.73 -40.10
N GLY C 60 -13.95 -31.33 -39.37
CA GLY C 60 -12.57 -31.35 -39.78
C GLY C 60 -11.78 -30.09 -39.50
N ASP C 61 -12.39 -29.09 -38.88
CA ASP C 61 -11.69 -27.85 -38.57
C ASP C 61 -10.81 -28.02 -37.34
N THR C 62 -9.61 -27.45 -37.39
CA THR C 62 -8.69 -27.54 -36.27
C THR C 62 -9.18 -26.68 -35.11
N LEU C 63 -8.85 -27.13 -33.89
CA LEU C 63 -9.22 -26.41 -32.68
C LEU C 63 -8.04 -26.45 -31.71
N ILE C 64 -8.01 -25.47 -30.81
CA ILE C 64 -6.95 -25.31 -29.82
C ILE C 64 -7.51 -25.66 -28.45
N ILE C 65 -6.78 -26.50 -27.72
CA ILE C 65 -7.16 -26.95 -26.38
C ILE C 65 -6.12 -26.45 -25.40
N PRO C 66 -6.28 -25.27 -24.80
CA PRO C 66 -5.29 -24.80 -23.82
C PRO C 66 -5.27 -25.68 -22.57
N ILE C 67 -4.16 -25.58 -21.84
CA ILE C 67 -3.96 -26.34 -20.61
C ILE C 67 -4.92 -25.84 -19.55
N GLU C 68 -5.08 -26.62 -18.48
CA GLU C 68 -6.04 -26.27 -17.43
C GLU C 68 -5.64 -24.98 -16.72
N SER C 69 -4.34 -24.77 -16.49
CA SER C 69 -3.89 -23.61 -15.73
C SER C 69 -4.24 -22.30 -16.44
N ASP C 70 -4.05 -22.25 -17.76
CA ASP C 70 -4.32 -21.06 -18.55
C ASP C 70 -5.74 -21.00 -19.08
N LEU C 71 -6.68 -21.71 -18.45
CA LEU C 71 -8.06 -21.73 -18.94
C LEU C 71 -8.73 -20.38 -18.75
N THR C 72 -8.62 -19.80 -17.55
CA THR C 72 -9.32 -18.59 -17.18
C THR C 72 -8.48 -17.32 -17.36
N ASP C 73 -7.26 -17.44 -17.91
CA ASP C 73 -6.41 -16.28 -18.09
C ASP C 73 -6.87 -15.51 -19.33
N VAL C 74 -7.30 -14.26 -19.13
CA VAL C 74 -7.83 -13.47 -20.23
C VAL C 74 -6.74 -13.16 -21.24
N SER C 75 -5.51 -12.91 -20.76
CA SER C 75 -4.40 -12.67 -21.67
C SER C 75 -4.13 -13.88 -22.55
N ALA C 76 -4.19 -15.08 -21.97
CA ALA C 76 -4.03 -16.29 -22.76
C ALA C 76 -5.13 -16.42 -23.80
N LYS C 77 -6.36 -16.08 -23.41
CA LYS C 77 -7.47 -16.11 -24.37
C LYS C 77 -7.22 -15.17 -25.54
N GLU C 78 -6.79 -13.95 -25.24
CA GLU C 78 -6.55 -12.98 -26.30
C GLU C 78 -5.41 -13.42 -27.21
N ILE C 79 -4.32 -13.92 -26.64
CA ILE C 79 -3.18 -14.33 -27.45
C ILE C 79 -3.54 -15.53 -28.31
N ASN C 80 -4.27 -16.49 -27.76
CA ASN C 80 -4.69 -17.65 -28.54
C ASN C 80 -5.66 -17.27 -29.65
N SER C 81 -6.54 -16.30 -29.38
CA SER C 81 -7.44 -15.81 -30.43
C SER C 81 -6.65 -15.12 -31.54
N ARG C 82 -5.63 -14.35 -31.18
CA ARG C 82 -4.82 -13.67 -32.19
C ARG C 82 -4.01 -14.66 -33.03
N ASP C 83 -3.61 -15.79 -32.44
CA ASP C 83 -2.70 -16.73 -33.08
C ASP C 83 -3.36 -18.09 -33.27
N LYS C 84 -4.61 -18.11 -33.74
CA LYS C 84 -5.31 -19.37 -33.97
C LYS C 84 -4.61 -20.16 -35.08
N ASP C 85 -4.29 -21.43 -34.78
CA ASP C 85 -3.68 -22.40 -35.69
C ASP C 85 -2.19 -22.11 -35.94
N VAL C 86 -1.63 -21.04 -35.40
CA VAL C 86 -0.21 -20.70 -35.58
C VAL C 86 0.40 -20.43 -34.21
N LEU C 87 -0.12 -21.08 -33.18
CA LEU C 87 0.34 -20.85 -31.81
C LEU C 87 1.67 -21.56 -31.52
N VAL C 88 2.07 -22.52 -32.36
CA VAL C 88 3.33 -23.22 -32.12
C VAL C 88 4.52 -22.29 -32.30
N GLU C 89 4.37 -21.23 -33.10
CA GLU C 89 5.50 -20.36 -33.41
C GLU C 89 5.99 -19.61 -32.18
N LEU C 90 5.10 -19.29 -31.24
CA LEU C 90 5.52 -18.54 -30.06
C LEU C 90 6.50 -19.33 -29.22
N ALA C 91 6.26 -20.63 -29.04
CA ALA C 91 7.13 -21.44 -28.20
C ALA C 91 8.48 -21.69 -28.90
N LEU C 92 8.43 -22.23 -30.11
CA LEU C 92 9.67 -22.53 -30.83
C LEU C 92 10.38 -21.23 -31.25
N GLY C 93 9.62 -20.23 -31.67
CA GLY C 93 10.18 -18.93 -31.99
C GLY C 93 10.58 -18.81 -33.45
N ARG C 94 11.06 -17.60 -33.78
CA ARG C 94 11.54 -17.26 -35.10
C ARG C 94 12.97 -16.77 -35.01
N ASP C 95 13.79 -17.14 -36.00
CA ASP C 95 15.19 -16.77 -36.01
C ASP C 95 15.66 -16.68 -37.46
N LEU C 96 16.78 -15.99 -37.65
CA LEU C 96 17.35 -15.85 -38.99
C LEU C 96 17.81 -17.21 -39.52
N ASN C 97 17.57 -17.44 -40.81
CA ASN C 97 17.94 -18.68 -41.46
C ASN C 97 19.38 -18.58 -41.95
N ILE C 98 20.19 -19.59 -41.59
CA ILE C 98 21.58 -19.67 -42.00
C ILE C 98 21.89 -20.91 -42.83
N THR C 99 20.97 -21.86 -42.95
CA THR C 99 21.19 -23.05 -43.78
C THR C 99 20.84 -22.69 -45.23
N ALA C 100 21.77 -21.95 -45.86
CA ALA C 100 21.54 -21.51 -47.24
C ALA C 100 21.46 -22.69 -48.20
N ASP C 101 22.36 -23.66 -48.05
CA ASP C 101 22.39 -24.83 -48.94
C ASP C 101 22.86 -26.02 -48.13
N GLU C 102 21.96 -26.99 -47.92
CA GLU C 102 22.30 -28.19 -47.18
C GLU C 102 23.15 -29.16 -47.99
N LYS C 103 23.13 -29.06 -49.32
CA LYS C 103 23.90 -29.98 -50.15
C LYS C 103 25.40 -29.76 -50.05
N TYR C 104 25.85 -28.59 -49.61
CA TYR C 104 27.25 -28.22 -49.60
C TYR C 104 27.94 -28.46 -48.26
N PHE C 105 27.38 -27.92 -47.18
CA PHE C 105 28.08 -27.86 -45.90
C PHE C 105 28.07 -29.18 -45.14
N ASN C 106 27.32 -30.19 -45.60
CA ASN C 106 27.30 -31.46 -44.88
C ASN C 106 28.67 -32.15 -44.93
N GLU C 107 29.35 -32.09 -46.08
CA GLU C 107 30.62 -32.79 -46.22
C GLU C 107 31.69 -32.20 -45.32
N HIS C 108 31.72 -30.87 -45.18
CA HIS C 108 32.77 -30.22 -44.39
C HIS C 108 32.70 -30.64 -42.93
N GLY C 109 31.50 -30.69 -42.36
CA GLY C 109 31.37 -31.11 -40.97
C GLY C 109 31.95 -30.08 -40.02
N THR C 110 32.62 -30.57 -38.97
CA THR C 110 33.18 -29.71 -37.94
C THR C 110 34.36 -28.93 -38.50
N SER C 111 34.16 -27.64 -38.73
CA SER C 111 35.20 -26.75 -39.23
C SER C 111 34.66 -25.33 -39.21
N ASP C 112 35.50 -24.37 -39.57
CA ASP C 112 35.15 -22.96 -39.61
C ASP C 112 34.78 -22.54 -41.04
N ASN C 113 34.15 -21.38 -41.14
CA ASN C 113 33.74 -20.82 -42.43
C ASN C 113 32.78 -21.76 -43.15
N ILE C 114 31.66 -22.04 -42.49
CA ILE C 114 30.71 -23.07 -42.93
C ILE C 114 29.39 -22.43 -43.31
N LEU C 115 28.72 -21.82 -42.34
CA LEU C 115 27.35 -21.32 -42.51
C LEU C 115 27.37 -19.81 -42.80
N ALA C 116 26.22 -19.32 -43.24
CA ALA C 116 26.06 -17.90 -43.56
C ALA C 116 24.59 -17.61 -43.74
N PHE C 117 24.22 -16.34 -43.55
CA PHE C 117 22.84 -15.93 -43.71
C PHE C 117 22.42 -16.03 -45.18
N SER C 118 21.11 -15.97 -45.40
CA SER C 118 20.53 -16.07 -46.73
C SER C 118 19.28 -15.23 -46.78
N THR C 119 18.81 -14.98 -48.01
CA THR C 119 17.60 -14.19 -48.27
C THR C 119 16.64 -15.05 -49.07
N ASN C 120 15.37 -15.06 -48.65
CA ASN C 120 14.30 -15.80 -49.30
C ASN C 120 13.27 -14.81 -49.81
N GLY C 121 12.88 -14.97 -51.07
CA GLY C 121 11.95 -14.06 -51.69
C GLY C 121 12.64 -12.83 -52.25
N ASN C 122 12.41 -11.67 -51.64
CA ASN C 122 13.05 -10.44 -52.08
C ASN C 122 12.92 -9.40 -50.98
N GLY C 123 14.02 -8.69 -50.73
CA GLY C 123 14.01 -7.62 -49.75
C GLY C 123 14.06 -8.11 -48.32
N ASP C 124 13.01 -8.80 -47.88
CA ASP C 124 12.95 -9.27 -46.51
C ASP C 124 14.00 -10.34 -46.26
N LEU C 125 14.76 -10.18 -45.18
CA LEU C 125 15.78 -11.16 -44.84
C LEU C 125 15.13 -12.47 -44.43
N ASP C 126 15.74 -13.58 -44.83
CA ASP C 126 15.17 -14.89 -44.56
C ASP C 126 15.15 -15.16 -43.05
N THR C 127 14.04 -15.71 -42.58
CA THR C 127 13.87 -16.10 -41.18
C THR C 127 13.23 -17.48 -41.13
N VAL C 128 13.82 -18.38 -40.35
CA VAL C 128 13.32 -19.74 -40.20
C VAL C 128 12.43 -19.79 -38.96
N LYS C 129 11.25 -20.40 -39.12
CA LYS C 129 10.25 -20.45 -38.06
C LYS C 129 9.65 -21.85 -37.99
N GLY C 130 9.14 -22.19 -36.82
CA GLY C 130 8.48 -23.47 -36.62
C GLY C 130 9.43 -24.62 -36.39
N ILE C 131 9.08 -25.80 -36.91
CA ILE C 131 9.89 -26.99 -36.68
C ILE C 131 11.25 -26.85 -37.35
N ASP C 132 11.31 -26.18 -38.50
CA ASP C 132 12.58 -25.97 -39.18
C ASP C 132 13.55 -25.17 -38.32
N ASN C 133 13.04 -24.20 -37.57
CA ASN C 133 13.88 -23.43 -36.67
C ASN C 133 14.47 -24.32 -35.57
N MET C 134 13.65 -25.22 -35.01
CA MET C 134 14.15 -26.12 -33.98
C MET C 134 15.21 -27.05 -34.55
N LYS C 135 14.98 -27.58 -35.75
CA LYS C 135 15.96 -28.46 -36.37
C LYS C 135 17.26 -27.72 -36.65
N GLN C 136 17.17 -26.48 -37.13
CA GLN C 136 18.36 -25.68 -37.39
C GLN C 136 19.13 -25.41 -36.10
N GLN C 137 18.41 -25.08 -35.02
CA GLN C 137 19.08 -24.84 -33.74
C GLN C 137 19.77 -26.10 -33.24
N LEU C 138 19.11 -27.25 -33.34
CA LEU C 138 19.72 -28.50 -32.91
C LEU C 138 20.96 -28.82 -33.73
N GLN C 139 20.89 -28.62 -35.06
CA GLN C 139 22.04 -28.91 -35.91
C GLN C 139 23.20 -27.98 -35.59
N ALA C 140 22.91 -26.69 -35.39
CA ALA C 140 23.97 -25.74 -35.05
C ALA C 140 24.60 -26.08 -33.70
N ARG C 141 23.78 -26.47 -32.73
CA ARG C 141 24.32 -26.86 -31.42
C ARG C 141 25.19 -28.10 -31.55
N LEU C 142 24.76 -29.07 -32.34
CA LEU C 142 25.53 -30.29 -32.51
C LEU C 142 26.86 -30.02 -33.20
N LEU C 143 26.86 -29.16 -34.23
CA LEU C 143 28.07 -28.94 -35.01
C LEU C 143 29.09 -28.13 -34.24
N THR C 144 28.64 -27.16 -33.44
CA THR C 144 29.57 -26.26 -32.77
C THR C 144 30.36 -27.02 -31.70
N PRO C 145 31.62 -26.65 -31.46
CA PRO C 145 32.33 -27.23 -30.31
C PRO C 145 31.77 -26.74 -28.99
N ARG C 146 32.09 -27.47 -27.93
CA ARG C 146 31.57 -27.14 -26.62
C ARG C 146 32.09 -25.79 -26.12
N GLY C 147 33.38 -25.51 -26.34
CA GLY C 147 34.03 -24.33 -25.80
C GLY C 147 34.57 -23.39 -26.86
N SER C 148 33.82 -23.18 -27.94
CA SER C 148 34.26 -22.33 -29.04
C SER C 148 33.75 -20.89 -28.92
N LEU C 149 32.48 -20.71 -28.56
CA LEU C 149 31.89 -19.37 -28.57
C LEU C 149 32.47 -18.53 -27.44
N MET C 150 32.36 -17.21 -27.60
CA MET C 150 32.96 -16.26 -26.68
C MET C 150 32.15 -16.02 -25.41
N LEU C 151 30.94 -16.57 -25.32
CA LEU C 151 30.09 -16.37 -24.15
C LEU C 151 29.28 -17.63 -23.89
N HIS C 152 28.75 -17.72 -22.66
CA HIS C 152 28.00 -18.85 -22.09
C HIS C 152 28.60 -20.17 -22.52
N PRO C 153 29.80 -20.53 -22.01
CA PRO C 153 30.45 -21.78 -22.46
C PRO C 153 29.68 -23.02 -22.03
N ASN C 154 30.25 -24.20 -22.33
CA ASN C 154 29.56 -25.48 -22.17
C ASN C 154 28.36 -25.56 -23.11
N TYR C 155 28.52 -24.97 -24.30
CA TYR C 155 27.51 -25.02 -25.36
C TYR C 155 28.16 -25.64 -26.59
N GLY C 156 27.62 -26.78 -27.02
CA GLY C 156 28.14 -27.51 -28.16
C GLY C 156 28.29 -28.99 -27.90
N SER C 157 29.31 -29.60 -28.49
CA SER C 157 29.56 -31.02 -28.30
C SER C 157 31.03 -31.30 -28.57
N ASP C 158 31.51 -32.42 -28.02
CA ASP C 158 32.87 -32.90 -28.20
C ASP C 158 32.96 -33.96 -29.29
N LEU C 159 32.11 -33.86 -30.32
CA LEU C 159 32.07 -34.88 -31.36
C LEU C 159 33.38 -34.93 -32.15
N HIS C 160 34.00 -33.78 -32.39
CA HIS C 160 35.21 -33.74 -33.20
C HIS C 160 36.36 -34.49 -32.55
N ASN C 161 36.37 -34.63 -31.23
CA ASN C 161 37.41 -35.36 -30.54
C ASN C 161 37.20 -36.88 -30.59
N LEU C 162 36.05 -37.35 -31.05
CA LEU C 162 35.72 -38.77 -31.02
C LEU C 162 36.10 -39.51 -32.28
N PHE C 163 36.66 -38.83 -33.28
CA PHE C 163 37.08 -39.52 -34.50
C PHE C 163 38.30 -40.39 -34.20
N GLY C 164 38.25 -41.64 -34.64
CA GLY C 164 39.33 -42.57 -34.38
C GLY C 164 38.97 -44.00 -34.71
N LEU C 165 39.24 -44.91 -33.77
CA LEU C 165 38.96 -46.32 -33.99
C LEU C 165 37.46 -46.56 -34.11
N ASN C 166 37.10 -47.52 -34.97
CA ASN C 166 35.72 -47.89 -35.22
C ASN C 166 35.23 -49.02 -34.32
N ILE C 167 35.84 -49.19 -33.15
CA ILE C 167 35.46 -50.27 -32.23
C ILE C 167 34.08 -49.96 -31.65
N PRO C 168 33.34 -50.97 -31.15
CA PRO C 168 31.98 -50.69 -30.67
C PRO C 168 31.90 -49.69 -29.53
N GLU C 169 32.88 -49.69 -28.62
CA GLU C 169 32.82 -48.77 -27.48
C GLU C 169 32.91 -47.32 -27.93
N GLN C 170 33.69 -47.03 -28.98
CA GLN C 170 33.70 -45.69 -29.53
C GLN C 170 32.32 -45.32 -30.08
N ALA C 171 31.63 -46.28 -30.72
CA ALA C 171 30.29 -46.01 -31.24
C ALA C 171 29.32 -45.70 -30.10
N THR C 172 29.40 -46.47 -29.00
CA THR C 172 28.53 -46.18 -27.86
C THR C 172 28.85 -44.84 -27.23
N LEU C 173 30.13 -44.47 -27.17
CA LEU C 173 30.51 -43.16 -26.67
C LEU C 173 29.93 -42.05 -27.55
N ILE C 174 30.00 -42.23 -28.87
CA ILE C 174 29.42 -41.25 -29.78
C ILE C 174 27.91 -41.15 -29.57
N GLU C 175 27.26 -42.30 -29.38
CA GLU C 175 25.81 -42.31 -29.13
C GLU C 175 25.48 -41.54 -27.86
N MET C 176 26.23 -41.78 -26.79
CA MET C 176 25.97 -41.08 -25.53
C MET C 176 26.23 -39.59 -25.66
N GLU C 177 27.29 -39.21 -26.38
CA GLU C 177 27.57 -37.79 -26.59
C GLU C 177 26.45 -37.12 -27.39
N VAL C 178 25.95 -37.80 -28.42
CA VAL C 178 24.88 -37.24 -29.24
C VAL C 178 23.61 -37.08 -28.41
N LEU C 179 23.29 -38.08 -27.59
CA LEU C 179 22.10 -37.98 -26.74
C LEU C 179 22.26 -36.86 -25.71
N ARG C 180 23.46 -36.70 -25.16
CA ARG C 180 23.71 -35.62 -24.21
C ARG C 180 23.53 -34.26 -24.88
N THR C 181 24.03 -34.11 -26.11
CA THR C 181 23.92 -32.83 -26.80
C THR C 181 22.47 -32.47 -27.09
N LEU C 182 21.68 -33.44 -27.53
CA LEU C 182 20.29 -33.16 -27.88
C LEU C 182 19.47 -32.84 -26.63
N THR C 183 19.71 -33.56 -25.53
CA THR C 183 18.96 -33.35 -24.30
C THR C 183 19.32 -32.05 -23.60
N SER C 184 20.39 -31.36 -24.02
CA SER C 184 20.78 -30.12 -23.37
C SER C 184 19.74 -29.02 -23.54
N ASP C 185 18.90 -29.10 -24.57
CA ASP C 185 17.86 -28.10 -24.81
C ASP C 185 16.59 -28.51 -24.09
N ASN C 186 16.00 -27.56 -23.35
CA ASN C 186 14.76 -27.83 -22.62
C ASN C 186 13.59 -28.09 -23.55
N ARG C 187 13.64 -27.59 -24.79
CA ARG C 187 12.55 -27.78 -25.73
C ARG C 187 12.40 -29.22 -26.20
N VAL C 188 13.40 -30.07 -25.95
CA VAL C 188 13.34 -31.49 -26.31
C VAL C 188 13.16 -32.28 -25.02
N LYS C 189 12.10 -33.10 -24.98
CA LYS C 189 11.82 -33.88 -23.79
C LYS C 189 12.89 -34.93 -23.54
N SER C 190 13.24 -35.69 -24.58
CA SER C 190 14.23 -36.76 -24.46
C SER C 190 14.57 -37.23 -25.87
N ALA C 191 15.50 -38.18 -25.96
CA ALA C 191 15.91 -38.74 -27.23
C ALA C 191 16.39 -40.17 -27.01
N ASN C 192 16.34 -40.97 -28.07
CA ASN C 192 16.77 -42.35 -28.02
C ASN C 192 17.14 -42.82 -29.41
N LEU C 193 18.02 -43.81 -29.47
CA LEU C 193 18.48 -44.34 -30.75
C LEU C 193 17.42 -45.25 -31.36
N ILE C 194 17.42 -45.31 -32.69
CA ILE C 194 16.53 -46.17 -33.46
C ILE C 194 17.31 -47.28 -34.17
N ASP C 195 18.40 -46.92 -34.83
CA ASP C 195 19.22 -47.89 -35.55
C ASP C 195 20.64 -47.34 -35.66
N TRP C 196 21.61 -48.25 -35.72
CA TRP C 196 23.02 -47.92 -35.85
C TRP C 196 23.65 -48.82 -36.91
N LYS C 197 24.63 -48.27 -37.62
CA LYS C 197 25.28 -48.98 -38.70
C LYS C 197 26.74 -48.53 -38.78
N ILE C 198 27.64 -49.50 -38.89
CA ILE C 198 29.08 -49.25 -39.04
C ILE C 198 29.56 -50.15 -40.17
N GLN C 199 29.68 -49.58 -41.37
CA GLN C 199 30.18 -50.29 -42.54
C GLN C 199 31.25 -49.43 -43.21
N GLY C 200 32.39 -50.04 -43.51
CA GLY C 200 33.51 -49.32 -44.10
C GLY C 200 34.39 -48.70 -43.01
N ASN C 201 34.52 -47.36 -43.04
CA ASN C 201 35.33 -46.65 -42.07
C ASN C 201 34.67 -45.34 -41.62
N VAL C 202 33.36 -45.19 -41.82
CA VAL C 202 32.63 -43.99 -41.42
C VAL C 202 31.42 -44.42 -40.61
N TYR C 203 31.25 -43.83 -39.43
CA TYR C 203 30.13 -44.17 -38.57
C TYR C 203 28.83 -43.64 -39.15
N SER C 204 27.76 -44.42 -38.97
CA SER C 204 26.43 -44.04 -39.41
C SER C 204 25.43 -44.35 -38.30
N GLY C 205 24.40 -43.53 -38.21
CA GLY C 205 23.38 -43.72 -37.19
C GLY C 205 22.26 -42.72 -37.36
N GLN C 206 21.20 -42.93 -36.59
CA GLN C 206 20.04 -42.05 -36.61
C GLN C 206 19.46 -41.97 -35.21
N PHE C 207 18.76 -40.88 -34.93
CA PHE C 207 18.19 -40.62 -33.62
C PHE C 207 16.82 -39.98 -33.79
N SER C 208 15.99 -40.12 -32.75
CA SER C 208 14.66 -39.55 -32.69
C SER C 208 14.53 -38.71 -31.43
N VAL C 209 13.88 -37.55 -31.57
CA VAL C 209 13.70 -36.60 -30.48
C VAL C 209 12.22 -36.27 -30.35
N GLU C 210 11.73 -36.26 -29.12
CA GLU C 210 10.32 -35.95 -28.83
C GLU C 210 10.15 -34.43 -28.83
N ILE C 211 9.94 -33.86 -30.01
CA ILE C 211 9.75 -32.42 -30.12
C ILE C 211 8.37 -32.06 -29.56
N LYS C 212 8.34 -31.07 -28.67
CA LYS C 212 7.09 -30.65 -28.07
C LYS C 212 6.18 -30.02 -29.11
N SER C 213 4.89 -30.33 -29.02
CA SER C 213 3.88 -29.82 -29.95
C SER C 213 4.15 -30.27 -31.37
N ASN D 3 -6.27 13.76 -4.92
CA ASN D 3 -5.14 12.83 -4.63
C ASN D 3 -4.11 12.85 -5.76
N PHE D 4 -3.33 13.93 -5.81
CA PHE D 4 -2.29 14.11 -6.82
C PHE D 4 -1.00 14.55 -6.12
N ILE D 5 0.11 13.95 -6.55
CA ILE D 5 1.42 14.36 -6.01
C ILE D 5 1.70 15.79 -6.47
N PRO D 6 2.18 16.68 -5.60
CA PRO D 6 2.55 18.03 -6.08
C PRO D 6 3.66 17.96 -7.11
N GLN D 7 3.53 18.79 -8.15
CA GLN D 7 4.49 18.81 -9.25
C GLN D 7 5.63 19.79 -8.96
N PRO D 8 6.79 19.62 -9.58
CA PRO D 8 7.83 20.66 -9.45
C PRO D 8 7.41 21.96 -10.10
N GLN D 9 7.95 23.06 -9.57
CA GLN D 9 7.69 24.37 -10.16
C GLN D 9 8.21 24.44 -11.59
N GLY D 10 9.41 23.90 -11.84
CA GLY D 10 9.98 23.95 -13.17
C GLY D 10 9.15 23.19 -14.18
N LEU D 11 8.72 21.97 -13.82
CA LEU D 11 7.88 21.19 -14.73
C LEU D 11 6.53 21.86 -14.95
N LEU D 12 5.95 22.46 -13.90
CA LEU D 12 4.68 23.15 -14.07
C LEU D 12 4.83 24.33 -15.01
N ARG D 13 5.90 25.10 -14.88
CA ARG D 13 6.13 26.22 -15.78
C ARG D 13 6.37 25.75 -17.21
N PHE D 14 7.14 24.68 -17.37
CA PHE D 14 7.44 24.16 -18.70
C PHE D 14 6.18 23.64 -19.40
N LEU D 15 5.33 22.91 -18.66
CA LEU D 15 4.20 22.24 -19.29
C LEU D 15 3.11 23.22 -19.68
N ASN D 16 2.92 24.30 -18.91
CA ASN D 16 1.85 25.26 -19.16
C ASN D 16 2.27 26.27 -20.23
N THR D 17 2.46 25.74 -21.44
CA THR D 17 2.86 26.55 -22.60
C THR D 17 4.15 27.31 -22.34
N SER D 35 12.30 24.63 -45.12
CA SER D 35 12.93 24.48 -43.82
C SER D 35 13.47 23.06 -43.63
N PHE D 36 14.08 22.81 -42.49
CA PHE D 36 14.64 21.49 -42.21
C PHE D 36 13.54 20.46 -42.09
N VAL D 37 13.77 19.28 -42.66
CA VAL D 37 12.82 18.17 -42.60
C VAL D 37 13.59 16.87 -42.72
N SER D 38 13.21 15.88 -41.93
CA SER D 38 13.83 14.57 -41.95
C SER D 38 13.14 13.68 -42.98
N LYS D 39 13.92 12.77 -43.57
CA LYS D 39 13.42 11.90 -44.63
C LYS D 39 12.75 10.64 -44.10
N PHE D 40 13.13 10.18 -42.90
CA PHE D 40 12.60 8.94 -42.36
C PHE D 40 11.28 9.16 -41.62
N TYR D 41 11.30 10.01 -40.59
CA TYR D 41 10.14 10.29 -39.76
C TYR D 41 9.84 11.78 -39.78
N THR D 42 8.56 12.12 -39.85
CA THR D 42 8.08 13.50 -39.85
C THR D 42 6.95 13.63 -38.83
N PRO D 43 6.72 14.83 -38.30
CA PRO D 43 5.66 15.01 -37.31
C PRO D 43 4.32 15.34 -37.96
N GLN D 44 3.30 15.41 -37.10
CA GLN D 44 1.96 15.85 -37.51
C GLN D 44 1.30 16.81 -36.54
N LEU D 45 1.91 17.10 -35.38
CA LEU D 45 1.38 18.07 -34.42
C LEU D 45 -0.02 17.68 -33.96
N GLN D 46 -0.24 16.38 -33.76
CA GLN D 46 -1.51 15.85 -33.29
C GLN D 46 -1.43 15.52 -31.80
N LEU D 47 -2.48 15.90 -31.07
CA LEU D 47 -2.56 15.69 -29.63
C LEU D 47 -3.58 14.61 -29.31
N SER D 48 -3.26 13.77 -28.34
CA SER D 48 -4.15 12.70 -27.92
C SER D 48 -5.31 13.25 -27.09
N GLU D 49 -6.39 12.47 -27.03
CA GLU D 49 -7.53 12.85 -26.21
C GLU D 49 -7.15 12.89 -24.74
N LEU D 50 -6.38 11.90 -24.28
CA LEU D 50 -5.94 11.90 -22.88
C LEU D 50 -5.05 13.08 -22.58
N ALA D 51 -4.16 13.43 -23.50
CA ALA D 51 -3.28 14.59 -23.30
C ALA D 51 -4.09 15.88 -23.21
N LYS D 52 -5.16 15.98 -24.00
CA LYS D 52 -5.97 17.18 -23.99
C LYS D 52 -6.64 17.38 -22.63
N LYS D 53 -7.14 16.30 -22.03
CA LYS D 53 -7.83 16.42 -20.75
C LYS D 53 -6.87 16.89 -19.65
N VAL D 54 -5.65 16.37 -19.63
CA VAL D 54 -4.69 16.76 -18.60
C VAL D 54 -4.31 18.22 -18.75
N LEU D 55 -4.18 18.70 -19.99
CA LEU D 55 -3.84 20.10 -20.21
C LEU D 55 -4.92 21.03 -19.67
N THR D 56 -6.19 20.68 -19.89
CA THR D 56 -7.28 21.51 -19.38
C THR D 56 -7.30 21.52 -17.85
N ASN D 57 -7.03 20.37 -17.23
CA ASN D 57 -7.06 20.28 -15.77
C ASN D 57 -5.99 21.18 -15.15
N ILE D 58 -4.77 21.14 -15.69
CA ILE D 58 -3.71 21.98 -15.15
C ILE D 58 -3.99 23.45 -15.46
N LYS D 59 -4.55 23.73 -16.63
CA LYS D 59 -4.84 25.11 -17.01
C LYS D 59 -5.87 25.74 -16.07
N THR D 60 -6.92 24.98 -15.71
CA THR D 60 -8.00 25.51 -14.89
C THR D 60 -7.74 25.30 -13.40
N ASP D 61 -7.60 24.05 -12.98
CA ASP D 61 -7.42 23.74 -11.57
C ASP D 61 -6.01 24.10 -11.11
N ASP D 62 -5.91 24.65 -9.90
CA ASP D 62 -4.64 24.99 -9.29
C ASP D 62 -4.10 23.75 -8.58
N ILE D 63 -3.34 22.94 -9.31
CA ILE D 63 -2.80 21.70 -8.79
C ILE D 63 -1.78 22.03 -7.70
N PRO D 64 -1.60 21.20 -6.67
CA PRO D 64 -0.52 21.46 -5.72
C PRO D 64 0.85 21.37 -6.40
N VAL D 65 1.80 22.14 -5.87
CA VAL D 65 3.15 22.20 -6.39
C VAL D 65 4.14 22.12 -5.24
N LEU D 66 5.36 21.68 -5.57
CA LEU D 66 6.45 21.60 -4.61
C LEU D 66 7.16 22.94 -4.49
N GLU D 67 8.03 23.02 -3.48
CA GLU D 67 8.88 24.19 -3.26
C GLU D 67 10.37 23.92 -3.46
N ARG D 68 10.79 22.67 -3.37
CA ARG D 68 12.19 22.30 -3.53
C ARG D 68 12.48 21.89 -4.98
N GLU D 69 13.75 22.00 -5.35
CA GLU D 69 14.22 21.67 -6.70
C GLU D 69 15.54 20.92 -6.60
N PHE D 70 15.62 19.95 -5.69
CA PHE D 70 16.85 19.19 -5.52
C PHE D 70 17.20 18.39 -6.75
N ASN D 71 16.20 17.78 -7.40
CA ASN D 71 16.43 16.90 -8.54
C ASN D 71 16.92 17.73 -9.71
N ASP D 72 18.24 17.66 -9.97
CA ASP D 72 18.86 18.38 -11.08
C ASP D 72 18.99 17.47 -12.31
N ASN D 73 17.84 17.05 -12.82
CA ASN D 73 17.75 16.21 -14.01
C ASN D 73 16.57 16.70 -14.84
N THR D 74 16.19 15.90 -15.85
CA THR D 74 15.09 16.16 -16.81
C THR D 74 15.19 17.60 -17.29
N ILE D 75 14.10 18.37 -17.32
CA ILE D 75 14.12 19.72 -17.87
C ILE D 75 14.93 20.71 -17.03
N ILE D 76 15.36 20.32 -15.83
CA ILE D 76 16.10 21.24 -14.96
C ILE D 76 17.48 21.49 -15.58
N HIS D 77 17.68 22.69 -16.10
CA HIS D 77 18.95 23.16 -16.66
C HIS D 77 19.39 22.41 -17.91
N LYS D 78 18.50 21.64 -18.53
CA LYS D 78 18.78 20.99 -19.81
C LYS D 78 17.83 21.44 -20.90
N ALA D 79 16.51 21.36 -20.67
CA ALA D 79 15.55 21.82 -21.66
C ALA D 79 15.45 23.34 -21.68
N ASN D 80 15.67 24.00 -20.54
CA ASN D 80 15.64 25.45 -20.48
C ASN D 80 17.00 26.06 -20.80
N ASP D 81 18.08 25.39 -20.42
CA ASP D 81 19.42 25.91 -20.67
C ASP D 81 19.73 25.95 -22.16
N THR D 82 19.29 24.94 -22.90
CA THR D 82 19.57 24.88 -24.33
C THR D 82 18.90 26.04 -25.07
N LEU D 83 19.52 26.45 -26.17
CA LEU D 83 19.03 27.55 -26.97
C LEU D 83 17.95 27.12 -27.96
N LEU D 84 17.47 25.87 -27.89
CA LEU D 84 16.39 25.44 -28.78
C LEU D 84 15.11 26.24 -28.52
N LYS D 85 14.94 26.76 -27.30
CA LYS D 85 13.74 27.54 -27.00
C LYS D 85 13.66 28.79 -27.85
N VAL D 86 14.78 29.50 -28.01
CA VAL D 86 14.77 30.75 -28.76
C VAL D 86 15.12 30.55 -30.23
N GLN D 87 15.92 29.53 -30.55
CA GLN D 87 16.35 29.31 -31.93
C GLN D 87 15.27 28.62 -32.75
N ALA D 88 14.67 27.56 -32.20
CA ALA D 88 13.70 26.73 -32.90
C ALA D 88 12.46 26.58 -32.03
N PRO D 89 11.61 27.61 -31.96
CA PRO D 89 10.38 27.46 -31.16
C PRO D 89 9.46 26.36 -31.66
N ARG D 90 9.43 26.10 -32.97
CA ARG D 90 8.61 25.01 -33.50
C ARG D 90 9.12 23.66 -32.98
N MET D 91 10.44 23.49 -32.94
CA MET D 91 10.99 22.27 -32.35
C MET D 91 10.67 22.20 -30.86
N TYR D 92 10.68 23.34 -30.18
CA TYR D 92 10.35 23.37 -28.76
C TYR D 92 8.91 22.93 -28.51
N MET D 93 8.00 23.22 -29.44
CA MET D 93 6.62 22.77 -29.31
C MET D 93 6.55 21.25 -29.32
N ILE D 94 7.38 20.60 -30.14
CA ILE D 94 7.39 19.15 -30.20
C ILE D 94 7.80 18.56 -28.86
N LEU D 95 8.81 19.15 -28.23
CA LEU D 95 9.28 18.63 -26.94
C LEU D 95 8.21 18.75 -25.87
N GLN D 96 7.46 19.84 -25.88
CA GLN D 96 6.36 19.99 -24.92
C GLN D 96 5.30 18.91 -25.14
N SER D 97 4.98 18.62 -26.42
CA SER D 97 3.98 17.60 -26.70
C SER D 97 4.42 16.23 -26.19
N ILE D 98 5.69 15.88 -26.38
CA ILE D 98 6.19 14.60 -25.89
C ILE D 98 6.13 14.55 -24.37
N VAL D 99 6.48 15.65 -23.71
CA VAL D 99 6.44 15.70 -22.25
C VAL D 99 5.01 15.52 -21.75
N LEU D 100 4.05 16.19 -22.39
CA LEU D 100 2.66 16.04 -22.00
C LEU D 100 2.18 14.61 -22.20
N GLU D 101 2.51 14.02 -23.36
CA GLU D 101 2.16 12.63 -23.59
C GLU D 101 2.88 11.70 -22.61
N ALA D 102 4.17 11.97 -22.36
CA ALA D 102 4.90 11.19 -21.37
C ALA D 102 4.31 11.35 -19.98
N TYR D 103 3.95 12.58 -19.61
CA TYR D 103 3.34 12.81 -18.30
C TYR D 103 1.95 12.18 -18.22
N ALA D 104 1.21 12.20 -19.34
CA ALA D 104 -0.16 11.69 -19.31
C ALA D 104 -0.20 10.20 -19.03
N ILE D 105 0.65 9.42 -19.69
CA ILE D 105 0.64 7.98 -19.48
C ILE D 105 1.15 7.64 -18.08
N VAL D 106 2.14 8.38 -17.59
CA VAL D 106 2.63 8.15 -16.23
C VAL D 106 1.56 8.51 -15.21
N ASN D 107 0.70 9.47 -15.52
CA ASN D 107 -0.31 9.92 -14.56
C ASN D 107 -1.27 8.80 -14.20
N CYS D 108 -1.87 8.17 -15.21
CA CYS D 108 -2.95 7.22 -14.96
C CYS D 108 -2.46 5.97 -14.23
N PHE D 109 -1.33 5.41 -14.67
CA PHE D 109 -0.85 4.16 -14.08
C PHE D 109 -0.48 4.34 -12.61
N VAL D 110 0.19 5.44 -12.27
CA VAL D 110 0.57 5.67 -10.88
C VAL D 110 -0.65 5.89 -10.01
N GLU D 111 -1.61 6.68 -10.50
CA GLU D 111 -2.80 7.00 -9.73
C GLU D 111 -3.94 7.35 -10.68
N ASN D 112 -5.16 7.05 -10.25
CA ASN D 112 -6.36 7.33 -11.03
C ASN D 112 -6.29 6.64 -12.39
N PRO D 113 -6.37 5.31 -12.44
CA PRO D 113 -6.28 4.61 -13.73
C PRO D 113 -7.54 4.70 -14.58
N SER D 114 -8.59 5.40 -14.12
CA SER D 114 -9.80 5.51 -14.92
C SER D 114 -9.56 6.26 -16.22
N SER D 115 -8.60 7.19 -16.24
CA SER D 115 -8.30 7.96 -17.44
C SER D 115 -7.55 7.16 -18.49
N LEU D 116 -7.08 5.95 -18.17
CA LEU D 116 -6.37 5.13 -19.14
C LEU D 116 -7.28 4.63 -20.25
N LYS D 117 -8.60 4.70 -20.08
CA LYS D 117 -9.52 4.22 -21.10
C LYS D 117 -9.38 5.00 -22.41
N TYR D 118 -9.20 6.32 -22.32
CA TYR D 118 -9.15 7.15 -23.51
C TYR D 118 -7.92 6.90 -24.36
N LEU D 119 -6.83 6.40 -23.78
CA LEU D 119 -5.61 6.18 -24.53
C LEU D 119 -5.80 5.05 -25.53
N THR D 120 -5.08 5.15 -26.65
CA THR D 120 -5.15 4.15 -27.72
C THR D 120 -3.77 3.98 -28.32
N GLU D 121 -3.65 3.02 -29.24
CA GLU D 121 -2.36 2.70 -29.84
C GLU D 121 -1.82 3.86 -30.67
N GLU D 122 -2.69 4.52 -31.45
CA GLU D 122 -2.21 5.58 -32.34
C GLU D 122 -1.71 6.80 -31.58
N ASP D 123 -2.11 6.98 -30.31
CA ASP D 123 -1.62 8.10 -29.53
C ASP D 123 -0.12 8.01 -29.32
N VAL D 124 0.38 6.82 -29.00
CA VAL D 124 1.81 6.65 -28.75
C VAL D 124 2.59 6.54 -30.06
N SER D 125 1.95 6.03 -31.12
CA SER D 125 2.65 5.85 -32.39
C SER D 125 3.12 7.19 -32.96
N ILE D 126 2.25 8.20 -32.92
CA ILE D 126 2.62 9.52 -33.43
C ILE D 126 3.69 10.15 -32.54
N THR D 127 3.63 9.89 -31.23
CA THR D 127 4.58 10.50 -30.31
C THR D 127 6.01 10.05 -30.61
N ARG D 128 6.21 8.76 -30.89
CA ARG D 128 7.54 8.27 -31.20
C ARG D 128 8.07 8.88 -32.49
N GLU D 129 7.20 9.05 -33.49
CA GLU D 129 7.62 9.70 -34.74
C GLU D 129 8.05 11.13 -34.48
N ASN D 130 7.33 11.85 -33.61
CA ASN D 130 7.75 13.21 -33.25
C ASN D 130 9.10 13.19 -32.54
N LEU D 131 9.30 12.20 -31.67
CA LEU D 131 10.56 12.12 -30.93
C LEU D 131 11.74 11.90 -31.87
N ASN D 132 11.57 11.04 -32.87
CA ASN D 132 12.66 10.79 -33.82
C ASN D 132 12.99 12.04 -34.62
N TYR D 133 11.98 12.80 -35.03
CA TYR D 133 12.21 14.00 -35.83
C TYR D 133 13.01 15.04 -35.05
N VAL D 134 12.59 15.33 -33.82
CA VAL D 134 13.33 16.30 -33.01
C VAL D 134 14.69 15.76 -32.62
N ALA D 135 14.76 14.44 -32.35
CA ALA D 135 16.04 13.85 -31.96
C ALA D 135 17.07 13.96 -33.07
N ASP D 136 16.66 13.71 -34.32
CA ASP D 136 17.60 13.81 -35.44
C ASP D 136 18.07 15.25 -35.62
N TYR D 137 17.18 16.23 -35.45
CA TYR D 137 17.57 17.62 -35.58
C TYR D 137 18.59 18.00 -34.51
N LEU D 138 18.38 17.55 -33.27
CA LEU D 138 19.33 17.84 -32.20
C LEU D 138 20.69 17.18 -32.43
N GLY D 139 20.75 16.13 -33.24
CA GLY D 139 22.03 15.50 -33.52
C GLY D 139 23.01 16.41 -34.24
N ASN D 140 22.49 17.38 -35.00
CA ASN D 140 23.36 18.33 -35.68
C ASN D 140 24.17 19.15 -34.70
N TYR D 141 23.53 19.61 -33.62
CA TYR D 141 24.24 20.37 -32.60
C TYR D 141 25.12 19.45 -31.78
N ASP D 142 26.38 19.84 -31.62
CA ASP D 142 27.34 19.04 -30.85
C ASP D 142 27.28 19.32 -29.36
N ASP D 143 26.88 20.53 -28.96
CA ASP D 143 26.88 20.89 -27.55
C ASP D 143 25.71 20.29 -26.79
N TYR D 144 24.56 20.13 -27.44
CA TYR D 144 23.30 19.76 -26.77
C TYR D 144 22.96 18.29 -26.97
N ASN D 145 23.95 17.41 -26.97
CA ASN D 145 23.69 15.98 -27.03
C ASN D 145 23.16 15.42 -25.73
N SER D 146 23.24 16.17 -24.62
CA SER D 146 22.73 15.69 -23.35
C SER D 146 21.22 15.47 -23.40
N VAL D 147 20.51 16.36 -24.08
CA VAL D 147 19.06 16.20 -24.22
C VAL D 147 18.75 14.94 -25.02
N VAL D 148 19.50 14.70 -26.10
CA VAL D 148 19.29 13.52 -26.92
C VAL D 148 19.60 12.24 -26.14
N LEU D 149 20.45 12.32 -25.11
CA LEU D 149 20.78 11.14 -24.33
C LEU D 149 19.53 10.57 -23.64
N ASP D 150 18.70 11.45 -23.07
CA ASP D 150 17.48 11.01 -22.42
C ASP D 150 16.39 10.64 -23.42
N LEU D 151 16.32 11.35 -24.55
CA LEU D 151 15.25 11.11 -25.51
C LEU D 151 15.34 9.71 -26.11
N ARG D 152 16.56 9.25 -26.42
CA ARG D 152 16.72 7.91 -26.98
C ARG D 152 16.27 6.84 -26.00
N ASP D 153 16.62 6.99 -24.72
CA ASP D 153 16.13 6.07 -23.70
C ASP D 153 14.61 6.14 -23.59
N LEU D 154 14.05 7.35 -23.65
CA LEU D 154 12.60 7.50 -23.62
C LEU D 154 11.95 6.99 -24.90
N ASP D 155 12.69 6.99 -26.01
CA ASP D 155 12.12 6.55 -27.28
C ASP D 155 11.73 5.08 -27.22
N LEU D 156 12.59 4.23 -26.66
CA LEU D 156 12.26 2.82 -26.56
C LEU D 156 11.23 2.55 -25.47
N CYS D 157 11.04 3.48 -24.53
CA CYS D 157 10.00 3.29 -23.52
C CYS D 157 8.61 3.35 -24.14
N PHE D 158 8.38 4.31 -25.03
CA PHE D 158 7.08 4.43 -25.69
C PHE D 158 6.78 3.22 -26.55
N SER D 159 7.80 2.65 -27.20
CA SER D 159 7.58 1.51 -28.08
C SER D 159 7.06 0.31 -27.29
N ALA D 160 7.59 0.10 -26.08
CA ALA D 160 7.10 -0.98 -25.24
C ALA D 160 5.62 -0.77 -24.89
N ILE D 161 5.24 0.47 -24.59
CA ILE D 161 3.84 0.77 -24.33
C ILE D 161 3.01 0.57 -25.59
N GLU D 162 3.57 0.91 -26.75
CA GLU D 162 2.85 0.75 -28.01
C GLU D 162 2.53 -0.71 -28.28
N LEU D 163 3.49 -1.61 -28.01
CA LEU D 163 3.33 -3.03 -28.24
C LEU D 163 2.72 -3.76 -27.04
N GLN D 164 2.32 -3.05 -25.99
CA GLN D 164 1.77 -3.66 -24.78
C GLN D 164 0.49 -3.00 -24.28
N LEU D 165 0.17 -1.79 -24.73
CA LEU D 165 -1.04 -1.12 -24.24
C LEU D 165 -2.33 -1.87 -24.57
N PRO D 166 -2.55 -2.43 -25.76
CA PRO D 166 -3.82 -3.14 -26.00
C PRO D 166 -4.06 -4.31 -25.06
N LEU D 167 -3.02 -5.02 -24.66
CA LEU D 167 -3.20 -6.15 -23.74
C LEU D 167 -3.56 -5.67 -22.34
N ILE D 168 -3.04 -4.53 -21.92
CA ILE D 168 -3.28 -4.05 -20.55
C ILE D 168 -4.75 -3.72 -20.35
N LYS D 169 -5.37 -3.03 -21.31
CA LYS D 169 -6.76 -2.62 -21.15
C LYS D 169 -7.68 -3.83 -21.09
N LYS D 170 -7.47 -4.82 -21.96
CA LYS D 170 -8.30 -6.02 -21.93
C LYS D 170 -8.08 -6.81 -20.64
N GLU D 171 -6.83 -6.87 -20.17
CA GLU D 171 -6.55 -7.59 -18.93
C GLU D 171 -7.25 -6.93 -17.75
N ALA D 172 -7.22 -5.61 -17.68
CA ALA D 172 -7.86 -4.87 -16.60
C ALA D 172 -9.36 -4.74 -16.84
N PRO E 2 -5.06 -73.10 -13.81
CA PRO E 2 -4.93 -74.54 -14.02
C PRO E 2 -3.51 -75.06 -13.75
N GLN E 3 -3.33 -76.37 -13.90
CA GLN E 3 -2.04 -77.01 -13.69
C GLN E 3 -1.86 -78.08 -14.77
N SER E 4 -0.77 -78.84 -14.66
CA SER E 4 -0.43 -79.85 -15.66
C SER E 4 -1.12 -81.19 -15.41
N ASP E 5 -1.80 -81.37 -14.28
CA ASP E 5 -2.42 -82.64 -13.94
C ASP E 5 -3.90 -82.63 -14.31
N GLY E 6 -4.31 -83.59 -15.13
CA GLY E 6 -5.70 -83.72 -15.50
C GLY E 6 -6.18 -82.67 -16.49
N ILE E 7 -6.24 -81.43 -16.03
CA ILE E 7 -6.69 -80.31 -16.86
C ILE E 7 -5.62 -80.02 -17.91
N SER E 8 -5.96 -79.21 -18.91
CA SER E 8 -5.05 -78.89 -20.00
C SER E 8 -3.83 -78.11 -19.49
N ASN E 9 -2.91 -77.79 -20.39
CA ASN E 9 -1.65 -77.14 -20.01
C ASN E 9 -1.90 -75.82 -19.32
N LEU E 10 -1.15 -75.59 -18.24
CA LEU E 10 -1.33 -74.39 -17.43
C LEU E 10 -0.94 -73.14 -18.20
N HIS E 11 -1.61 -72.03 -17.87
CA HIS E 11 -1.29 -70.73 -18.44
C HIS E 11 -0.29 -70.00 -17.55
N ARG E 12 0.65 -69.31 -18.18
CA ARG E 12 1.71 -68.63 -17.44
C ARG E 12 1.19 -67.35 -16.79
N ILE E 13 1.92 -66.90 -15.77
CA ILE E 13 1.58 -65.67 -15.08
C ILE E 13 1.75 -64.48 -16.01
N ALA E 14 0.85 -63.51 -15.90
CA ALA E 14 0.84 -62.34 -16.75
C ALA E 14 0.71 -61.07 -15.90
N LEU E 15 1.30 -59.99 -16.40
CA LEU E 15 1.25 -58.67 -15.78
C LEU E 15 0.65 -57.67 -16.76
N ARG E 16 -0.24 -56.82 -16.25
CA ARG E 16 -0.88 -55.78 -17.03
C ARG E 16 -0.45 -54.41 -16.53
N PHE E 17 0.02 -53.57 -17.45
CA PHE E 17 0.50 -52.23 -17.15
C PHE E 17 -0.33 -51.19 -17.90
N PRO E 18 -0.37 -49.94 -17.42
CA PRO E 18 -1.19 -48.93 -18.11
C PRO E 18 -0.46 -48.25 -19.26
N LYS E 19 -1.07 -48.23 -20.43
CA LYS E 19 -0.50 -47.52 -21.57
C LYS E 19 -0.83 -46.03 -21.47
N GLU E 20 0.15 -45.20 -21.80
CA GLU E 20 -0.02 -43.75 -21.67
C GLU E 20 -1.10 -43.24 -22.62
N GLY E 21 -1.09 -43.71 -23.86
CA GLY E 21 -2.03 -43.23 -24.87
C GLY E 21 -3.31 -44.02 -24.92
N GLY E 22 -3.90 -44.30 -23.76
CA GLY E 22 -5.13 -45.05 -23.69
C GLY E 22 -4.90 -46.53 -23.87
N GLY E 23 -5.93 -47.31 -23.53
CA GLY E 23 -5.80 -48.75 -23.63
C GLY E 23 -4.89 -49.31 -22.55
N TYR E 24 -4.44 -50.54 -22.78
CA TYR E 24 -3.56 -51.22 -21.85
C TYR E 24 -2.57 -52.07 -22.62
N ASP E 25 -1.44 -52.37 -21.97
CA ASP E 25 -0.44 -53.29 -22.49
C ASP E 25 -0.09 -54.28 -21.39
N MET E 26 0.22 -55.51 -21.81
CA MET E 26 0.42 -56.63 -20.89
C MET E 26 1.79 -57.25 -21.10
N TYR E 27 2.14 -58.17 -20.19
CA TYR E 27 3.45 -58.80 -20.17
C TYR E 27 3.29 -60.19 -19.58
N ARG E 28 3.57 -61.21 -20.38
CA ARG E 28 3.43 -62.60 -19.98
C ARG E 28 4.80 -63.23 -19.81
N PHE E 29 5.02 -63.89 -18.66
CA PHE E 29 6.29 -64.55 -18.40
C PHE E 29 6.38 -65.84 -19.20
N LYS E 30 7.50 -66.03 -19.89
CA LYS E 30 7.71 -67.26 -20.65
C LYS E 30 8.11 -68.41 -19.74
N VAL E 31 8.75 -68.13 -18.61
CA VAL E 31 9.19 -69.13 -17.65
C VAL E 31 8.51 -68.83 -16.32
N ASN E 32 7.92 -69.86 -15.73
CA ASN E 32 7.24 -69.69 -14.46
C ASN E 32 8.25 -69.36 -13.35
N PRO E 33 7.84 -68.64 -12.31
CA PRO E 33 8.81 -68.25 -11.28
C PRO E 33 9.34 -69.44 -10.50
N GLU E 34 10.61 -69.34 -10.10
CA GLU E 34 11.22 -70.38 -9.28
C GLU E 34 10.59 -70.43 -7.91
N ASN E 35 10.31 -69.26 -7.32
CA ASN E 35 9.75 -69.14 -5.98
C ASN E 35 8.55 -68.20 -6.03
N TYR E 36 7.56 -68.48 -5.18
CA TYR E 36 6.35 -67.69 -5.10
C TYR E 36 5.88 -67.72 -3.66
N THR E 37 5.92 -66.56 -2.99
CA THR E 37 5.54 -66.43 -1.58
C THR E 37 4.47 -65.35 -1.47
N ILE E 38 3.40 -65.68 -0.75
CA ILE E 38 2.31 -64.75 -0.48
C ILE E 38 2.17 -64.65 1.03
N ASP E 39 2.34 -63.44 1.56
CA ASP E 39 2.20 -63.18 2.99
C ASP E 39 0.89 -62.43 3.23
N SER E 40 0.09 -62.94 4.17
CA SER E 40 -1.20 -62.35 4.53
C SER E 40 -1.25 -62.18 6.05
N PRO E 41 -0.45 -61.26 6.59
CA PRO E 41 -0.44 -61.05 8.04
C PRO E 41 -1.74 -60.45 8.55
N GLN E 42 -1.83 -60.25 9.86
CA GLN E 42 -3.00 -59.66 10.50
C GLN E 42 -2.54 -58.60 11.49
N ARG E 43 -3.33 -57.53 11.61
CA ARG E 43 -3.03 -56.42 12.51
C ARG E 43 -3.85 -56.63 13.78
N THR E 44 -3.36 -57.51 14.64
CA THR E 44 -4.03 -57.82 15.90
C THR E 44 -2.97 -58.00 16.98
N THR E 45 -3.25 -57.45 18.16
CA THR E 45 -2.36 -57.50 19.30
C THR E 45 -3.10 -58.10 20.49
N ALA E 46 -2.40 -58.96 21.25
CA ALA E 46 -2.95 -59.63 22.42
C ALA E 46 -2.15 -59.21 23.64
N ILE E 47 -2.84 -58.74 24.66
CA ILE E 47 -2.24 -58.33 25.93
C ILE E 47 -3.06 -58.94 27.06
N LYS E 48 -2.38 -59.56 28.02
CA LYS E 48 -3.04 -60.25 29.12
C LYS E 48 -3.08 -59.38 30.35
N THR E 49 -4.23 -59.34 31.01
CA THR E 49 -4.41 -58.65 32.28
C THR E 49 -4.11 -59.63 33.42
N LYS E 50 -4.52 -59.30 34.64
CA LYS E 50 -4.17 -60.13 35.80
C LYS E 50 -4.75 -61.54 35.66
N SER E 51 -6.02 -61.66 35.25
CA SER E 51 -6.69 -62.95 35.20
C SER E 51 -7.58 -63.09 33.96
N ASP E 52 -7.20 -62.46 32.85
CA ASP E 52 -7.97 -62.58 31.62
C ASP E 52 -7.06 -62.22 30.45
N ILE E 53 -7.51 -62.60 29.25
CA ILE E 53 -6.81 -62.33 28.00
C ILE E 53 -7.70 -61.44 27.14
N VAL E 54 -7.13 -60.34 26.65
CA VAL E 54 -7.84 -59.37 25.83
C VAL E 54 -7.29 -59.45 24.42
N ILE E 55 -8.19 -59.63 23.44
CA ILE E 55 -7.85 -59.72 22.03
C ILE E 55 -8.57 -58.62 21.29
N GLU E 56 -7.83 -57.87 20.47
CA GLU E 56 -8.37 -56.79 19.67
C GLU E 56 -7.80 -56.87 18.26
N ASP E 57 -8.66 -56.59 17.27
CA ASP E 57 -8.28 -56.64 15.86
C ASP E 57 -8.81 -55.40 15.16
N TYR E 58 -8.11 -55.01 14.10
CA TYR E 58 -8.45 -53.81 13.34
C TYR E 58 -8.37 -54.08 11.84
N GLY E 59 -8.94 -55.21 11.41
CA GLY E 59 -9.07 -55.49 9.99
C GLY E 59 -7.88 -56.23 9.42
N LYS E 60 -8.00 -56.53 8.12
CA LYS E 60 -6.99 -57.29 7.41
C LYS E 60 -5.76 -56.43 7.12
N ASP E 61 -4.60 -57.08 7.09
CA ASP E 61 -3.33 -56.43 6.78
C ASP E 61 -3.06 -56.49 5.29
N ILE E 62 -2.02 -55.77 4.86
CA ILE E 62 -1.62 -55.77 3.46
C ILE E 62 -1.15 -57.17 3.08
N GLU E 63 -1.66 -57.68 1.96
CA GLU E 63 -1.25 -58.98 1.45
C GLU E 63 -0.05 -58.78 0.54
N VAL E 64 1.14 -59.13 1.04
CA VAL E 64 2.38 -58.93 0.30
C VAL E 64 2.60 -60.12 -0.61
N ILE E 65 2.86 -59.84 -1.89
CA ILE E 65 3.16 -60.85 -2.91
C ILE E 65 4.62 -60.69 -3.31
N ASN E 66 5.35 -61.80 -3.27
CA ASN E 66 6.76 -61.83 -3.66
C ASN E 66 7.04 -63.12 -4.40
N PHE E 67 7.74 -63.01 -5.54
CA PHE E 67 8.10 -64.18 -6.32
C PHE E 67 9.39 -63.89 -7.07
N THR E 68 10.08 -64.97 -7.46
CA THR E 68 11.36 -64.90 -8.15
C THR E 68 11.32 -65.82 -9.37
N GLY E 69 11.89 -65.34 -10.47
CA GLY E 69 11.91 -66.10 -11.70
C GLY E 69 13.08 -65.76 -12.59
N THR E 70 13.12 -66.34 -13.79
CA THR E 70 14.19 -66.11 -14.76
C THR E 70 13.59 -66.09 -16.16
N THR E 71 14.44 -65.87 -17.15
CA THR E 71 14.05 -65.82 -18.55
C THR E 71 14.85 -66.84 -19.35
N GLY E 72 14.15 -67.63 -20.15
CA GLY E 72 14.83 -68.63 -20.95
C GLY E 72 15.72 -68.00 -22.01
N PHE E 73 16.86 -68.65 -22.28
CA PHE E 73 17.80 -68.12 -23.26
C PHE E 73 17.27 -68.31 -24.69
N ARG E 74 16.62 -69.43 -24.95
CA ARG E 74 16.16 -69.73 -26.31
C ARG E 74 15.02 -68.78 -26.70
N PRO E 75 14.83 -68.55 -28.00
CA PRO E 75 13.74 -67.67 -28.43
C PRO E 75 12.40 -68.38 -28.41
N VAL E 76 11.34 -67.60 -28.65
CA VAL E 76 9.98 -68.12 -28.66
C VAL E 76 9.11 -67.13 -29.41
N ARG E 77 8.03 -67.63 -30.02
CA ARG E 77 7.14 -66.79 -30.79
C ARG E 77 6.49 -65.73 -29.91
N GLU E 78 6.25 -64.56 -30.50
CA GLU E 78 5.64 -63.42 -29.82
C GLU E 78 4.54 -62.85 -30.69
N ALA E 79 3.72 -61.98 -30.08
CA ALA E 79 2.66 -61.33 -30.83
C ALA E 79 3.21 -60.46 -31.95
N ASP E 80 4.39 -59.88 -31.75
CA ASP E 80 5.04 -59.05 -32.77
C ASP E 80 6.54 -59.19 -32.60
N GLY E 81 7.22 -59.64 -33.66
CA GLY E 81 8.65 -59.81 -33.62
C GLY E 81 9.06 -61.10 -32.96
N LEU E 82 10.37 -61.24 -32.76
CA LEU E 82 10.98 -62.40 -32.12
C LEU E 82 11.91 -61.89 -31.03
N LYS E 83 11.44 -61.93 -29.78
CA LYS E 83 12.18 -61.41 -28.63
C LYS E 83 12.72 -62.57 -27.81
N THR E 84 14.01 -62.52 -27.50
CA THR E 84 14.66 -63.53 -26.68
C THR E 84 14.51 -63.17 -25.20
N GLY E 85 15.18 -63.92 -24.32
CA GLY E 85 15.05 -63.67 -22.90
C GLY E 85 15.63 -62.33 -22.48
N LYS E 86 16.78 -61.96 -23.04
CA LYS E 86 17.40 -60.68 -22.70
C LYS E 86 16.49 -59.51 -23.08
N GLN E 87 15.90 -59.56 -24.28
CA GLN E 87 15.00 -58.49 -24.70
C GLN E 87 13.76 -58.44 -23.81
N LYS E 88 13.24 -59.60 -23.43
CA LYS E 88 12.08 -59.64 -22.55
C LYS E 88 12.39 -59.01 -21.20
N MET E 89 13.56 -59.34 -20.63
CA MET E 89 13.96 -58.78 -19.34
C MET E 89 14.19 -57.28 -19.46
N GLU E 90 14.79 -56.82 -20.55
CA GLU E 90 15.00 -55.40 -20.76
C GLU E 90 13.67 -54.66 -20.87
N GLU E 91 12.70 -55.25 -21.58
CA GLU E 91 11.38 -54.63 -21.68
C GLU E 91 10.69 -54.58 -20.32
N LEU E 92 10.85 -55.64 -19.52
CA LEU E 92 10.29 -55.61 -18.17
C LEU E 92 10.91 -54.50 -17.34
N GLN E 93 12.23 -54.34 -17.42
CA GLN E 93 12.89 -53.25 -16.70
C GLN E 93 12.39 -51.89 -17.17
N SER E 94 12.23 -51.73 -18.49
CA SER E 94 11.75 -50.46 -19.02
C SER E 94 10.33 -50.16 -18.53
N ARG E 95 9.46 -51.16 -18.53
CA ARG E 95 8.09 -50.96 -18.05
C ARG E 95 8.06 -50.61 -16.57
N VAL E 96 8.86 -51.31 -15.76
CA VAL E 96 8.90 -51.01 -14.33
C VAL E 96 9.44 -49.61 -14.09
N SER E 97 10.47 -49.21 -14.85
CA SER E 97 11.00 -47.86 -14.73
C SER E 97 9.97 -46.82 -15.12
N GLU E 98 9.21 -47.09 -16.19
CA GLU E 98 8.16 -46.15 -16.60
C GLU E 98 7.10 -46.03 -15.53
N TYR E 99 6.72 -47.14 -14.90
CA TYR E 99 5.73 -47.07 -13.84
C TYR E 99 6.26 -46.40 -12.58
N ALA E 100 7.56 -46.51 -12.33
CA ALA E 100 8.16 -46.06 -11.08
C ALA E 100 8.82 -44.68 -11.19
N MET E 101 9.65 -44.47 -12.22
CA MET E 101 10.44 -43.24 -12.29
C MET E 101 9.56 -42.01 -12.41
N GLN E 102 8.52 -42.06 -13.25
CA GLN E 102 7.57 -40.97 -13.41
C GLN E 102 6.27 -41.21 -12.64
N GLY E 103 6.35 -41.92 -11.52
CA GLY E 103 5.20 -42.10 -10.67
C GLY E 103 4.98 -40.91 -9.76
N GLY E 104 5.99 -40.58 -8.95
CA GLY E 104 5.91 -39.40 -8.10
C GLY E 104 6.14 -38.09 -8.83
N SER E 105 6.75 -38.14 -10.01
CA SER E 105 7.01 -36.98 -10.84
C SER E 105 6.25 -37.11 -12.15
N GLY E 106 5.89 -35.96 -12.72
CA GLY E 106 5.08 -35.99 -13.93
C GLY E 106 3.70 -36.52 -13.64
N ASN E 107 3.28 -37.55 -14.37
CA ASN E 107 1.97 -38.13 -14.18
C ASN E 107 1.91 -39.48 -14.90
N VAL E 108 1.20 -40.43 -14.29
CA VAL E 108 0.95 -41.75 -14.87
C VAL E 108 -0.56 -41.94 -14.93
N SER E 109 -1.05 -42.37 -16.10
CA SER E 109 -2.49 -42.52 -16.29
C SER E 109 -3.07 -43.59 -15.37
N GLY E 110 -2.39 -44.72 -15.24
CA GLY E 110 -2.91 -45.80 -14.43
C GLY E 110 -2.64 -45.59 -12.95
N SER E 111 -3.66 -45.88 -12.14
CA SER E 111 -3.58 -45.75 -10.69
C SER E 111 -3.16 -47.04 -10.00
N TYR E 112 -3.01 -48.14 -10.72
CA TYR E 112 -2.69 -49.43 -10.10
C TYR E 112 -2.31 -50.41 -11.20
N LEU E 113 -1.74 -51.54 -10.78
CA LEU E 113 -1.36 -52.63 -11.66
C LEU E 113 -2.21 -53.85 -11.36
N GLN E 114 -2.60 -54.57 -12.41
CA GLN E 114 -3.41 -55.78 -12.29
C GLN E 114 -2.49 -56.99 -12.36
N PHE E 115 -2.53 -57.82 -11.33
CA PHE E 115 -1.68 -59.00 -11.22
C PHE E 115 -2.55 -60.25 -11.40
N PHE E 116 -2.26 -61.01 -12.45
CA PHE E 116 -3.04 -62.18 -12.83
C PHE E 116 -2.26 -63.44 -12.50
N ASN E 117 -2.91 -64.38 -11.80
CA ASN E 117 -2.34 -65.69 -11.50
C ASN E 117 -3.29 -66.74 -12.10
N PHE E 118 -3.07 -67.06 -13.37
CA PHE E 118 -3.88 -68.08 -14.02
C PHE E 118 -3.58 -69.46 -13.44
N THR E 119 -2.31 -69.72 -13.12
CA THR E 119 -1.94 -71.01 -12.54
C THR E 119 -2.62 -71.22 -11.19
N ASP E 120 -2.62 -70.18 -10.34
CA ASP E 120 -3.23 -70.27 -9.01
C ASP E 120 -4.71 -69.90 -9.01
N ASP E 121 -5.24 -69.38 -10.11
CA ASP E 121 -6.65 -68.97 -10.19
C ASP E 121 -6.97 -67.91 -9.15
N SER E 122 -6.19 -66.83 -9.15
CA SER E 122 -6.39 -65.72 -8.24
C SER E 122 -5.99 -64.43 -8.93
N TYR E 123 -6.63 -63.34 -8.54
CA TYR E 123 -6.44 -62.04 -9.17
C TYR E 123 -6.40 -60.95 -8.11
N TYR E 124 -5.49 -59.99 -8.28
CA TYR E 124 -5.32 -58.90 -7.33
C TYR E 124 -4.90 -57.65 -8.08
N LYS E 125 -5.13 -56.50 -7.43
CA LYS E 125 -4.58 -55.22 -7.85
C LYS E 125 -3.42 -54.88 -6.93
N VAL E 126 -2.26 -54.57 -7.53
CA VAL E 126 -1.00 -54.47 -6.80
C VAL E 126 -0.30 -53.16 -7.13
N HIS E 127 0.63 -52.80 -6.24
CA HIS E 127 1.51 -51.66 -6.42
C HIS E 127 2.91 -52.08 -6.02
N LEU E 128 3.91 -51.38 -6.56
CA LEU E 128 5.30 -51.70 -6.25
C LEU E 128 5.57 -51.55 -4.76
N ALA E 129 6.21 -52.56 -4.19
CA ALA E 129 6.50 -52.57 -2.76
C ALA E 129 7.69 -51.66 -2.46
N PRO E 130 7.91 -51.31 -1.19
CA PRO E 130 9.09 -50.51 -0.84
C PRO E 130 10.40 -51.18 -1.22
N GLN E 131 10.48 -52.51 -1.14
CA GLN E 131 11.69 -53.21 -1.56
C GLN E 131 11.95 -53.01 -3.04
N GLY E 132 10.90 -53.08 -3.86
CA GLY E 132 11.02 -52.80 -5.28
C GLY E 132 11.65 -53.95 -6.05
N LEU E 133 11.84 -53.69 -7.33
CA LEU E 133 12.45 -54.68 -8.22
C LEU E 133 13.92 -54.88 -7.86
N LYS E 134 14.40 -56.10 -8.13
CA LYS E 134 15.80 -56.44 -7.86
C LYS E 134 16.25 -57.43 -8.92
N ILE E 135 17.28 -57.06 -9.67
CA ILE E 135 17.80 -57.85 -10.78
C ILE E 135 19.23 -58.25 -10.45
N THR E 136 19.58 -59.49 -10.74
CA THR E 136 20.92 -60.00 -10.45
C THR E 136 21.25 -61.15 -11.40
N ARG E 137 22.54 -61.28 -11.69
CA ARG E 137 23.08 -62.39 -12.46
C ARG E 137 24.24 -62.99 -11.69
N SER E 138 24.17 -64.30 -11.43
CA SER E 138 25.10 -64.98 -10.54
C SER E 138 26.23 -65.62 -11.32
N LYS E 139 27.11 -66.32 -10.60
CA LYS E 139 28.24 -66.99 -11.22
C LYS E 139 27.77 -68.10 -12.16
N ASP E 140 26.76 -68.86 -11.76
CA ASP E 140 26.27 -70.01 -12.51
C ASP E 140 25.21 -69.63 -13.53
N GLU E 141 25.18 -68.37 -13.98
CA GLU E 141 24.25 -67.91 -15.01
C GLU E 141 25.01 -67.07 -16.03
N PRO E 142 25.81 -67.71 -16.91
CA PRO E 142 26.51 -66.93 -17.93
C PRO E 142 25.59 -66.15 -18.86
N LEU E 143 24.40 -66.68 -19.15
CA LEU E 143 23.47 -66.09 -20.10
C LEU E 143 22.10 -65.79 -19.51
N LEU E 144 21.70 -66.45 -18.42
CA LEU E 144 20.38 -66.24 -17.85
C LEU E 144 20.36 -64.96 -17.03
N PHE E 145 19.14 -64.46 -16.79
CA PHE E 145 18.89 -63.29 -15.98
C PHE E 145 17.81 -63.61 -14.96
N ARG E 146 18.03 -63.20 -13.72
CA ARG E 146 17.10 -63.45 -12.62
C ARG E 146 16.51 -62.13 -12.15
N TYR E 147 15.21 -62.15 -11.85
CA TYR E 147 14.47 -60.99 -11.39
C TYR E 147 13.72 -61.34 -10.11
N GLU E 148 13.76 -60.43 -9.14
CA GLU E 148 13.05 -60.56 -7.87
C GLU E 148 12.21 -59.30 -7.66
N ILE E 149 10.93 -59.49 -7.39
CA ILE E 149 9.98 -58.38 -7.26
C ILE E 149 9.09 -58.64 -6.05
N THR E 150 8.80 -57.57 -5.30
CA THR E 150 7.89 -57.60 -4.17
C THR E 150 6.75 -56.64 -4.42
N LEU E 151 5.53 -57.06 -4.08
CA LEU E 151 4.32 -56.31 -4.38
C LEU E 151 3.42 -56.26 -3.16
N VAL E 152 2.57 -55.24 -3.14
CA VAL E 152 1.57 -55.04 -2.08
C VAL E 152 0.20 -54.94 -2.75
N VAL E 153 -0.76 -55.70 -2.24
CA VAL E 153 -2.07 -55.81 -2.87
C VAL E 153 -2.93 -54.62 -2.45
N ILE E 154 -3.41 -53.86 -3.43
CA ILE E 154 -4.37 -52.80 -3.14
C ILE E 154 -5.71 -53.41 -2.75
N GLY E 155 -6.14 -54.45 -3.45
CA GLY E 155 -7.41 -55.08 -3.15
C GLY E 155 -7.78 -56.06 -4.23
N SER E 156 -8.94 -56.67 -4.05
CA SER E 156 -9.43 -57.66 -5.02
C SER E 156 -9.73 -56.99 -6.35
N LEU E 157 -9.32 -57.64 -7.44
CA LEU E 157 -9.55 -57.10 -8.77
C LEU E 157 -11.02 -57.11 -9.15
N THR E 158 -11.83 -57.97 -8.53
CA THR E 158 -13.25 -58.03 -8.86
C THR E 158 -13.96 -56.73 -8.50
N GLU E 159 -13.63 -56.16 -7.34
CA GLU E 159 -14.30 -54.95 -6.88
C GLU E 159 -13.93 -53.76 -7.76
N ALA E 160 -14.85 -52.79 -7.82
CA ALA E 160 -14.68 -51.61 -8.64
C ALA E 160 -13.79 -50.60 -7.92
N ASP E 161 -13.41 -49.55 -8.66
CA ASP E 161 -12.55 -48.51 -8.11
C ASP E 161 -13.33 -47.65 -7.11
N ARG E 162 -12.58 -47.08 -6.16
CA ARG E 162 -13.21 -46.21 -5.16
C ARG E 162 -13.81 -44.97 -5.82
N SER E 163 -13.10 -44.38 -6.78
CA SER E 163 -13.58 -43.18 -7.45
C SER E 163 -14.72 -43.47 -8.44
N ALA E 164 -14.89 -44.73 -8.86
CA ALA E 164 -15.92 -45.12 -9.81
C ALA E 164 -17.07 -45.84 -9.11
N VAL E 165 -17.41 -45.39 -7.90
CA VAL E 165 -18.47 -45.97 -7.09
C VAL E 165 -19.66 -45.01 -7.10
N THR E 166 -20.86 -45.58 -7.27
CA THR E 166 -22.10 -44.82 -7.31
C THR E 166 -22.92 -45.13 -6.05
N THR E 167 -23.31 -44.08 -5.34
CA THR E 167 -24.13 -44.24 -4.14
C THR E 167 -25.59 -44.41 -4.52
N GLU E 168 -26.45 -44.55 -3.51
CA GLU E 168 -27.88 -44.71 -3.76
C GLU E 168 -28.45 -43.45 -4.41
N GLU E 169 -28.22 -42.30 -3.79
CA GLU E 169 -28.57 -40.99 -4.38
C GLU E 169 -30.06 -40.90 -4.73
N PHE E 170 -30.91 -41.46 -3.86
CA PHE E 170 -32.34 -41.35 -4.08
C PHE E 170 -32.81 -39.92 -3.83
N GLY E 171 -33.67 -39.43 -4.72
CA GLY E 171 -34.15 -38.06 -4.63
C GLY E 171 -33.12 -37.06 -5.10
N ASN E 172 -33.46 -35.79 -4.95
CA ASN E 172 -32.56 -34.72 -5.35
C ASN E 172 -31.35 -34.67 -4.42
N VAL E 173 -30.17 -34.51 -5.01
CA VAL E 173 -28.94 -34.41 -4.24
C VAL E 173 -28.57 -32.95 -3.95
N LYS E 174 -28.97 -32.03 -4.82
CA LYS E 174 -28.61 -30.62 -4.69
C LYS E 174 -29.72 -29.87 -3.95
N PRO E 175 -29.45 -29.26 -2.78
CA PRO E 175 -30.51 -28.45 -2.14
C PRO E 175 -30.71 -27.12 -2.83
N ASN E 176 -31.55 -27.09 -3.89
CA ASN E 176 -31.74 -25.88 -4.67
C ASN E 176 -32.29 -24.73 -3.83
N ALA E 177 -33.03 -25.04 -2.76
CA ALA E 177 -33.57 -23.99 -1.91
C ALA E 177 -32.47 -23.14 -1.30
N SER E 178 -31.43 -23.80 -0.77
CA SER E 178 -30.29 -23.06 -0.23
C SER E 178 -29.58 -22.26 -1.31
N GLN E 179 -29.49 -22.83 -2.52
CA GLN E 179 -28.84 -22.14 -3.62
C GLN E 179 -29.55 -20.84 -3.96
N ARG E 180 -30.89 -20.89 -4.09
CA ARG E 180 -31.61 -19.67 -4.44
C ARG E 180 -31.70 -18.72 -3.24
N VAL E 181 -31.64 -19.23 -2.02
CA VAL E 181 -31.54 -18.36 -0.85
C VAL E 181 -30.24 -17.57 -0.88
N ASP E 182 -29.14 -18.25 -1.19
CA ASP E 182 -27.85 -17.57 -1.29
C ASP E 182 -27.85 -16.58 -2.44
N GLU E 183 -28.47 -16.95 -3.58
CA GLU E 183 -28.53 -16.05 -4.72
C GLU E 183 -29.33 -14.79 -4.38
N GLY E 184 -30.48 -14.96 -3.71
CA GLY E 184 -31.29 -13.80 -3.34
C GLY E 184 -30.61 -12.91 -2.32
N ILE E 185 -29.91 -13.50 -1.35
CA ILE E 185 -29.25 -12.73 -0.31
C ILE E 185 -28.14 -11.86 -0.90
N LYS E 186 -27.53 -12.30 -1.99
CA LYS E 186 -26.44 -11.52 -2.59
C LYS E 186 -26.92 -10.17 -3.09
N GLU E 187 -28.19 -10.07 -3.50
CA GLU E 187 -28.75 -8.81 -4.00
C GLU E 187 -29.24 -7.89 -2.88
N LEU E 188 -29.33 -8.38 -1.65
CA LEU E 188 -29.82 -7.56 -0.56
C LEU E 188 -28.86 -6.42 -0.25
N ASP E 189 -29.42 -5.33 0.28
CA ASP E 189 -28.63 -4.17 0.64
C ASP E 189 -27.96 -4.38 2.00
N LYS E 190 -27.13 -3.40 2.38
CA LYS E 190 -26.41 -3.48 3.64
C LYS E 190 -27.36 -3.47 4.83
N ASN E 191 -28.38 -2.60 4.79
CA ASN E 191 -29.32 -2.51 5.90
C ASN E 191 -30.12 -3.81 6.05
N ALA E 192 -30.49 -4.42 4.92
CA ALA E 192 -31.22 -5.68 4.99
C ALA E 192 -30.40 -6.77 5.65
N ARG E 193 -29.12 -6.88 5.28
CA ARG E 193 -28.24 -7.88 5.90
C ARG E 193 -28.03 -7.58 7.38
N LYS E 194 -27.89 -6.30 7.74
CA LYS E 194 -27.72 -5.95 9.14
C LYS E 194 -28.96 -6.33 9.95
N THR E 195 -30.15 -6.06 9.41
CA THR E 195 -31.38 -6.44 10.10
C THR E 195 -31.52 -7.96 10.19
N ARG E 196 -31.10 -8.67 9.14
CA ARG E 196 -31.11 -10.12 9.18
C ARG E 196 -30.21 -10.64 10.29
N ASP E 197 -29.01 -10.07 10.42
CA ASP E 197 -28.10 -10.48 11.49
C ASP E 197 -28.70 -10.18 12.86
N ARG E 198 -29.31 -9.01 13.02
CA ARG E 198 -29.92 -8.66 14.30
C ARG E 198 -31.06 -9.61 14.64
N ASN E 199 -31.89 -9.94 13.66
CA ASN E 199 -32.99 -10.88 13.90
C ASN E 199 -32.47 -12.26 14.26
N ASN E 200 -31.41 -12.72 13.58
CA ASN E 200 -30.83 -14.00 13.90
C ASN E 200 -30.28 -14.01 15.32
N GLN E 201 -29.63 -12.93 15.73
CA GLN E 201 -29.15 -12.83 17.11
C GLN E 201 -30.32 -12.85 18.09
N GLU E 202 -31.40 -12.15 17.77
CA GLU E 202 -32.56 -12.10 18.66
C GLU E 202 -33.17 -13.49 18.82
N ILE E 203 -33.33 -14.22 17.72
CA ILE E 203 -33.87 -15.57 17.80
C ILE E 203 -32.89 -16.50 18.53
N SER E 204 -31.59 -16.29 18.31
CA SER E 204 -30.59 -17.19 18.88
C SER E 204 -30.56 -17.12 20.40
N ARG E 205 -30.77 -15.94 20.97
CA ARG E 205 -30.58 -15.73 22.40
C ARG E 205 -31.80 -16.04 23.24
N ARG E 206 -32.88 -16.54 22.63
CA ARG E 206 -34.08 -16.96 23.37
C ARG E 206 -34.62 -18.27 22.80
N GLU E 207 -33.72 -19.22 22.53
CA GLU E 207 -34.14 -20.51 21.99
C GLU E 207 -34.63 -21.44 23.09
N ASN E 208 -33.77 -21.77 24.04
CA ASN E 208 -34.14 -22.69 25.10
C ASN E 208 -35.11 -22.03 26.08
N THR E 209 -36.15 -22.75 26.46
CA THR E 209 -37.14 -22.24 27.41
C THR E 209 -37.91 -23.40 28.03
N ILE E 233 -29.23 -35.76 -0.53
CA ILE E 233 -30.36 -36.67 -0.57
C ILE E 233 -31.62 -35.91 -0.17
N TYR E 234 -31.86 -34.79 -0.86
CA TYR E 234 -33.05 -33.98 -0.60
C TYR E 234 -34.25 -34.60 -1.30
N ASN E 235 -35.30 -34.88 -0.52
CA ASN E 235 -36.54 -35.43 -1.04
C ASN E 235 -37.68 -35.06 -0.11
N PRO E 236 -38.68 -34.27 -0.53
CA PRO E 236 -39.79 -33.99 0.37
C PRO E 236 -40.58 -35.23 0.76
N ARG E 237 -40.64 -36.21 -0.13
CA ARG E 237 -41.34 -37.46 0.17
C ARG E 237 -40.48 -38.34 1.08
N GLN E 238 -41.14 -38.98 2.05
CA GLN E 238 -40.52 -39.93 2.99
C GLN E 238 -39.22 -39.39 3.60
N SER E 239 -39.25 -38.12 4.00
CA SER E 239 -38.11 -37.50 4.67
C SER E 239 -38.51 -36.11 5.11
N THR E 240 -37.71 -35.55 6.04
CA THR E 240 -37.92 -34.20 6.55
C THR E 240 -36.61 -33.43 6.66
N ASN E 241 -35.55 -33.86 5.97
CA ASN E 241 -34.25 -33.21 6.12
C ASN E 241 -34.27 -31.78 5.57
N GLY E 242 -34.92 -31.58 4.43
CA GLY E 242 -34.94 -30.28 3.78
C GLY E 242 -36.12 -29.42 4.17
N LEU E 243 -36.34 -29.26 5.48
CA LEU E 243 -37.47 -28.46 5.95
C LEU E 243 -37.14 -26.97 5.95
N LYS E 244 -36.13 -26.57 6.71
CA LYS E 244 -35.81 -25.16 6.87
C LYS E 244 -35.27 -24.53 5.58
N GLY E 245 -34.76 -25.35 4.65
CA GLY E 245 -34.26 -24.79 3.41
C GLY E 245 -35.35 -24.11 2.59
N ASN E 246 -36.51 -24.76 2.49
CA ASN E 246 -37.63 -24.18 1.76
C ASN E 246 -38.15 -22.93 2.46
N ILE E 247 -38.14 -22.93 3.80
CA ILE E 247 -38.68 -21.80 4.55
C ILE E 247 -37.83 -20.55 4.32
N ASP E 248 -36.51 -20.73 4.15
CA ASP E 248 -35.64 -19.57 3.98
C ASP E 248 -35.97 -18.80 2.71
N ASN E 249 -36.20 -19.51 1.61
CA ASN E 249 -36.57 -18.83 0.36
C ASN E 249 -37.93 -18.15 0.50
N MET E 250 -38.90 -18.85 1.10
CA MET E 250 -40.24 -18.27 1.25
C MET E 250 -40.20 -17.06 2.17
N ALA E 251 -39.44 -17.12 3.26
CA ALA E 251 -39.33 -15.99 4.16
C ALA E 251 -38.65 -14.81 3.46
N LEU E 252 -37.61 -15.08 2.67
CA LEU E 252 -36.88 -14.00 2.01
C LEU E 252 -37.75 -13.32 0.96
N ILE E 253 -38.40 -14.10 0.09
CA ILE E 253 -39.15 -13.52 -1.01
C ILE E 253 -40.40 -12.79 -0.48
N ILE E 254 -41.09 -13.40 0.50
CA ILE E 254 -42.24 -12.74 1.10
C ILE E 254 -41.80 -11.62 2.02
N GLY E 255 -40.79 -11.88 2.85
CA GLY E 255 -40.26 -10.89 3.76
C GLY E 255 -40.78 -11.03 5.17
N TYR E 256 -39.98 -11.61 6.05
CA TYR E 256 -40.27 -11.71 7.48
C TYR E 256 -39.22 -10.83 8.16
N GLY E 257 -39.52 -9.55 8.28
CA GLY E 257 -38.53 -8.55 8.63
C GLY E 257 -37.91 -7.94 7.39
N ASP E 258 -36.98 -7.00 7.63
CA ASP E 258 -36.33 -6.32 6.52
C ASP E 258 -35.48 -7.30 5.70
N GLY E 259 -34.73 -8.17 6.38
CA GLY E 259 -33.84 -9.11 5.72
C GLY E 259 -34.33 -10.54 5.74
N GLY E 260 -34.91 -10.96 6.86
CA GLY E 260 -35.40 -12.31 7.05
C GLY E 260 -34.91 -12.90 8.35
N VAL E 261 -35.28 -14.16 8.55
CA VAL E 261 -34.91 -14.92 9.76
C VAL E 261 -34.45 -16.31 9.34
N SER E 262 -33.37 -16.78 9.95
CA SER E 262 -32.84 -18.12 9.70
C SER E 262 -32.42 -18.31 8.25
N PRO F 2 26.49 -56.86 -26.13
CA PRO F 2 25.84 -58.14 -26.46
C PRO F 2 26.47 -59.32 -25.73
N GLN F 3 25.64 -60.24 -25.24
CA GLN F 3 26.12 -61.42 -24.52
C GLN F 3 26.59 -62.48 -25.51
N SER F 4 27.01 -63.62 -24.97
CA SER F 4 27.48 -64.74 -25.79
C SER F 4 26.28 -65.58 -26.24
N ASP F 5 25.46 -64.96 -27.08
CA ASP F 5 24.26 -65.60 -27.63
C ASP F 5 24.54 -66.42 -28.88
N GLY F 6 25.79 -66.47 -29.35
CA GLY F 6 26.14 -67.19 -30.55
C GLY F 6 26.13 -66.38 -31.82
N ILE F 7 25.45 -65.23 -31.83
CA ILE F 7 25.42 -64.36 -32.99
C ILE F 7 26.53 -63.33 -32.95
N SER F 8 26.81 -62.78 -31.77
CA SER F 8 27.85 -61.78 -31.57
C SER F 8 28.71 -62.16 -30.39
N ASN F 9 29.98 -61.80 -30.47
CA ASN F 9 30.92 -62.11 -29.40
C ASN F 9 30.62 -61.27 -28.15
N LEU F 10 31.02 -61.80 -27.01
CA LEU F 10 30.78 -61.11 -25.74
C LEU F 10 31.60 -59.82 -25.67
N HIS F 11 30.97 -58.77 -25.14
CA HIS F 11 31.61 -57.48 -24.92
C HIS F 11 31.71 -57.24 -23.42
N ARG F 12 32.92 -56.96 -22.96
CA ARG F 12 33.19 -56.86 -21.53
C ARG F 12 32.86 -55.47 -21.01
N ILE F 13 32.45 -55.42 -19.73
CA ILE F 13 32.10 -54.16 -19.10
C ILE F 13 33.33 -53.28 -18.98
N ALA F 14 33.16 -51.98 -19.20
CA ALA F 14 34.24 -51.01 -19.13
C ALA F 14 33.77 -49.76 -18.42
N LEU F 15 34.66 -49.15 -17.64
CA LEU F 15 34.39 -47.92 -16.90
C LEU F 15 34.98 -46.72 -17.65
N ARG F 16 34.62 -45.54 -17.16
CA ARG F 16 35.10 -44.29 -17.75
C ARG F 16 35.19 -43.26 -16.63
N PHE F 17 36.38 -43.10 -16.05
CA PHE F 17 36.59 -42.18 -14.95
C PHE F 17 36.93 -40.79 -15.49
N PRO F 18 36.71 -39.72 -14.69
CA PRO F 18 37.10 -38.38 -15.12
C PRO F 18 38.55 -38.06 -14.80
N LYS F 19 39.33 -37.69 -15.80
CA LYS F 19 40.73 -37.33 -15.58
C LYS F 19 40.83 -35.96 -14.96
N GLU F 20 41.90 -35.77 -14.16
CA GLU F 20 42.07 -34.51 -13.44
C GLU F 20 42.29 -33.35 -14.41
N GLY F 21 43.06 -33.56 -15.47
CA GLY F 21 43.40 -32.50 -16.40
C GLY F 21 42.45 -32.40 -17.57
N GLY F 22 41.21 -32.84 -17.39
CA GLY F 22 40.22 -32.82 -18.43
C GLY F 22 40.18 -34.12 -19.21
N GLY F 23 39.03 -34.37 -19.84
CA GLY F 23 38.81 -35.61 -20.55
C GLY F 23 38.50 -36.75 -19.61
N TYR F 24 38.47 -37.95 -20.19
CA TYR F 24 38.16 -39.17 -19.46
C TYR F 24 39.12 -40.27 -19.89
N ASP F 25 39.33 -41.23 -18.98
CA ASP F 25 40.16 -42.40 -19.23
C ASP F 25 39.24 -43.62 -19.34
N MET F 26 39.36 -44.35 -20.45
CA MET F 26 38.48 -45.49 -20.73
C MET F 26 39.11 -46.74 -20.11
N TYR F 27 38.73 -47.02 -18.87
CA TYR F 27 39.16 -48.23 -18.20
C TYR F 27 38.24 -49.38 -18.59
N ARG F 28 38.84 -50.49 -19.02
CA ARG F 28 38.10 -51.67 -19.49
C ARG F 28 38.54 -52.90 -18.70
N PHE F 29 37.57 -53.66 -18.21
CA PHE F 29 37.86 -54.92 -17.54
C PHE F 29 38.15 -56.01 -18.57
N LYS F 30 39.20 -56.77 -18.33
CA LYS F 30 39.52 -57.91 -19.18
C LYS F 30 38.77 -59.19 -18.78
N VAL F 31 38.11 -59.20 -17.62
CA VAL F 31 37.25 -60.30 -17.21
C VAL F 31 35.98 -59.71 -16.63
N ASN F 32 34.83 -60.24 -17.05
CA ASN F 32 33.55 -59.73 -16.57
C ASN F 32 33.38 -60.11 -15.10
N PRO F 33 32.56 -59.35 -14.35
CA PRO F 33 32.36 -59.69 -12.94
C PRO F 33 31.68 -61.04 -12.77
N GLU F 34 32.11 -61.78 -11.75
CA GLU F 34 31.52 -63.09 -11.50
C GLU F 34 30.07 -62.96 -11.04
N ASN F 35 29.78 -61.98 -10.19
CA ASN F 35 28.45 -61.72 -9.68
C ASN F 35 28.06 -60.28 -9.98
N TYR F 36 26.78 -60.10 -10.35
CA TYR F 36 26.23 -58.79 -10.69
C TYR F 36 24.87 -58.68 -10.04
N THR F 37 24.67 -57.64 -9.23
CA THR F 37 23.41 -57.39 -8.55
C THR F 37 23.02 -55.93 -8.73
N ILE F 38 21.73 -55.69 -9.00
CA ILE F 38 21.17 -54.37 -9.16
C ILE F 38 19.90 -54.30 -8.33
N ASP F 39 19.75 -53.22 -7.55
CA ASP F 39 18.59 -53.00 -6.69
C ASP F 39 17.86 -51.75 -7.15
N SER F 40 16.53 -51.78 -7.03
CA SER F 40 15.66 -50.67 -7.41
C SER F 40 14.67 -50.41 -6.28
N PRO F 41 15.14 -49.89 -5.14
CA PRO F 41 14.22 -49.61 -4.04
C PRO F 41 13.22 -48.52 -4.37
N GLN F 42 12.07 -48.57 -3.70
CA GLN F 42 10.98 -47.63 -3.88
C GLN F 42 10.70 -46.91 -2.57
N ARG F 43 10.26 -45.66 -2.68
CA ARG F 43 9.97 -44.82 -1.52
C ARG F 43 8.53 -45.00 -1.02
N THR F 44 7.87 -46.09 -1.39
CA THR F 44 6.50 -46.33 -0.93
C THR F 44 6.49 -46.54 0.58
N THR F 45 5.47 -45.99 1.24
CA THR F 45 5.27 -46.12 2.67
C THR F 45 3.84 -46.53 2.94
N ALA F 46 3.66 -47.36 3.98
CA ALA F 46 2.35 -47.86 4.39
C ALA F 46 2.09 -47.49 5.83
N ILE F 47 0.91 -46.93 6.09
CA ILE F 47 0.48 -46.54 7.43
C ILE F 47 -0.90 -47.11 7.67
N LYS F 48 -1.11 -47.71 8.84
CA LYS F 48 -2.35 -48.39 9.17
C LYS F 48 -3.22 -47.46 10.03
N THR F 49 -4.32 -47.00 9.47
CA THR F 49 -5.32 -46.25 10.23
C THR F 49 -6.23 -47.23 10.98
N LYS F 50 -7.02 -46.69 11.91
CA LYS F 50 -7.81 -47.54 12.79
C LYS F 50 -8.89 -48.33 12.05
N SER F 51 -9.27 -47.91 10.84
CA SER F 51 -10.34 -48.55 10.09
C SER F 51 -9.99 -48.89 8.64
N ASP F 52 -8.84 -48.45 8.13
CA ASP F 52 -8.47 -48.73 6.76
C ASP F 52 -6.97 -48.59 6.60
N ILE F 53 -6.44 -49.20 5.55
CA ILE F 53 -5.03 -49.11 5.19
C ILE F 53 -4.87 -48.02 4.14
N VAL F 54 -3.81 -47.22 4.29
CA VAL F 54 -3.50 -46.13 3.37
C VAL F 54 -2.18 -46.46 2.69
N ILE F 55 -2.18 -46.46 1.36
CA ILE F 55 -1.00 -46.71 0.54
C ILE F 55 -0.59 -45.39 -0.10
N GLU F 56 0.65 -44.98 0.14
CA GLU F 56 1.18 -43.71 -0.37
C GLU F 56 2.55 -43.96 -0.97
N ASP F 57 2.79 -43.37 -2.15
CA ASP F 57 4.04 -43.50 -2.87
C ASP F 57 4.54 -42.12 -3.26
N TYR F 58 5.87 -41.98 -3.28
CA TYR F 58 6.53 -40.72 -3.60
C TYR F 58 7.44 -40.80 -4.83
N GLY F 59 7.68 -41.99 -5.37
CA GLY F 59 8.41 -42.16 -6.61
C GLY F 59 9.62 -43.08 -6.45
N LYS F 60 10.37 -43.16 -7.54
CA LYS F 60 11.55 -44.03 -7.60
C LYS F 60 12.63 -43.52 -6.65
N ASP F 61 13.28 -44.45 -5.97
CA ASP F 61 14.36 -44.17 -5.04
C ASP F 61 15.70 -44.38 -5.74
N ILE F 62 16.78 -44.04 -5.04
CA ILE F 62 18.12 -44.18 -5.60
C ILE F 62 18.44 -45.66 -5.79
N GLU F 63 18.85 -46.02 -7.00
CA GLU F 63 19.23 -47.40 -7.28
C GLU F 63 20.65 -47.68 -6.78
N VAL F 64 20.95 -48.98 -6.63
CA VAL F 64 22.25 -49.44 -6.16
C VAL F 64 22.75 -50.49 -7.13
N ILE F 65 24.02 -50.37 -7.52
CA ILE F 65 24.70 -51.31 -8.40
C ILE F 65 25.88 -51.90 -7.63
N ASN F 66 25.95 -53.23 -7.58
CA ASN F 66 27.02 -53.93 -6.88
C ASN F 66 27.41 -55.16 -7.69
N PHE F 67 28.71 -55.43 -7.76
CA PHE F 67 29.22 -56.58 -8.49
C PHE F 67 30.56 -56.99 -7.91
N THR F 68 30.98 -58.21 -8.23
CA THR F 68 32.21 -58.80 -7.73
C THR F 68 32.83 -59.66 -8.83
N GLY F 69 34.16 -59.67 -8.88
CA GLY F 69 34.86 -60.46 -9.87
C GLY F 69 36.33 -60.55 -9.54
N THR F 70 37.07 -61.22 -10.44
CA THR F 70 38.49 -61.42 -10.29
C THR F 70 39.19 -61.10 -11.61
N THR F 71 40.41 -60.59 -11.50
CA THR F 71 41.20 -60.24 -12.67
C THR F 71 41.91 -61.47 -13.23
N GLY F 72 42.31 -61.37 -14.50
CA GLY F 72 42.98 -62.49 -15.14
C GLY F 72 44.39 -62.70 -14.61
N PHE F 73 44.88 -63.92 -14.76
CA PHE F 73 46.21 -64.31 -14.31
C PHE F 73 47.24 -64.17 -15.42
N ARG F 74 47.02 -64.82 -16.56
CA ARG F 74 47.98 -64.79 -17.64
C ARG F 74 48.08 -63.38 -18.22
N PRO F 75 49.23 -63.02 -18.80
CA PRO F 75 49.35 -61.68 -19.40
C PRO F 75 48.46 -61.55 -20.62
N VAL F 76 47.98 -60.32 -20.83
CA VAL F 76 47.13 -59.98 -21.98
C VAL F 76 47.58 -58.64 -22.52
N ARG F 77 47.62 -58.53 -23.85
CA ARG F 77 48.08 -57.30 -24.48
C ARG F 77 47.09 -56.17 -24.24
N GLU F 78 47.61 -54.95 -24.27
CA GLU F 78 46.84 -53.73 -24.09
C GLU F 78 47.06 -52.82 -25.29
N ALA F 79 46.13 -51.90 -25.50
CA ALA F 79 46.18 -51.01 -26.66
C ALA F 79 47.44 -50.14 -26.68
N ASP F 80 48.08 -49.91 -25.52
CA ASP F 80 49.28 -49.10 -25.44
C ASP F 80 50.31 -49.73 -24.49
N GLY F 81 50.36 -51.05 -24.44
CA GLY F 81 51.34 -51.73 -23.59
C GLY F 81 50.94 -53.17 -23.36
N LEU F 82 51.59 -53.77 -22.35
CA LEU F 82 51.34 -55.15 -21.93
C LEU F 82 51.22 -55.14 -20.41
N LYS F 83 49.99 -55.03 -19.90
CA LYS F 83 49.72 -54.90 -18.48
C LYS F 83 49.15 -56.19 -17.94
N THR F 84 49.71 -56.67 -16.84
CA THR F 84 49.25 -57.88 -16.19
C THR F 84 48.04 -57.57 -15.28
N GLY F 85 47.51 -58.60 -14.64
CA GLY F 85 46.36 -58.41 -13.78
C GLY F 85 46.66 -57.54 -12.57
N LYS F 86 47.81 -57.74 -11.95
CA LYS F 86 48.17 -56.95 -10.78
C LYS F 86 48.31 -55.47 -11.13
N GLN F 87 48.93 -55.17 -12.28
CA GLN F 87 49.04 -53.79 -12.72
C GLN F 87 47.66 -53.18 -12.98
N LYS F 88 46.76 -53.95 -13.59
CA LYS F 88 45.41 -53.46 -13.83
C LYS F 88 44.68 -53.15 -12.53
N MET F 89 44.80 -54.06 -11.55
CA MET F 89 44.14 -53.84 -10.26
C MET F 89 44.73 -52.64 -9.54
N GLU F 90 46.06 -52.48 -9.58
CA GLU F 90 46.69 -51.32 -8.95
C GLU F 90 46.26 -50.02 -9.63
N GLU F 91 46.16 -50.03 -10.96
CA GLU F 91 45.69 -48.84 -11.67
C GLU F 91 44.26 -48.51 -11.28
N LEU F 92 43.40 -49.53 -11.16
CA LEU F 92 42.03 -49.30 -10.75
C LEU F 92 41.97 -48.70 -9.34
N GLN F 93 42.77 -49.24 -8.42
CA GLN F 93 42.80 -48.70 -7.06
C GLN F 93 43.30 -47.26 -7.05
N SER F 94 44.33 -46.96 -7.85
CA SER F 94 44.84 -45.60 -7.92
C SER F 94 43.79 -44.64 -8.47
N ARG F 95 43.09 -45.05 -9.52
CA ARG F 95 42.05 -44.20 -10.09
C ARG F 95 40.92 -43.95 -9.09
N VAL F 96 40.50 -44.99 -8.38
CA VAL F 96 39.44 -44.84 -7.39
C VAL F 96 39.89 -43.91 -6.26
N SER F 97 41.13 -44.08 -5.80
CA SER F 97 41.64 -43.22 -4.73
C SER F 97 41.73 -41.78 -5.19
N GLU F 98 42.18 -41.55 -6.43
CA GLU F 98 42.27 -40.19 -6.95
C GLU F 98 40.88 -39.56 -7.06
N TYR F 99 39.89 -40.33 -7.52
CA TYR F 99 38.54 -39.80 -7.64
C TYR F 99 37.94 -39.50 -6.28
N ALA F 100 38.22 -40.34 -5.29
CA ALA F 100 37.65 -40.14 -3.95
C ALA F 100 38.30 -38.97 -3.24
N MET F 101 39.63 -38.86 -3.30
CA MET F 101 40.33 -37.83 -2.53
C MET F 101 40.01 -36.44 -3.06
N GLN F 102 39.92 -36.28 -4.38
CA GLN F 102 39.71 -34.95 -4.96
C GLN F 102 38.33 -34.38 -4.67
N GLY F 103 37.38 -35.20 -4.20
CA GLY F 103 36.04 -34.73 -3.91
C GLY F 103 35.87 -34.17 -2.51
N GLY F 104 36.82 -33.37 -2.05
CA GLY F 104 36.76 -32.77 -0.74
C GLY F 104 35.98 -31.47 -0.64
N SER F 105 35.49 -30.96 -1.77
CA SER F 105 34.74 -29.70 -1.82
C SER F 105 33.24 -29.94 -1.87
N GLY F 106 32.75 -30.99 -1.21
CA GLY F 106 31.35 -31.33 -1.24
C GLY F 106 30.99 -32.22 -2.40
N ASN F 107 31.28 -31.75 -3.62
CA ASN F 107 31.04 -32.54 -4.82
C ASN F 107 31.89 -31.97 -5.95
N VAL F 108 32.42 -32.86 -6.79
CA VAL F 108 33.24 -32.44 -7.90
C VAL F 108 32.37 -31.73 -8.93
N SER F 109 32.84 -30.58 -9.41
CA SER F 109 32.05 -29.79 -10.36
C SER F 109 31.92 -30.50 -11.70
N GLY F 110 32.87 -31.36 -12.05
CA GLY F 110 32.84 -32.05 -13.32
C GLY F 110 31.85 -33.20 -13.33
N SER F 111 31.93 -34.00 -14.38
CA SER F 111 31.00 -35.10 -14.56
C SER F 111 31.26 -36.20 -13.53
N TYR F 112 30.23 -36.99 -13.28
CA TYR F 112 30.30 -38.11 -12.35
C TYR F 112 30.92 -39.31 -13.05
N LEU F 113 30.97 -40.45 -12.36
CA LEU F 113 31.48 -41.67 -12.97
C LEU F 113 30.47 -42.19 -13.97
N GLN F 114 30.94 -42.53 -15.17
CA GLN F 114 30.11 -43.07 -16.24
C GLN F 114 30.34 -44.57 -16.32
N PHE F 115 29.25 -45.34 -16.23
CA PHE F 115 29.28 -46.79 -16.26
C PHE F 115 28.71 -47.28 -17.57
N PHE F 116 29.48 -48.11 -18.28
CA PHE F 116 29.09 -48.67 -19.58
C PHE F 116 28.98 -50.18 -19.44
N ASN F 117 27.74 -50.68 -19.46
CA ASN F 117 27.46 -52.11 -19.36
C ASN F 117 27.17 -52.63 -20.76
N PHE F 118 28.17 -53.21 -21.40
CA PHE F 118 28.02 -53.77 -22.73
C PHE F 118 27.49 -55.19 -22.73
N THR F 119 27.46 -55.88 -21.58
CA THR F 119 26.90 -57.22 -21.53
C THR F 119 25.42 -57.20 -21.88
N ASP F 120 24.67 -56.25 -21.31
CA ASP F 120 23.28 -56.02 -21.66
C ASP F 120 23.12 -54.52 -21.90
N ASP F 121 22.35 -54.16 -22.92
CA ASP F 121 22.27 -52.77 -23.37
C ASP F 121 21.65 -51.88 -22.29
N SER F 122 22.49 -51.08 -21.65
CA SER F 122 22.05 -50.15 -20.61
C SER F 122 23.24 -49.27 -20.23
N TYR F 123 22.95 -48.01 -19.91
CA TYR F 123 23.96 -47.05 -19.52
C TYR F 123 23.47 -46.27 -18.29
N TYR F 124 24.42 -45.90 -17.43
CA TYR F 124 24.10 -45.19 -16.20
C TYR F 124 25.21 -44.22 -15.86
N LYS F 125 24.85 -43.21 -15.07
CA LYS F 125 25.81 -42.32 -14.40
C LYS F 125 25.80 -42.67 -12.92
N VAL F 126 26.98 -42.99 -12.39
CA VAL F 126 27.10 -43.62 -11.08
C VAL F 126 28.06 -42.81 -10.22
N HIS F 127 28.07 -43.13 -8.93
CA HIS F 127 28.98 -42.53 -7.96
C HIS F 127 29.40 -43.60 -6.97
N LEU F 128 30.54 -43.38 -6.33
CA LEU F 128 31.07 -44.36 -5.38
C LEU F 128 30.13 -44.52 -4.19
N ALA F 129 29.73 -45.76 -3.93
CA ALA F 129 28.87 -46.05 -2.79
C ALA F 129 29.67 -45.97 -1.50
N PRO F 130 29.00 -45.83 -0.34
CA PRO F 130 29.74 -45.82 0.93
C PRO F 130 30.50 -47.11 1.20
N GLN F 131 30.10 -48.23 0.60
CA GLN F 131 30.85 -49.47 0.78
C GLN F 131 32.26 -49.35 0.22
N GLY F 132 32.38 -48.71 -0.94
CA GLY F 132 33.69 -48.45 -1.51
C GLY F 132 34.32 -49.66 -2.18
N LEU F 133 35.57 -49.48 -2.58
CA LEU F 133 36.34 -50.51 -3.27
C LEU F 133 36.96 -51.42 -2.22
N LYS F 134 36.35 -52.58 -2.00
CA LYS F 134 36.86 -53.58 -1.06
C LYS F 134 37.69 -54.59 -1.84
N ILE F 135 38.97 -54.73 -1.46
CA ILE F 135 39.91 -55.62 -2.11
C ILE F 135 40.37 -56.66 -1.10
N THR F 136 40.44 -57.91 -1.54
CA THR F 136 40.86 -59.01 -0.67
C THR F 136 41.53 -60.08 -1.51
N ARG F 137 42.33 -60.91 -0.84
CA ARG F 137 43.01 -62.03 -1.49
C ARG F 137 43.25 -63.09 -0.42
N SER F 138 42.43 -64.13 -0.43
CA SER F 138 42.49 -65.19 0.57
C SER F 138 43.50 -66.26 0.14
N LYS F 139 43.63 -67.29 0.97
CA LYS F 139 44.55 -68.39 0.66
C LYS F 139 44.12 -69.10 -0.62
N ASP F 140 42.82 -69.35 -0.77
CA ASP F 140 42.32 -69.95 -2.00
C ASP F 140 42.55 -69.01 -3.17
N GLU F 141 43.03 -69.56 -4.28
CA GLU F 141 43.43 -68.79 -5.45
C GLU F 141 44.47 -67.75 -5.06
N PRO F 142 45.70 -68.18 -4.69
CA PRO F 142 46.69 -67.20 -4.20
C PRO F 142 47.06 -66.13 -5.21
N LEU F 143 47.10 -66.46 -6.50
CA LEU F 143 47.60 -65.57 -7.53
C LEU F 143 46.50 -64.81 -8.27
N LEU F 144 45.26 -64.90 -7.81
CA LEU F 144 44.13 -64.19 -8.41
C LEU F 144 43.58 -63.19 -7.41
N PHE F 145 43.51 -61.92 -7.84
CA PHE F 145 42.92 -60.88 -7.01
C PHE F 145 41.40 -60.90 -7.14
N ARG F 146 40.75 -60.27 -6.17
CA ARG F 146 39.30 -60.12 -6.16
C ARG F 146 38.94 -58.70 -5.76
N TYR F 147 37.93 -58.15 -6.42
CA TYR F 147 37.49 -56.78 -6.19
C TYR F 147 35.97 -56.76 -6.02
N GLU F 148 35.50 -55.96 -5.06
CA GLU F 148 34.09 -55.74 -4.81
C GLU F 148 33.81 -54.26 -4.90
N ILE F 149 32.87 -53.88 -5.77
CA ILE F 149 32.52 -52.50 -6.03
C ILE F 149 31.02 -52.34 -5.86
N THR F 150 30.62 -51.28 -5.15
CA THR F 150 29.22 -50.90 -4.98
C THR F 150 29.06 -49.46 -5.44
N LEU F 151 27.94 -49.18 -6.10
CA LEU F 151 27.71 -47.88 -6.73
C LEU F 151 26.25 -47.49 -6.56
N VAL F 152 26.00 -46.19 -6.68
CA VAL F 152 24.66 -45.60 -6.61
C VAL F 152 24.42 -44.83 -7.89
N VAL F 153 23.25 -45.03 -8.50
CA VAL F 153 22.92 -44.45 -9.79
C VAL F 153 22.37 -43.04 -9.57
N ILE F 154 22.94 -42.08 -10.30
CA ILE F 154 22.42 -40.72 -10.30
C ILE F 154 21.34 -40.54 -11.36
N GLY F 155 21.58 -41.04 -12.57
CA GLY F 155 20.61 -40.94 -13.63
C GLY F 155 21.16 -41.56 -14.90
N SER F 156 20.27 -41.70 -15.89
CA SER F 156 20.66 -42.27 -17.15
C SER F 156 21.64 -41.36 -17.88
N LEU F 157 22.64 -41.96 -18.52
CA LEU F 157 23.62 -41.18 -19.27
C LEU F 157 23.03 -40.54 -20.52
N THR F 158 21.85 -40.99 -20.97
CA THR F 158 21.22 -40.38 -22.14
C THR F 158 20.86 -38.93 -21.88
N GLU F 159 20.35 -38.62 -20.69
CA GLU F 159 19.96 -37.27 -20.33
C GLU F 159 21.15 -36.50 -19.77
N ALA F 160 21.17 -35.19 -20.06
CA ALA F 160 22.24 -34.33 -19.59
C ALA F 160 21.97 -33.90 -18.15
N ASP F 161 22.82 -33.02 -17.63
CA ASP F 161 22.66 -32.53 -16.27
C ASP F 161 21.39 -31.69 -16.13
N ARG F 162 20.78 -31.78 -14.96
CA ARG F 162 19.52 -31.06 -14.72
C ARG F 162 19.74 -29.55 -14.77
N SER F 163 20.80 -29.06 -14.13
CA SER F 163 21.05 -27.63 -14.08
C SER F 163 21.61 -27.06 -15.38
N ALA F 164 22.21 -27.91 -16.22
CA ALA F 164 22.81 -27.45 -17.48
C ALA F 164 21.80 -27.36 -18.63
N VAL F 165 20.53 -27.70 -18.40
CA VAL F 165 19.54 -27.66 -19.47
C VAL F 165 19.32 -26.21 -19.89
N THR F 166 19.25 -25.99 -21.20
CA THR F 166 19.05 -24.66 -21.76
C THR F 166 17.55 -24.36 -21.80
N THR F 167 17.12 -23.39 -21.00
CA THR F 167 15.72 -22.99 -20.98
C THR F 167 15.38 -22.22 -22.26
N GLU F 168 14.10 -21.86 -22.38
CA GLU F 168 13.66 -21.10 -23.55
C GLU F 168 14.35 -19.74 -23.60
N GLU F 169 14.28 -18.98 -22.51
CA GLU F 169 14.96 -17.69 -22.40
C GLU F 169 14.51 -16.72 -23.50
N PHE F 170 13.23 -16.77 -23.84
CA PHE F 170 12.70 -15.87 -24.85
C PHE F 170 12.59 -14.44 -24.31
N GLY F 171 12.65 -13.48 -25.22
CA GLY F 171 12.58 -12.08 -24.84
C GLY F 171 13.89 -11.57 -24.29
N ASN F 172 13.92 -11.30 -22.98
CA ASN F 172 15.13 -10.82 -22.33
C ASN F 172 15.03 -11.08 -20.85
N VAL F 173 15.92 -11.92 -20.32
CA VAL F 173 15.98 -12.18 -18.89
C VAL F 173 16.72 -11.08 -18.13
N LYS F 174 17.52 -10.27 -18.82
CA LYS F 174 18.31 -9.21 -18.21
C LYS F 174 17.82 -7.86 -18.73
N PRO F 175 16.65 -7.40 -18.29
CA PRO F 175 16.11 -6.14 -18.81
C PRO F 175 16.99 -4.95 -18.45
N ASN F 176 17.08 -4.00 -19.39
CA ASN F 176 17.85 -2.79 -19.17
C ASN F 176 17.10 -1.77 -18.31
N ALA F 177 15.77 -1.88 -18.23
CA ALA F 177 14.98 -0.91 -17.49
C ALA F 177 15.37 -0.87 -16.02
N SER F 178 15.48 -2.04 -15.39
CA SER F 178 15.87 -2.09 -13.99
C SER F 178 17.27 -1.54 -13.79
N GLN F 179 18.19 -1.86 -14.71
CA GLN F 179 19.57 -1.39 -14.58
C GLN F 179 19.64 0.12 -14.64
N ARG F 180 18.99 0.73 -15.64
CA ARG F 180 19.08 2.19 -15.75
C ARG F 180 18.26 2.89 -14.67
N VAL F 181 17.19 2.26 -14.17
CA VAL F 181 16.47 2.82 -13.03
C VAL F 181 17.38 2.84 -11.81
N ASP F 182 18.10 1.74 -11.56
CA ASP F 182 19.02 1.70 -10.44
C ASP F 182 20.13 2.73 -10.60
N GLU F 183 20.65 2.88 -11.82
CA GLU F 183 21.70 3.88 -12.05
C GLU F 183 21.18 5.29 -11.80
N GLY F 184 19.97 5.60 -12.26
CA GLY F 184 19.40 6.91 -12.01
C GLY F 184 19.15 7.15 -10.54
N ILE F 185 18.64 6.15 -9.82
CA ILE F 185 18.39 6.30 -8.40
C ILE F 185 19.71 6.52 -7.65
N LYS F 186 20.75 5.81 -8.04
CA LYS F 186 22.06 6.02 -7.43
C LYS F 186 22.58 7.42 -7.72
N GLU F 187 22.34 7.92 -8.94
CA GLU F 187 22.80 9.26 -9.29
C GLU F 187 22.00 10.36 -8.60
N LEU F 188 20.80 10.06 -8.12
CA LEU F 188 19.99 11.08 -7.47
C LEU F 188 20.59 11.51 -6.14
N ASP F 189 20.26 12.74 -5.75
CA ASP F 189 20.71 13.26 -4.46
C ASP F 189 19.94 12.60 -3.32
N LYS F 190 20.48 12.75 -2.11
CA LYS F 190 19.84 12.17 -0.93
C LYS F 190 18.46 12.78 -0.70
N ASN F 191 18.34 14.10 -0.89
CA ASN F 191 17.04 14.74 -0.72
C ASN F 191 16.04 14.24 -1.76
N ALA F 192 16.50 14.00 -2.99
CA ALA F 192 15.62 13.46 -4.02
C ALA F 192 15.10 12.08 -3.63
N ARG F 193 15.98 11.22 -3.10
CA ARG F 193 15.55 9.90 -2.67
C ARG F 193 14.60 9.99 -1.47
N LYS F 194 14.85 10.93 -0.57
CA LYS F 194 13.94 11.11 0.56
C LYS F 194 12.56 11.54 0.10
N THR F 195 12.50 12.46 -0.88
CA THR F 195 11.21 12.87 -1.43
C THR F 195 10.54 11.74 -2.19
N ARG F 196 11.33 10.91 -2.87
CA ARG F 196 10.77 9.72 -3.53
C ARG F 196 10.15 8.77 -2.50
N ASP F 197 10.83 8.56 -1.38
CA ASP F 197 10.28 7.73 -0.32
C ASP F 197 9.01 8.34 0.25
N ARG F 198 8.98 9.67 0.42
CA ARG F 198 7.78 10.33 0.90
C ARG F 198 6.62 10.14 -0.07
N ASN F 199 6.88 10.28 -1.37
CA ASN F 199 5.83 10.09 -2.36
C ASN F 199 5.34 8.64 -2.38
N ASN F 200 6.25 7.68 -2.23
CA ASN F 200 5.86 6.28 -2.18
C ASN F 200 4.98 6.01 -0.96
N GLN F 201 5.34 6.58 0.19
CA GLN F 201 4.52 6.42 1.39
C GLN F 201 3.15 7.05 1.20
N GLU F 202 3.10 8.22 0.57
CA GLU F 202 1.81 8.87 0.33
C GLU F 202 0.94 8.04 -0.60
N ILE F 203 1.54 7.47 -1.65
CA ILE F 203 0.78 6.63 -2.57
C ILE F 203 0.30 5.37 -1.87
N SER F 204 1.13 4.81 -0.98
CA SER F 204 0.70 3.64 -0.21
C SER F 204 -0.48 3.97 0.68
N ARG F 205 -0.53 5.18 1.23
CA ARG F 205 -1.66 5.60 2.05
C ARG F 205 -2.94 5.64 1.23
N ARG F 206 -2.85 6.09 -0.02
CA ARG F 206 -4.01 6.23 -0.90
C ARG F 206 -4.39 4.93 -1.61
N GLU F 207 -3.91 3.78 -1.13
CA GLU F 207 -4.31 2.51 -1.73
C GLU F 207 -5.82 2.28 -1.57
N ASN F 208 -6.35 2.57 -0.40
CA ASN F 208 -7.78 2.41 -0.14
C ASN F 208 -8.13 3.19 1.12
N THR F 209 -9.33 3.77 1.13
CA THR F 209 -9.82 4.55 2.26
C THR F 209 -8.91 5.75 2.53
N ILE F 233 11.70 -14.59 -19.46
CA ILE F 233 10.24 -14.60 -19.48
C ILE F 233 9.73 -13.23 -19.88
N TYR F 234 10.43 -12.18 -19.44
CA TYR F 234 10.06 -10.83 -19.82
C TYR F 234 10.14 -10.64 -21.32
N ASN F 235 9.13 -9.98 -21.89
CA ASN F 235 9.06 -9.71 -23.32
C ASN F 235 8.33 -8.37 -23.49
N PRO F 236 8.83 -7.45 -24.32
CA PRO F 236 8.02 -6.26 -24.62
C PRO F 236 6.70 -6.59 -25.28
N ARG F 237 6.65 -7.66 -26.08
CA ARG F 237 5.45 -8.06 -26.81
C ARG F 237 4.72 -9.16 -26.06
N GLN F 238 3.39 -9.12 -26.10
CA GLN F 238 2.48 -10.15 -25.57
C GLN F 238 2.85 -10.57 -24.15
N SER F 239 3.14 -9.58 -23.31
CA SER F 239 3.41 -9.84 -21.90
C SER F 239 3.14 -8.57 -21.10
N THR F 240 2.68 -8.76 -19.87
CA THR F 240 2.35 -7.67 -18.96
C THR F 240 3.26 -7.60 -17.73
N ASN F 241 4.10 -8.61 -17.52
CA ASN F 241 4.96 -8.62 -16.33
C ASN F 241 5.93 -7.44 -16.32
N GLY F 242 6.38 -7.01 -17.50
CA GLY F 242 7.33 -5.92 -17.59
C GLY F 242 6.70 -4.54 -17.69
N LEU F 243 5.41 -4.45 -17.35
CA LEU F 243 4.74 -3.14 -17.39
C LEU F 243 5.37 -2.17 -16.40
N LYS F 244 5.67 -2.65 -15.19
CA LYS F 244 6.24 -1.76 -14.17
C LYS F 244 7.63 -1.27 -14.56
N GLY F 245 8.39 -2.08 -15.29
CA GLY F 245 9.72 -1.65 -15.70
C GLY F 245 9.69 -0.43 -16.59
N ASN F 246 8.76 -0.41 -17.55
CA ASN F 246 8.63 0.77 -18.42
C ASN F 246 8.19 1.99 -17.63
N ILE F 247 7.22 1.82 -16.71
CA ILE F 247 6.74 2.94 -15.92
C ILE F 247 7.80 3.40 -14.93
N ASP F 248 8.50 2.45 -14.30
CA ASP F 248 9.55 2.82 -13.35
C ASP F 248 10.70 3.54 -14.04
N ASN F 249 10.93 3.24 -15.32
CA ASN F 249 11.92 4.00 -16.09
C ASN F 249 11.50 5.46 -16.21
N MET F 250 10.22 5.70 -16.42
CA MET F 250 9.70 7.07 -16.46
C MET F 250 9.68 7.65 -15.04
N ALA F 251 9.18 8.88 -14.94
CA ALA F 251 9.17 9.70 -13.72
C ALA F 251 10.57 10.19 -13.33
N LEU F 252 11.58 9.97 -14.17
CA LEU F 252 12.92 10.53 -14.01
C LEU F 252 13.33 11.36 -15.21
N ILE F 253 13.04 10.89 -16.43
CA ILE F 253 13.22 11.73 -17.60
C ILE F 253 12.18 12.85 -17.61
N ILE F 254 11.02 12.60 -17.01
CA ILE F 254 9.99 13.62 -16.76
C ILE F 254 9.87 13.78 -15.26
N GLY F 255 9.94 15.03 -14.79
CA GLY F 255 9.98 15.29 -13.37
C GLY F 255 8.65 15.10 -12.66
N TYR F 256 8.16 13.86 -12.65
CA TYR F 256 6.91 13.53 -11.95
C TYR F 256 7.21 13.51 -10.46
N GLY F 257 7.26 14.71 -9.88
CA GLY F 257 7.72 14.88 -8.52
C GLY F 257 9.23 14.95 -8.44
N ASP F 258 9.71 15.32 -7.25
CA ASP F 258 11.15 15.43 -7.01
C ASP F 258 11.71 14.04 -6.71
N GLY F 259 11.71 13.20 -7.75
CA GLY F 259 12.14 11.82 -7.64
C GLY F 259 11.16 10.89 -8.31
N GLY F 260 11.56 9.63 -8.49
CA GLY F 260 10.70 8.64 -9.12
C GLY F 260 9.63 8.12 -8.17
N VAL F 261 8.78 7.26 -8.72
CA VAL F 261 7.70 6.62 -7.97
C VAL F 261 7.71 5.13 -8.29
N SER F 262 7.55 4.31 -7.27
CA SER F 262 7.53 2.85 -7.41
C SER F 262 8.85 2.32 -7.97
N ASN G 2 -44.63 -12.16 15.57
CA ASN G 2 -45.15 -11.00 16.28
C ASN G 2 -44.65 -10.98 17.73
N ASN G 3 -44.65 -12.14 18.37
CA ASN G 3 -44.23 -12.22 19.76
C ASN G 3 -42.75 -11.91 19.92
N PHE G 4 -41.93 -12.33 18.97
CA PHE G 4 -40.47 -12.22 19.09
C PHE G 4 -39.94 -10.90 18.52
N ILE G 5 -40.22 -10.63 17.25
CA ILE G 5 -39.61 -9.50 16.54
C ILE G 5 -40.71 -8.72 15.82
N PRO G 6 -40.45 -7.43 15.48
CA PRO G 6 -41.45 -6.69 14.70
C PRO G 6 -41.50 -7.12 13.25
N GLN G 7 -42.28 -6.40 12.44
CA GLN G 7 -42.41 -6.64 11.02
C GLN G 7 -42.38 -5.30 10.30
N PRO G 8 -42.11 -5.28 8.99
CA PRO G 8 -42.09 -4.01 8.27
C PRO G 8 -43.47 -3.36 8.23
N GLN G 9 -43.46 -2.03 8.18
CA GLN G 9 -44.71 -1.28 8.09
C GLN G 9 -45.45 -1.59 6.79
N GLY G 10 -44.72 -1.68 5.67
CA GLY G 10 -45.38 -1.89 4.40
C GLY G 10 -46.10 -3.22 4.32
N LEU G 11 -45.47 -4.28 4.81
CA LEU G 11 -46.11 -5.60 4.80
C LEU G 11 -47.34 -5.61 5.69
N LEU G 12 -47.26 -4.95 6.85
CA LEU G 12 -48.42 -4.87 7.74
C LEU G 12 -49.57 -4.13 7.07
N ARG G 13 -49.26 -3.02 6.39
CA ARG G 13 -50.32 -2.27 5.69
C ARG G 13 -50.92 -3.10 4.56
N PHE G 14 -50.07 -3.81 3.82
CA PHE G 14 -50.56 -4.61 2.70
C PHE G 14 -51.43 -5.77 3.16
N LEU G 15 -51.04 -6.44 4.25
CA LEU G 15 -51.70 -7.68 4.63
C LEU G 15 -53.06 -7.43 5.26
N ASN G 16 -53.22 -6.33 6.00
CA ASN G 16 -54.46 -6.09 6.72
C ASN G 16 -55.63 -5.78 5.79
N THR G 17 -55.36 -5.45 4.52
CA THR G 17 -56.41 -5.12 3.57
C THR G 17 -57.19 -3.88 4.02
N SER G 35 -66.05 -14.48 -16.60
CA SER G 35 -64.75 -13.89 -16.29
C SER G 35 -63.62 -14.85 -16.67
N PHE G 36 -62.41 -14.50 -16.27
CA PHE G 36 -61.25 -15.33 -16.59
C PHE G 36 -61.33 -16.67 -15.86
N VAL G 37 -60.95 -17.73 -16.55
CA VAL G 37 -60.96 -19.08 -15.99
C VAL G 37 -59.87 -19.89 -16.66
N SER G 38 -59.19 -20.73 -15.87
CA SER G 38 -58.13 -21.60 -16.35
C SER G 38 -58.66 -23.00 -16.56
N LYS G 39 -58.31 -23.61 -17.69
CA LYS G 39 -58.79 -24.95 -18.00
C LYS G 39 -58.26 -25.97 -16.98
N PHE G 40 -56.98 -25.88 -16.64
CA PHE G 40 -56.36 -26.86 -15.77
C PHE G 40 -56.75 -26.66 -14.30
N TYR G 41 -56.87 -25.40 -13.87
CA TYR G 41 -57.01 -25.06 -12.46
C TYR G 41 -58.39 -24.47 -12.18
N THR G 42 -58.90 -24.77 -10.99
CA THR G 42 -60.21 -24.30 -10.54
C THR G 42 -60.06 -23.66 -9.17
N PRO G 43 -60.01 -22.33 -9.07
CA PRO G 43 -59.73 -21.71 -7.76
C PRO G 43 -60.91 -21.80 -6.81
N GLN G 44 -60.62 -21.56 -5.53
CA GLN G 44 -61.64 -21.47 -4.50
C GLN G 44 -61.13 -20.56 -3.39
N LEU G 45 -62.07 -20.01 -2.63
CA LEU G 45 -61.80 -19.01 -1.60
C LEU G 45 -61.87 -19.58 -0.20
N GLN G 46 -61.39 -20.81 -0.03
CA GLN G 46 -61.39 -21.46 1.29
C GLN G 46 -60.20 -20.95 2.09
N LEU G 47 -60.48 -20.20 3.16
CA LEU G 47 -59.43 -19.68 4.01
C LEU G 47 -58.94 -20.75 4.98
N SER G 48 -57.64 -20.77 5.22
CA SER G 48 -57.06 -21.73 6.15
C SER G 48 -57.44 -21.38 7.59
N GLU G 49 -57.49 -22.40 8.44
CA GLU G 49 -57.79 -22.17 9.85
C GLU G 49 -56.72 -21.32 10.51
N LEU G 50 -55.45 -21.57 10.19
CA LEU G 50 -54.36 -20.77 10.76
C LEU G 50 -54.48 -19.31 10.32
N ALA G 51 -54.82 -19.08 9.05
CA ALA G 51 -54.97 -17.72 8.56
C ALA G 51 -56.11 -16.99 9.25
N LYS G 52 -57.14 -17.73 9.69
CA LYS G 52 -58.28 -17.09 10.34
C LYS G 52 -57.85 -16.41 11.64
N LYS G 53 -57.01 -17.07 12.44
CA LYS G 53 -56.62 -16.52 13.73
C LYS G 53 -55.47 -15.54 13.60
N VAL G 54 -54.51 -15.84 12.73
CA VAL G 54 -53.35 -14.95 12.58
C VAL G 54 -53.77 -13.61 11.98
N LEU G 55 -54.76 -13.62 11.08
CA LEU G 55 -55.20 -12.39 10.44
C LEU G 55 -55.79 -11.42 11.45
N THR G 56 -56.49 -11.93 12.46
CA THR G 56 -57.06 -11.07 13.48
C THR G 56 -55.98 -10.34 14.26
N ASN G 57 -54.87 -11.02 14.55
CA ASN G 57 -53.77 -10.39 15.27
C ASN G 57 -53.17 -9.25 14.45
N ILE G 58 -53.03 -9.45 13.13
CA ILE G 58 -52.50 -8.39 12.27
C ILE G 58 -53.46 -7.22 12.24
N LYS G 59 -54.76 -7.49 12.18
CA LYS G 59 -55.74 -6.42 12.17
C LYS G 59 -55.69 -5.60 13.46
N THR G 60 -55.54 -6.29 14.60
CA THR G 60 -55.41 -5.60 15.87
C THR G 60 -54.04 -4.94 15.99
N ASP G 61 -53.94 -3.96 16.89
CA ASP G 61 -52.71 -3.22 17.09
C ASP G 61 -51.69 -3.97 17.93
N ASP G 62 -52.06 -5.09 18.56
CA ASP G 62 -51.17 -5.84 19.44
C ASP G 62 -50.15 -6.58 18.59
N ILE G 63 -49.17 -5.84 18.08
CA ILE G 63 -48.07 -6.41 17.32
C ILE G 63 -46.96 -5.37 17.21
N PRO G 64 -45.70 -5.68 17.52
CA PRO G 64 -44.62 -4.71 17.27
C PRO G 64 -44.45 -4.45 15.78
N VAL G 65 -44.00 -3.24 15.47
CA VAL G 65 -43.79 -2.82 14.09
C VAL G 65 -42.61 -1.87 14.05
N LEU G 66 -41.82 -1.94 12.98
CA LEU G 66 -40.66 -1.09 12.82
C LEU G 66 -41.06 0.33 12.44
N GLU G 67 -40.08 1.23 12.53
CA GLU G 67 -40.24 2.63 12.14
C GLU G 67 -39.58 2.96 10.81
N ARG G 68 -39.10 1.95 10.08
CA ARG G 68 -38.42 2.18 8.81
C ARG G 68 -38.54 0.92 7.97
N GLU G 69 -38.31 1.08 6.67
CA GLU G 69 -38.46 0.01 5.69
C GLU G 69 -37.23 -0.08 4.81
N PHE G 70 -36.87 -1.31 4.43
CA PHE G 70 -35.78 -1.56 3.51
C PHE G 70 -36.21 -2.72 2.59
N ASN G 71 -35.27 -3.19 1.77
CA ASN G 71 -35.49 -4.33 0.88
C ASN G 71 -36.65 -4.06 -0.09
N ASP G 72 -36.44 -3.05 -0.94
CA ASP G 72 -37.45 -2.68 -1.92
C ASP G 72 -37.63 -3.72 -3.02
N ASN G 73 -36.75 -4.71 -3.13
CA ASN G 73 -36.85 -5.74 -4.15
C ASN G 73 -37.82 -6.85 -3.80
N THR G 74 -38.49 -6.78 -2.65
CA THR G 74 -39.43 -7.82 -2.26
C THR G 74 -40.66 -7.80 -3.18
N ILE G 75 -41.38 -8.92 -3.17
CA ILE G 75 -42.53 -9.08 -4.05
C ILE G 75 -43.64 -8.09 -3.68
N ILE G 76 -43.70 -7.67 -2.41
CA ILE G 76 -44.79 -6.80 -1.98
C ILE G 76 -44.71 -5.45 -2.69
N HIS G 77 -43.51 -4.87 -2.78
CA HIS G 77 -43.37 -3.58 -3.46
C HIS G 77 -43.65 -3.71 -4.96
N LYS G 78 -43.35 -4.87 -5.54
CA LYS G 78 -43.67 -5.08 -6.95
C LYS G 78 -45.18 -5.03 -7.18
N ALA G 79 -45.96 -5.65 -6.30
CA ALA G 79 -47.41 -5.63 -6.43
C ALA G 79 -47.94 -4.21 -6.22
N ASN G 80 -47.37 -3.47 -5.28
CA ASN G 80 -47.84 -2.11 -5.04
C ASN G 80 -47.55 -1.20 -6.23
N ASP G 81 -46.37 -1.36 -6.86
CA ASP G 81 -46.00 -0.50 -7.96
C ASP G 81 -46.93 -0.68 -9.16
N THR G 82 -47.26 -1.92 -9.49
CA THR G 82 -48.13 -2.19 -10.63
C THR G 82 -49.57 -1.81 -10.30
N LEU G 83 -50.40 -1.75 -11.35
CA LEU G 83 -51.79 -1.34 -11.24
C LEU G 83 -52.74 -2.52 -11.03
N LEU G 84 -52.25 -3.60 -10.41
CA LEU G 84 -53.10 -4.77 -10.19
C LEU G 84 -54.27 -4.49 -9.27
N LYS G 85 -54.16 -3.49 -8.39
CA LYS G 85 -55.23 -3.19 -7.45
C LYS G 85 -56.49 -2.74 -8.18
N VAL G 86 -56.36 -1.77 -9.08
CA VAL G 86 -57.52 -1.21 -9.78
C VAL G 86 -57.85 -1.99 -11.05
N GLN G 87 -56.85 -2.53 -11.75
CA GLN G 87 -57.11 -3.25 -12.99
C GLN G 87 -57.76 -4.60 -12.72
N ALA G 88 -57.34 -5.29 -11.65
CA ALA G 88 -57.85 -6.61 -11.32
C ALA G 88 -57.88 -6.76 -9.81
N PRO G 89 -58.82 -6.08 -9.13
CA PRO G 89 -58.91 -6.23 -7.67
C PRO G 89 -59.21 -7.65 -7.22
N ARG G 90 -59.96 -8.42 -8.01
CA ARG G 90 -60.21 -9.81 -7.66
C ARG G 90 -58.92 -10.61 -7.64
N MET G 91 -58.07 -10.42 -8.65
CA MET G 91 -56.76 -11.07 -8.65
C MET G 91 -55.86 -10.52 -7.54
N TYR G 92 -55.99 -9.22 -7.25
CA TYR G 92 -55.21 -8.62 -6.16
C TYR G 92 -55.61 -9.23 -4.82
N MET G 93 -56.90 -9.54 -4.64
CA MET G 93 -57.35 -10.15 -3.40
C MET G 93 -56.74 -11.53 -3.20
N ILE G 94 -56.63 -12.31 -4.28
CA ILE G 94 -56.05 -13.65 -4.18
C ILE G 94 -54.58 -13.56 -3.77
N LEU G 95 -53.87 -12.54 -4.25
CA LEU G 95 -52.48 -12.38 -3.88
C LEU G 95 -52.33 -12.15 -2.38
N GLN G 96 -53.24 -11.37 -1.80
CA GLN G 96 -53.23 -11.17 -0.34
C GLN G 96 -53.47 -12.49 0.39
N SER G 97 -54.41 -13.30 -0.12
CA SER G 97 -54.69 -14.58 0.51
C SER G 97 -53.48 -15.50 0.48
N ILE G 98 -52.78 -15.53 -0.65
CA ILE G 98 -51.58 -16.37 -0.76
C ILE G 98 -50.52 -15.91 0.22
N VAL G 99 -50.33 -14.59 0.33
CA VAL G 99 -49.33 -14.06 1.25
C VAL G 99 -49.72 -14.36 2.70
N LEU G 100 -51.02 -14.33 3.00
CA LEU G 100 -51.47 -14.56 4.37
C LEU G 100 -51.13 -15.97 4.84
N GLU G 101 -51.47 -16.98 4.04
CA GLU G 101 -51.10 -18.35 4.38
C GLU G 101 -49.59 -18.53 4.37
N ALA G 102 -48.91 -17.93 3.39
CA ALA G 102 -47.45 -18.05 3.31
C ALA G 102 -46.79 -17.40 4.52
N TYR G 103 -47.29 -16.23 4.94
CA TYR G 103 -46.69 -15.55 6.10
C TYR G 103 -46.86 -16.37 7.37
N ALA G 104 -48.03 -16.97 7.57
CA ALA G 104 -48.29 -17.68 8.81
C ALA G 104 -47.41 -18.92 8.96
N ILE G 105 -47.27 -19.70 7.89
CA ILE G 105 -46.48 -20.94 7.98
C ILE G 105 -45.00 -20.64 8.17
N VAL G 106 -44.54 -19.44 7.82
CA VAL G 106 -43.17 -19.05 8.17
C VAL G 106 -43.05 -18.83 9.67
N ASN G 107 -44.07 -18.22 10.28
CA ASN G 107 -43.96 -17.79 11.68
C ASN G 107 -43.85 -18.97 12.64
N CYS G 108 -44.63 -20.03 12.40
CA CYS G 108 -44.73 -21.11 13.40
C CYS G 108 -43.41 -21.84 13.58
N PHE G 109 -42.69 -22.12 12.49
CA PHE G 109 -41.45 -22.87 12.60
C PHE G 109 -40.39 -22.08 13.36
N VAL G 110 -40.25 -20.79 13.08
CA VAL G 110 -39.21 -20.00 13.72
C VAL G 110 -39.54 -19.78 15.19
N GLU G 111 -40.80 -19.51 15.51
CA GLU G 111 -41.22 -19.26 16.88
C GLU G 111 -42.67 -19.69 17.05
N ASN G 112 -43.07 -19.81 18.32
CA ASN G 112 -44.44 -20.16 18.69
C ASN G 112 -44.83 -21.52 18.11
N PRO G 113 -44.24 -22.62 18.59
CA PRO G 113 -44.66 -23.95 18.11
C PRO G 113 -46.06 -24.35 18.51
N SER G 114 -46.70 -23.62 19.44
CA SER G 114 -48.08 -23.93 19.82
C SER G 114 -49.05 -23.75 18.68
N SER G 115 -48.71 -22.95 17.67
CA SER G 115 -49.57 -22.75 16.51
C SER G 115 -49.68 -23.98 15.62
N LEU G 116 -48.86 -25.00 15.85
CA LEU G 116 -48.95 -26.23 15.08
C LEU G 116 -50.29 -26.93 15.36
N LYS G 117 -50.52 -28.05 14.68
CA LYS G 117 -51.80 -28.76 14.61
C LYS G 117 -52.97 -27.80 14.44
N TYR G 118 -52.78 -26.79 13.59
CA TYR G 118 -53.87 -25.94 13.11
C TYR G 118 -53.80 -25.75 11.60
N LEU G 119 -52.98 -26.51 10.88
CA LEU G 119 -52.86 -26.45 9.43
C LEU G 119 -52.89 -27.87 8.89
N THR G 120 -53.56 -28.04 7.75
CA THR G 120 -53.72 -29.33 7.10
C THR G 120 -53.26 -29.24 5.65
N GLU G 121 -52.98 -30.42 5.08
CA GLU G 121 -52.47 -30.47 3.70
C GLU G 121 -53.47 -29.92 2.71
N GLU G 122 -54.77 -30.07 2.98
CA GLU G 122 -55.79 -29.55 2.07
C GLU G 122 -55.71 -28.02 1.98
N ASP G 123 -55.53 -27.34 3.11
CA ASP G 123 -55.43 -25.89 3.10
C ASP G 123 -54.21 -25.42 2.33
N VAL G 124 -53.08 -26.11 2.50
CA VAL G 124 -51.87 -25.74 1.76
C VAL G 124 -52.03 -26.11 0.29
N SER G 125 -52.72 -27.21 -0.01
CA SER G 125 -52.85 -27.65 -1.40
C SER G 125 -53.63 -26.63 -2.23
N ILE G 126 -54.70 -26.05 -1.67
CA ILE G 126 -55.52 -25.12 -2.43
C ILE G 126 -54.78 -23.84 -2.76
N THR G 127 -53.72 -23.52 -2.02
CA THR G 127 -52.93 -22.32 -2.35
C THR G 127 -52.30 -22.44 -3.72
N ARG G 128 -51.78 -23.62 -4.06
CA ARG G 128 -51.20 -23.83 -5.37
C ARG G 128 -52.23 -23.66 -6.47
N GLU G 129 -53.47 -24.10 -6.23
CA GLU G 129 -54.53 -23.92 -7.20
C GLU G 129 -54.79 -22.44 -7.45
N ASN G 130 -54.82 -21.63 -6.39
CA ASN G 130 -55.00 -20.20 -6.55
C ASN G 130 -53.74 -19.54 -7.12
N LEU G 131 -52.57 -20.04 -6.74
CA LEU G 131 -51.32 -19.47 -7.24
C LEU G 131 -51.21 -19.66 -8.75
N ASN G 132 -51.56 -20.84 -9.25
CA ASN G 132 -51.51 -21.07 -10.69
C ASN G 132 -52.64 -20.35 -11.41
N TYR G 133 -53.79 -20.20 -10.76
CA TYR G 133 -54.92 -19.53 -11.40
C TYR G 133 -54.60 -18.06 -11.70
N VAL G 134 -54.01 -17.36 -10.73
CA VAL G 134 -53.66 -15.97 -10.95
C VAL G 134 -52.41 -15.82 -11.82
N ALA G 135 -51.54 -16.84 -11.84
CA ALA G 135 -50.35 -16.77 -12.68
C ALA G 135 -50.72 -16.69 -14.16
N ASP G 136 -51.75 -17.42 -14.57
CA ASP G 136 -52.17 -17.39 -15.97
C ASP G 136 -52.64 -16.00 -16.37
N TYR G 137 -53.44 -15.35 -15.51
CA TYR G 137 -53.93 -14.02 -15.82
C TYR G 137 -52.79 -13.02 -15.87
N LEU G 138 -51.84 -13.12 -14.93
CA LEU G 138 -50.69 -12.21 -14.93
C LEU G 138 -49.81 -12.42 -16.15
N GLY G 139 -49.79 -13.64 -16.71
CA GLY G 139 -48.98 -13.91 -17.88
C GLY G 139 -49.53 -13.34 -19.18
N ASN G 140 -50.78 -12.91 -19.19
CA ASN G 140 -51.36 -12.32 -20.40
C ASN G 140 -50.75 -10.96 -20.72
N TYR G 141 -50.11 -10.30 -19.75
CA TYR G 141 -49.47 -9.01 -19.94
C TYR G 141 -48.02 -9.09 -19.52
N ASP G 142 -47.17 -8.29 -20.19
CA ASP G 142 -45.75 -8.25 -19.88
C ASP G 142 -45.43 -7.38 -18.67
N ASP G 143 -46.40 -6.61 -18.15
CA ASP G 143 -46.14 -5.78 -16.99
C ASP G 143 -45.84 -6.63 -15.75
N TYR G 144 -46.56 -7.75 -15.59
CA TYR G 144 -46.45 -8.57 -14.40
C TYR G 144 -45.41 -9.68 -14.53
N ASN G 145 -44.39 -9.48 -15.37
CA ASN G 145 -43.36 -10.51 -15.51
C ASN G 145 -42.58 -10.70 -14.22
N SER G 146 -42.25 -9.60 -13.53
CA SER G 146 -41.51 -9.71 -12.28
C SER G 146 -42.32 -10.45 -11.22
N VAL G 147 -43.62 -10.15 -11.12
CA VAL G 147 -44.45 -10.82 -10.13
C VAL G 147 -44.61 -12.30 -10.47
N VAL G 148 -44.78 -12.61 -11.76
CA VAL G 148 -44.92 -14.00 -12.16
C VAL G 148 -43.64 -14.78 -11.89
N LEU G 149 -42.49 -14.13 -12.06
CA LEU G 149 -41.22 -14.80 -11.81
C LEU G 149 -41.07 -15.18 -10.34
N ASP G 150 -41.65 -14.38 -9.44
CA ASP G 150 -41.51 -14.66 -8.01
C ASP G 150 -42.46 -15.77 -7.57
N LEU G 151 -43.74 -15.68 -7.94
CA LEU G 151 -44.74 -16.62 -7.46
C LEU G 151 -44.45 -18.04 -7.95
N ARG G 152 -43.94 -18.18 -9.18
CA ARG G 152 -43.62 -19.51 -9.69
C ARG G 152 -42.56 -20.20 -8.86
N ASP G 153 -41.64 -19.43 -8.26
CA ASP G 153 -40.65 -20.02 -7.38
C ASP G 153 -41.30 -20.62 -6.13
N LEU G 154 -42.32 -19.94 -5.59
CA LEU G 154 -43.02 -20.46 -4.42
C LEU G 154 -43.93 -21.63 -4.76
N ASP G 155 -44.29 -21.82 -6.02
CA ASP G 155 -45.21 -22.90 -6.38
C ASP G 155 -44.62 -24.27 -6.04
N LEU G 156 -43.34 -24.47 -6.34
CA LEU G 156 -42.67 -25.70 -5.94
C LEU G 156 -42.32 -25.72 -4.46
N CYS G 157 -42.26 -24.56 -3.81
CA CYS G 157 -41.93 -24.53 -2.39
C CYS G 157 -43.05 -25.10 -1.53
N PHE G 158 -44.30 -24.75 -1.85
CA PHE G 158 -45.43 -25.23 -1.04
C PHE G 158 -45.61 -26.73 -1.17
N SER G 159 -45.36 -27.30 -2.35
CA SER G 159 -45.58 -28.73 -2.55
C SER G 159 -44.68 -29.55 -1.64
N ALA G 160 -43.44 -29.11 -1.43
CA ALA G 160 -42.56 -29.80 -0.49
C ALA G 160 -43.12 -29.77 0.92
N ILE G 161 -43.70 -28.64 1.32
CA ILE G 161 -44.28 -28.54 2.65
C ILE G 161 -45.49 -29.46 2.78
N GLU G 162 -46.27 -29.59 1.71
CA GLU G 162 -47.47 -30.44 1.76
C GLU G 162 -47.10 -31.89 2.03
N LEU G 163 -46.06 -32.39 1.37
CA LEU G 163 -45.65 -33.77 1.57
C LEU G 163 -45.12 -34.00 2.98
N GLN G 164 -44.36 -33.04 3.50
CA GLN G 164 -43.73 -33.18 4.81
C GLN G 164 -44.60 -32.72 5.97
N LEU G 165 -45.66 -31.95 5.71
CA LEU G 165 -46.49 -31.43 6.79
C LEU G 165 -47.16 -32.53 7.60
N PRO G 166 -47.79 -33.55 7.00
CA PRO G 166 -48.27 -34.67 7.83
C PRO G 166 -47.17 -35.37 8.60
N LEU G 167 -45.98 -35.50 8.01
CA LEU G 167 -44.89 -36.21 8.66
C LEU G 167 -44.25 -35.35 9.75
N ILE G 168 -44.13 -34.05 9.52
CA ILE G 168 -43.55 -33.16 10.53
C ILE G 168 -44.46 -33.05 11.74
N LYS G 169 -45.78 -33.04 11.51
CA LYS G 169 -46.73 -32.90 12.61
C LYS G 169 -46.61 -34.07 13.60
N LYS G 170 -46.50 -35.29 13.07
CA LYS G 170 -46.33 -36.45 13.96
C LYS G 170 -44.99 -36.40 14.68
N GLU G 171 -43.94 -35.93 14.01
CA GLU G 171 -42.63 -35.85 14.63
C GLU G 171 -42.64 -34.89 15.82
N ALA G 172 -43.29 -33.74 15.66
CA ALA G 172 -43.35 -32.74 16.73
C ALA G 172 -44.44 -33.11 17.73
N MET H 1 35.91 12.94 -30.65
CA MET H 1 35.96 13.21 -32.12
C MET H 1 34.65 13.83 -32.57
N LYS H 2 34.48 13.97 -33.89
CA LYS H 2 33.27 14.56 -34.44
C LYS H 2 32.07 13.68 -34.14
N THR H 3 30.96 14.32 -33.76
CA THR H 3 29.74 13.59 -33.43
C THR H 3 29.04 13.12 -34.69
N ARG H 4 28.63 11.85 -34.68
CA ARG H 4 27.90 11.24 -35.80
C ARG H 4 26.50 10.89 -35.32
N LYS H 5 25.49 11.39 -36.04
CA LYS H 5 24.10 11.15 -35.68
C LYS H 5 23.61 9.83 -36.28
N LEU H 6 22.41 9.44 -35.87
CA LEU H 6 21.85 8.15 -36.28
C LEU H 6 21.62 8.08 -37.78
N THR H 7 21.10 9.15 -38.37
CA THR H 7 20.73 9.12 -39.78
C THR H 7 21.94 8.94 -40.68
N ASN H 8 23.03 9.65 -40.39
CA ASN H 8 24.24 9.51 -41.20
C ASN H 8 24.82 8.11 -41.11
N ILE H 9 24.86 7.54 -39.92
CA ILE H 9 25.39 6.19 -39.74
C ILE H 9 24.52 5.18 -40.48
N LEU H 10 23.20 5.34 -40.37
CA LEU H 10 22.29 4.43 -41.07
C LEU H 10 22.46 4.54 -42.58
N SER H 11 22.61 5.76 -43.09
CA SER H 11 22.81 5.95 -44.52
C SER H 11 24.12 5.31 -44.98
N LYS H 12 25.19 5.47 -44.19
CA LYS H 12 26.46 4.86 -44.55
C LYS H 12 26.36 3.34 -44.54
N LEU H 13 25.67 2.78 -43.54
CA LEU H 13 25.48 1.33 -43.50
C LEU H 13 24.68 0.84 -44.70
N ILE H 14 23.63 1.58 -45.08
CA ILE H 14 22.82 1.19 -46.24
C ILE H 14 23.66 1.25 -47.50
N ASP H 15 24.47 2.30 -47.66
CA ASP H 15 25.32 2.41 -48.85
C ASP H 15 26.33 1.28 -48.91
N LYS H 16 26.94 0.94 -47.76
CA LYS H 16 27.89 -0.16 -47.75
C LYS H 16 27.23 -1.49 -48.07
N THR H 17 26.02 -1.72 -47.54
CA THR H 17 25.32 -2.97 -47.83
C THR H 17 24.95 -3.06 -49.30
N MET H 18 24.47 -1.97 -49.89
CA MET H 18 24.14 -1.98 -51.31
C MET H 18 25.38 -2.18 -52.17
N ALA H 19 26.49 -1.53 -51.81
CA ALA H 19 27.73 -1.66 -52.56
C ALA H 19 28.49 -2.93 -52.25
N GLY H 20 28.05 -3.72 -51.25
CA GLY H 20 28.74 -4.94 -50.89
C GLY H 20 28.25 -6.16 -51.63
N THR H 21 27.86 -6.00 -52.89
CA THR H 21 27.39 -7.09 -53.73
C THR H 21 26.14 -7.73 -53.13
N SER H 22 25.09 -6.92 -52.99
CA SER H 22 23.83 -7.41 -52.44
C SER H 22 22.71 -6.53 -52.99
N LYS H 23 22.00 -7.04 -54.00
CA LYS H 23 20.83 -6.37 -54.57
C LYS H 23 19.52 -6.91 -54.02
N ILE H 24 19.51 -8.16 -53.53
CA ILE H 24 18.27 -8.74 -53.02
C ILE H 24 17.80 -8.02 -51.76
N THR H 25 18.72 -7.54 -50.94
CA THR H 25 18.36 -6.90 -49.69
C THR H 25 17.61 -5.60 -49.94
N ASP H 26 16.64 -5.30 -49.08
CA ASP H 26 15.89 -4.06 -49.10
C ASP H 26 15.83 -3.48 -47.69
N PHE H 27 15.74 -2.16 -47.62
CA PHE H 27 15.82 -1.41 -46.37
C PHE H 27 14.51 -0.68 -46.08
N THR H 28 13.39 -1.30 -46.45
CA THR H 28 12.10 -0.70 -46.18
C THR H 28 11.81 -0.72 -44.67
N PRO H 29 10.98 0.19 -44.16
CA PRO H 29 10.62 0.14 -42.74
C PRO H 29 9.89 -1.16 -42.40
N GLY H 30 10.09 -1.61 -41.16
CA GLY H 30 9.48 -2.83 -40.68
C GLY H 30 10.30 -4.09 -40.91
N SER H 31 11.43 -4.00 -41.61
CA SER H 31 12.28 -5.15 -41.86
C SER H 31 13.25 -5.35 -40.70
N ALA H 32 13.65 -6.60 -40.49
CA ALA H 32 14.56 -6.91 -39.40
C ALA H 32 15.93 -6.26 -39.62
N SER H 33 16.42 -6.28 -40.86
CA SER H 33 17.73 -5.71 -41.15
C SER H 33 17.74 -4.22 -40.88
N ARG H 34 16.69 -3.50 -41.27
CA ARG H 34 16.61 -2.07 -41.03
C ARG H 34 16.62 -1.77 -39.53
N SER H 35 15.85 -2.55 -38.75
CA SER H 35 15.82 -2.35 -37.31
C SER H 35 17.17 -2.62 -36.67
N LEU H 36 17.86 -3.69 -37.12
CA LEU H 36 19.19 -3.98 -36.58
C LEU H 36 20.17 -2.88 -36.91
N LEU H 37 20.14 -2.37 -38.15
CA LEU H 37 21.02 -1.28 -38.53
C LEU H 37 20.73 -0.03 -37.70
N GLU H 38 19.45 0.27 -37.47
CA GLU H 38 19.10 1.42 -36.65
C GLU H 38 19.58 1.25 -35.22
N ALA H 39 19.44 0.05 -34.67
CA ALA H 39 19.92 -0.20 -33.31
C ALA H 39 21.44 -0.04 -33.24
N VAL H 40 22.16 -0.55 -34.22
CA VAL H 40 23.62 -0.41 -34.23
C VAL H 40 24.01 1.06 -34.34
N SER H 41 23.33 1.81 -35.21
CA SER H 41 23.64 3.23 -35.34
C SER H 41 23.37 3.98 -34.04
N LEU H 42 22.28 3.64 -33.35
CA LEU H 42 21.99 4.27 -32.07
C LEU H 42 23.05 3.91 -31.04
N GLU H 43 23.53 2.66 -31.05
CA GLU H 43 24.61 2.28 -30.13
C GLU H 43 25.86 3.09 -30.41
N ILE H 44 26.20 3.28 -31.68
CA ILE H 44 27.40 4.06 -32.02
C ILE H 44 27.23 5.52 -31.61
N GLU H 45 26.02 6.07 -31.80
CA GLU H 45 25.77 7.44 -31.38
C GLU H 45 25.89 7.58 -29.87
N GLN H 46 25.36 6.61 -29.13
CA GLN H 46 25.51 6.61 -27.68
C GLN H 46 26.96 6.55 -27.28
N PHE H 47 27.75 5.71 -27.98
CA PHE H 47 29.17 5.62 -27.68
C PHE H 47 29.88 6.95 -27.93
N TYR H 48 29.55 7.63 -29.03
CA TYR H 48 30.18 8.91 -29.31
C TYR H 48 29.80 9.96 -28.28
N ILE H 49 28.53 10.00 -27.88
CA ILE H 49 28.09 10.99 -26.90
C ILE H 49 28.77 10.74 -25.56
N LEU H 50 28.81 9.47 -25.13
CA LEU H 50 29.49 9.14 -23.88
C LEU H 50 30.99 9.42 -23.97
N THR H 51 31.60 9.23 -25.14
CA THR H 51 33.00 9.55 -25.31
C THR H 51 33.25 11.04 -25.17
N LYS H 52 32.38 11.87 -25.75
CA LYS H 52 32.53 13.32 -25.60
C LYS H 52 32.36 13.73 -24.14
N GLU H 53 31.37 13.18 -23.45
CA GLU H 53 31.16 13.50 -22.04
C GLU H 53 32.36 13.06 -21.21
N ASN H 54 32.92 11.88 -21.50
CA ASN H 54 34.10 11.42 -20.80
C ASN H 54 35.30 12.30 -21.10
N ILE H 55 35.40 12.84 -22.32
CA ILE H 55 36.48 13.76 -22.64
C ILE H 55 36.37 15.02 -21.80
N ASP H 56 35.15 15.57 -21.68
CA ASP H 56 34.96 16.76 -20.86
C ASP H 56 35.30 16.49 -19.40
N TRP H 57 34.83 15.36 -18.88
CA TRP H 57 35.11 15.00 -17.49
C TRP H 57 36.61 14.78 -17.28
N GLY H 58 37.27 14.17 -18.25
CA GLY H 58 38.71 13.97 -18.13
C GLY H 58 39.48 15.26 -18.18
N ILE H 59 39.04 16.22 -18.99
CA ILE H 59 39.66 17.54 -19.02
C ILE H 59 39.53 18.19 -17.64
N GLN H 60 38.33 18.13 -17.06
CA GLN H 60 38.14 18.72 -15.75
C GLN H 60 39.00 18.03 -14.69
N GLU H 61 39.05 16.69 -14.73
CA GLU H 61 39.82 15.95 -13.73
C GLU H 61 41.31 16.20 -13.90
N GLY H 62 41.79 16.32 -15.14
CA GLY H 62 43.20 16.63 -15.35
C GLY H 62 43.57 18.03 -14.88
N ILE H 63 42.67 18.99 -15.11
CA ILE H 63 42.93 20.35 -14.61
C ILE H 63 42.94 20.36 -13.09
N ILE H 64 42.06 19.57 -12.47
CA ILE H 64 42.05 19.48 -11.01
C ILE H 64 43.34 18.84 -10.51
N GLU H 65 43.75 17.73 -11.13
CA GLU H 65 44.97 17.05 -10.72
C GLU H 65 46.20 17.92 -11.00
N ALA H 66 46.22 18.60 -12.14
CA ALA H 66 47.34 19.48 -12.45
C ALA H 66 47.41 20.62 -11.44
N PHE H 67 48.64 21.03 -11.12
CA PHE H 67 48.87 22.06 -10.12
C PHE H 67 48.33 21.59 -8.77
N ASP H 68 48.17 22.53 -7.82
CA ASP H 68 47.59 22.25 -6.52
C ASP H 68 46.35 23.09 -6.28
N PHE H 69 45.60 23.37 -7.35
CA PHE H 69 44.41 24.20 -7.30
C PHE H 69 43.18 23.30 -7.31
N GLN H 70 42.38 23.38 -6.25
CA GLN H 70 41.18 22.57 -6.11
C GLN H 70 40.08 23.40 -5.47
N LYS H 71 38.84 23.03 -5.78
CA LYS H 71 37.69 23.73 -5.22
C LYS H 71 37.53 23.43 -3.74
N ARG H 72 36.94 24.37 -3.02
CA ARG H 72 36.67 24.24 -1.60
C ARG H 72 35.27 23.71 -1.35
N GLN H 73 35.07 23.13 -0.17
CA GLN H 73 33.83 22.45 0.16
C GLN H 73 32.73 23.46 0.44
N SER H 74 31.52 22.95 0.70
CA SER H 74 30.37 23.78 0.98
C SER H 74 30.42 24.33 2.40
N LYS H 75 29.50 25.25 2.69
CA LYS H 75 29.39 25.90 3.99
C LYS H 75 28.07 25.52 4.64
N ARG H 76 28.14 25.10 5.90
CA ARG H 76 26.94 24.75 6.64
C ARG H 76 26.07 25.99 6.88
N ALA H 77 24.77 25.82 6.72
CA ALA H 77 23.83 26.90 6.96
C ALA H 77 23.73 27.20 8.46
N TYR H 78 23.56 28.49 8.77
CA TYR H 78 23.44 28.92 10.15
C TYR H 78 22.58 30.17 10.21
N GLY H 79 22.03 30.44 11.38
CA GLY H 79 21.17 31.58 11.55
C GLY H 79 20.81 31.79 13.01
N ASP H 80 19.74 32.55 13.23
CA ASP H 80 19.25 32.90 14.55
C ASP H 80 17.85 32.38 14.73
N VAL H 81 17.57 31.84 15.93
CA VAL H 81 16.27 31.29 16.28
C VAL H 81 15.78 32.02 17.53
N THR H 82 14.55 32.50 17.49
CA THR H 82 13.94 33.23 18.60
C THR H 82 13.09 32.29 19.44
N ILE H 83 13.14 32.48 20.75
CA ILE H 83 12.40 31.67 21.71
C ILE H 83 11.47 32.60 22.49
N GLN H 84 10.20 32.19 22.59
CA GLN H 84 9.18 32.92 23.33
C GLN H 84 8.67 32.08 24.48
N PHE H 85 8.70 32.65 25.68
CA PHE H 85 8.22 31.99 26.90
C PHE H 85 6.85 32.52 27.29
N TYR H 86 6.12 31.71 28.06
CA TYR H 86 4.82 32.14 28.55
C TYR H 86 4.96 33.34 29.49
N GLN H 87 5.96 33.32 30.35
CA GLN H 87 6.17 34.35 31.36
C GLN H 87 7.67 34.52 31.55
N PRO H 88 8.12 35.69 32.03
CA PRO H 88 9.56 35.87 32.26
C PRO H 88 10.09 34.90 33.31
N LEU H 89 11.31 34.42 33.10
CA LEU H 89 11.89 33.44 33.99
C LEU H 89 12.17 34.04 35.36
N ASP H 90 11.72 33.35 36.41
CA ASP H 90 11.98 33.81 37.77
C ASP H 90 13.41 33.55 38.21
N MET H 91 14.04 32.50 37.67
CA MET H 91 15.40 32.12 38.06
C MET H 91 16.18 31.76 36.80
N ARG H 92 17.50 31.86 36.91
CA ARG H 92 18.37 31.53 35.78
C ARG H 92 18.21 30.07 35.39
N MET H 93 18.24 29.82 34.08
CA MET H 93 18.11 28.49 33.51
C MET H 93 19.27 28.21 32.57
N TYR H 94 19.68 26.95 32.51
CA TYR H 94 20.78 26.50 31.68
C TYR H 94 20.26 25.60 30.57
N ILE H 95 20.60 25.95 29.32
CA ILE H 95 20.22 25.14 28.17
C ILE H 95 21.31 24.08 27.97
N PRO H 96 20.97 22.78 28.00
CA PRO H 96 22.01 21.77 27.72
C PRO H 96 22.60 21.92 26.34
N ALA H 97 23.89 21.64 26.23
CA ALA H 97 24.57 21.73 24.96
C ALA H 97 24.05 20.67 23.99
N GLY H 98 24.16 20.97 22.70
CA GLY H 98 23.68 20.05 21.69
C GLY H 98 22.18 19.98 21.55
N THR H 99 21.47 21.02 21.99
CA THR H 99 20.01 21.04 21.84
C THR H 99 19.63 21.04 20.37
N THR H 100 18.66 20.19 20.02
CA THR H 100 18.26 19.96 18.64
C THR H 100 17.06 20.81 18.29
N PHE H 101 17.16 21.57 17.21
CA PHE H 101 16.07 22.37 16.67
C PHE H 101 15.67 21.80 15.31
N THR H 102 14.38 21.51 15.14
CA THR H 102 13.85 20.91 13.94
C THR H 102 12.56 21.62 13.56
N SER H 103 11.84 21.06 12.59
CA SER H 103 10.55 21.56 12.16
C SER H 103 9.58 20.39 12.03
N THR H 104 8.36 20.69 11.57
CA THR H 104 7.32 19.70 11.36
C THR H 104 6.87 19.59 9.91
N ARG H 105 7.17 20.57 9.07
CA ARG H 105 6.79 20.51 7.67
C ARG H 105 7.57 19.41 6.96
N GLN H 106 6.88 18.67 6.09
CA GLN H 106 7.53 17.59 5.35
C GLN H 106 8.56 18.10 4.35
N GLU H 107 8.46 19.36 3.93
CA GLU H 107 9.39 19.88 2.92
C GLU H 107 10.78 20.13 3.50
N TYR H 108 10.88 20.43 4.79
CA TYR H 108 12.13 20.79 5.44
C TYR H 108 12.31 19.97 6.72
N PRO H 109 12.61 18.68 6.59
CA PRO H 109 12.89 17.85 7.78
C PRO H 109 14.32 17.95 8.29
N GLN H 110 15.14 18.86 7.76
CA GLN H 110 16.53 18.95 8.17
C GLN H 110 16.63 19.41 9.62
N GLN H 111 17.64 18.88 10.32
CA GLN H 111 17.85 19.15 11.74
C GLN H 111 18.90 20.24 11.93
N PHE H 112 18.89 20.83 13.13
CA PHE H 112 19.84 21.85 13.52
C PHE H 112 20.29 21.57 14.94
N GLU H 113 21.47 22.09 15.29
CA GLU H 113 22.04 21.87 16.61
C GLU H 113 22.92 23.06 16.98
N THR H 114 23.00 23.34 18.28
CA THR H 114 23.82 24.40 18.81
C THR H 114 25.23 23.88 19.11
N LEU H 115 26.21 24.78 19.05
CA LEU H 115 27.61 24.44 19.24
C LEU H 115 28.21 24.94 20.54
N VAL H 116 27.59 25.93 21.20
CA VAL H 116 28.10 26.52 22.42
C VAL H 116 26.98 26.61 23.45
N ASP H 117 27.39 26.74 24.71
CA ASP H 117 26.44 26.83 25.81
C ASP H 117 25.73 28.18 25.81
N TYR H 118 24.53 28.20 26.39
CA TYR H 118 23.75 29.41 26.55
C TYR H 118 23.02 29.36 27.89
N TYR H 119 22.73 30.54 28.43
CA TYR H 119 22.06 30.68 29.71
C TYR H 119 20.93 31.69 29.58
N ALA H 120 19.76 31.34 30.15
CA ALA H 120 18.59 32.21 30.14
C ALA H 120 18.49 32.90 31.49
N GLU H 121 18.87 34.17 31.52
CA GLU H 121 18.84 34.92 32.77
C GLU H 121 17.40 35.20 33.18
N PRO H 122 17.16 35.44 34.47
CA PRO H 122 15.78 35.71 34.91
C PRO H 122 15.29 37.06 34.41
N ASP H 123 13.97 37.22 34.45
CA ASP H 123 13.30 38.45 33.98
C ASP H 123 13.63 38.72 32.52
N SER H 124 13.67 37.66 31.72
CA SER H 124 13.89 37.76 30.27
C SER H 124 12.83 36.91 29.58
N THR H 125 11.94 37.55 28.84
CA THR H 125 10.84 36.85 28.18
C THR H 125 11.25 36.19 26.86
N GLU H 126 12.48 36.43 26.38
CA GLU H 126 12.92 35.84 25.13
C GLU H 126 14.43 35.69 25.16
N ILE H 127 14.93 34.78 24.31
CA ILE H 127 16.37 34.54 24.16
C ILE H 127 16.61 34.07 22.74
N VAL H 128 17.74 34.50 22.17
CA VAL H 128 18.14 34.16 20.81
C VAL H 128 19.49 33.46 20.87
N VAL H 129 19.61 32.33 20.19
CA VAL H 129 20.83 31.53 20.17
C VAL H 129 21.09 31.10 18.73
N GLU H 130 22.36 31.14 18.33
CA GLU H 130 22.75 30.74 16.99
C GLU H 130 22.63 29.23 16.84
N VAL H 131 22.32 28.79 15.61
CA VAL H 131 22.19 27.38 15.27
C VAL H 131 22.96 27.13 13.98
N TYR H 132 23.30 25.85 13.77
CA TYR H 132 24.04 25.41 12.60
C TYR H 132 23.35 24.20 12.00
N CYS H 133 23.31 24.14 10.67
CA CYS H 133 22.67 23.03 9.97
C CYS H 133 23.64 21.87 9.85
N LYS H 134 23.24 20.71 10.36
CA LYS H 134 24.11 19.53 10.30
C LYS H 134 24.34 19.09 8.86
N GLU H 135 23.28 19.08 8.04
CA GLU H 135 23.42 18.68 6.65
C GLU H 135 24.13 19.77 5.85
N THR H 136 25.11 19.36 5.05
CA THR H 136 25.88 20.29 4.21
C THR H 136 25.19 20.41 2.86
N GLY H 137 24.38 21.46 2.71
CA GLY H 137 23.67 21.67 1.46
C GLY H 137 22.81 22.90 1.55
N VAL H 138 22.12 23.18 0.44
CA VAL H 138 21.22 24.34 0.37
C VAL H 138 19.89 24.10 1.07
N ALA H 139 19.65 22.91 1.60
CA ALA H 139 18.40 22.64 2.29
C ALA H 139 18.23 23.47 3.56
N GLY H 140 19.33 23.97 4.12
CA GLY H 140 19.25 24.78 5.33
C GLY H 140 18.71 26.18 5.12
N ASN H 141 18.58 26.62 3.87
CA ASN H 141 18.02 27.95 3.58
C ASN H 141 16.50 27.86 3.59
N VAL H 142 15.96 27.61 4.78
CA VAL H 142 14.52 27.44 4.96
C VAL H 142 13.85 28.81 4.88
N PRO H 143 12.57 28.89 4.57
CA PRO H 143 11.88 30.19 4.55
C PRO H 143 11.53 30.63 5.97
N GLU H 144 10.90 31.79 6.07
CA GLU H 144 10.51 32.33 7.36
C GLU H 144 9.45 31.44 8.00
N GLY H 145 9.54 31.28 9.32
CA GLY H 145 8.57 30.49 10.05
C GLY H 145 8.58 29.01 9.73
N THR H 146 9.78 28.42 9.62
CA THR H 146 9.94 27.00 9.34
C THR H 146 10.36 26.21 10.57
N ILE H 147 11.42 26.67 11.27
CA ILE H 147 11.92 25.98 12.45
C ILE H 147 10.96 26.30 13.60
N ASN H 148 10.12 25.32 13.95
CA ASN H 148 9.10 25.48 14.99
C ASN H 148 9.07 24.25 15.89
N THR H 149 10.24 23.76 16.28
CA THR H 149 10.33 22.62 17.18
C THR H 149 11.65 22.67 17.92
N ILE H 150 11.62 22.27 19.20
CA ILE H 150 12.81 22.24 20.04
C ILE H 150 12.80 20.95 20.85
N ALA H 151 13.97 20.34 21.00
CA ALA H 151 14.14 19.13 21.77
C ALA H 151 14.65 19.47 23.17
N SER H 152 14.25 18.65 24.15
CA SER H 152 14.63 18.83 25.54
C SER H 152 14.20 20.20 26.06
N GLY H 153 13.05 20.66 25.60
CA GLY H 153 12.53 21.97 25.99
C GLY H 153 11.62 21.86 27.20
N SER H 154 11.78 22.82 28.12
CA SER H 154 10.95 22.87 29.31
C SER H 154 9.56 23.42 28.98
N SER H 155 8.66 23.33 29.96
CA SER H 155 7.30 23.83 29.79
C SER H 155 7.24 25.35 29.70
N LEU H 156 8.30 26.05 30.11
CA LEU H 156 8.29 27.51 30.05
C LEU H 156 8.23 28.02 28.62
N ILE H 157 8.77 27.27 27.66
CA ILE H 157 8.79 27.71 26.27
C ILE H 157 7.37 27.74 25.73
N ARG H 158 6.98 28.86 25.13
CA ARG H 158 5.66 29.06 24.55
C ARG H 158 5.66 28.89 23.04
N SER H 159 6.69 29.36 22.35
CA SER H 159 6.77 29.23 20.90
C SER H 159 8.22 29.26 20.47
N VAL H 160 8.48 28.69 19.29
CA VAL H 160 9.79 28.69 18.65
C VAL H 160 9.59 29.18 17.23
N ASN H 161 10.39 30.18 16.83
CA ASN H 161 10.25 30.77 15.50
C ASN H 161 11.55 31.48 15.13
N ASN H 162 11.87 31.44 13.85
CA ASN H 162 13.01 32.17 13.29
C ASN H 162 12.49 33.42 12.59
N GLU H 163 13.02 34.58 12.98
CA GLU H 163 12.49 35.83 12.47
C GLU H 163 12.82 36.02 10.99
N TYR H 164 13.99 35.56 10.55
CA TYR H 164 14.46 35.73 9.18
C TYR H 164 14.94 34.40 8.63
N SER H 165 14.76 34.23 7.33
CA SER H 165 15.28 33.05 6.65
C SER H 165 16.80 33.08 6.64
N PHE H 166 17.40 31.89 6.59
CA PHE H 166 18.85 31.79 6.68
C PHE H 166 19.51 32.39 5.44
N ASN H 167 19.25 31.80 4.28
CA ASN H 167 19.83 32.26 3.01
C ASN H 167 21.36 32.33 3.08
N THR H 168 21.96 31.33 3.74
CA THR H 168 23.40 31.28 3.94
C THR H 168 23.97 29.95 3.46
N GLY H 169 23.19 28.88 3.53
CA GLY H 169 23.66 27.60 3.05
C GLY H 169 23.93 27.61 1.56
N THR H 170 24.94 26.85 1.16
CA THR H 170 25.37 26.78 -0.23
C THR H 170 25.73 25.33 -0.58
N LYS H 171 25.61 25.02 -1.85
CA LYS H 171 26.05 23.73 -2.38
C LYS H 171 27.57 23.77 -2.59
N GLU H 172 28.09 22.79 -3.31
CA GLU H 172 29.51 22.80 -3.66
C GLU H 172 29.84 24.04 -4.49
N GLU H 173 31.14 24.32 -4.60
CA GLU H 173 31.58 25.53 -5.30
C GLU H 173 31.15 25.50 -6.76
N SER H 174 30.63 26.63 -7.23
CA SER H 174 30.12 26.71 -8.59
C SER H 174 31.26 26.58 -9.59
N GLN H 175 30.93 26.02 -10.77
CA GLN H 175 31.93 25.85 -11.82
C GLN H 175 32.45 27.20 -12.29
N GLU H 176 31.56 28.19 -12.44
CA GLU H 176 31.98 29.50 -12.92
C GLU H 176 32.92 30.18 -11.92
N ASP H 177 32.61 30.10 -10.64
CA ASP H 177 33.47 30.73 -9.63
C ASP H 177 34.83 30.05 -9.58
N PHE H 178 34.85 28.72 -9.65
CA PHE H 178 36.12 28.00 -9.66
C PHE H 178 36.93 28.37 -10.90
N LYS H 179 36.28 28.46 -12.05
CA LYS H 179 36.97 28.84 -13.28
C LYS H 179 37.55 30.25 -13.18
N ARG H 180 36.78 31.18 -12.60
CA ARG H 180 37.27 32.55 -12.45
C ARG H 180 38.45 32.61 -11.48
N ARG H 181 38.39 31.85 -10.38
CA ARG H 181 39.51 31.85 -9.45
C ARG H 181 40.74 31.22 -10.08
N PHE H 182 40.55 30.17 -10.89
CA PHE H 182 41.68 29.59 -11.60
C PHE H 182 42.28 30.58 -12.60
N HIS H 183 41.42 31.35 -13.28
CA HIS H 183 41.93 32.40 -14.17
C HIS H 183 42.75 33.42 -13.40
N SER H 184 42.27 33.79 -12.20
CA SER H 184 43.04 34.71 -11.36
C SER H 184 44.39 34.11 -10.99
N PHE H 185 44.42 32.81 -10.66
CA PHE H 185 45.68 32.17 -10.33
C PHE H 185 46.62 32.11 -11.53
N VAL H 186 46.10 31.76 -12.71
CA VAL H 186 46.93 31.69 -13.90
C VAL H 186 47.46 33.07 -14.27
N GLU H 187 46.60 34.09 -14.20
CA GLU H 187 47.06 35.46 -14.44
C GLU H 187 47.99 35.96 -13.35
N SER H 188 47.98 35.34 -12.18
CA SER H 188 48.80 35.75 -11.04
C SER H 188 50.13 35.01 -10.96
N ARG H 189 50.45 34.17 -11.93
CA ARG H 189 51.75 33.48 -11.91
C ARG H 189 52.89 34.48 -12.02
N GLY H 190 52.74 35.49 -12.88
CA GLY H 190 53.69 36.57 -12.95
C GLY H 190 53.58 37.48 -11.74
N ARG H 191 54.57 37.43 -10.87
CA ARG H 191 54.52 38.16 -9.61
C ARG H 191 54.80 39.64 -9.84
N ALA H 192 54.66 40.42 -8.77
CA ALA H 192 54.91 41.87 -8.79
C ALA H 192 53.98 42.56 -9.80
N THR H 193 52.69 42.40 -9.57
CA THR H 193 51.68 43.05 -10.38
C THR H 193 50.37 43.08 -9.59
N ASN H 194 49.39 43.80 -10.13
CA ASN H 194 48.10 43.93 -9.45
C ASN H 194 47.41 42.58 -9.30
N LYS H 195 47.44 41.76 -10.35
CA LYS H 195 46.75 40.47 -10.29
C LYS H 195 47.42 39.52 -9.31
N SER H 196 48.75 39.57 -9.21
CA SER H 196 49.45 38.72 -8.25
C SER H 196 49.05 39.05 -6.82
N VAL H 197 49.01 40.35 -6.49
CA VAL H 197 48.58 40.77 -5.16
C VAL H 197 47.12 40.42 -4.94
N ARG H 198 46.30 40.52 -6.00
CA ARG H 198 44.89 40.17 -5.90
C ARG H 198 44.72 38.70 -5.52
N TYR H 199 45.44 37.82 -6.22
CA TYR H 199 45.34 36.40 -5.91
C TYR H 199 45.91 36.09 -4.53
N GLY H 200 47.02 36.73 -4.16
CA GLY H 200 47.58 36.51 -2.84
C GLY H 200 46.66 36.95 -1.74
N ALA H 201 45.87 38.00 -1.97
CA ALA H 201 44.89 38.43 -0.97
C ALA H 201 43.67 37.51 -0.97
N LEU H 202 43.23 37.04 -2.13
CA LEU H 202 41.99 36.28 -2.24
C LEU H 202 42.15 34.80 -1.90
N GLN H 203 43.38 34.29 -1.81
CA GLN H 203 43.56 32.86 -1.58
C GLN H 203 43.11 32.41 -0.20
N ILE H 204 43.02 33.33 0.76
CA ILE H 204 42.55 32.96 2.10
C ILE H 204 41.05 32.66 2.04
N PRO H 205 40.56 31.55 2.60
CA PRO H 205 39.10 31.29 2.51
C PRO H 205 38.25 32.34 3.19
N ASP H 206 38.72 32.92 4.29
CA ASP H 206 37.86 33.82 5.07
C ASP H 206 37.62 35.14 4.33
N VAL H 207 38.67 35.75 3.79
CA VAL H 207 38.52 37.03 3.12
C VAL H 207 37.76 36.84 1.81
N GLU H 208 36.97 37.87 1.45
CA GLU H 208 36.16 37.83 0.24
C GLU H 208 36.01 39.24 -0.30
N GLY H 209 36.22 39.40 -1.60
CA GLY H 209 36.02 40.68 -2.26
C GLY H 209 37.00 41.75 -1.85
N VAL H 210 38.28 41.55 -2.14
CA VAL H 210 39.31 42.54 -1.86
C VAL H 210 39.47 43.45 -3.06
N TYR H 211 40.07 44.62 -2.83
CA TYR H 211 40.34 45.59 -3.87
C TYR H 211 41.75 46.15 -3.68
N VAL H 212 42.42 46.44 -4.78
CA VAL H 212 43.78 46.98 -4.78
C VAL H 212 43.75 48.31 -5.52
N TYR H 213 44.31 49.35 -4.89
CA TYR H 213 44.40 50.69 -5.46
C TYR H 213 45.87 51.09 -5.49
N GLU H 214 46.53 50.82 -6.62
CA GLU H 214 47.93 51.15 -6.76
C GLU H 214 48.14 52.65 -6.76
N GLU H 215 49.24 53.09 -6.14
CA GLU H 215 49.61 54.50 -6.07
C GLU H 215 51.12 54.62 -6.29
N THR H 216 51.60 55.86 -6.33
CA THR H 216 53.02 56.12 -6.55
C THR H 216 53.80 55.68 -5.33
N GLY H 217 54.46 54.54 -5.43
CA GLY H 217 55.24 54.01 -4.32
C GLY H 217 54.42 53.70 -3.08
N HIS H 218 53.18 53.25 -3.26
CA HIS H 218 52.33 52.93 -2.13
C HIS H 218 51.21 52.02 -2.61
N ILE H 219 50.98 50.93 -1.89
CA ILE H 219 49.97 49.94 -2.23
C ILE H 219 48.98 49.86 -1.07
N THR H 220 47.70 49.92 -1.39
CA THR H 220 46.61 49.82 -0.42
C THR H 220 45.70 48.67 -0.80
N VAL H 221 45.33 47.86 0.20
CA VAL H 221 44.44 46.71 0.02
C VAL H 221 43.29 46.86 1.00
N PHE H 222 42.06 46.96 0.49
CA PHE H 222 40.86 47.10 1.32
C PHE H 222 40.21 45.72 1.45
N ALA H 223 40.81 44.90 2.31
CA ALA H 223 40.34 43.54 2.53
C ALA H 223 39.26 43.51 3.61
N HIS H 224 38.29 42.61 3.42
CA HIS H 224 37.22 42.42 4.39
C HIS H 224 36.69 41.00 4.27
N ASP H 225 36.05 40.54 5.34
CA ASP H 225 35.47 39.20 5.39
C ASP H 225 34.02 39.26 4.89
N ARG H 226 33.30 38.15 5.04
CA ARG H 226 31.89 38.13 4.65
C ARG H 226 31.06 39.08 5.50
N ASN H 227 31.47 39.30 6.76
CA ASN H 227 30.77 40.23 7.64
C ASN H 227 31.20 41.68 7.45
N GLY H 228 32.18 41.94 6.58
CA GLY H 228 32.66 43.30 6.36
C GLY H 228 33.66 43.80 7.37
N ASN H 229 34.11 42.96 8.29
CA ASN H 229 35.07 43.32 9.32
C ASN H 229 36.45 42.80 8.94
N LEU H 230 37.46 43.22 9.69
CA LEU H 230 38.84 42.80 9.46
C LEU H 230 39.53 42.70 10.83
N SER H 231 39.63 41.47 11.34
CA SER H 231 40.30 41.25 12.61
C SER H 231 41.81 41.40 12.46
N ASP H 232 42.49 41.65 13.58
CA ASP H 232 43.93 41.85 13.56
C ASP H 232 44.66 40.59 13.11
N THR H 233 44.25 39.42 13.60
CA THR H 233 44.93 38.19 13.24
C THR H 233 44.78 37.89 11.76
N LEU H 234 43.57 38.06 11.21
CA LEU H 234 43.36 37.82 9.79
C LEU H 234 44.12 38.84 8.95
N LYS H 235 44.18 40.09 9.41
CA LYS H 235 44.95 41.11 8.72
C LYS H 235 46.43 40.74 8.66
N GLU H 236 46.98 40.29 9.79
CA GLU H 236 48.37 39.88 9.83
C GLU H 236 48.61 38.65 8.94
N ASP H 237 47.67 37.72 8.93
CA ASP H 237 47.80 36.55 8.06
C ASP H 237 47.81 36.96 6.59
N ILE H 238 46.93 37.90 6.21
CA ILE H 238 46.91 38.38 4.82
C ILE H 238 48.22 39.07 4.49
N ILE H 239 48.75 39.87 5.41
CA ILE H 239 50.01 40.56 5.16
C ILE H 239 51.14 39.55 4.98
N ASP H 240 51.19 38.53 5.85
CA ASP H 240 52.23 37.52 5.72
C ASP H 240 52.11 36.75 4.41
N ALA H 241 50.89 36.41 4.01
CA ALA H 241 50.70 35.72 2.74
C ALA H 241 51.13 36.57 1.56
N LEU H 242 50.77 37.86 1.58
CA LEU H 242 51.16 38.77 0.52
C LEU H 242 52.66 39.06 0.51
N GLN H 243 53.34 38.85 1.65
CA GLN H 243 54.77 39.13 1.73
C GLN H 243 55.55 38.35 0.67
N ASP H 244 55.20 37.07 0.47
CA ASP H 244 55.83 36.31 -0.60
C ASP H 244 55.47 36.89 -1.97
N TYR H 245 54.20 37.28 -2.14
CA TYR H 245 53.72 37.83 -3.40
C TYR H 245 53.91 39.33 -3.52
N ARG H 246 54.32 40.02 -2.45
CA ARG H 246 54.47 41.46 -2.52
C ARG H 246 55.64 41.82 -3.43
N PRO H 247 55.50 42.83 -4.32
CA PRO H 247 56.67 43.29 -5.07
C PRO H 247 57.73 43.87 -4.15
N SER H 248 58.99 43.60 -4.47
CA SER H 248 60.08 44.04 -3.63
C SER H 248 60.31 45.55 -3.76
N GLY H 249 60.75 46.16 -2.66
CA GLY H 249 61.12 47.55 -2.66
C GLY H 249 59.99 48.53 -2.91
N ILE H 250 58.83 48.32 -2.26
CA ILE H 250 57.73 49.26 -2.36
C ILE H 250 56.84 49.06 -1.13
N MET H 251 56.24 50.15 -0.67
CA MET H 251 55.43 50.11 0.55
C MET H 251 54.10 49.40 0.29
N LEU H 252 53.62 48.71 1.33
CA LEU H 252 52.32 48.07 1.33
C LEU H 252 51.59 48.45 2.61
N ASP H 253 50.26 48.61 2.50
CA ASP H 253 49.44 48.98 3.64
C ASP H 253 48.04 48.39 3.46
N VAL H 254 47.34 48.27 4.59
CA VAL H 254 45.96 47.79 4.59
C VAL H 254 45.25 48.45 5.77
N THR H 255 44.02 48.93 5.52
CA THR H 255 43.24 49.65 6.52
C THR H 255 41.78 49.24 6.49
N GLY H 256 41.49 47.99 6.09
CA GLY H 256 40.11 47.53 6.07
C GLY H 256 39.27 48.27 5.05
N VAL H 257 37.99 48.47 5.39
CA VAL H 257 37.05 49.13 4.51
C VAL H 257 35.99 49.82 5.36
N GLU H 258 35.44 50.91 4.84
CA GLU H 258 34.41 51.69 5.52
C GLU H 258 33.05 51.37 4.91
N LYS H 259 32.07 51.13 5.78
CA LYS H 259 30.74 50.73 5.35
C LYS H 259 29.86 51.96 5.12
N GLU H 260 28.87 51.79 4.24
CA GLU H 260 27.92 52.84 3.90
C GLU H 260 26.51 52.26 3.93
N GLU H 261 25.54 53.10 4.28
CA GLU H 261 24.15 52.72 4.45
C GLU H 261 23.26 53.53 3.51
N VAL H 262 22.39 52.83 2.77
CA VAL H 262 21.43 53.47 1.88
C VAL H 262 20.11 52.71 1.98
N ASN H 263 19.01 53.46 2.00
CA ASN H 263 17.66 52.89 2.07
C ASN H 263 17.09 52.82 0.67
N VAL H 264 16.88 51.60 0.17
CA VAL H 264 16.38 51.43 -1.19
C VAL H 264 14.92 51.87 -1.29
N SER H 265 14.10 51.46 -0.34
CA SER H 265 12.66 51.74 -0.36
C SER H 265 12.02 51.21 -1.64
N ALA H 266 12.35 49.97 -1.97
CA ALA H 266 11.88 49.36 -3.21
C ALA H 266 10.38 49.11 -3.17
N THR H 267 9.78 49.11 -4.37
CA THR H 267 8.37 48.77 -4.55
C THR H 267 8.25 47.74 -5.68
N VAL H 268 7.37 46.76 -5.49
CA VAL H 268 7.24 45.63 -6.39
C VAL H 268 5.76 45.43 -6.71
N THR H 269 5.47 45.15 -7.97
CA THR H 269 4.12 44.82 -8.43
C THR H 269 4.01 43.30 -8.58
N ILE H 270 2.93 42.73 -8.06
CA ILE H 270 2.70 41.29 -8.04
C ILE H 270 1.45 40.99 -8.85
N SER H 271 1.56 40.05 -9.79
CA SER H 271 0.43 39.72 -10.65
C SER H 271 -0.68 39.03 -9.86
N ASN H 272 -0.32 38.07 -9.01
CA ASN H 272 -1.31 37.28 -8.28
C ASN H 272 -1.76 38.05 -7.03
N LYS H 273 -3.00 38.54 -7.06
CA LYS H 273 -3.52 39.27 -5.91
C LYS H 273 -3.64 38.37 -4.68
N SER H 274 -4.06 37.13 -4.87
CA SER H 274 -4.27 36.22 -3.74
C SER H 274 -2.95 35.90 -3.04
N ARG H 275 -1.87 35.70 -3.81
CA ARG H 275 -0.60 35.29 -3.22
C ARG H 275 0.03 36.39 -2.38
N ILE H 276 -0.42 37.63 -2.51
CA ILE H 276 0.17 38.74 -1.75
C ILE H 276 -0.08 38.52 -0.27
N GLY H 277 0.97 38.64 0.53
CA GLY H 277 0.86 38.46 1.97
C GLY H 277 2.11 38.96 2.66
N ASP H 278 2.04 38.97 3.99
CA ASP H 278 3.18 39.43 4.78
C ASP H 278 4.39 38.51 4.62
N THR H 279 4.15 37.21 4.45
CA THR H 279 5.27 36.27 4.29
C THR H 279 6.08 36.60 3.05
N LEU H 280 5.41 36.89 1.94
CA LEU H 280 6.12 37.25 0.72
C LEU H 280 6.90 38.55 0.89
N GLN H 281 6.31 39.51 1.61
CA GLN H 281 7.01 40.76 1.86
C GLN H 281 8.27 40.53 2.68
N LYS H 282 8.18 39.71 3.73
CA LYS H 282 9.36 39.41 4.53
C LYS H 282 10.41 38.67 3.71
N HIS H 283 9.97 37.74 2.84
CA HIS H 283 10.91 37.02 1.99
C HIS H 283 11.63 37.98 1.05
N ILE H 284 10.89 38.92 0.44
CA ILE H 284 11.50 39.89 -0.46
C ILE H 284 12.49 40.77 0.30
N GLU H 285 12.12 41.21 1.51
CA GLU H 285 13.00 42.04 2.31
C GLU H 285 14.29 41.29 2.65
N SER H 286 14.16 40.02 3.06
CA SER H 286 15.35 39.24 3.39
C SER H 286 16.22 39.01 2.17
N VAL H 287 15.60 38.76 1.02
CA VAL H 287 16.37 38.54 -0.22
C VAL H 287 17.15 39.80 -0.58
N ILE H 288 16.50 40.97 -0.51
CA ILE H 288 17.18 42.20 -0.85
C ILE H 288 18.30 42.49 0.14
N ARG H 289 18.06 42.26 1.43
CA ARG H 289 19.11 42.51 2.42
C ARG H 289 20.30 41.57 2.23
N SER H 290 20.04 40.31 1.90
CA SER H 290 21.13 39.38 1.62
C SER H 290 21.89 39.80 0.36
N TYR H 291 21.17 40.30 -0.65
CA TYR H 291 21.84 40.78 -1.86
C TYR H 291 22.74 41.98 -1.53
N LEU H 292 22.30 42.84 -0.62
CA LEU H 292 23.15 43.96 -0.20
C LEU H 292 24.44 43.46 0.43
N ASN H 293 24.36 42.42 1.27
CA ASN H 293 25.54 41.79 1.84
C ASN H 293 26.19 40.88 0.80
N ASN H 294 27.37 40.38 1.16
CA ASN H 294 28.16 39.51 0.27
C ASN H 294 28.47 40.22 -1.05
N LEU H 295 28.74 41.52 -0.97
CA LEU H 295 29.05 42.35 -2.13
C LEU H 295 30.49 42.84 -2.00
N LYS H 296 31.26 42.71 -3.09
CA LYS H 296 32.65 43.10 -3.08
C LYS H 296 32.79 44.61 -2.99
N THR H 297 34.04 45.07 -2.92
CA THR H 297 34.35 46.49 -2.76
C THR H 297 34.58 47.14 -4.12
N SER H 298 34.33 48.44 -4.18
CA SER H 298 34.61 49.27 -5.36
C SER H 298 33.78 48.82 -6.56
N ASP H 299 32.46 48.81 -6.37
CA ASP H 299 31.50 48.57 -7.44
C ASP H 299 30.28 49.43 -7.21
N ASP H 300 29.80 50.07 -8.28
CA ASP H 300 28.64 50.95 -8.17
C ASP H 300 27.39 50.15 -7.84
N LEU H 301 26.44 50.83 -7.19
CA LEU H 301 25.17 50.22 -6.79
C LEU H 301 24.31 50.08 -8.04
N ILE H 302 24.62 49.06 -8.85
CA ILE H 302 23.87 48.81 -10.07
C ILE H 302 22.47 48.32 -9.72
N ILE H 303 21.47 48.91 -10.38
CA ILE H 303 20.08 48.54 -10.12
C ILE H 303 19.61 47.43 -11.04
N THR H 304 20.20 47.30 -12.24
CA THR H 304 19.80 46.26 -13.17
C THR H 304 20.05 44.87 -12.58
N ASP H 305 21.21 44.67 -11.97
CA ASP H 305 21.50 43.39 -11.34
C ASP H 305 20.58 43.15 -10.16
N LEU H 306 20.22 44.20 -9.42
CA LEU H 306 19.30 44.05 -8.30
C LEU H 306 17.93 43.54 -8.78
N ILE H 307 17.39 44.19 -9.81
CA ILE H 307 16.06 43.79 -10.29
C ILE H 307 16.12 42.41 -10.93
N GLN H 308 17.21 42.09 -11.63
CA GLN H 308 17.29 40.75 -12.23
C GLN H 308 17.45 39.67 -11.16
N ALA H 309 18.10 40.00 -10.03
CA ALA H 309 18.24 39.04 -8.94
C ALA H 309 16.91 38.81 -8.24
N ILE H 310 16.21 39.89 -7.90
CA ILE H 310 14.95 39.74 -7.18
C ILE H 310 13.89 39.12 -8.11
N MET H 311 13.90 39.48 -9.39
CA MET H 311 12.99 38.87 -10.34
C MET H 311 13.32 37.40 -10.60
N ASN H 312 14.54 36.97 -10.29
CA ASN H 312 14.90 35.57 -10.51
C ASN H 312 14.12 34.62 -9.60
N ILE H 313 13.53 35.12 -8.52
CA ILE H 313 12.75 34.26 -7.63
C ILE H 313 11.55 33.68 -8.37
N ASP H 314 10.85 34.51 -9.14
CA ASP H 314 9.71 34.04 -9.92
C ASP H 314 9.46 35.06 -11.02
N ASP H 315 9.64 34.65 -12.28
CA ASP H 315 9.44 35.56 -13.39
C ASP H 315 7.97 35.91 -13.58
N VAL H 316 7.09 34.93 -13.40
CA VAL H 316 5.68 35.13 -13.70
C VAL H 316 4.98 35.82 -12.52
N LEU H 317 5.23 35.36 -11.30
CA LEU H 317 4.54 35.92 -10.14
C LEU H 317 4.90 37.38 -9.94
N ILE H 318 6.18 37.72 -10.07
CA ILE H 318 6.66 39.09 -9.91
C ILE H 318 6.57 39.78 -11.26
N TYR H 319 5.86 40.92 -11.29
CA TYR H 319 5.56 41.61 -12.55
C TYR H 319 6.60 42.67 -12.87
N ASP H 320 6.78 43.65 -11.99
CA ASP H 320 7.67 44.76 -12.24
C ASP H 320 8.16 45.33 -10.92
N VAL H 321 9.32 45.99 -10.97
CA VAL H 321 9.93 46.65 -9.82
C VAL H 321 10.35 48.05 -10.23
N SER H 322 10.17 49.00 -9.31
CA SER H 322 10.54 50.40 -9.54
C SER H 322 11.12 50.96 -8.25
N PHE H 323 11.83 52.07 -8.40
CA PHE H 323 12.52 52.72 -7.28
C PHE H 323 12.29 54.22 -7.36
N ASP H 324 12.40 54.87 -6.20
CA ASP H 324 12.08 56.29 -6.05
C ASP H 324 13.30 57.19 -6.24
N ASN H 325 14.32 57.02 -5.40
CA ASN H 325 15.46 57.93 -5.34
C ASN H 325 16.75 57.34 -5.91
N LEU H 326 16.94 56.03 -5.84
CA LEU H 326 18.19 55.39 -6.23
C LEU H 326 18.13 54.83 -7.64
N ASP H 327 17.41 55.50 -8.55
CA ASP H 327 17.37 55.06 -9.94
C ASP H 327 18.76 55.13 -10.57
N GLU H 328 19.48 56.21 -10.32
CA GLU H 328 20.84 56.36 -10.84
C GLU H 328 21.81 55.53 -10.02
N ASN H 329 22.80 54.95 -10.68
CA ASN H 329 23.80 54.15 -9.99
C ASN H 329 24.65 55.03 -9.09
N ILE H 330 24.92 54.53 -7.89
CA ILE H 330 25.72 55.24 -6.89
C ILE H 330 27.17 54.77 -7.01
N ILE H 331 28.07 55.69 -7.32
CA ILE H 331 29.47 55.37 -7.46
C ILE H 331 30.10 55.28 -6.06
N VAL H 332 30.72 54.14 -5.77
CA VAL H 332 31.31 53.87 -4.46
C VAL H 332 32.81 54.17 -4.55
N PRO H 333 33.45 54.74 -3.53
CA PRO H 333 34.90 54.95 -3.60
C PRO H 333 35.64 53.64 -3.39
N PRO H 334 36.98 53.65 -3.52
CA PRO H 334 37.74 52.41 -3.28
C PRO H 334 37.57 51.85 -1.88
N GLN H 335 37.38 52.70 -0.88
CA GLN H 335 37.28 52.28 0.51
C GLN H 335 35.83 52.18 1.00
N GLY H 336 34.86 52.25 0.09
CA GLY H 336 33.45 52.18 0.43
C GLY H 336 32.87 50.83 0.04
N ILE H 337 32.03 50.27 0.93
CA ILE H 337 31.32 49.03 0.68
C ILE H 337 29.87 49.24 1.07
N ILE H 338 28.97 48.80 0.19
CA ILE H 338 27.52 48.95 0.39
C ILE H 338 27.03 47.65 1.02
N ARG H 339 26.94 47.63 2.35
CA ARG H 339 26.45 46.49 3.11
C ARG H 339 25.17 46.80 3.86
N ALA H 340 25.16 47.87 4.64
CA ALA H 340 24.00 48.23 5.44
C ALA H 340 22.92 48.88 4.58
N GLY H 341 21.72 48.96 5.13
CA GLY H 341 20.60 49.58 4.45
C GLY H 341 19.27 49.06 4.93
N GLU H 342 18.30 49.96 5.12
CA GLU H 342 16.96 49.61 5.56
C GLU H 342 16.05 49.52 4.35
N ILE H 343 15.29 48.42 4.27
CA ILE H 343 14.43 48.11 3.14
C ILE H 343 12.98 48.22 3.58
N LYS H 344 12.21 49.03 2.87
CA LYS H 344 10.77 49.17 3.07
C LYS H 344 10.06 48.82 1.78
N VAL H 345 9.16 47.85 1.84
CA VAL H 345 8.43 47.39 0.67
C VAL H 345 7.11 48.15 0.58
N GLU H 346 6.86 48.76 -0.57
CA GLU H 346 5.64 49.52 -0.85
C GLU H 346 4.95 48.87 -2.04
N LEU H 347 4.13 47.85 -1.77
CA LEU H 347 3.42 47.17 -2.84
C LEU H 347 2.35 48.08 -3.43
N LYS H 348 2.24 48.04 -4.76
CA LYS H 348 1.29 48.89 -5.47
C LYS H 348 -0.13 48.31 -5.37
N LYS I 2 -29.49 -12.70 -13.78
CA LYS I 2 -29.55 -12.43 -15.24
C LYS I 2 -29.54 -13.73 -16.04
N THR I 3 -28.56 -14.59 -15.75
CA THR I 3 -28.38 -15.86 -16.43
C THR I 3 -28.23 -16.97 -15.40
N ARG I 4 -28.73 -18.16 -15.74
CA ARG I 4 -28.71 -19.31 -14.87
C ARG I 4 -27.52 -20.20 -15.22
N LYS I 5 -27.37 -21.29 -14.46
CA LYS I 5 -26.29 -22.25 -14.62
C LYS I 5 -26.86 -23.65 -14.80
N LEU I 6 -25.98 -24.60 -15.06
CA LEU I 6 -26.42 -25.98 -15.29
C LEU I 6 -27.06 -26.56 -14.03
N THR I 7 -26.37 -26.46 -12.88
CA THR I 7 -26.91 -27.00 -11.64
C THR I 7 -28.17 -26.26 -11.23
N ASN I 8 -28.19 -24.93 -11.39
CA ASN I 8 -29.34 -24.14 -10.98
C ASN I 8 -30.61 -24.53 -11.72
N ILE I 9 -30.48 -24.97 -12.97
CA ILE I 9 -31.62 -25.42 -13.76
C ILE I 9 -31.95 -26.88 -13.47
N LEU I 10 -30.92 -27.73 -13.39
CA LEU I 10 -31.15 -29.16 -13.21
C LEU I 10 -31.79 -29.45 -11.86
N SER I 11 -31.33 -28.78 -10.80
CA SER I 11 -31.89 -29.02 -9.47
C SER I 11 -33.34 -28.60 -9.40
N LYS I 12 -33.68 -27.44 -9.99
CA LYS I 12 -35.08 -27.02 -10.02
C LYS I 12 -35.93 -27.97 -10.84
N LEU I 13 -35.39 -28.47 -11.96
CA LEU I 13 -36.13 -29.45 -12.75
C LEU I 13 -36.41 -30.71 -11.95
N ILE I 14 -35.41 -31.20 -11.21
CA ILE I 14 -35.60 -32.41 -10.42
C ILE I 14 -36.60 -32.16 -9.29
N ASP I 15 -36.53 -30.99 -8.67
CA ASP I 15 -37.48 -30.66 -7.59
C ASP I 15 -38.91 -30.62 -8.12
N LYS I 16 -39.11 -29.98 -9.29
CA LYS I 16 -40.44 -29.93 -9.87
C LYS I 16 -40.92 -31.33 -10.26
N THR I 17 -40.01 -32.16 -10.78
CA THR I 17 -40.37 -33.53 -11.15
C THR I 17 -40.82 -34.32 -9.93
N MET I 18 -40.09 -34.19 -8.82
CA MET I 18 -40.48 -34.90 -7.61
C MET I 18 -41.80 -34.37 -7.07
N ALA I 19 -42.00 -33.05 -7.08
CA ALA I 19 -43.20 -32.47 -6.52
C ALA I 19 -44.44 -32.85 -7.33
N GLY I 20 -44.33 -32.81 -8.66
CA GLY I 20 -45.51 -33.03 -9.49
C GLY I 20 -46.07 -34.43 -9.40
N THR I 21 -45.19 -35.44 -9.39
CA THR I 21 -45.59 -36.83 -9.44
C THR I 21 -44.88 -37.63 -8.36
N SER I 22 -45.55 -38.69 -7.88
CA SER I 22 -44.99 -39.62 -6.92
C SER I 22 -44.49 -40.91 -7.56
N LYS I 23 -44.58 -41.04 -8.88
CA LYS I 23 -44.20 -42.28 -9.56
C LYS I 23 -42.70 -42.41 -9.80
N ILE I 24 -41.93 -41.33 -9.65
CA ILE I 24 -40.50 -41.33 -9.90
C ILE I 24 -39.79 -40.92 -8.60
N THR I 25 -38.81 -41.74 -8.19
CA THR I 25 -38.00 -41.46 -7.02
C THR I 25 -36.50 -41.68 -7.23
N ASP I 26 -36.10 -42.33 -8.32
CA ASP I 26 -34.70 -42.63 -8.59
C ASP I 26 -34.12 -41.56 -9.51
N PHE I 27 -32.97 -41.02 -9.14
CA PHE I 27 -32.26 -40.02 -9.94
C PHE I 27 -30.78 -40.33 -9.97
N THR I 28 -30.43 -41.60 -10.11
CA THR I 28 -29.04 -42.01 -10.18
C THR I 28 -28.44 -41.67 -11.54
N PRO I 29 -27.10 -41.66 -11.65
CA PRO I 29 -26.50 -41.43 -12.97
C PRO I 29 -26.90 -42.52 -13.96
N GLY I 30 -27.04 -42.11 -15.22
CA GLY I 30 -27.44 -43.02 -16.28
C GLY I 30 -28.93 -43.20 -16.43
N SER I 31 -29.74 -42.62 -15.56
CA SER I 31 -31.19 -42.72 -15.69
C SER I 31 -31.67 -41.98 -16.92
N ALA I 32 -32.71 -42.52 -17.56
CA ALA I 32 -33.27 -41.88 -18.74
C ALA I 32 -33.85 -40.51 -18.39
N SER I 33 -34.59 -40.43 -17.29
CA SER I 33 -35.15 -39.15 -16.87
C SER I 33 -34.04 -38.16 -16.53
N ARG I 34 -33.02 -38.60 -15.80
CA ARG I 34 -31.93 -37.72 -15.45
C ARG I 34 -31.16 -37.28 -16.70
N SER I 35 -30.96 -38.20 -17.65
CA SER I 35 -30.29 -37.84 -18.89
C SER I 35 -31.08 -36.80 -19.67
N LEU I 36 -32.40 -36.98 -19.75
CA LEU I 36 -33.24 -36.01 -20.45
C LEU I 36 -33.18 -34.65 -19.77
N LEU I 37 -33.27 -34.62 -18.44
CA LEU I 37 -33.20 -33.35 -17.72
C LEU I 37 -31.86 -32.68 -17.90
N GLU I 38 -30.77 -33.46 -17.87
CA GLU I 38 -29.45 -32.89 -18.08
C GLU I 38 -29.30 -32.31 -19.48
N ALA I 39 -29.81 -33.02 -20.49
CA ALA I 39 -29.76 -32.50 -21.85
C ALA I 39 -30.56 -31.21 -21.98
N VAL I 40 -31.74 -31.17 -21.39
CA VAL I 40 -32.57 -29.96 -21.45
C VAL I 40 -31.87 -28.80 -20.76
N SER I 41 -31.27 -29.07 -19.59
CA SER I 41 -30.57 -28.02 -18.86
C SER I 41 -29.37 -27.50 -19.66
N LEU I 42 -28.63 -28.41 -20.29
CA LEU I 42 -27.48 -28.01 -21.10
C LEU I 42 -27.91 -27.15 -22.28
N GLU I 43 -28.99 -27.54 -22.94
CA GLU I 43 -29.47 -26.76 -24.09
C GLU I 43 -29.99 -25.40 -23.64
N ILE I 44 -30.65 -25.34 -22.48
CA ILE I 44 -31.12 -24.06 -21.97
C ILE I 44 -29.94 -23.18 -21.60
N GLU I 45 -28.86 -23.76 -21.06
CA GLU I 45 -27.66 -22.99 -20.77
C GLU I 45 -27.03 -22.46 -22.06
N GLN I 46 -27.04 -23.27 -23.12
CA GLN I 46 -26.55 -22.80 -24.42
C GLN I 46 -27.37 -21.62 -24.91
N PHE I 47 -28.70 -21.69 -24.77
CA PHE I 47 -29.55 -20.56 -25.16
C PHE I 47 -29.26 -19.34 -24.31
N TYR I 48 -29.03 -19.53 -23.01
CA TYR I 48 -28.69 -18.40 -22.14
C TYR I 48 -27.40 -17.74 -22.58
N ILE I 49 -26.38 -18.52 -22.91
CA ILE I 49 -25.11 -17.96 -23.34
C ILE I 49 -25.26 -17.26 -24.69
N LEU I 50 -26.10 -17.83 -25.58
CA LEU I 50 -26.38 -17.17 -26.84
C LEU I 50 -27.03 -15.81 -26.61
N THR I 51 -28.00 -15.74 -25.69
CA THR I 51 -28.65 -14.47 -25.38
C THR I 51 -27.65 -13.48 -24.79
N LYS I 52 -26.77 -13.95 -23.91
CA LYS I 52 -25.78 -13.07 -23.31
C LYS I 52 -24.83 -12.51 -24.36
N GLU I 53 -24.35 -13.37 -25.26
CA GLU I 53 -23.45 -12.89 -26.32
C GLU I 53 -24.15 -11.92 -27.25
N ASN I 54 -25.40 -12.20 -27.59
CA ASN I 54 -26.16 -11.30 -28.46
C ASN I 54 -26.34 -9.94 -27.78
N ILE I 55 -26.64 -9.95 -26.48
CA ILE I 55 -26.82 -8.68 -25.76
C ILE I 55 -25.50 -7.92 -25.68
N ASP I 56 -24.39 -8.64 -25.50
CA ASP I 56 -23.08 -7.98 -25.49
C ASP I 56 -22.80 -7.33 -26.84
N TRP I 57 -23.10 -8.05 -27.93
CA TRP I 57 -22.91 -7.46 -29.26
C TRP I 57 -23.79 -6.24 -29.45
N GLY I 58 -25.04 -6.31 -28.97
CA GLY I 58 -25.92 -5.16 -29.08
C GLY I 58 -25.40 -3.96 -28.31
N ILE I 59 -24.89 -4.20 -27.10
CA ILE I 59 -24.29 -3.12 -26.31
C ILE I 59 -23.11 -2.52 -27.05
N GLN I 60 -22.27 -3.37 -27.64
CA GLN I 60 -21.06 -2.88 -28.28
C GLN I 60 -21.37 -2.06 -29.53
N GLU I 61 -22.28 -2.54 -30.38
CA GLU I 61 -22.44 -2.00 -31.73
C GLU I 61 -23.85 -1.54 -32.06
N GLY I 62 -24.88 -2.22 -31.56
CA GLY I 62 -26.22 -2.01 -32.08
C GLY I 62 -26.77 -0.63 -31.82
N ILE I 63 -26.52 -0.09 -30.62
CA ILE I 63 -27.15 1.17 -30.23
C ILE I 63 -26.62 2.32 -31.08
N ILE I 64 -25.34 2.29 -31.44
CA ILE I 64 -24.75 3.36 -32.25
C ILE I 64 -24.90 3.10 -33.74
N GLU I 65 -25.04 1.84 -34.16
CA GLU I 65 -25.10 1.52 -35.59
C GLU I 65 -26.33 2.11 -36.27
N ALA I 66 -27.35 2.51 -35.50
CA ALA I 66 -28.56 3.09 -36.10
C ALA I 66 -28.27 4.42 -36.79
N PHE I 67 -27.16 5.09 -36.47
CA PHE I 67 -26.82 6.37 -37.08
C PHE I 67 -26.01 6.23 -38.36
N ASP I 68 -26.11 5.09 -39.04
CA ASP I 68 -25.46 4.77 -40.31
C ASP I 68 -23.97 4.48 -40.17
N PHE I 69 -23.39 4.61 -38.97
CA PHE I 69 -21.98 4.31 -38.78
C PHE I 69 -21.79 2.81 -38.60
N GLN I 70 -20.86 2.24 -39.37
CA GLN I 70 -20.58 0.81 -39.37
C GLN I 70 -19.18 0.56 -38.84
N LYS I 71 -19.05 -0.45 -37.97
CA LYS I 71 -17.78 -0.81 -37.37
C LYS I 71 -17.00 -1.73 -38.30
N ARG I 72 -15.68 -1.60 -38.26
CA ARG I 72 -14.79 -2.42 -39.08
C ARG I 72 -14.52 -3.75 -38.38
N GLN I 73 -14.80 -4.85 -39.07
CA GLN I 73 -14.64 -6.19 -38.55
C GLN I 73 -13.57 -6.93 -39.34
N SER I 74 -12.63 -7.54 -38.64
CA SER I 74 -11.59 -8.31 -39.31
C SER I 74 -12.19 -9.52 -40.00
N LYS I 75 -11.79 -9.75 -41.26
CA LYS I 75 -12.31 -10.86 -42.04
C LYS I 75 -11.22 -11.33 -43.00
N ARG I 76 -11.37 -12.57 -43.45
CA ARG I 76 -10.44 -13.12 -44.41
C ARG I 76 -10.61 -12.47 -45.77
N ALA I 77 -9.49 -12.17 -46.43
CA ALA I 77 -9.54 -11.64 -47.79
C ALA I 77 -10.06 -12.71 -48.73
N TYR I 78 -10.90 -12.29 -49.68
CA TYR I 78 -11.55 -13.22 -50.59
C TYR I 78 -11.80 -12.53 -51.93
N GLY I 79 -12.00 -13.35 -52.95
CA GLY I 79 -12.31 -12.84 -54.28
C GLY I 79 -12.43 -13.99 -55.26
N ASP I 80 -12.81 -13.64 -56.47
CA ASP I 80 -13.01 -14.63 -57.52
C ASP I 80 -11.68 -14.98 -58.19
N VAL I 81 -11.48 -16.27 -58.46
CA VAL I 81 -10.28 -16.78 -59.10
C VAL I 81 -10.71 -17.65 -60.27
N THR I 82 -10.11 -17.41 -61.43
CA THR I 82 -10.43 -18.12 -62.66
C THR I 82 -9.36 -19.17 -62.95
N ILE I 83 -9.78 -20.33 -63.45
CA ILE I 83 -8.90 -21.44 -63.77
C ILE I 83 -9.12 -21.82 -65.22
N GLN I 84 -8.03 -21.99 -65.96
CA GLN I 84 -8.06 -22.36 -67.37
C GLN I 84 -7.45 -23.75 -67.56
N PHE I 85 -8.09 -24.55 -68.40
CA PHE I 85 -7.65 -25.90 -68.70
C PHE I 85 -6.95 -25.96 -70.04
N TYR I 86 -6.08 -26.96 -70.20
CA TYR I 86 -5.39 -27.15 -71.47
C TYR I 86 -6.38 -27.46 -72.60
N GLN I 87 -7.32 -28.35 -72.33
CA GLN I 87 -8.32 -28.80 -73.29
C GLN I 87 -9.66 -28.86 -72.58
N PRO I 88 -10.77 -28.93 -73.33
CA PRO I 88 -12.07 -29.11 -72.68
C PRO I 88 -12.13 -30.41 -71.88
N LEU I 89 -12.83 -30.34 -70.75
CA LEU I 89 -12.94 -31.51 -69.88
C LEU I 89 -13.73 -32.62 -70.55
N ASP I 90 -13.40 -33.86 -70.17
CA ASP I 90 -14.12 -35.05 -70.60
C ASP I 90 -14.84 -35.77 -69.48
N MET I 91 -14.48 -35.52 -68.22
CA MET I 91 -15.14 -36.13 -67.07
C MET I 91 -15.25 -35.09 -65.96
N ARG I 92 -16.21 -35.30 -65.07
CA ARG I 92 -16.42 -34.38 -63.96
C ARG I 92 -15.23 -34.43 -63.01
N MET I 93 -14.68 -33.26 -62.69
CA MET I 93 -13.48 -33.15 -61.89
C MET I 93 -13.81 -32.80 -60.45
N TYR I 94 -12.98 -33.30 -59.53
CA TYR I 94 -13.17 -33.13 -58.10
C TYR I 94 -12.17 -32.10 -57.59
N ILE I 95 -12.66 -31.08 -56.89
CA ILE I 95 -11.83 -30.04 -56.29
C ILE I 95 -12.22 -29.95 -54.81
N PRO I 96 -11.71 -30.82 -53.94
CA PRO I 96 -12.10 -30.75 -52.52
C PRO I 96 -11.60 -29.48 -51.86
N ALA I 97 -12.26 -29.13 -50.76
CA ALA I 97 -11.91 -27.93 -50.02
C ALA I 97 -10.51 -28.06 -49.42
N GLY I 98 -9.93 -26.90 -49.10
CA GLY I 98 -8.58 -26.86 -48.58
C GLY I 98 -7.49 -26.86 -49.63
N THR I 99 -7.84 -26.71 -50.91
CA THR I 99 -6.85 -26.67 -51.97
C THR I 99 -5.93 -25.47 -51.79
N THR I 100 -4.67 -25.71 -51.46
CA THR I 100 -3.74 -24.64 -51.18
C THR I 100 -3.36 -23.92 -52.46
N PHE I 101 -3.23 -22.59 -52.36
CA PHE I 101 -2.76 -21.74 -53.46
C PHE I 101 -1.55 -20.96 -52.99
N THR I 102 -0.54 -20.87 -53.86
CA THR I 102 0.71 -20.17 -53.57
C THR I 102 1.08 -19.26 -54.73
N SER I 103 1.80 -18.19 -54.42
CA SER I 103 2.24 -17.21 -55.40
C SER I 103 3.69 -17.45 -55.74
N THR I 104 3.98 -17.58 -57.04
CA THR I 104 5.35 -17.77 -57.49
C THR I 104 6.17 -16.49 -57.45
N ARG I 105 5.54 -15.33 -57.38
CA ARG I 105 6.27 -14.09 -57.28
C ARG I 105 7.08 -14.04 -56.00
N GLN I 106 8.33 -13.60 -56.11
CA GLN I 106 9.22 -13.58 -54.95
C GLN I 106 8.78 -12.54 -53.91
N GLU I 107 8.12 -11.47 -54.35
CA GLU I 107 7.74 -10.38 -53.46
C GLU I 107 6.41 -10.62 -52.76
N TYR I 108 5.73 -11.74 -53.03
CA TYR I 108 4.40 -12.03 -52.49
C TYR I 108 4.38 -13.44 -51.90
N PRO I 109 4.74 -13.58 -50.62
CA PRO I 109 4.61 -14.89 -49.96
C PRO I 109 3.19 -15.25 -49.53
N GLN I 110 2.16 -14.53 -49.99
CA GLN I 110 0.80 -14.79 -49.56
C GLN I 110 0.32 -16.15 -50.08
N GLN I 111 -0.66 -16.71 -49.37
CA GLN I 111 -1.25 -18.00 -49.71
C GLN I 111 -2.75 -17.92 -49.52
N PHE I 112 -3.48 -18.77 -50.25
CA PHE I 112 -4.93 -18.80 -50.21
C PHE I 112 -5.39 -20.25 -50.23
N GLU I 113 -6.65 -20.46 -49.82
CA GLU I 113 -7.23 -21.79 -49.77
C GLU I 113 -8.73 -21.69 -49.96
N THR I 114 -9.34 -22.81 -50.35
CA THR I 114 -10.77 -22.90 -50.59
C THR I 114 -11.46 -23.47 -49.36
N LEU I 115 -12.58 -22.87 -48.99
CA LEU I 115 -13.34 -23.28 -47.80
C LEU I 115 -14.30 -24.43 -48.09
N VAL I 116 -14.92 -24.44 -49.27
CA VAL I 116 -15.96 -25.39 -49.63
C VAL I 116 -15.58 -26.07 -50.94
N ASP I 117 -16.14 -27.25 -51.15
CA ASP I 117 -15.84 -28.04 -52.33
C ASP I 117 -16.46 -27.42 -53.58
N TYR I 118 -15.84 -27.70 -54.72
CA TYR I 118 -16.35 -27.26 -56.01
C TYR I 118 -16.15 -28.39 -57.02
N TYR I 119 -16.95 -28.36 -58.08
CA TYR I 119 -16.91 -29.38 -59.12
C TYR I 119 -17.03 -28.72 -60.49
N ALA I 120 -16.28 -29.25 -61.45
CA ALA I 120 -16.30 -28.79 -62.84
C ALA I 120 -16.99 -29.85 -63.68
N GLU I 121 -18.02 -29.45 -64.41
CA GLU I 121 -18.77 -30.40 -65.22
C GLU I 121 -17.94 -30.83 -66.42
N PRO I 122 -18.26 -31.98 -67.03
CA PRO I 122 -17.52 -32.40 -68.23
C PRO I 122 -17.62 -31.40 -69.37
N ASP I 123 -18.78 -30.78 -69.56
CA ASP I 123 -18.96 -29.85 -70.67
C ASP I 123 -18.26 -28.52 -70.44
N SER I 124 -18.08 -28.12 -69.18
CA SER I 124 -17.46 -26.84 -68.89
C SER I 124 -15.98 -26.86 -69.26
N THR I 125 -15.45 -25.67 -69.55
CA THR I 125 -14.04 -25.48 -69.89
C THR I 125 -13.37 -24.36 -69.11
N GLU I 126 -14.12 -23.51 -68.41
CA GLU I 126 -13.57 -22.42 -67.62
C GLU I 126 -14.44 -22.26 -66.38
N ILE I 127 -13.82 -22.36 -65.21
CA ILE I 127 -14.51 -22.37 -63.92
C ILE I 127 -13.96 -21.26 -63.04
N VAL I 128 -14.84 -20.58 -62.32
CA VAL I 128 -14.48 -19.54 -61.37
C VAL I 128 -14.75 -20.06 -59.97
N VAL I 129 -13.72 -20.05 -59.13
CA VAL I 129 -13.81 -20.55 -57.76
C VAL I 129 -13.26 -19.49 -56.81
N GLU I 130 -13.94 -19.30 -55.69
CA GLU I 130 -13.51 -18.35 -54.67
C GLU I 130 -12.47 -18.99 -53.77
N VAL I 131 -11.54 -18.16 -53.28
CA VAL I 131 -10.50 -18.59 -52.37
C VAL I 131 -10.45 -17.60 -51.20
N TYR I 132 -9.91 -18.07 -50.08
CA TYR I 132 -9.79 -17.29 -48.86
C TYR I 132 -8.36 -17.37 -48.35
N CYS I 133 -7.83 -16.22 -47.91
CA CYS I 133 -6.47 -16.17 -47.42
C CYS I 133 -6.31 -16.95 -46.13
N LYS I 134 -5.12 -17.50 -45.93
CA LYS I 134 -4.80 -18.23 -44.70
C LYS I 134 -4.55 -17.31 -43.51
N GLU I 135 -4.39 -16.01 -43.74
CA GLU I 135 -4.12 -15.04 -42.69
C GLU I 135 -5.11 -13.90 -42.77
N THR I 136 -5.40 -13.31 -41.61
CA THR I 136 -6.35 -12.20 -41.52
C THR I 136 -5.65 -10.87 -41.76
N GLY I 137 -6.45 -9.80 -41.83
CA GLY I 137 -5.90 -8.47 -42.01
C GLY I 137 -5.57 -8.17 -43.46
N VAL I 138 -4.76 -7.11 -43.64
CA VAL I 138 -4.36 -6.64 -44.96
C VAL I 138 -3.28 -7.52 -45.57
N ALA I 139 -2.77 -8.50 -44.80
CA ALA I 139 -1.76 -9.39 -45.35
C ALA I 139 -2.27 -10.21 -46.52
N GLY I 140 -3.57 -10.50 -46.55
CA GLY I 140 -4.15 -11.25 -47.65
C GLY I 140 -4.35 -10.46 -48.93
N ASN I 141 -4.24 -9.13 -48.87
CA ASN I 141 -4.39 -8.32 -50.07
C ASN I 141 -3.26 -8.62 -51.04
N VAL I 142 -3.58 -8.59 -52.33
CA VAL I 142 -2.61 -8.92 -53.38
C VAL I 142 -3.08 -8.29 -54.70
N PRO I 143 -2.18 -7.79 -55.57
CA PRO I 143 -2.64 -7.27 -56.86
C PRO I 143 -3.11 -8.37 -57.81
N GLU I 144 -3.61 -7.98 -58.97
CA GLU I 144 -4.15 -8.94 -59.93
C GLU I 144 -3.04 -9.80 -60.51
N GLY I 145 -3.35 -11.08 -60.72
CA GLY I 145 -2.41 -11.99 -61.36
C GLY I 145 -1.14 -12.21 -60.56
N THR I 146 -1.27 -12.86 -59.41
CA THR I 146 -0.14 -13.08 -58.51
C THR I 146 0.01 -14.56 -58.12
N ILE I 147 -1.09 -15.30 -58.12
CA ILE I 147 -1.05 -16.68 -57.67
C ILE I 147 -0.30 -17.56 -58.67
N ASN I 148 -0.84 -17.70 -59.87
CA ASN I 148 -0.17 -18.33 -61.02
C ASN I 148 0.06 -19.82 -60.84
N THR I 149 -0.39 -20.43 -59.73
CA THR I 149 -0.11 -21.83 -59.46
C THR I 149 -1.21 -22.42 -58.59
N ILE I 150 -1.26 -23.75 -58.56
CA ILE I 150 -2.20 -24.50 -57.72
C ILE I 150 -1.44 -25.67 -57.11
N ALA I 151 -1.73 -25.96 -55.84
CA ALA I 151 -1.02 -27.00 -55.12
C ALA I 151 -1.49 -28.42 -55.46
N SER I 152 -2.66 -28.57 -56.10
CA SER I 152 -3.14 -29.90 -56.43
C SER I 152 -2.25 -30.60 -57.44
N GLY I 153 -1.62 -29.83 -58.34
CA GLY I 153 -0.74 -30.43 -59.33
C GLY I 153 -1.45 -31.18 -60.43
N SER I 154 -2.73 -30.90 -60.66
CA SER I 154 -3.46 -31.58 -61.71
C SER I 154 -2.91 -31.19 -63.08
N SER I 155 -2.79 -32.18 -63.97
CA SER I 155 -2.26 -31.94 -65.30
C SER I 155 -3.25 -31.23 -66.22
N LEU I 156 -4.55 -31.26 -65.89
CA LEU I 156 -5.53 -30.60 -66.75
C LEU I 156 -5.50 -29.09 -66.62
N ILE I 157 -5.17 -28.58 -65.43
CA ILE I 157 -5.19 -27.15 -65.20
C ILE I 157 -4.00 -26.50 -65.91
N ARG I 158 -4.29 -25.47 -66.70
CA ARG I 158 -3.25 -24.76 -67.45
C ARG I 158 -2.68 -23.59 -66.63
N SER I 159 -3.54 -22.67 -66.22
CA SER I 159 -3.09 -21.50 -65.45
C SER I 159 -4.23 -21.04 -64.56
N VAL I 160 -3.86 -20.34 -63.49
CA VAL I 160 -4.81 -19.80 -62.52
C VAL I 160 -4.39 -18.37 -62.20
N ASN I 161 -5.39 -17.48 -62.10
CA ASN I 161 -5.13 -16.08 -61.79
C ASN I 161 -6.40 -15.45 -61.26
N ASN I 162 -6.25 -14.55 -60.28
CA ASN I 162 -7.37 -13.82 -59.73
C ASN I 162 -7.64 -12.58 -60.59
N GLU I 163 -8.90 -12.43 -61.02
CA GLU I 163 -9.24 -11.37 -61.94
C GLU I 163 -9.23 -10.00 -61.28
N TYR I 164 -9.50 -9.94 -59.97
CA TYR I 164 -9.57 -8.69 -59.22
C TYR I 164 -8.75 -8.81 -57.95
N SER I 165 -8.16 -7.68 -57.55
CA SER I 165 -7.36 -7.64 -56.33
C SER I 165 -8.25 -7.81 -55.10
N PHE I 166 -7.69 -8.46 -54.08
CA PHE I 166 -8.39 -8.69 -52.83
C PHE I 166 -8.19 -7.50 -51.90
N ASN I 167 -9.31 -6.91 -51.44
CA ASN I 167 -9.25 -5.73 -50.60
C ASN I 167 -10.20 -5.82 -49.40
N THR I 168 -10.75 -6.99 -49.10
CA THR I 168 -11.70 -7.14 -48.00
C THR I 168 -11.04 -7.52 -46.68
N GLY I 169 -9.71 -7.59 -46.64
CA GLY I 169 -9.02 -7.92 -45.40
C GLY I 169 -8.93 -6.73 -44.46
N THR I 170 -10.07 -6.35 -43.88
CA THR I 170 -10.13 -5.17 -43.03
C THR I 170 -9.32 -5.39 -41.75
N LYS I 171 -8.73 -4.30 -41.26
CA LYS I 171 -7.95 -4.35 -40.04
C LYS I 171 -8.86 -4.40 -38.82
N GLU I 172 -8.25 -4.59 -37.66
CA GLU I 172 -8.95 -4.63 -36.38
C GLU I 172 -8.82 -3.28 -35.70
N GLU I 173 -9.96 -2.63 -35.46
CA GLU I 173 -10.01 -1.34 -34.79
C GLU I 173 -10.80 -1.49 -33.49
N SER I 174 -10.22 -1.05 -32.39
CA SER I 174 -10.91 -1.10 -31.11
C SER I 174 -12.04 -0.06 -31.08
N GLN I 175 -13.03 -0.33 -30.22
CA GLN I 175 -14.19 0.55 -30.14
C GLN I 175 -13.88 1.90 -29.52
N GLU I 176 -12.69 2.09 -28.94
CA GLU I 176 -12.35 3.38 -28.35
C GLU I 176 -12.34 4.49 -29.40
N ASP I 177 -11.72 4.22 -30.56
CA ASP I 177 -11.67 5.22 -31.61
C ASP I 177 -13.06 5.51 -32.16
N PHE I 178 -13.89 4.47 -32.31
CA PHE I 178 -15.25 4.66 -32.80
C PHE I 178 -16.06 5.51 -31.83
N LYS I 179 -15.95 5.23 -30.53
CA LYS I 179 -16.65 6.03 -29.54
C LYS I 179 -16.15 7.47 -29.53
N ARG I 180 -14.84 7.66 -29.67
CA ARG I 180 -14.29 9.02 -29.70
C ARG I 180 -14.80 9.80 -30.90
N ARG I 181 -14.84 9.17 -32.08
CA ARG I 181 -15.30 9.87 -33.26
C ARG I 181 -16.80 10.16 -33.17
N PHE I 182 -17.58 9.23 -32.60
CA PHE I 182 -18.99 9.47 -32.41
C PHE I 182 -19.23 10.64 -31.45
N HIS I 183 -18.47 10.69 -30.35
CA HIS I 183 -18.61 11.79 -29.41
C HIS I 183 -18.20 13.12 -30.04
N SER I 184 -17.14 13.10 -30.84
CA SER I 184 -16.72 14.33 -31.54
C SER I 184 -17.80 14.79 -32.51
N PHE I 185 -18.43 13.86 -33.22
CA PHE I 185 -19.53 14.22 -34.10
C PHE I 185 -20.70 14.80 -33.30
N VAL I 186 -20.99 14.21 -32.14
CA VAL I 186 -22.10 14.71 -31.32
C VAL I 186 -21.80 16.11 -30.82
N GLU I 187 -20.57 16.35 -30.36
CA GLU I 187 -20.22 17.65 -29.80
C GLU I 187 -20.21 18.75 -30.87
N SER I 188 -19.91 18.40 -32.12
CA SER I 188 -19.85 19.40 -33.18
C SER I 188 -21.22 19.99 -33.50
N ARG I 189 -22.31 19.32 -33.13
CA ARG I 189 -23.65 19.81 -33.42
C ARG I 189 -24.11 20.88 -32.44
N GLY I 190 -23.35 21.17 -31.39
CA GLY I 190 -23.76 22.20 -30.45
C GLY I 190 -23.79 23.56 -31.12
N ARG I 191 -24.75 24.39 -30.68
CA ARG I 191 -24.97 25.72 -31.24
C ARG I 191 -24.96 26.74 -30.11
N ALA I 192 -24.53 27.96 -30.45
CA ALA I 192 -24.49 29.07 -29.49
C ALA I 192 -23.60 28.74 -28.30
N THR I 193 -22.36 28.36 -28.59
CA THR I 193 -21.37 28.05 -27.56
C THR I 193 -20.01 28.58 -28.03
N ASN I 194 -19.18 28.97 -27.05
CA ASN I 194 -17.87 29.52 -27.36
C ASN I 194 -17.01 28.51 -28.10
N LYS I 195 -16.95 27.28 -27.60
CA LYS I 195 -16.14 26.25 -28.24
C LYS I 195 -16.68 25.88 -29.61
N SER I 196 -18.01 25.79 -29.74
CA SER I 196 -18.61 25.48 -31.03
C SER I 196 -18.34 26.60 -32.04
N VAL I 197 -18.44 27.85 -31.59
CA VAL I 197 -18.17 28.97 -32.49
C VAL I 197 -16.70 28.98 -32.91
N ARG I 198 -15.80 28.67 -31.97
CA ARG I 198 -14.38 28.60 -32.32
C ARG I 198 -14.13 27.48 -33.33
N TYR I 199 -14.78 26.33 -33.14
CA TYR I 199 -14.62 25.23 -34.08
C TYR I 199 -15.16 25.59 -35.46
N GLY I 200 -16.28 26.32 -35.50
CA GLY I 200 -16.86 26.68 -36.79
C GLY I 200 -15.99 27.59 -37.62
N ALA I 201 -15.12 28.37 -36.97
CA ALA I 201 -14.21 29.25 -37.69
C ALA I 201 -13.05 28.50 -38.33
N LEU I 202 -12.77 27.27 -37.91
CA LEU I 202 -11.63 26.52 -38.43
C LEU I 202 -11.90 25.90 -39.79
N GLN I 203 -13.13 25.96 -40.31
CA GLN I 203 -13.42 25.38 -41.60
C GLN I 203 -12.66 26.10 -42.72
N ILE I 204 -12.55 27.42 -42.62
CA ILE I 204 -11.78 28.17 -43.62
C ILE I 204 -10.30 27.80 -43.50
N PRO I 205 -9.61 27.48 -44.60
CA PRO I 205 -8.18 27.12 -44.46
C PRO I 205 -7.33 28.23 -43.88
N ASP I 206 -7.62 29.49 -44.19
CA ASP I 206 -6.78 30.60 -43.76
C ASP I 206 -7.01 31.00 -42.31
N VAL I 207 -8.10 30.56 -41.68
CA VAL I 207 -8.41 30.92 -40.30
C VAL I 207 -7.71 29.89 -39.40
N GLU I 208 -6.58 30.30 -38.81
CA GLU I 208 -5.78 29.43 -37.95
C GLU I 208 -5.75 29.93 -36.51
N GLY I 209 -5.37 31.18 -36.27
CA GLY I 209 -5.21 31.69 -34.93
C GLY I 209 -6.45 32.32 -34.34
N VAL I 210 -7.45 31.52 -34.03
CA VAL I 210 -8.71 32.02 -33.48
C VAL I 210 -8.55 32.21 -31.97
N TYR I 211 -8.91 33.40 -31.49
CA TYR I 211 -8.90 33.74 -30.08
C TYR I 211 -10.30 34.18 -29.68
N VAL I 212 -10.82 33.61 -28.59
CA VAL I 212 -12.19 33.85 -28.15
C VAL I 212 -12.20 34.97 -27.13
N TYR I 213 -13.08 35.95 -27.34
CA TYR I 213 -13.30 37.04 -26.40
C TYR I 213 -14.80 37.24 -26.24
N GLU I 214 -15.21 37.70 -25.06
CA GLU I 214 -16.61 37.86 -24.70
C GLU I 214 -16.86 39.27 -24.21
N GLU I 215 -18.03 39.80 -24.56
CA GLU I 215 -18.46 41.11 -24.07
C GLU I 215 -19.95 41.25 -24.35
N THR I 216 -20.73 41.55 -23.31
CA THR I 216 -22.17 41.66 -23.46
C THR I 216 -22.54 42.81 -24.39
N GLY I 217 -21.85 43.95 -24.27
CA GLY I 217 -22.17 45.09 -25.10
C GLY I 217 -21.93 44.82 -26.58
N HIS I 218 -20.79 44.24 -26.91
CA HIS I 218 -20.47 43.88 -28.30
C HIS I 218 -19.48 42.73 -28.27
N ILE I 219 -19.99 41.51 -28.46
CA ILE I 219 -19.13 40.33 -28.48
C ILE I 219 -18.26 40.37 -29.72
N THR I 220 -17.01 39.92 -29.58
CA THR I 220 -16.04 39.93 -30.66
C THR I 220 -15.16 38.70 -30.58
N VAL I 221 -14.80 38.15 -31.74
CA VAL I 221 -13.87 37.03 -31.86
C VAL I 221 -12.83 37.41 -32.90
N PHE I 222 -11.56 37.15 -32.59
CA PHE I 222 -10.43 37.56 -33.41
C PHE I 222 -9.77 36.34 -34.05
N ALA I 223 -9.36 36.50 -35.31
CA ALA I 223 -8.67 35.45 -36.03
C ALA I 223 -7.75 36.08 -37.06
N HIS I 224 -6.75 35.31 -37.49
CA HIS I 224 -5.79 35.80 -38.46
C HIS I 224 -5.18 34.61 -39.21
N ASP I 225 -4.58 34.91 -40.35
CA ASP I 225 -3.91 33.92 -41.19
C ASP I 225 -2.41 34.07 -41.07
N ARG I 226 -1.69 33.10 -41.65
CA ARG I 226 -0.23 33.12 -41.59
C ARG I 226 0.37 34.13 -42.55
N ASN I 227 -0.29 34.37 -43.69
CA ASN I 227 0.26 35.29 -44.69
C ASN I 227 0.35 36.71 -44.14
N GLY I 228 -0.67 37.16 -43.44
CA GLY I 228 -0.70 38.50 -42.91
C GLY I 228 -1.67 38.61 -41.76
N ASN I 229 -2.20 39.81 -41.56
CA ASN I 229 -3.14 40.04 -40.47
C ASN I 229 -4.55 39.59 -40.85
N LEU I 230 -5.13 40.22 -41.86
CA LEU I 230 -6.48 39.89 -42.31
C LEU I 230 -6.72 40.60 -43.64
N SER I 231 -7.68 40.07 -44.40
CA SER I 231 -8.08 40.65 -45.68
C SER I 231 -9.59 40.86 -45.68
N ASP I 232 -10.03 41.80 -46.53
CA ASP I 232 -11.44 42.17 -46.56
C ASP I 232 -12.31 40.99 -47.01
N THR I 233 -11.90 40.31 -48.08
CA THR I 233 -12.69 39.19 -48.58
C THR I 233 -12.73 38.05 -47.56
N LEU I 234 -11.58 37.76 -46.94
CA LEU I 234 -11.54 36.71 -45.92
C LEU I 234 -12.39 37.10 -44.71
N LYS I 235 -12.35 38.37 -44.32
CA LYS I 235 -13.17 38.83 -43.21
C LYS I 235 -14.66 38.69 -43.53
N GLU I 236 -15.07 39.06 -44.74
CA GLU I 236 -16.46 38.92 -45.14
C GLU I 236 -16.87 37.45 -45.16
N ASP I 237 -16.00 36.57 -45.65
CA ASP I 237 -16.30 35.14 -45.64
C ASP I 237 -16.44 34.62 -44.22
N ILE I 238 -15.58 35.07 -43.31
CA ILE I 238 -15.67 34.64 -41.92
C ILE I 238 -16.97 35.10 -41.30
N ILE I 239 -17.36 36.35 -41.55
CA ILE I 239 -18.62 36.86 -41.00
C ILE I 239 -19.80 36.06 -41.56
N ASP I 240 -19.80 35.81 -42.87
CA ASP I 240 -20.89 35.06 -43.48
C ASP I 240 -20.89 33.61 -43.02
N ALA I 241 -19.71 32.99 -42.92
CA ALA I 241 -19.65 31.57 -42.62
C ALA I 241 -19.96 31.28 -41.15
N LEU I 242 -19.60 32.19 -40.24
CA LEU I 242 -19.75 31.91 -38.81
C LEU I 242 -21.21 31.89 -38.37
N GLN I 243 -22.13 32.42 -39.17
CA GLN I 243 -23.53 32.52 -38.76
C GLN I 243 -24.17 31.16 -38.53
N ASP I 244 -23.59 30.08 -39.04
CA ASP I 244 -24.17 28.75 -38.86
C ASP I 244 -24.15 28.30 -37.41
N TYR I 245 -23.34 28.93 -36.55
CA TYR I 245 -23.20 28.52 -35.16
C TYR I 245 -23.28 29.68 -34.17
N ARG I 246 -23.46 30.91 -34.62
CA ARG I 246 -23.57 32.04 -33.70
C ARG I 246 -24.94 32.01 -33.01
N PRO I 247 -25.07 32.71 -31.86
CA PRO I 247 -26.40 32.84 -31.25
C PRO I 247 -27.30 33.78 -32.05
N SER I 248 -28.53 33.98 -31.58
CA SER I 248 -29.47 34.81 -32.29
C SER I 248 -29.02 36.28 -32.29
N GLY I 249 -29.30 36.96 -33.39
CA GLY I 249 -28.99 38.38 -33.53
C GLY I 249 -27.80 38.67 -34.40
N ILE I 250 -26.74 37.88 -34.24
CA ILE I 250 -25.50 38.04 -35.01
C ILE I 250 -24.94 39.42 -34.75
N MET I 251 -24.58 39.70 -33.50
CA MET I 251 -23.98 40.98 -33.12
C MET I 251 -22.46 40.86 -33.06
N LEU I 252 -21.87 40.56 -34.22
CA LEU I 252 -20.44 40.31 -34.36
C LEU I 252 -19.87 41.21 -35.45
N ASP I 253 -18.65 41.70 -35.21
CA ASP I 253 -17.90 42.45 -36.21
C ASP I 253 -16.42 42.17 -35.95
N VAL I 254 -15.88 41.20 -36.68
CA VAL I 254 -14.49 40.77 -36.47
C VAL I 254 -13.56 41.77 -37.15
N THR I 255 -12.57 42.24 -36.40
CA THR I 255 -11.56 43.18 -36.88
C THR I 255 -10.19 42.50 -36.90
N GLY I 256 -9.40 42.81 -37.91
CA GLY I 256 -8.08 42.22 -38.00
C GLY I 256 -7.19 42.67 -36.85
N VAL I 257 -6.25 41.79 -36.49
CA VAL I 257 -5.35 42.08 -35.37
C VAL I 257 -4.44 43.25 -35.75
N GLU I 258 -4.31 44.21 -34.84
CA GLU I 258 -3.51 45.42 -35.08
C GLU I 258 -2.07 45.12 -34.68
N LYS I 259 -1.25 44.79 -35.67
CA LYS I 259 0.16 44.51 -35.42
C LYS I 259 0.91 45.80 -35.08
N GLU I 260 1.91 45.66 -34.20
CA GLU I 260 2.76 46.77 -33.79
C GLU I 260 4.20 46.30 -33.76
N GLU I 261 5.11 47.21 -34.11
CA GLU I 261 6.53 46.93 -34.19
C GLU I 261 7.26 47.57 -33.02
N VAL I 262 8.35 46.91 -32.60
CA VAL I 262 9.18 47.37 -31.49
C VAL I 262 10.59 47.61 -32.01
N ASN I 263 11.14 48.78 -31.69
CA ASN I 263 12.50 49.15 -32.04
C ASN I 263 13.24 49.53 -30.78
N VAL I 264 14.43 48.95 -30.58
CA VAL I 264 15.25 49.18 -29.40
C VAL I 264 16.70 49.36 -29.84
N SER I 265 17.38 50.32 -29.21
CA SER I 265 18.78 50.62 -29.49
C SER I 265 19.54 50.78 -28.17
N ALA I 266 19.32 49.84 -27.26
CA ALA I 266 19.96 49.91 -25.95
C ALA I 266 21.45 49.60 -26.06
N THR I 267 22.20 50.13 -25.08
CA THR I 267 23.64 49.92 -24.99
C THR I 267 23.93 48.90 -23.89
N VAL I 268 24.76 47.91 -24.21
CA VAL I 268 25.09 46.81 -23.31
C VAL I 268 26.50 47.02 -22.79
N THR I 269 26.67 46.84 -21.48
CA THR I 269 27.97 46.96 -20.82
C THR I 269 28.49 45.56 -20.50
N ILE I 270 29.74 45.31 -20.84
CA ILE I 270 30.39 44.01 -20.64
C ILE I 270 31.71 44.23 -19.92
N SER I 271 32.02 43.35 -18.98
CA SER I 271 33.23 43.42 -18.17
C SER I 271 34.20 42.30 -18.54
N ASN I 272 34.28 41.97 -19.83
CA ASN I 272 35.19 40.95 -20.35
C ASN I 272 35.81 41.47 -21.63
N LYS I 273 37.14 41.51 -21.67
CA LYS I 273 37.87 42.08 -22.78
C LYS I 273 38.25 41.05 -23.85
N SER I 274 37.92 39.77 -23.66
CA SER I 274 38.25 38.70 -24.58
C SER I 274 37.04 38.15 -25.30
N ARG I 275 35.97 37.83 -24.57
CA ARG I 275 34.74 37.33 -25.19
C ARG I 275 33.98 38.40 -25.96
N ILE I 276 34.37 39.67 -25.84
CA ILE I 276 33.69 40.73 -26.58
C ILE I 276 33.90 40.51 -28.07
N GLY I 277 32.82 40.59 -28.83
CA GLY I 277 32.89 40.38 -30.26
C GLY I 277 31.52 40.42 -30.89
N ASP I 278 31.50 40.13 -32.20
CA ASP I 278 30.25 40.18 -32.95
C ASP I 278 29.34 39.01 -32.62
N THR I 279 29.92 37.87 -32.22
CA THR I 279 29.10 36.68 -31.94
C THR I 279 28.16 36.93 -30.77
N LEU I 280 28.67 37.55 -29.70
CA LEU I 280 27.82 37.83 -28.54
C LEU I 280 26.73 38.83 -28.90
N GLN I 281 27.05 39.85 -29.70
CA GLN I 281 26.05 40.82 -30.11
C GLN I 281 24.96 40.15 -30.94
N LYS I 282 25.34 39.28 -31.88
CA LYS I 282 24.36 38.57 -32.68
C LYS I 282 23.49 37.66 -31.82
N HIS I 283 24.10 36.98 -30.85
CA HIS I 283 23.33 36.13 -29.94
C HIS I 283 22.33 36.94 -29.13
N ILE I 284 22.75 38.10 -28.63
CA ILE I 284 21.85 38.95 -27.86
C ILE I 284 20.71 39.45 -28.74
N GLU I 285 21.01 39.86 -29.96
CA GLU I 285 19.97 40.32 -30.87
C GLU I 285 18.98 39.20 -31.18
N SER I 286 19.47 37.99 -31.43
CA SER I 286 18.58 36.87 -31.69
C SER I 286 17.71 36.54 -30.48
N VAL I 287 18.30 36.59 -29.29
CA VAL I 287 17.53 36.32 -28.07
C VAL I 287 16.43 37.35 -27.89
N ILE I 288 16.76 38.63 -28.10
CA ILE I 288 15.76 39.69 -27.94
C ILE I 288 14.65 39.54 -28.96
N ARG I 289 15.01 39.24 -30.22
CA ARG I 289 14.00 39.08 -31.26
C ARG I 289 13.09 37.90 -30.96
N SER I 290 13.66 36.78 -30.50
CA SER I 290 12.85 35.62 -30.16
C SER I 290 11.93 35.91 -28.98
N TYR I 291 12.45 36.62 -27.96
CA TYR I 291 11.63 36.94 -26.80
C TYR I 291 10.48 37.86 -27.18
N LEU I 292 10.73 38.83 -28.05
CA LEU I 292 9.63 39.66 -28.56
C LEU I 292 8.64 38.82 -29.35
N ASN I 293 9.12 37.88 -30.15
CA ASN I 293 8.23 37.01 -30.91
C ASN I 293 7.50 36.01 -30.03
N ASN I 294 8.05 35.66 -28.86
CA ASN I 294 7.46 34.66 -27.99
C ASN I 294 6.36 35.20 -27.08
N LEU I 295 6.08 36.50 -27.14
CA LEU I 295 5.09 37.09 -26.25
C LEU I 295 3.70 36.54 -26.56
N LYS I 296 2.85 36.51 -25.52
CA LYS I 296 1.49 35.99 -25.64
C LYS I 296 0.46 37.07 -25.98
N THR I 297 0.90 38.16 -26.62
CA THR I 297 0.05 39.22 -27.18
C THR I 297 -1.01 39.71 -26.19
N SER I 298 -0.65 39.79 -24.91
CA SER I 298 -1.53 40.41 -23.93
C SER I 298 -0.66 41.05 -22.84
N ASP I 299 -0.33 42.32 -23.02
CA ASP I 299 0.35 43.14 -22.01
C ASP I 299 1.63 42.48 -21.50
N ASP I 300 2.32 41.77 -22.39
CA ASP I 300 3.50 41.01 -22.02
C ASP I 300 4.80 41.81 -22.14
N LEU I 301 4.75 43.02 -22.69
CA LEU I 301 5.95 43.81 -22.95
C LEU I 301 6.21 44.76 -21.79
N ILE I 302 7.36 44.59 -21.13
CA ILE I 302 7.80 45.49 -20.07
C ILE I 302 9.32 45.52 -20.08
N ILE I 303 9.88 46.66 -19.67
CA ILE I 303 11.33 46.83 -19.70
C ILE I 303 12.00 45.88 -18.70
N THR I 304 11.37 45.63 -17.56
CA THR I 304 11.96 44.78 -16.54
C THR I 304 12.14 43.35 -17.05
N ASP I 305 11.16 42.84 -17.80
CA ASP I 305 11.29 41.50 -18.36
C ASP I 305 12.43 41.43 -19.35
N LEU I 306 12.60 42.47 -20.17
CA LEU I 306 13.73 42.51 -21.10
C LEU I 306 15.06 42.53 -20.36
N ILE I 307 15.13 43.30 -19.27
CA ILE I 307 16.36 43.33 -18.48
C ILE I 307 16.64 41.96 -17.88
N GLN I 308 15.60 41.29 -17.38
CA GLN I 308 15.77 39.95 -16.83
C GLN I 308 16.26 38.98 -17.89
N ALA I 309 15.68 39.04 -19.09
CA ALA I 309 16.10 38.15 -20.16
C ALA I 309 17.55 38.41 -20.56
N ILE I 310 17.95 39.68 -20.61
CA ILE I 310 19.34 40.01 -20.93
C ILE I 310 20.26 39.51 -19.83
N MET I 311 19.81 39.56 -18.59
CA MET I 311 20.62 39.14 -17.44
C MET I 311 20.58 37.64 -17.19
N ASN I 312 19.82 36.87 -17.99
CA ASN I 312 19.89 35.42 -17.86
C ASN I 312 21.29 34.90 -18.14
N ILE I 313 22.05 35.58 -19.00
CA ILE I 313 23.46 35.26 -19.17
C ILE I 313 24.16 35.53 -17.83
N ASP I 314 25.24 34.79 -17.59
CA ASP I 314 25.95 34.89 -16.32
C ASP I 314 26.44 36.31 -16.09
N ASP I 315 26.30 36.77 -14.84
CA ASP I 315 26.64 38.14 -14.48
C ASP I 315 28.13 38.43 -14.53
N VAL I 316 28.97 37.41 -14.66
CA VAL I 316 30.41 37.64 -14.78
C VAL I 316 30.71 38.45 -16.05
N LEU I 317 30.06 38.09 -17.15
CA LEU I 317 30.25 38.79 -18.42
C LEU I 317 29.35 40.02 -18.51
N ILE I 318 28.04 39.82 -18.40
CA ILE I 318 27.10 40.93 -18.49
C ILE I 318 27.14 41.73 -17.20
N TYR I 319 27.28 43.06 -17.33
CA TYR I 319 27.37 43.97 -16.20
C TYR I 319 26.19 44.92 -16.10
N ASP I 320 25.84 45.58 -17.19
CA ASP I 320 24.76 46.57 -17.17
C ASP I 320 24.20 46.74 -18.58
N VAL I 321 22.88 46.93 -18.64
CA VAL I 321 22.18 47.27 -19.88
C VAL I 321 21.30 48.48 -19.58
N SER I 322 21.38 49.49 -20.45
CA SER I 322 20.68 50.76 -20.26
C SER I 322 19.77 51.00 -21.47
N PHE I 323 18.49 50.69 -21.31
CA PHE I 323 17.51 50.99 -22.34
C PHE I 323 17.30 52.50 -22.43
N ASP I 324 17.18 52.99 -23.66
CA ASP I 324 16.98 54.42 -23.94
C ASP I 324 15.75 54.70 -24.77
N ASN I 325 15.44 53.85 -25.74
CA ASN I 325 14.27 54.07 -26.60
C ASN I 325 12.97 53.74 -25.87
N LEU I 326 12.98 52.70 -25.03
CA LEU I 326 11.79 52.29 -24.29
C LEU I 326 11.59 53.25 -23.13
N ASP I 327 10.92 54.37 -23.44
CA ASP I 327 10.64 55.38 -22.42
C ASP I 327 9.43 55.05 -21.56
N GLU I 328 8.64 54.04 -21.93
CA GLU I 328 7.47 53.67 -21.15
C GLU I 328 7.14 52.21 -21.42
N ASN I 329 6.33 51.63 -20.53
CA ASN I 329 5.92 50.23 -20.65
C ASN I 329 4.74 50.15 -21.61
N ILE I 330 5.02 49.74 -22.85
CA ILE I 330 3.97 49.63 -23.86
C ILE I 330 3.05 48.47 -23.50
N ILE I 331 1.74 48.73 -23.53
CA ILE I 331 0.73 47.72 -23.22
C ILE I 331 -0.30 47.78 -24.34
N VAL I 332 -0.15 46.92 -25.33
CA VAL I 332 -1.12 46.87 -26.43
C VAL I 332 -2.43 46.26 -25.92
N PRO I 333 -3.60 46.73 -26.32
CA PRO I 333 -4.84 46.09 -25.87
C PRO I 333 -5.00 44.72 -26.48
N PRO I 334 -6.04 43.97 -26.09
CA PRO I 334 -6.25 42.64 -26.70
C PRO I 334 -6.45 42.68 -28.20
N GLN I 335 -6.97 43.80 -28.74
CA GLN I 335 -7.21 43.89 -30.18
C GLN I 335 -5.91 43.81 -30.96
N GLY I 336 -4.85 44.48 -30.47
CA GLY I 336 -3.58 44.50 -31.17
C GLY I 336 -2.63 43.41 -30.71
N ILE I 337 -1.50 43.32 -31.42
CA ILE I 337 -0.44 42.37 -31.10
C ILE I 337 0.89 43.08 -31.26
N ILE I 338 1.82 42.83 -30.34
CA ILE I 338 3.16 43.41 -30.35
C ILE I 338 4.14 42.31 -30.72
N ARG I 339 5.04 42.61 -31.65
CA ARG I 339 6.01 41.65 -32.18
C ARG I 339 7.37 42.33 -32.30
N ALA I 340 8.35 41.57 -32.74
CA ALA I 340 9.71 42.07 -32.88
C ALA I 340 9.82 42.99 -34.09
N GLY I 341 10.96 43.67 -34.19
CA GLY I 341 11.23 44.57 -35.29
C GLY I 341 12.71 44.79 -35.51
N GLU I 342 13.09 46.02 -35.83
CA GLU I 342 14.50 46.36 -36.02
C GLU I 342 15.16 46.47 -34.64
N ILE I 343 16.20 45.65 -34.43
CA ILE I 343 16.89 45.58 -33.15
C ILE I 343 18.37 45.86 -33.39
N LYS I 344 18.94 46.75 -32.58
CA LYS I 344 20.35 47.09 -32.64
C LYS I 344 20.92 47.05 -31.22
N VAL I 345 22.19 46.65 -31.12
CA VAL I 345 22.88 46.53 -29.85
C VAL I 345 24.29 47.09 -30.00
N GLU I 346 24.74 47.82 -28.98
CA GLU I 346 26.07 48.41 -28.94
C GLU I 346 26.75 47.98 -27.65
N LEU I 347 28.04 47.67 -27.75
CA LEU I 347 28.83 47.18 -26.62
C LEU I 347 29.66 48.33 -26.07
N LYS I 348 29.51 48.59 -24.76
CA LYS I 348 30.24 49.67 -24.11
C LYS I 348 31.64 49.22 -23.74
N MET J 1 -39.83 -13.14 -30.43
CA MET J 1 -39.56 -13.06 -28.97
C MET J 1 -40.69 -12.31 -28.26
N LYS J 2 -41.56 -13.05 -27.58
CA LYS J 2 -42.67 -12.47 -26.86
C LYS J 2 -42.96 -13.33 -25.63
N THR J 3 -43.50 -12.70 -24.59
CA THR J 3 -43.82 -13.42 -23.38
C THR J 3 -45.00 -14.36 -23.62
N ARG J 4 -44.90 -15.57 -23.08
CA ARG J 4 -45.96 -16.56 -23.16
C ARG J 4 -46.08 -17.27 -21.82
N LYS J 5 -47.31 -17.42 -21.34
CA LYS J 5 -47.54 -18.05 -20.05
C LYS J 5 -47.27 -19.56 -20.15
N LEU J 6 -47.15 -20.18 -18.98
CA LEU J 6 -46.82 -21.60 -18.92
C LEU J 6 -47.91 -22.47 -19.55
N THR J 7 -49.18 -22.12 -19.30
CA THR J 7 -50.27 -22.98 -19.72
C THR J 7 -50.36 -23.08 -21.24
N ASN J 8 -50.16 -21.97 -21.94
CA ASN J 8 -50.23 -21.99 -23.39
C ASN J 8 -49.11 -22.84 -23.99
N ILE J 9 -47.89 -22.70 -23.46
CA ILE J 9 -46.78 -23.51 -23.95
C ILE J 9 -47.02 -24.97 -23.68
N LEU J 10 -47.51 -25.30 -22.48
CA LEU J 10 -47.79 -26.69 -22.13
C LEU J 10 -48.86 -27.28 -23.05
N SER J 11 -49.92 -26.52 -23.31
CA SER J 11 -50.98 -27.00 -24.20
C SER J 11 -50.46 -27.22 -25.61
N LYS J 12 -49.64 -26.29 -26.12
CA LYS J 12 -49.07 -26.46 -27.45
C LYS J 12 -48.18 -27.69 -27.52
N LEU J 13 -47.34 -27.89 -26.49
CA LEU J 13 -46.45 -29.04 -26.47
C LEU J 13 -47.24 -30.35 -26.39
N ILE J 14 -48.30 -30.39 -25.59
CA ILE J 14 -49.11 -31.59 -25.48
C ILE J 14 -49.81 -31.88 -26.80
N ASP J 15 -50.32 -30.83 -27.46
CA ASP J 15 -50.96 -31.02 -28.76
C ASP J 15 -49.98 -31.55 -29.79
N LYS J 16 -48.75 -31.03 -29.78
CA LYS J 16 -47.73 -31.54 -30.69
C LYS J 16 -47.39 -32.99 -30.39
N THR J 17 -47.32 -33.35 -29.11
CA THR J 17 -46.94 -34.70 -28.72
C THR J 17 -47.99 -35.71 -29.18
N MET J 18 -49.27 -35.35 -29.11
CA MET J 18 -50.34 -36.28 -29.43
C MET J 18 -50.38 -36.66 -30.90
N ALA J 19 -49.69 -35.95 -31.78
CA ALA J 19 -49.72 -36.27 -33.20
C ALA J 19 -49.04 -37.61 -33.45
N GLY J 20 -49.69 -38.46 -34.24
CA GLY J 20 -49.13 -39.74 -34.64
C GLY J 20 -49.44 -40.91 -33.74
N THR J 21 -50.04 -40.67 -32.58
CA THR J 21 -50.36 -41.76 -31.66
C THR J 21 -51.50 -41.33 -30.75
N SER J 22 -52.10 -42.31 -30.07
CA SER J 22 -53.18 -42.07 -29.12
C SER J 22 -53.00 -42.89 -27.85
N LYS J 23 -51.75 -43.21 -27.49
CA LYS J 23 -51.43 -43.95 -26.28
C LYS J 23 -50.86 -43.04 -25.18
N ILE J 24 -51.16 -41.74 -25.24
CA ILE J 24 -50.58 -40.77 -24.32
C ILE J 24 -51.64 -39.92 -23.64
N THR J 25 -52.88 -39.88 -24.14
CA THR J 25 -53.89 -38.92 -23.66
C THR J 25 -54.35 -39.30 -22.25
N ASP J 26 -53.48 -39.03 -21.27
CA ASP J 26 -53.84 -39.15 -19.86
C ASP J 26 -52.89 -38.23 -19.09
N PHE J 27 -53.40 -37.07 -18.69
CA PHE J 27 -52.58 -36.01 -18.10
C PHE J 27 -53.12 -35.59 -16.73
N THR J 28 -53.41 -36.56 -15.87
CA THR J 28 -53.78 -36.24 -14.50
C THR J 28 -52.55 -35.73 -13.75
N PRO J 29 -52.74 -35.06 -12.61
CA PRO J 29 -51.57 -34.58 -11.84
C PRO J 29 -50.64 -35.69 -11.40
N GLY J 30 -51.15 -36.90 -11.17
CA GLY J 30 -50.31 -38.01 -10.77
C GLY J 30 -49.41 -38.53 -11.86
N SER J 31 -49.73 -38.25 -13.12
CA SER J 31 -48.91 -38.72 -14.23
C SER J 31 -47.55 -38.03 -14.21
N ALA J 32 -46.50 -38.83 -14.44
CA ALA J 32 -45.14 -38.29 -14.43
C ALA J 32 -44.82 -37.51 -15.70
N SER J 33 -45.40 -37.91 -16.83
CA SER J 33 -45.19 -37.15 -18.07
C SER J 33 -45.69 -35.72 -17.93
N ARG J 34 -46.85 -35.55 -17.30
CA ARG J 34 -47.36 -34.20 -17.06
C ARG J 34 -46.41 -33.40 -16.18
N SER J 35 -45.82 -34.04 -15.17
CA SER J 35 -44.87 -33.34 -14.30
C SER J 35 -43.65 -32.91 -15.09
N LEU J 36 -43.11 -33.80 -15.94
CA LEU J 36 -41.94 -33.44 -16.74
C LEU J 36 -42.25 -32.30 -17.70
N LEU J 37 -43.42 -32.35 -18.35
CA LEU J 37 -43.79 -31.29 -19.27
C LEU J 37 -44.02 -29.98 -18.53
N GLU J 38 -44.60 -30.03 -17.33
CA GLU J 38 -44.76 -28.84 -16.50
C GLU J 38 -43.41 -28.23 -16.15
N ALA J 39 -42.45 -29.07 -15.78
CA ALA J 39 -41.11 -28.56 -15.45
C ALA J 39 -40.45 -27.91 -16.67
N VAL J 40 -40.59 -28.56 -17.83
CA VAL J 40 -39.98 -28.01 -19.05
C VAL J 40 -40.61 -26.66 -19.40
N SER J 41 -41.94 -26.59 -19.32
CA SER J 41 -42.62 -25.33 -19.63
C SER J 41 -42.25 -24.24 -18.63
N LEU J 42 -42.11 -24.60 -17.35
CA LEU J 42 -41.69 -23.62 -16.35
C LEU J 42 -40.29 -23.09 -16.66
N GLU J 43 -39.38 -23.99 -17.05
CA GLU J 43 -38.03 -23.55 -17.40
C GLU J 43 -38.04 -22.64 -18.62
N ILE J 44 -38.87 -22.97 -19.62
CA ILE J 44 -38.95 -22.13 -20.81
C ILE J 44 -39.51 -20.75 -20.46
N GLU J 45 -40.55 -20.70 -19.62
CA GLU J 45 -41.10 -19.42 -19.21
C GLU J 45 -40.09 -18.59 -18.45
N GLN J 46 -39.33 -19.23 -17.54
CA GLN J 46 -38.31 -18.50 -16.81
C GLN J 46 -37.21 -18.00 -17.75
N PHE J 47 -36.88 -18.81 -18.75
CA PHE J 47 -35.89 -18.37 -19.75
C PHE J 47 -36.38 -17.16 -20.51
N TYR J 48 -37.66 -17.16 -20.90
CA TYR J 48 -38.21 -15.99 -21.60
C TYR J 48 -38.19 -14.75 -20.72
N ILE J 49 -38.57 -14.90 -19.44
CA ILE J 49 -38.60 -13.75 -18.53
C ILE J 49 -37.19 -13.20 -18.33
N LEU J 50 -36.23 -14.08 -18.07
CA LEU J 50 -34.85 -13.65 -17.90
C LEU J 50 -34.29 -13.05 -19.17
N THR J 51 -34.67 -13.57 -20.34
CA THR J 51 -34.22 -12.99 -21.59
C THR J 51 -34.74 -11.57 -21.76
N LYS J 52 -36.02 -11.34 -21.42
CA LYS J 52 -36.56 -9.98 -21.52
C LYS J 52 -35.86 -9.04 -20.54
N GLU J 53 -35.64 -9.50 -19.31
CA GLU J 53 -34.95 -8.67 -18.32
C GLU J 53 -33.53 -8.35 -18.76
N ASN J 54 -32.82 -9.34 -19.31
CA ASN J 54 -31.45 -9.10 -19.78
C ASN J 54 -31.44 -8.20 -21.00
N ILE J 55 -32.46 -8.26 -21.85
CA ILE J 55 -32.53 -7.34 -22.98
C ILE J 55 -32.70 -5.91 -22.48
N ASP J 56 -33.57 -5.72 -21.48
CA ASP J 56 -33.72 -4.38 -20.91
C ASP J 56 -32.42 -3.90 -20.28
N TRP J 57 -31.74 -4.78 -19.54
CA TRP J 57 -30.47 -4.41 -18.93
C TRP J 57 -29.42 -4.07 -19.98
N GLY J 58 -29.41 -4.82 -21.10
CA GLY J 58 -28.48 -4.53 -22.17
C GLY J 58 -28.76 -3.21 -22.85
N ILE J 59 -30.05 -2.88 -23.01
CA ILE J 59 -30.40 -1.57 -23.55
C ILE J 59 -29.90 -0.47 -22.62
N GLN J 60 -30.08 -0.65 -21.32
CA GLN J 60 -29.58 0.33 -20.36
C GLN J 60 -28.06 0.45 -20.44
N GLU J 61 -27.37 -0.69 -20.53
CA GLU J 61 -25.91 -0.67 -20.60
C GLU J 61 -25.42 0.01 -21.88
N GLY J 62 -26.11 -0.24 -23.01
CA GLY J 62 -25.75 0.44 -24.24
C GLY J 62 -25.97 1.93 -24.15
N ILE J 63 -27.05 2.36 -23.51
CA ILE J 63 -27.29 3.78 -23.29
C ILE J 63 -26.17 4.37 -22.43
N ILE J 64 -25.73 3.61 -21.43
CA ILE J 64 -24.61 4.06 -20.59
C ILE J 64 -23.35 4.22 -21.43
N GLU J 65 -23.07 3.24 -22.27
CA GLU J 65 -21.79 3.19 -22.97
C GLU J 65 -21.71 4.20 -24.12
N ALA J 66 -22.83 4.45 -24.80
CA ALA J 66 -22.79 5.30 -25.99
C ALA J 66 -22.44 6.73 -25.63
N PHE J 67 -23.15 7.31 -24.65
CA PHE J 67 -22.98 8.70 -24.27
C PHE J 67 -22.13 8.88 -23.01
N ASP J 68 -21.64 7.79 -22.41
CA ASP J 68 -20.77 7.86 -21.24
C ASP J 68 -21.44 8.58 -20.06
N PHE J 69 -22.77 8.49 -19.96
CA PHE J 69 -23.52 9.10 -18.87
C PHE J 69 -23.76 8.05 -17.78
N GLN J 70 -22.69 7.77 -17.04
CA GLN J 70 -22.73 6.72 -16.03
C GLN J 70 -23.68 7.08 -14.89
N LYS J 71 -24.29 6.05 -14.31
CA LYS J 71 -25.19 6.25 -13.19
C LYS J 71 -24.44 6.79 -11.99
N ARG J 72 -25.13 7.63 -11.21
CA ARG J 72 -24.54 8.18 -10.01
C ARG J 72 -24.45 7.10 -8.93
N GLN J 73 -23.27 6.99 -8.31
CA GLN J 73 -23.05 6.01 -7.26
C GLN J 73 -23.65 6.55 -5.95
N SER J 74 -23.35 5.88 -4.84
CA SER J 74 -23.85 6.32 -3.55
C SER J 74 -23.28 7.69 -3.20
N LYS J 75 -24.13 8.58 -2.73
CA LYS J 75 -23.77 9.98 -2.45
C LYS J 75 -23.54 10.16 -0.96
N ARG J 76 -22.42 10.80 -0.63
CA ARG J 76 -22.07 11.01 0.78
C ARG J 76 -23.03 12.00 1.43
N ALA J 77 -23.30 11.76 2.72
CA ALA J 77 -24.10 12.67 3.52
C ALA J 77 -23.20 13.69 4.20
N TYR J 78 -23.67 14.93 4.27
CA TYR J 78 -22.89 16.00 4.87
C TYR J 78 -23.82 17.11 5.33
N GLY J 79 -23.30 17.98 6.17
CA GLY J 79 -24.06 19.10 6.70
C GLY J 79 -23.18 20.11 7.41
N ASP J 80 -23.67 20.62 8.54
CA ASP J 80 -22.93 21.61 9.33
C ASP J 80 -23.13 21.30 10.81
N VAL J 81 -22.12 21.68 11.60
CA VAL J 81 -22.14 21.49 13.05
C VAL J 81 -21.64 22.77 13.72
N THR J 82 -22.02 22.93 14.98
CA THR J 82 -21.66 24.10 15.78
C THR J 82 -20.74 23.67 16.90
N ILE J 83 -19.60 24.36 17.04
CA ILE J 83 -18.62 24.09 18.06
C ILE J 83 -18.75 25.16 19.13
N GLN J 84 -18.90 24.73 20.39
CA GLN J 84 -19.11 25.62 21.52
C GLN J 84 -17.92 25.52 22.47
N PHE J 85 -17.36 26.68 22.83
CA PHE J 85 -16.22 26.78 23.73
C PHE J 85 -16.69 27.13 25.14
N TYR J 86 -15.88 26.71 26.13
CA TYR J 86 -16.19 27.06 27.51
C TYR J 86 -16.12 28.57 27.72
N GLN J 87 -15.11 29.21 27.16
CA GLN J 87 -14.85 30.64 27.29
C GLN J 87 -14.52 31.21 25.93
N PRO J 88 -14.60 32.53 25.75
CA PRO J 88 -14.22 33.11 24.46
C PRO J 88 -12.75 32.84 24.14
N LEU J 89 -12.48 32.60 22.87
CA LEU J 89 -11.14 32.19 22.43
C LEU J 89 -10.18 33.37 22.46
N ASP J 90 -8.95 33.10 22.88
CA ASP J 90 -7.91 34.12 23.00
C ASP J 90 -6.89 34.08 21.86
N MET J 91 -6.62 32.90 21.30
CA MET J 91 -5.62 32.71 20.27
C MET J 91 -6.22 32.00 19.07
N ARG J 92 -5.70 32.32 17.89
CA ARG J 92 -6.18 31.73 16.64
C ARG J 92 -5.75 30.27 16.60
N MET J 93 -6.70 29.37 16.83
CA MET J 93 -6.43 27.93 16.83
C MET J 93 -6.60 27.37 15.42
N TYR J 94 -6.18 26.12 15.25
CA TYR J 94 -6.17 25.44 13.96
C TYR J 94 -6.95 24.13 14.06
N ILE J 95 -7.74 23.84 13.03
CA ILE J 95 -8.58 22.64 12.96
C ILE J 95 -8.23 21.91 11.66
N PRO J 96 -7.29 20.96 11.66
CA PRO J 96 -6.96 20.27 10.41
C PRO J 96 -8.11 19.41 9.92
N ALA J 97 -8.13 19.22 8.59
CA ALA J 97 -9.16 18.38 7.99
C ALA J 97 -9.00 16.94 8.44
N GLY J 98 -10.10 16.19 8.33
CA GLY J 98 -10.13 14.81 8.76
C GLY J 98 -10.46 14.59 10.22
N THR J 99 -10.72 15.67 10.97
CA THR J 99 -11.10 15.51 12.37
C THR J 99 -12.43 14.78 12.47
N THR J 100 -12.49 13.78 13.35
CA THR J 100 -13.64 12.91 13.44
C THR J 100 -14.73 13.53 14.32
N PHE J 101 -15.98 13.19 14.00
CA PHE J 101 -17.14 13.54 14.82
C PHE J 101 -18.01 12.31 14.96
N THR J 102 -18.45 12.01 16.20
CA THR J 102 -19.21 10.82 16.50
C THR J 102 -20.39 11.18 17.40
N SER J 103 -21.49 10.47 17.20
CA SER J 103 -22.70 10.65 17.99
C SER J 103 -22.72 9.65 19.13
N THR J 104 -22.95 10.15 20.35
CA THR J 104 -22.96 9.27 21.52
C THR J 104 -24.18 8.36 21.56
N ARG J 105 -25.22 8.67 20.80
CA ARG J 105 -26.40 7.82 20.77
C ARG J 105 -26.06 6.45 20.19
N GLN J 106 -26.53 5.40 20.86
CA GLN J 106 -26.26 4.04 20.41
C GLN J 106 -26.98 3.70 19.11
N GLU J 107 -28.10 4.38 18.82
CA GLU J 107 -28.87 4.08 17.63
C GLU J 107 -28.22 4.60 16.35
N TYR J 108 -27.30 5.56 16.46
CA TYR J 108 -26.66 6.18 15.29
C TYR J 108 -25.15 6.20 15.51
N PRO J 109 -24.50 5.04 15.40
CA PRO J 109 -23.05 4.98 15.61
C PRO J 109 -22.22 5.44 14.43
N GLN J 110 -22.83 5.95 13.36
CA GLN J 110 -22.08 6.37 12.19
C GLN J 110 -21.20 7.57 12.51
N GLN J 111 -20.01 7.58 11.92
CA GLN J 111 -19.02 8.63 12.14
C GLN J 111 -19.07 9.67 11.02
N PHE J 112 -18.43 10.81 11.28
CA PHE J 112 -18.31 11.89 10.32
C PHE J 112 -16.89 12.46 10.38
N GLU J 113 -16.46 13.05 9.27
CA GLU J 113 -15.12 13.63 9.19
C GLU J 113 -15.16 14.87 8.32
N THR J 114 -14.20 15.76 8.55
CA THR J 114 -14.06 16.99 7.78
C THR J 114 -13.14 16.76 6.59
N LEU J 115 -13.17 17.71 5.64
CA LEU J 115 -12.38 17.63 4.43
C LEU J 115 -11.53 18.89 4.23
N VAL J 116 -12.04 20.04 4.66
CA VAL J 116 -11.38 21.33 4.47
C VAL J 116 -11.05 21.92 5.85
N ASP J 117 -9.86 22.48 5.97
CA ASP J 117 -9.43 23.07 7.23
C ASP J 117 -10.23 24.33 7.53
N TYR J 118 -10.33 24.63 8.83
CA TYR J 118 -11.02 25.83 9.30
C TYR J 118 -10.16 26.50 10.39
N TYR J 119 -10.20 27.82 10.42
CA TYR J 119 -9.47 28.62 11.38
C TYR J 119 -10.45 29.43 12.22
N ALA J 120 -10.30 29.37 13.54
CA ALA J 120 -11.15 30.11 14.46
C ALA J 120 -10.54 31.49 14.70
N GLU J 121 -11.33 32.53 14.44
CA GLU J 121 -10.84 33.88 14.62
C GLU J 121 -10.66 34.18 16.11
N PRO J 122 -9.78 35.13 16.46
CA PRO J 122 -9.61 35.48 17.88
C PRO J 122 -10.84 36.15 18.44
N ASP J 123 -11.01 36.04 19.75
CA ASP J 123 -12.14 36.60 20.48
C ASP J 123 -13.47 36.06 19.94
N SER J 124 -13.48 34.79 19.55
CA SER J 124 -14.67 34.12 19.06
C SER J 124 -15.31 33.28 20.16
N THR J 125 -16.54 32.85 19.91
CA THR J 125 -17.30 32.03 20.86
C THR J 125 -17.84 30.78 20.19
N GLU J 126 -18.14 30.84 18.89
CA GLU J 126 -18.66 29.71 18.16
C GLU J 126 -18.19 29.79 16.71
N ILE J 127 -18.23 28.64 16.04
CA ILE J 127 -17.82 28.53 14.64
C ILE J 127 -18.59 27.38 14.01
N VAL J 128 -18.91 27.54 12.72
CA VAL J 128 -19.64 26.54 11.95
C VAL J 128 -18.68 25.92 10.94
N VAL J 129 -18.67 24.59 10.89
CA VAL J 129 -17.81 23.84 9.98
C VAL J 129 -18.63 22.72 9.34
N GLU J 130 -18.15 22.26 8.18
CA GLU J 130 -18.81 21.19 7.44
C GLU J 130 -18.21 19.85 7.81
N VAL J 131 -19.06 18.83 7.88
CA VAL J 131 -18.67 17.46 8.18
C VAL J 131 -19.27 16.53 7.15
N TYR J 132 -18.47 15.58 6.67
CA TYR J 132 -18.87 14.63 5.64
C TYR J 132 -18.90 13.23 6.24
N CYS J 133 -19.99 12.51 6.02
CA CYS J 133 -20.17 11.18 6.58
C CYS J 133 -19.35 10.17 5.78
N LYS J 134 -18.60 9.32 6.50
CA LYS J 134 -17.84 8.27 5.83
C LYS J 134 -18.77 7.27 5.16
N GLU J 135 -19.76 6.77 5.89
CA GLU J 135 -20.75 5.89 5.31
C GLU J 135 -21.67 6.66 4.37
N THR J 136 -22.15 5.99 3.32
CA THR J 136 -23.03 6.56 2.32
C THR J 136 -24.30 5.74 2.25
N GLY J 137 -25.44 6.41 2.30
CA GLY J 137 -26.74 5.75 2.25
C GLY J 137 -27.78 6.40 3.12
N VAL J 138 -28.69 5.59 3.66
CA VAL J 138 -29.75 6.12 4.52
C VAL J 138 -29.25 6.39 5.94
N ALA J 139 -28.16 5.73 6.36
CA ALA J 139 -27.66 5.91 7.72
C ALA J 139 -27.17 7.33 7.97
N GLY J 140 -26.79 8.07 6.92
CA GLY J 140 -26.31 9.43 7.10
C GLY J 140 -27.39 10.43 7.47
N ASN J 141 -28.65 10.11 7.20
CA ASN J 141 -29.76 11.01 7.49
C ASN J 141 -30.19 10.84 8.95
N VAL J 142 -29.34 11.33 9.84
CA VAL J 142 -29.58 11.24 11.28
C VAL J 142 -30.62 12.28 11.68
N PRO J 143 -31.32 12.12 12.82
CA PRO J 143 -32.25 13.17 13.25
C PRO J 143 -31.53 14.44 13.71
N GLU J 144 -32.30 15.42 14.17
CA GLU J 144 -31.71 16.65 14.68
C GLU J 144 -31.07 16.41 16.04
N GLY J 145 -29.95 17.08 16.28
CA GLY J 145 -29.26 16.97 17.55
C GLY J 145 -28.73 15.58 17.83
N THR J 146 -28.20 14.90 16.81
CA THR J 146 -27.67 13.56 16.96
C THR J 146 -26.17 13.54 17.30
N ILE J 147 -25.39 14.45 16.72
CA ILE J 147 -23.96 14.52 16.99
C ILE J 147 -23.78 15.29 18.29
N ASN J 148 -23.13 14.65 19.27
CA ASN J 148 -22.96 15.20 20.61
C ASN J 148 -21.51 15.46 20.98
N THR J 149 -20.58 14.61 20.53
CA THR J 149 -19.18 14.69 20.92
C THR J 149 -18.30 14.65 19.69
N ILE J 150 -17.08 15.17 19.85
CA ILE J 150 -16.08 15.17 18.78
C ILE J 150 -15.23 13.91 18.79
N ALA J 151 -15.36 13.04 19.79
CA ALA J 151 -14.59 11.80 19.88
C ALA J 151 -13.08 12.08 19.90
N SER J 152 -12.69 13.10 20.65
CA SER J 152 -11.29 13.43 20.85
C SER J 152 -11.14 14.03 22.25
N GLY J 153 -10.02 14.70 22.50
CA GLY J 153 -9.81 15.28 23.81
C GLY J 153 -10.86 16.32 24.17
N SER J 154 -11.14 17.23 23.24
CA SER J 154 -12.15 18.27 23.43
C SER J 154 -11.86 19.11 24.67
N SER J 155 -10.59 19.51 24.84
CA SER J 155 -10.22 20.29 26.02
C SER J 155 -10.90 21.65 26.03
N LEU J 156 -10.96 22.32 24.87
CA LEU J 156 -11.55 23.64 24.75
C LEU J 156 -12.97 23.63 24.20
N ILE J 157 -13.60 22.45 24.13
CA ILE J 157 -14.94 22.28 23.57
C ILE J 157 -15.83 21.68 24.65
N ARG J 158 -16.99 22.31 24.88
CA ARG J 158 -17.95 21.81 25.86
C ARG J 158 -18.88 20.77 25.24
N SER J 159 -19.57 21.14 24.17
CA SER J 159 -20.46 20.22 23.48
C SER J 159 -20.61 20.67 22.03
N VAL J 160 -21.07 19.74 21.20
CA VAL J 160 -21.28 19.96 19.78
C VAL J 160 -22.67 19.47 19.42
N ASN J 161 -23.40 20.25 18.62
CA ASN J 161 -24.74 19.90 18.19
C ASN J 161 -24.98 20.47 16.81
N ASN J 162 -25.95 19.88 16.11
CA ASN J 162 -26.36 20.29 14.78
C ASN J 162 -27.80 20.76 14.82
N GLU J 163 -28.05 21.96 14.29
CA GLU J 163 -29.39 22.55 14.33
C GLU J 163 -30.29 22.06 13.20
N TYR J 164 -29.73 21.42 12.17
CA TYR J 164 -30.49 20.97 11.01
C TYR J 164 -30.19 19.50 10.74
N SER J 165 -31.18 18.81 10.17
CA SER J 165 -31.05 17.39 9.86
C SER J 165 -30.26 17.20 8.57
N PHE J 166 -29.83 15.96 8.35
CA PHE J 166 -29.09 15.56 7.16
C PHE J 166 -30.05 14.92 6.18
N ASN J 167 -30.12 15.47 4.97
CA ASN J 167 -30.97 14.95 3.90
C ASN J 167 -30.22 14.56 2.64
N THR J 168 -28.97 15.00 2.47
CA THR J 168 -28.23 14.67 1.25
C THR J 168 -27.91 13.17 1.16
N GLY J 169 -27.87 12.46 2.28
CA GLY J 169 -27.63 11.03 2.25
C GLY J 169 -28.72 10.28 1.53
N THR J 170 -28.40 9.71 0.38
CA THR J 170 -29.36 9.01 -0.46
C THR J 170 -28.73 7.75 -1.02
N LYS J 171 -29.59 6.79 -1.35
CA LYS J 171 -29.16 5.54 -1.94
C LYS J 171 -28.89 5.73 -3.43
N GLU J 172 -28.55 4.64 -4.11
CA GLU J 172 -28.27 4.70 -5.54
C GLU J 172 -29.52 5.09 -6.32
N GLU J 173 -29.32 5.83 -7.41
CA GLU J 173 -30.44 6.29 -8.22
C GLU J 173 -31.18 5.12 -8.85
N SER J 174 -32.50 5.24 -8.94
CA SER J 174 -33.33 4.21 -9.53
C SER J 174 -33.30 4.32 -11.06
N GLN J 175 -33.95 3.37 -11.72
CA GLN J 175 -33.98 3.37 -13.18
C GLN J 175 -34.74 4.58 -13.72
N GLU J 176 -35.83 4.96 -13.06
CA GLU J 176 -36.63 6.08 -13.53
C GLU J 176 -35.84 7.38 -13.45
N ASP J 177 -35.09 7.57 -12.36
CA ASP J 177 -34.29 8.79 -12.22
C ASP J 177 -33.24 8.88 -13.32
N PHE J 178 -32.57 7.76 -13.61
CA PHE J 178 -31.58 7.75 -14.69
C PHE J 178 -32.24 8.03 -16.04
N LYS J 179 -33.44 7.47 -16.26
CA LYS J 179 -34.14 7.72 -17.51
C LYS J 179 -34.49 9.20 -17.66
N ARG J 180 -34.96 9.82 -16.59
CA ARG J 180 -35.27 11.25 -16.64
C ARG J 180 -34.02 12.08 -16.89
N ARG J 181 -32.91 11.73 -16.22
CA ARG J 181 -31.66 12.45 -16.43
C ARG J 181 -31.18 12.32 -17.87
N PHE J 182 -31.28 11.11 -18.43
CA PHE J 182 -30.87 10.91 -19.82
C PHE J 182 -31.78 11.66 -20.80
N HIS J 183 -33.08 11.72 -20.51
CA HIS J 183 -33.97 12.49 -21.36
C HIS J 183 -33.63 13.97 -21.30
N SER J 184 -33.29 14.48 -20.11
CA SER J 184 -32.86 15.87 -19.99
C SER J 184 -31.57 16.11 -20.75
N PHE J 185 -30.62 15.16 -20.67
CA PHE J 185 -29.36 15.28 -21.39
C PHE J 185 -29.59 15.29 -22.90
N VAL J 186 -30.47 14.42 -23.39
CA VAL J 186 -30.77 14.40 -24.82
C VAL J 186 -31.41 15.70 -25.26
N GLU J 187 -32.35 16.22 -24.47
CA GLU J 187 -32.95 17.51 -24.80
C GLU J 187 -32.02 18.69 -24.53
N SER J 188 -30.89 18.48 -23.87
CA SER J 188 -29.98 19.55 -23.49
C SER J 188 -28.83 19.74 -24.48
N ARG J 189 -28.83 19.01 -25.60
CA ARG J 189 -27.72 19.14 -26.55
C ARG J 189 -27.70 20.51 -27.21
N GLY J 190 -28.87 21.15 -27.33
CA GLY J 190 -28.95 22.49 -27.87
C GLY J 190 -28.72 23.54 -26.79
N ARG J 191 -27.51 24.11 -26.75
CA ARG J 191 -27.15 25.09 -25.74
C ARG J 191 -27.97 26.37 -25.93
N ALA J 192 -27.81 27.31 -25.00
CA ALA J 192 -28.53 28.58 -25.02
C ALA J 192 -30.05 28.34 -24.93
N THR J 193 -30.43 27.38 -24.08
CA THR J 193 -31.83 27.07 -23.85
C THR J 193 -32.02 26.79 -22.36
N ASN J 194 -33.22 27.11 -21.86
CA ASN J 194 -33.49 26.89 -20.44
C ASN J 194 -33.42 25.42 -20.07
N LYS J 195 -33.96 24.54 -20.92
CA LYS J 195 -33.85 23.11 -20.67
C LYS J 195 -32.40 22.65 -20.74
N SER J 196 -31.57 23.32 -21.55
CA SER J 196 -30.15 22.98 -21.60
C SER J 196 -29.43 23.48 -20.35
N VAL J 197 -29.77 24.69 -19.89
CA VAL J 197 -29.16 25.20 -18.66
C VAL J 197 -29.56 24.34 -17.46
N ARG J 198 -30.75 23.76 -17.50
CA ARG J 198 -31.19 22.85 -16.44
C ARG J 198 -30.20 21.69 -16.29
N TYR J 199 -29.88 21.02 -17.40
CA TYR J 199 -28.91 19.92 -17.34
C TYR J 199 -27.52 20.43 -17.04
N GLY J 200 -27.15 21.60 -17.55
CA GLY J 200 -25.82 22.14 -17.28
C GLY J 200 -25.59 22.39 -15.81
N ALA J 201 -26.60 22.94 -15.12
CA ALA J 201 -26.51 23.15 -13.68
C ALA J 201 -26.72 21.86 -12.89
N LEU J 202 -27.46 20.89 -13.44
CA LEU J 202 -27.74 19.64 -12.75
C LEU J 202 -26.64 18.60 -12.93
N GLN J 203 -25.63 18.85 -13.77
CA GLN J 203 -24.60 17.86 -14.02
C GLN J 203 -23.80 17.53 -12.76
N ILE J 204 -23.70 18.48 -11.84
CA ILE J 204 -22.98 18.21 -10.58
C ILE J 204 -23.81 17.22 -9.75
N PRO J 205 -23.24 16.12 -9.25
CA PRO J 205 -24.09 15.13 -8.56
C PRO J 205 -24.72 15.65 -7.29
N ASP J 206 -24.08 16.59 -6.59
CA ASP J 206 -24.61 17.07 -5.31
C ASP J 206 -25.91 17.83 -5.49
N VAL J 207 -26.05 18.57 -6.60
CA VAL J 207 -27.25 19.38 -6.80
C VAL J 207 -28.44 18.48 -7.04
N GLU J 208 -29.54 18.75 -6.34
CA GLU J 208 -30.82 18.06 -6.50
C GLU J 208 -31.90 18.98 -7.06
N GLY J 209 -32.15 20.10 -6.40
CA GLY J 209 -33.11 21.08 -6.87
C GLY J 209 -32.41 22.19 -7.66
N VAL J 210 -33.05 22.63 -8.73
CA VAL J 210 -32.47 23.64 -9.60
C VAL J 210 -33.60 24.28 -10.40
N TYR J 211 -33.50 25.60 -10.59
CA TYR J 211 -34.46 26.34 -11.39
C TYR J 211 -33.75 27.54 -12.01
N VAL J 212 -34.21 27.93 -13.20
CA VAL J 212 -33.62 29.02 -13.96
C VAL J 212 -34.73 30.04 -14.24
N TYR J 213 -34.44 31.30 -13.95
CA TYR J 213 -35.34 32.42 -14.22
C TYR J 213 -34.69 33.33 -15.26
N GLU J 214 -35.45 33.68 -16.29
CA GLU J 214 -34.97 34.46 -17.41
C GLU J 214 -35.69 35.80 -17.49
N GLU J 215 -34.96 36.81 -17.94
CA GLU J 215 -35.52 38.14 -18.20
C GLU J 215 -34.96 38.62 -19.54
N THR J 216 -35.18 39.90 -19.84
CA THR J 216 -34.88 40.42 -21.18
C THR J 216 -33.39 40.32 -21.51
N GLY J 217 -32.53 40.67 -20.56
CA GLY J 217 -31.10 40.75 -20.82
C GLY J 217 -30.23 40.18 -19.70
N HIS J 218 -30.72 39.17 -19.00
CA HIS J 218 -29.95 38.57 -17.93
C HIS J 218 -30.53 37.19 -17.60
N ILE J 219 -29.66 36.25 -17.27
CA ILE J 219 -30.03 34.89 -16.90
C ILE J 219 -29.59 34.66 -15.46
N THR J 220 -30.52 34.15 -14.64
CA THR J 220 -30.27 33.86 -13.24
C THR J 220 -30.56 32.39 -12.98
N VAL J 221 -29.71 31.76 -12.16
CA VAL J 221 -29.82 30.35 -11.83
C VAL J 221 -30.03 30.21 -10.34
N PHE J 222 -31.06 29.45 -9.96
CA PHE J 222 -31.36 29.13 -8.57
C PHE J 222 -31.19 27.64 -8.36
N ALA J 223 -30.39 27.26 -7.37
CA ALA J 223 -30.11 25.86 -7.10
C ALA J 223 -29.77 25.68 -5.63
N HIS J 224 -29.93 24.46 -5.15
CA HIS J 224 -29.67 24.13 -3.76
C HIS J 224 -29.57 22.61 -3.63
N ASP J 225 -29.02 22.16 -2.51
CA ASP J 225 -28.95 20.74 -2.20
C ASP J 225 -30.27 20.30 -1.58
N ARG J 226 -30.32 19.05 -1.12
CA ARG J 226 -31.53 18.55 -0.48
C ARG J 226 -31.82 19.29 0.82
N ASN J 227 -30.77 19.62 1.58
CA ASN J 227 -30.97 20.39 2.80
C ASN J 227 -31.51 21.78 2.50
N GLY J 228 -31.16 22.36 1.35
CA GLY J 228 -31.64 23.67 0.97
C GLY J 228 -30.76 24.79 1.48
N ASN J 229 -29.48 24.73 1.17
CA ASN J 229 -28.54 25.77 1.61
C ASN J 229 -27.38 25.78 0.63
N LEU J 230 -27.30 26.83 -0.19
CA LEU J 230 -26.24 26.94 -1.18
C LEU J 230 -24.90 27.23 -0.49
N SER J 231 -23.82 26.81 -1.15
CA SER J 231 -22.46 26.97 -0.64
C SER J 231 -21.60 27.64 -1.69
N ASP J 232 -20.59 28.38 -1.23
CA ASP J 232 -19.70 29.09 -2.13
C ASP J 232 -18.90 28.12 -3.00
N THR J 233 -18.43 27.03 -2.41
CA THR J 233 -17.66 26.05 -3.18
C THR J 233 -18.53 25.41 -4.26
N LEU J 234 -19.80 25.16 -3.96
CA LEU J 234 -20.70 24.62 -4.98
C LEU J 234 -20.91 25.62 -6.11
N LYS J 235 -21.03 26.91 -5.78
CA LYS J 235 -21.17 27.94 -6.82
C LYS J 235 -19.93 27.98 -7.69
N GLU J 236 -18.74 27.91 -7.07
CA GLU J 236 -17.50 27.94 -7.84
C GLU J 236 -17.39 26.73 -8.75
N ASP J 237 -17.75 25.55 -8.24
CA ASP J 237 -17.70 24.34 -9.07
C ASP J 237 -18.70 24.42 -10.22
N ILE J 238 -19.90 24.96 -9.96
CA ILE J 238 -20.88 25.15 -11.01
C ILE J 238 -20.34 26.08 -12.09
N ILE J 239 -19.73 27.19 -11.68
CA ILE J 239 -19.19 28.14 -12.64
C ILE J 239 -18.08 27.49 -13.47
N ASP J 240 -17.21 26.72 -12.81
CA ASP J 240 -16.11 26.08 -13.53
C ASP J 240 -16.63 25.04 -14.53
N ALA J 241 -17.60 24.23 -14.13
CA ALA J 241 -18.06 23.10 -14.95
C ALA J 241 -19.13 23.48 -15.96
N LEU J 242 -19.75 24.65 -15.84
CA LEU J 242 -20.84 25.07 -16.71
C LEU J 242 -20.37 25.88 -17.92
N GLN J 243 -19.06 26.10 -18.08
CA GLN J 243 -18.57 26.92 -19.18
C GLN J 243 -18.88 26.34 -20.54
N ASP J 244 -19.14 25.04 -20.64
CA ASP J 244 -19.45 24.40 -21.91
C ASP J 244 -20.92 24.51 -22.30
N TYR J 245 -21.77 25.13 -21.47
CA TYR J 245 -23.19 25.29 -21.75
C TYR J 245 -23.72 26.69 -21.53
N ARG J 246 -22.91 27.62 -21.04
CA ARG J 246 -23.37 28.98 -20.81
C ARG J 246 -23.63 29.67 -22.15
N PRO J 247 -24.63 30.55 -22.24
CA PRO J 247 -24.78 31.36 -23.46
C PRO J 247 -23.57 32.25 -23.67
N SER J 248 -23.20 32.42 -24.94
CA SER J 248 -22.00 33.18 -25.25
C SER J 248 -22.20 34.67 -25.04
N GLY J 249 -23.33 35.21 -25.49
CA GLY J 249 -23.57 36.64 -25.52
C GLY J 249 -24.42 37.19 -24.40
N ILE J 250 -24.69 36.42 -23.34
CA ILE J 250 -25.52 36.86 -22.23
C ILE J 250 -24.84 36.48 -20.93
N MET J 251 -24.84 37.40 -19.97
CA MET J 251 -24.25 37.15 -18.67
C MET J 251 -25.10 36.16 -17.88
N LEU J 252 -24.44 35.44 -16.98
CA LEU J 252 -25.09 34.44 -16.13
C LEU J 252 -24.68 34.65 -14.68
N ASP J 253 -25.62 34.39 -13.77
CA ASP J 253 -25.40 34.49 -12.34
C ASP J 253 -26.04 33.30 -11.65
N VAL J 254 -25.36 32.79 -10.63
CA VAL J 254 -25.81 31.61 -9.88
C VAL J 254 -25.88 32.02 -8.41
N THR J 255 -27.06 32.46 -7.97
CA THR J 255 -27.27 32.85 -6.58
C THR J 255 -28.75 33.04 -6.36
N GLY J 256 -29.14 33.06 -5.08
CA GLY J 256 -30.51 33.32 -4.68
C GLY J 256 -31.24 32.09 -4.18
N VAL J 257 -31.65 32.12 -2.91
CA VAL J 257 -32.43 31.03 -2.32
C VAL J 257 -33.06 31.56 -1.04
N GLU J 258 -34.31 31.17 -0.81
CA GLU J 258 -35.06 31.61 0.36
C GLU J 258 -36.04 30.51 0.76
N LYS J 259 -36.16 30.27 2.06
CA LYS J 259 -37.04 29.22 2.59
C LYS J 259 -38.40 29.83 2.86
N GLU J 260 -39.36 29.54 1.97
CA GLU J 260 -40.73 29.97 2.18
C GLU J 260 -41.42 29.08 3.21
N GLU J 261 -42.14 29.71 4.13
CA GLU J 261 -42.77 29.04 5.26
C GLU J 261 -44.28 29.01 5.08
N VAL J 262 -44.88 27.88 5.45
CA VAL J 262 -46.33 27.72 5.40
C VAL J 262 -46.73 26.70 6.47
N ASN J 263 -47.85 26.98 7.14
CA ASN J 263 -48.39 26.10 8.17
C ASN J 263 -49.54 25.28 7.57
N VAL J 264 -49.45 23.96 7.70
CA VAL J 264 -50.42 23.03 7.12
C VAL J 264 -51.26 22.46 8.24
N SER J 265 -52.58 22.63 8.13
CA SER J 265 -53.55 22.07 9.07
C SER J 265 -54.51 21.20 8.28
N ALA J 266 -54.68 19.95 8.72
CA ALA J 266 -55.53 18.98 8.04
C ALA J 266 -56.35 18.21 9.06
N THR J 267 -57.55 17.82 8.64
CA THR J 267 -58.47 17.03 9.46
C THR J 267 -58.61 15.64 8.85
N VAL J 268 -58.37 14.61 9.65
CA VAL J 268 -58.38 13.22 9.20
C VAL J 268 -59.43 12.47 10.01
N THR J 269 -60.31 11.76 9.31
CA THR J 269 -61.35 10.93 9.91
C THR J 269 -60.99 9.48 9.68
N ILE J 270 -60.37 8.85 10.68
CA ILE J 270 -59.97 7.45 10.57
C ILE J 270 -61.20 6.57 10.54
N SER J 271 -61.16 5.53 9.70
CA SER J 271 -62.30 4.61 9.60
C SER J 271 -62.55 3.91 10.93
N ASN J 272 -61.49 3.44 11.59
CA ASN J 272 -61.62 2.79 12.88
C ASN J 272 -61.77 3.85 13.97
N LYS J 273 -62.92 3.84 14.65
CA LYS J 273 -63.12 4.78 15.75
C LYS J 273 -62.12 4.55 16.87
N SER J 274 -61.69 3.30 17.07
CA SER J 274 -60.65 3.00 18.03
C SER J 274 -59.28 3.32 17.44
N ARG J 275 -58.28 3.42 18.33
CA ARG J 275 -56.90 3.71 17.95
C ARG J 275 -56.81 5.05 17.22
N ILE J 276 -57.16 6.12 17.95
CA ILE J 276 -57.11 7.49 17.45
C ILE J 276 -56.16 8.29 18.33
N GLY J 277 -55.14 7.63 18.89
CA GLY J 277 -54.22 8.28 19.80
C GLY J 277 -53.21 9.14 19.07
N ASP J 278 -52.35 9.78 19.87
CA ASP J 278 -51.40 10.75 19.33
C ASP J 278 -50.20 10.12 18.64
N THR J 279 -49.98 8.82 18.81
CA THR J 279 -48.85 8.18 18.14
C THR J 279 -49.02 8.21 16.62
N LEU J 280 -50.22 7.85 16.15
CA LEU J 280 -50.47 7.91 14.71
C LEU J 280 -50.46 9.35 14.20
N GLN J 281 -50.89 10.30 15.03
CA GLN J 281 -50.79 11.70 14.66
C GLN J 281 -49.33 12.12 14.48
N LYS J 282 -48.46 11.69 15.39
CA LYS J 282 -47.04 11.98 15.27
C LYS J 282 -46.46 11.34 14.01
N HIS J 283 -46.87 10.11 13.71
CA HIS J 283 -46.39 9.45 12.50
C HIS J 283 -46.83 10.20 11.26
N ILE J 284 -48.09 10.65 11.22
CA ILE J 284 -48.60 11.39 10.08
C ILE J 284 -47.85 12.71 9.93
N GLU J 285 -47.58 13.38 11.06
CA GLU J 285 -46.85 14.63 11.02
C GLU J 285 -45.44 14.43 10.48
N SER J 286 -44.78 13.35 10.91
CA SER J 286 -43.44 13.05 10.40
C SER J 286 -43.48 12.76 8.91
N VAL J 287 -44.49 12.02 8.44
CA VAL J 287 -44.62 11.74 7.02
C VAL J 287 -44.82 13.03 6.24
N ILE J 288 -45.66 13.93 6.75
CA ILE J 288 -45.91 15.21 6.08
C ILE J 288 -44.63 16.04 6.03
N ARG J 289 -43.87 16.05 7.13
CA ARG J 289 -42.60 16.77 7.13
C ARG J 289 -41.64 16.20 6.10
N SER J 290 -41.55 14.87 6.03
CA SER J 290 -40.66 14.24 5.05
C SER J 290 -41.09 14.56 3.62
N TYR J 291 -42.40 14.57 3.37
CA TYR J 291 -42.89 14.90 2.03
C TYR J 291 -42.57 16.34 1.68
N LEU J 292 -42.90 17.28 2.56
CA LEU J 292 -42.73 18.70 2.25
C LEU J 292 -41.25 19.06 2.12
N ASN J 293 -40.40 18.52 2.99
CA ASN J 293 -38.97 18.80 2.90
C ASN J 293 -38.35 18.23 1.64
N ASN J 294 -38.97 17.21 1.03
CA ASN J 294 -38.42 16.62 -0.19
C ASN J 294 -38.63 17.50 -1.42
N LEU J 295 -39.52 18.49 -1.34
CA LEU J 295 -39.76 19.35 -2.48
C LEU J 295 -38.54 20.22 -2.77
N LYS J 296 -38.50 20.75 -4.00
CA LYS J 296 -37.42 21.57 -4.51
C LYS J 296 -37.97 22.90 -5.01
N THR J 297 -37.06 23.76 -5.45
CA THR J 297 -37.47 25.09 -5.93
C THR J 297 -38.34 24.98 -7.18
N SER J 298 -37.99 24.08 -8.09
CA SER J 298 -38.79 23.91 -9.30
C SER J 298 -40.20 23.42 -8.96
N ASP J 299 -40.32 22.50 -8.02
CA ASP J 299 -41.62 22.00 -7.62
C ASP J 299 -42.38 23.06 -6.83
N ASP J 300 -43.71 22.95 -6.87
CA ASP J 300 -44.61 23.86 -6.17
C ASP J 300 -45.63 23.04 -5.38
N LEU J 301 -46.05 23.58 -4.24
CA LEU J 301 -47.02 22.89 -3.39
C LEU J 301 -48.36 22.78 -4.11
N ILE J 302 -48.93 21.58 -4.12
CA ILE J 302 -50.21 21.30 -4.75
C ILE J 302 -51.06 20.54 -3.76
N ILE J 303 -52.34 20.90 -3.68
CA ILE J 303 -53.25 20.24 -2.73
C ILE J 303 -53.42 18.77 -3.08
N THR J 304 -53.63 18.47 -4.38
CA THR J 304 -53.85 17.10 -4.78
C THR J 304 -52.61 16.25 -4.60
N ASP J 305 -51.43 16.81 -4.86
CA ASP J 305 -50.19 16.07 -4.64
C ASP J 305 -49.99 15.76 -3.16
N LEU J 306 -50.30 16.72 -2.29
CA LEU J 306 -50.22 16.48 -0.85
C LEU J 306 -51.22 15.39 -0.44
N ILE J 307 -52.42 15.43 -1.02
CA ILE J 307 -53.43 14.42 -0.70
C ILE J 307 -52.94 13.03 -1.11
N GLN J 308 -52.33 12.93 -2.30
CA GLN J 308 -51.81 11.65 -2.74
C GLN J 308 -50.67 11.18 -1.84
N ALA J 309 -49.81 12.11 -1.42
CA ALA J 309 -48.67 11.73 -0.57
C ALA J 309 -49.14 11.21 0.78
N ILE J 310 -50.06 11.94 1.42
CA ILE J 310 -50.53 11.52 2.74
C ILE J 310 -51.41 10.27 2.64
N MET J 311 -52.17 10.13 1.55
CA MET J 311 -53.04 8.97 1.37
C MET J 311 -52.31 7.74 0.84
N ASN J 312 -50.97 7.73 0.85
CA ASN J 312 -50.24 6.51 0.52
C ASN J 312 -50.56 5.39 1.52
N ILE J 313 -50.93 5.76 2.75
CA ILE J 313 -51.45 4.79 3.69
C ILE J 313 -52.71 4.15 3.09
N ASP J 314 -52.97 2.90 3.48
CA ASP J 314 -54.10 2.16 2.94
C ASP J 314 -55.41 2.91 3.21
N ASP J 315 -56.26 2.98 2.17
CA ASP J 315 -57.50 3.73 2.27
C ASP J 315 -58.47 3.13 3.29
N VAL J 316 -58.30 1.86 3.65
CA VAL J 316 -59.18 1.26 4.65
C VAL J 316 -58.99 1.94 6.01
N LEU J 317 -57.76 2.31 6.34
CA LEU J 317 -57.51 2.98 7.60
C LEU J 317 -58.01 4.42 7.57
N ILE J 318 -57.45 5.23 6.68
CA ILE J 318 -57.84 6.64 6.55
C ILE J 318 -58.96 6.72 5.52
N TYR J 319 -60.13 7.17 5.95
CA TYR J 319 -61.32 7.20 5.11
C TYR J 319 -61.58 8.56 4.47
N ASP J 320 -61.14 9.65 5.11
CA ASP J 320 -61.37 10.98 4.57
C ASP J 320 -60.30 11.92 5.10
N VAL J 321 -59.87 12.85 4.25
CA VAL J 321 -58.88 13.85 4.60
C VAL J 321 -59.34 15.19 4.02
N SER J 322 -59.22 16.25 4.82
CA SER J 322 -59.60 17.58 4.38
C SER J 322 -58.70 18.60 5.07
N PHE J 323 -58.61 19.77 4.45
CA PHE J 323 -57.77 20.88 4.94
C PHE J 323 -58.66 22.03 5.37
N ASP J 324 -58.47 22.49 6.61
CA ASP J 324 -59.25 23.61 7.11
C ASP J 324 -58.77 24.93 6.51
N ASN J 325 -57.46 25.11 6.38
CA ASN J 325 -56.87 26.35 5.88
C ASN J 325 -56.59 26.31 4.39
N LEU J 326 -55.95 25.25 3.91
CA LEU J 326 -55.59 25.16 2.50
C LEU J 326 -56.83 24.90 1.65
N ASP J 327 -57.14 25.84 0.76
CA ASP J 327 -58.26 25.72 -0.18
C ASP J 327 -57.88 25.95 -1.63
N GLU J 328 -56.71 26.54 -1.91
CA GLU J 328 -56.28 26.83 -3.27
C GLU J 328 -54.78 26.55 -3.38
N ASN J 329 -54.35 26.22 -4.59
CA ASN J 329 -52.94 25.95 -4.83
C ASN J 329 -52.10 27.21 -4.61
N ILE J 330 -50.86 27.01 -4.17
CA ILE J 330 -49.93 28.07 -3.85
C ILE J 330 -48.81 28.05 -4.89
N ILE J 331 -48.55 29.20 -5.51
CA ILE J 331 -47.50 29.32 -6.51
C ILE J 331 -46.24 29.82 -5.82
N VAL J 332 -45.18 29.02 -5.87
CA VAL J 332 -43.91 29.37 -5.24
C VAL J 332 -43.20 30.39 -6.14
N PRO J 333 -42.60 31.46 -5.60
CA PRO J 333 -41.77 32.33 -6.44
C PRO J 333 -40.55 31.58 -6.94
N PRO J 334 -39.95 32.01 -8.05
CA PRO J 334 -38.80 31.27 -8.59
C PRO J 334 -37.61 31.20 -7.64
N GLN J 335 -37.35 32.27 -6.89
CA GLN J 335 -36.22 32.26 -5.96
C GLN J 335 -36.52 31.45 -4.71
N GLY J 336 -37.76 31.51 -4.21
CA GLY J 336 -38.11 30.84 -2.99
C GLY J 336 -38.41 29.36 -3.19
N ILE J 337 -38.48 28.66 -2.06
CA ILE J 337 -38.83 27.24 -2.02
C ILE J 337 -39.80 27.02 -0.87
N ILE J 338 -40.85 26.26 -1.14
CA ILE J 338 -41.88 25.95 -0.15
C ILE J 338 -41.43 24.73 0.65
N ARG J 339 -41.61 24.79 1.97
CA ARG J 339 -41.24 23.68 2.84
C ARG J 339 -42.02 23.82 4.14
N ALA J 340 -42.00 22.74 4.93
CA ALA J 340 -42.76 22.69 6.16
C ALA J 340 -42.23 23.68 7.18
N GLY J 341 -43.15 24.29 7.93
CA GLY J 341 -42.82 25.16 9.05
C GLY J 341 -43.17 24.51 10.37
N GLU J 342 -44.30 24.92 10.95
CA GLU J 342 -44.86 24.31 12.15
C GLU J 342 -46.19 23.67 11.78
N ILE J 343 -46.25 22.34 11.85
CA ILE J 343 -47.40 21.56 11.40
C ILE J 343 -48.23 21.15 12.60
N LYS J 344 -49.55 21.33 12.50
CA LYS J 344 -50.50 20.89 13.50
C LYS J 344 -51.50 19.95 12.86
N VAL J 345 -51.66 18.76 13.45
CA VAL J 345 -52.55 17.72 12.94
C VAL J 345 -53.42 17.24 14.09
N GLU J 346 -54.72 17.11 13.82
CA GLU J 346 -55.66 16.65 14.83
C GLU J 346 -56.76 15.85 14.15
N LEU J 347 -57.41 14.99 14.94
CA LEU J 347 -58.47 14.14 14.41
C LEU J 347 -59.66 14.99 13.93
N LYS J 348 -60.27 15.73 14.85
CA LYS J 348 -61.37 16.62 14.51
C LYS J 348 -61.42 17.80 15.49
N ARG K 2 -32.90 -49.70 5.55
CA ARG K 2 -33.10 -51.14 5.25
C ARG K 2 -34.02 -51.81 6.27
N PHE K 3 -34.53 -52.98 5.92
CA PHE K 3 -35.39 -53.75 6.80
C PHE K 3 -35.41 -55.19 6.32
N LYS K 4 -35.32 -56.12 7.26
CA LYS K 4 -35.29 -57.55 6.95
C LYS K 4 -36.71 -58.11 6.92
N LYS K 5 -37.03 -58.82 5.85
CA LYS K 5 -38.34 -59.45 5.74
C LYS K 5 -38.46 -60.60 6.73
N HIS K 6 -39.68 -60.80 7.23
CA HIS K 6 -39.96 -61.86 8.18
C HIS K 6 -41.39 -62.36 7.97
N VAL K 7 -41.59 -63.65 8.19
CA VAL K 7 -42.89 -64.30 8.06
C VAL K 7 -43.31 -64.83 9.42
N VAL K 8 -44.58 -64.61 9.77
CA VAL K 8 -45.08 -65.04 11.06
C VAL K 8 -45.15 -66.56 11.10
N GLN K 9 -44.55 -67.16 12.12
CA GLN K 9 -44.54 -68.59 12.30
C GLN K 9 -45.74 -69.03 13.14
N HIS K 10 -46.10 -70.30 13.00
CA HIS K 10 -47.22 -70.85 13.75
C HIS K 10 -46.95 -70.80 15.25
N GLU K 11 -48.00 -70.45 16.01
CA GLU K 11 -47.95 -70.30 17.48
C GLU K 11 -46.72 -69.53 17.93
N GLU K 12 -46.52 -68.36 17.33
CA GLU K 12 -45.40 -67.47 17.63
C GLU K 12 -45.92 -66.16 18.22
N THR K 13 -45.14 -65.59 19.12
CA THR K 13 -45.46 -64.34 19.79
C THR K 13 -44.53 -63.23 19.32
N MET K 14 -45.00 -61.99 19.47
CA MET K 14 -44.20 -60.84 19.05
C MET K 14 -42.95 -60.68 19.91
N GLN K 15 -43.02 -61.09 21.18
CA GLN K 15 -41.87 -60.97 22.06
C GLN K 15 -40.70 -61.81 21.56
N ALA K 16 -40.97 -63.05 21.14
CA ALA K 16 -39.91 -63.90 20.61
C ALA K 16 -39.35 -63.33 19.32
N ILE K 17 -40.22 -62.75 18.48
CA ILE K 17 -39.76 -62.14 17.23
C ILE K 17 -38.81 -61.00 17.52
N ALA K 18 -39.17 -60.14 18.47
CA ALA K 18 -38.28 -59.04 18.83
C ALA K 18 -36.97 -59.55 19.43
N GLN K 19 -37.04 -60.57 20.29
CA GLN K 19 -35.85 -61.06 20.96
C GLN K 19 -34.88 -61.72 19.99
N ARG K 20 -35.41 -62.42 18.98
CA ARG K 20 -34.55 -63.13 18.04
C ARG K 20 -33.65 -62.18 17.26
N TYR K 21 -34.20 -61.05 16.81
CA TYR K 21 -33.46 -60.11 15.98
C TYR K 21 -32.78 -59.02 16.80
N TYR K 22 -33.56 -58.25 17.56
CA TYR K 22 -33.00 -57.13 18.31
C TYR K 22 -32.36 -57.54 19.63
N GLY K 23 -32.47 -58.81 20.02
CA GLY K 23 -31.83 -59.27 21.25
C GLY K 23 -32.59 -59.01 22.52
N ASP K 24 -32.98 -57.75 22.75
CA ASP K 24 -33.75 -57.38 23.93
C ASP K 24 -35.22 -57.32 23.57
N VAL K 25 -36.05 -58.00 24.37
CA VAL K 25 -37.48 -58.05 24.10
C VAL K 25 -38.16 -56.71 24.32
N SER K 26 -37.54 -55.81 25.09
CA SER K 26 -38.17 -54.53 25.41
C SER K 26 -38.42 -53.67 24.17
N TYR K 27 -37.69 -53.91 23.08
CA TYR K 27 -37.89 -53.14 21.86
C TYR K 27 -39.20 -53.45 21.15
N TRP K 28 -39.94 -54.49 21.59
CA TRP K 28 -41.18 -54.87 20.91
C TRP K 28 -42.25 -53.78 21.02
N ILE K 29 -42.16 -52.91 22.03
CA ILE K 29 -43.17 -51.86 22.20
C ILE K 29 -43.17 -50.91 21.01
N ASP K 30 -41.99 -50.62 20.46
CA ASP K 30 -41.87 -49.74 19.31
C ASP K 30 -41.97 -50.49 17.98
N LEU K 31 -41.70 -51.80 17.97
CA LEU K 31 -41.73 -52.55 16.73
C LEU K 31 -43.16 -52.71 16.21
N VAL K 32 -44.14 -52.77 17.10
CA VAL K 32 -45.53 -52.94 16.68
C VAL K 32 -46.00 -51.74 15.88
N GLU K 33 -45.54 -50.54 16.23
CA GLU K 33 -45.98 -49.34 15.52
C GLU K 33 -45.52 -49.37 14.06
N HIS K 34 -44.39 -50.01 13.77
CA HIS K 34 -43.92 -50.12 12.39
C HIS K 34 -44.90 -50.94 11.56
N ASN K 35 -45.45 -52.01 12.13
CA ASN K 35 -46.38 -52.86 11.40
C ASN K 35 -47.80 -52.30 11.35
N ASN K 36 -48.13 -51.35 12.22
CA ASN K 36 -49.46 -50.73 12.26
C ASN K 36 -50.53 -51.79 12.54
N LEU K 37 -50.41 -52.43 13.70
CA LEU K 37 -51.31 -53.50 14.13
C LEU K 37 -52.00 -53.10 15.42
N LYS K 38 -53.25 -53.53 15.56
CA LYS K 38 -53.98 -53.35 16.80
C LYS K 38 -53.44 -54.31 17.86
N TYR K 39 -54.10 -54.31 19.03
CA TYR K 39 -53.64 -55.17 20.12
C TYR K 39 -53.57 -56.65 19.75
N PRO K 40 -54.52 -57.23 19.00
CA PRO K 40 -54.29 -58.59 18.50
C PRO K 40 -53.21 -58.61 17.42
N TYR K 41 -51.95 -58.56 17.87
CA TYR K 41 -50.84 -58.47 16.91
C TYR K 41 -50.74 -59.73 16.07
N LEU K 42 -50.75 -60.90 16.71
CA LEU K 42 -50.70 -62.19 16.03
C LEU K 42 -51.88 -63.03 16.51
N VAL K 43 -52.69 -63.49 15.57
CA VAL K 43 -53.86 -64.32 15.85
C VAL K 43 -53.87 -65.48 14.86
N GLU K 44 -54.05 -66.70 15.37
CA GLU K 44 -54.10 -67.87 14.50
C GLU K 44 -55.42 -67.95 13.76
N THR K 45 -56.50 -67.52 14.39
CA THR K 45 -57.83 -67.64 13.80
C THR K 45 -57.94 -66.72 12.58
N ASP K 46 -58.30 -67.29 11.44
CA ASP K 46 -58.39 -66.51 10.21
C ASP K 46 -59.63 -65.62 10.21
N GLU K 47 -60.77 -66.15 10.67
CA GLU K 47 -62.00 -65.36 10.66
C GLU K 47 -61.91 -64.16 11.60
N GLU K 48 -61.05 -64.24 12.62
CA GLU K 48 -60.84 -63.08 13.49
C GLU K 48 -60.24 -61.92 12.71
N LYS K 49 -59.29 -62.21 11.83
CA LYS K 49 -58.70 -61.17 10.99
C LYS K 49 -59.70 -60.62 9.96
N MET K 50 -60.78 -61.36 9.68
CA MET K 50 -61.74 -60.91 8.67
C MET K 50 -62.43 -59.62 9.07
N LYS K 51 -62.52 -59.35 10.37
CA LYS K 51 -63.19 -58.12 10.81
C LYS K 51 -62.42 -56.88 10.36
N ASP K 52 -61.09 -56.92 10.44
CA ASP K 52 -60.25 -55.79 10.04
C ASP K 52 -58.91 -56.33 9.57
N PRO K 53 -58.84 -56.89 8.36
CA PRO K 53 -57.56 -57.42 7.87
C PRO K 53 -56.46 -56.38 7.76
N GLU K 54 -56.80 -55.13 7.47
CA GLU K 54 -55.78 -54.11 7.27
C GLU K 54 -54.98 -53.87 8.56
N ARG K 55 -55.66 -53.81 9.70
CA ARG K 55 -55.03 -53.51 10.98
C ARG K 55 -54.80 -54.76 11.81
N LEU K 56 -54.55 -55.90 11.16
CA LEU K 56 -54.30 -57.15 11.87
C LEU K 56 -53.36 -58.01 11.05
N ALA K 57 -52.73 -58.97 11.72
CA ALA K 57 -51.82 -59.92 11.09
C ALA K 57 -52.10 -61.31 11.65
N SER K 58 -51.75 -62.31 10.86
CA SER K 58 -51.98 -63.71 11.21
C SER K 58 -50.82 -64.54 10.70
N THR K 59 -50.95 -65.85 10.78
CA THR K 59 -49.88 -66.75 10.33
C THR K 59 -49.70 -66.64 8.82
N GLY K 60 -48.44 -66.66 8.38
CA GLY K 60 -48.12 -66.56 6.98
C GLY K 60 -47.98 -65.15 6.44
N ASP K 61 -48.30 -64.14 7.24
CA ASP K 61 -48.20 -62.76 6.79
C ASP K 61 -46.76 -62.27 6.91
N THR K 62 -46.46 -61.22 6.15
CA THR K 62 -45.12 -60.64 6.09
C THR K 62 -45.02 -59.45 7.05
N LEU K 63 -43.98 -59.44 7.86
CA LEU K 63 -43.70 -58.38 8.82
C LEU K 63 -42.49 -57.58 8.35
N ILE K 64 -42.25 -56.45 9.03
CA ILE K 64 -41.15 -55.55 8.75
C ILE K 64 -40.27 -55.48 9.99
N ILE K 65 -38.96 -55.59 9.79
CA ILE K 65 -37.99 -55.61 10.87
C ILE K 65 -36.93 -54.54 10.60
N PRO K 66 -37.19 -53.27 10.92
CA PRO K 66 -36.18 -52.23 10.67
C PRO K 66 -34.95 -52.43 11.55
N ILE K 67 -33.83 -51.90 11.07
CA ILE K 67 -32.57 -51.96 11.79
C ILE K 67 -32.68 -51.14 13.07
N GLU K 68 -31.72 -51.31 13.98
CA GLU K 68 -31.80 -50.65 15.28
C GLU K 68 -31.72 -49.13 15.13
N SER K 69 -30.90 -48.65 14.19
CA SER K 69 -30.75 -47.20 14.03
C SER K 69 -32.06 -46.55 13.60
N ASP K 70 -32.78 -47.17 12.68
CA ASP K 70 -34.06 -46.66 12.20
C ASP K 70 -35.24 -47.08 13.07
N LEU K 71 -35.01 -47.93 14.08
CA LEU K 71 -36.11 -48.38 14.94
C LEU K 71 -36.69 -47.22 15.73
N THR K 72 -35.84 -46.34 16.26
CA THR K 72 -36.29 -45.24 17.09
C THR K 72 -36.78 -44.04 16.30
N ASP K 73 -36.51 -43.97 15.00
CA ASP K 73 -36.93 -42.83 14.21
C ASP K 73 -38.45 -42.82 14.04
N VAL K 74 -39.07 -41.69 14.36
CA VAL K 74 -40.52 -41.57 14.21
C VAL K 74 -40.91 -41.58 12.73
N SER K 75 -40.07 -40.97 11.88
CA SER K 75 -40.36 -40.95 10.45
C SER K 75 -40.39 -42.35 9.87
N ALA K 76 -39.44 -43.20 10.28
CA ALA K 76 -39.44 -44.58 9.82
C ALA K 76 -40.69 -45.31 10.25
N LYS K 77 -41.13 -45.08 11.50
CA LYS K 77 -42.36 -45.69 12.00
C LYS K 77 -43.55 -45.26 11.15
N GLU K 78 -43.66 -43.95 10.89
CA GLU K 78 -44.80 -43.44 10.12
C GLU K 78 -44.79 -43.99 8.71
N ILE K 79 -43.62 -44.08 8.08
CA ILE K 79 -43.56 -44.56 6.71
C ILE K 79 -43.87 -46.05 6.64
N ASN K 80 -43.32 -46.84 7.57
CA ASN K 80 -43.55 -48.28 7.54
C ASN K 80 -44.93 -48.67 8.03
N SER K 81 -45.64 -47.77 8.73
CA SER K 81 -46.97 -48.12 9.22
C SER K 81 -47.95 -48.36 8.08
N ARG K 82 -47.89 -47.52 7.04
CA ARG K 82 -48.89 -47.50 5.98
C ARG K 82 -48.39 -48.03 4.64
N ASP K 83 -47.12 -47.80 4.30
CA ASP K 83 -46.62 -48.23 3.00
C ASP K 83 -46.62 -49.76 2.89
N LYS K 84 -46.17 -50.44 3.94
CA LYS K 84 -46.14 -51.91 3.98
C LYS K 84 -45.33 -52.47 2.81
N ASP K 85 -46.00 -52.99 1.77
CA ASP K 85 -45.27 -53.62 0.67
C ASP K 85 -44.61 -52.61 -0.24
N VAL K 86 -45.05 -51.34 -0.22
CA VAL K 86 -44.47 -50.32 -1.07
C VAL K 86 -43.06 -49.92 -0.64
N LEU K 87 -42.64 -50.33 0.56
CA LEU K 87 -41.31 -49.96 1.05
C LEU K 87 -40.21 -50.51 0.14
N VAL K 88 -40.37 -51.75 -0.33
CA VAL K 88 -39.35 -52.36 -1.18
C VAL K 88 -39.21 -51.57 -2.48
N GLU K 89 -40.33 -51.19 -3.08
CA GLU K 89 -40.29 -50.42 -4.32
C GLU K 89 -39.64 -49.06 -4.10
N LEU K 90 -40.00 -48.39 -2.99
CA LEU K 90 -39.38 -47.10 -2.67
C LEU K 90 -37.92 -47.29 -2.27
N ALA K 91 -37.61 -48.38 -1.57
CA ALA K 91 -36.23 -48.64 -1.17
C ALA K 91 -35.33 -48.84 -2.38
N LEU K 92 -35.81 -49.55 -3.39
CA LEU K 92 -35.07 -49.75 -4.64
C LEU K 92 -35.34 -48.66 -5.67
N GLY K 93 -36.27 -47.75 -5.41
CA GLY K 93 -36.51 -46.62 -6.27
C GLY K 93 -37.46 -46.92 -7.42
N ARG K 94 -37.80 -45.87 -8.16
CA ARG K 94 -38.68 -45.93 -9.31
C ARG K 94 -38.05 -45.17 -10.47
N ASP K 95 -38.27 -45.67 -11.69
CA ASP K 95 -37.70 -45.04 -12.87
C ASP K 95 -38.53 -45.44 -14.08
N LEU K 96 -38.42 -44.64 -15.13
CA LEU K 96 -39.12 -44.93 -16.38
C LEU K 96 -38.58 -46.20 -17.02
N ASN K 97 -39.47 -47.00 -17.58
CA ASN K 97 -39.10 -48.24 -18.25
C ASN K 97 -38.81 -47.95 -19.72
N ILE K 98 -37.63 -48.38 -20.18
CA ILE K 98 -37.18 -48.17 -21.55
C ILE K 98 -36.90 -49.49 -22.27
N THR K 99 -37.37 -50.61 -21.73
CA THR K 99 -37.21 -51.91 -22.38
C THR K 99 -38.39 -52.18 -23.31
N ALA K 100 -38.53 -51.32 -24.32
CA ALA K 100 -39.62 -51.45 -25.27
C ALA K 100 -39.50 -52.74 -26.08
N ASP K 101 -38.29 -53.09 -26.50
CA ASP K 101 -38.02 -54.29 -27.30
C ASP K 101 -36.93 -55.09 -26.58
N GLU K 102 -37.35 -55.96 -25.67
CA GLU K 102 -36.39 -56.81 -24.97
C GLU K 102 -35.76 -57.82 -25.92
N LYS K 103 -36.49 -58.25 -26.95
CA LYS K 103 -35.95 -59.20 -27.91
C LYS K 103 -34.90 -58.56 -28.81
N TYR K 104 -35.03 -57.26 -29.09
CA TYR K 104 -34.19 -56.61 -30.09
C TYR K 104 -32.85 -56.14 -29.53
N PHE K 105 -32.83 -55.58 -28.32
CA PHE K 105 -31.61 -54.96 -27.80
C PHE K 105 -30.51 -55.99 -27.54
N ASN K 106 -30.86 -57.26 -27.35
CA ASN K 106 -29.84 -58.28 -27.16
C ASN K 106 -29.09 -58.58 -28.46
N GLU K 107 -29.71 -58.37 -29.61
CA GLU K 107 -29.08 -58.68 -30.88
C GLU K 107 -28.01 -57.67 -31.28
N HIS K 108 -28.01 -56.47 -30.70
CA HIS K 108 -27.07 -55.40 -31.05
C HIS K 108 -26.39 -54.93 -29.77
N GLY K 109 -25.27 -55.57 -29.43
CA GLY K 109 -24.48 -55.17 -28.28
C GLY K 109 -23.50 -54.07 -28.65
N THR K 110 -23.30 -53.14 -27.71
CA THR K 110 -22.42 -51.99 -27.91
C THR K 110 -22.82 -51.18 -29.13
N SER K 111 -24.13 -50.98 -29.31
CA SER K 111 -24.69 -50.25 -30.43
C SER K 111 -25.59 -49.13 -29.91
N ASP K 112 -25.50 -47.97 -30.54
CA ASP K 112 -26.29 -46.81 -30.14
C ASP K 112 -27.65 -46.85 -30.81
N ASN K 113 -28.57 -46.03 -30.26
CA ASN K 113 -29.93 -45.91 -30.77
C ASN K 113 -30.65 -47.27 -30.74
N ILE K 114 -30.77 -47.80 -29.53
CA ILE K 114 -31.40 -49.11 -29.31
C ILE K 114 -32.56 -48.94 -28.33
N LEU K 115 -32.27 -48.46 -27.13
CA LEU K 115 -33.30 -48.33 -26.11
C LEU K 115 -34.27 -47.20 -26.46
N ALA K 116 -35.52 -47.38 -26.04
CA ALA K 116 -36.56 -46.38 -26.28
C ALA K 116 -37.66 -46.57 -25.24
N PHE K 117 -38.49 -45.54 -25.10
CA PHE K 117 -39.58 -45.60 -24.15
C PHE K 117 -40.69 -46.51 -24.67
N SER K 118 -41.59 -46.89 -23.76
CA SER K 118 -42.72 -47.75 -24.06
C SER K 118 -43.94 -47.18 -23.36
N THR K 119 -45.06 -47.90 -23.46
CA THR K 119 -46.32 -47.49 -22.86
C THR K 119 -46.99 -48.68 -22.20
N ASN K 120 -47.42 -48.49 -20.95
CA ASN K 120 -48.17 -49.50 -20.22
C ASN K 120 -49.32 -48.81 -19.48
N GLY K 121 -50.39 -49.56 -19.23
CA GLY K 121 -51.57 -49.01 -18.63
C GLY K 121 -52.45 -48.30 -19.62
N ASN K 122 -52.55 -46.97 -19.51
CA ASN K 122 -53.30 -46.19 -20.47
C ASN K 122 -52.89 -44.72 -20.43
N GLY K 123 -52.32 -44.23 -21.54
CA GLY K 123 -52.00 -42.82 -21.65
C GLY K 123 -50.83 -42.34 -20.81
N ASP K 124 -50.04 -43.26 -20.26
CA ASP K 124 -48.90 -42.90 -19.42
C ASP K 124 -47.69 -43.73 -19.83
N LEU K 125 -46.52 -43.10 -19.74
CA LEU K 125 -45.28 -43.81 -20.06
C LEU K 125 -45.03 -44.93 -19.06
N ASP K 126 -44.52 -46.04 -19.56
CA ASP K 126 -44.26 -47.19 -18.70
C ASP K 126 -43.17 -46.87 -17.68
N THR K 127 -43.29 -47.48 -16.50
CA THR K 127 -42.34 -47.31 -15.42
C THR K 127 -41.97 -48.68 -14.85
N VAL K 128 -40.78 -48.76 -14.25
CA VAL K 128 -40.25 -49.97 -13.66
C VAL K 128 -39.86 -49.68 -12.22
N LYS K 129 -39.93 -50.70 -11.38
CA LYS K 129 -39.65 -50.56 -9.96
C LYS K 129 -39.23 -51.91 -9.39
N GLY K 130 -38.57 -51.87 -8.23
CA GLY K 130 -38.16 -53.09 -7.57
C GLY K 130 -36.91 -53.69 -8.19
N ILE K 131 -36.82 -55.02 -8.08
CA ILE K 131 -35.65 -55.73 -8.59
C ILE K 131 -35.55 -55.59 -10.11
N ASP K 132 -36.69 -55.46 -10.79
CA ASP K 132 -36.66 -55.26 -12.24
C ASP K 132 -35.93 -53.97 -12.60
N ASN K 133 -36.16 -52.90 -11.81
CA ASN K 133 -35.46 -51.66 -12.05
C ASN K 133 -33.96 -51.82 -11.86
N MET K 134 -33.55 -52.56 -10.82
CA MET K 134 -32.13 -52.79 -10.58
C MET K 134 -31.50 -53.57 -11.74
N LYS K 135 -32.19 -54.61 -12.22
CA LYS K 135 -31.66 -55.39 -13.33
C LYS K 135 -31.58 -54.55 -14.60
N GLN K 136 -32.59 -53.72 -14.85
CA GLN K 136 -32.56 -52.85 -16.02
C GLN K 136 -31.40 -51.85 -15.94
N GLN K 137 -31.17 -51.27 -14.76
CA GLN K 137 -30.07 -50.32 -14.61
C GLN K 137 -28.73 -51.03 -14.79
N LEU K 138 -28.58 -52.24 -14.25
CA LEU K 138 -27.33 -52.97 -14.43
C LEU K 138 -27.10 -53.31 -15.89
N GLN K 139 -28.14 -53.73 -16.61
CA GLN K 139 -28.00 -54.04 -18.03
C GLN K 139 -27.62 -52.80 -18.83
N ALA K 140 -28.27 -51.67 -18.52
CA ALA K 140 -27.94 -50.43 -19.22
C ALA K 140 -26.51 -50.00 -18.95
N ARG K 141 -26.06 -50.13 -17.69
CA ARG K 141 -24.68 -49.79 -17.35
C ARG K 141 -23.70 -50.68 -18.08
N LEU K 142 -23.99 -51.98 -18.15
CA LEU K 142 -23.10 -52.90 -18.86
C LEU K 142 -23.05 -52.56 -20.36
N LEU K 143 -24.20 -52.28 -20.97
CA LEU K 143 -24.23 -51.94 -22.38
C LEU K 143 -23.63 -50.56 -22.65
N THR K 144 -23.82 -49.62 -21.73
CA THR K 144 -23.33 -48.27 -21.95
C THR K 144 -21.81 -48.25 -21.95
N PRO K 145 -21.15 -47.70 -22.98
CA PRO K 145 -19.69 -47.57 -22.91
C PRO K 145 -19.26 -46.55 -21.87
N ARG K 146 -18.00 -46.65 -21.46
CA ARG K 146 -17.52 -45.92 -20.29
C ARG K 146 -17.53 -44.41 -20.52
N GLY K 147 -16.93 -43.96 -21.62
CA GLY K 147 -16.70 -42.54 -21.84
C GLY K 147 -17.55 -41.92 -22.94
N SER K 148 -18.84 -42.26 -22.96
CA SER K 148 -19.76 -41.74 -23.96
C SER K 148 -20.76 -40.74 -23.43
N LEU K 149 -21.14 -40.84 -22.16
CA LEU K 149 -22.15 -39.94 -21.61
C LEU K 149 -21.62 -38.50 -21.55
N MET K 150 -22.54 -37.56 -21.74
CA MET K 150 -22.18 -36.15 -21.83
C MET K 150 -21.96 -35.50 -20.48
N LEU K 151 -22.42 -36.11 -19.39
CA LEU K 151 -22.22 -35.62 -18.05
C LEU K 151 -21.91 -36.81 -17.14
N HIS K 152 -21.38 -36.49 -15.95
CA HIS K 152 -20.87 -37.43 -14.94
C HIS K 152 -20.12 -38.58 -15.60
N PRO K 153 -18.94 -38.33 -16.19
CA PRO K 153 -18.26 -39.37 -16.97
C PRO K 153 -17.76 -40.53 -16.10
N ASN K 154 -17.07 -41.47 -16.74
CA ASN K 154 -16.62 -42.70 -16.08
C ASN K 154 -17.80 -43.58 -15.70
N TYR K 155 -18.79 -43.66 -16.59
CA TYR K 155 -19.99 -44.46 -16.41
C TYR K 155 -20.10 -45.42 -17.59
N GLY K 156 -20.02 -46.72 -17.31
CA GLY K 156 -20.13 -47.75 -18.32
C GLY K 156 -19.05 -48.81 -18.22
N SER K 157 -18.59 -49.29 -19.36
CA SER K 157 -17.58 -50.35 -19.39
C SER K 157 -16.88 -50.31 -20.74
N ASP K 158 -15.74 -51.01 -20.81
CA ASP K 158 -14.95 -51.13 -22.02
C ASP K 158 -15.24 -52.42 -22.76
N LEU K 159 -16.48 -52.89 -22.73
CA LEU K 159 -16.83 -54.17 -23.33
C LEU K 159 -16.61 -54.15 -24.85
N HIS K 160 -16.82 -53.01 -25.49
CA HIS K 160 -16.65 -52.93 -26.93
C HIS K 160 -15.20 -53.14 -27.34
N ASN K 161 -14.25 -52.69 -26.52
CA ASN K 161 -12.83 -52.78 -26.84
C ASN K 161 -12.22 -54.15 -26.51
N LEU K 162 -12.92 -54.99 -25.76
CA LEU K 162 -12.35 -56.24 -25.27
C LEU K 162 -12.50 -57.40 -26.25
N PHE K 163 -13.10 -57.19 -27.42
CA PHE K 163 -13.15 -58.24 -28.43
C PHE K 163 -11.74 -58.61 -28.87
N GLY K 164 -11.46 -59.90 -28.94
CA GLY K 164 -10.12 -60.37 -29.27
C GLY K 164 -10.09 -61.77 -29.84
N LEU K 165 -9.09 -62.55 -29.44
CA LEU K 165 -8.85 -63.89 -29.98
C LEU K 165 -9.49 -65.00 -29.15
N ASN K 166 -10.51 -64.67 -28.35
CA ASN K 166 -11.27 -65.62 -27.51
C ASN K 166 -10.35 -66.56 -26.73
N ILE K 167 -9.23 -66.01 -26.26
CA ILE K 167 -8.23 -66.78 -25.50
C ILE K 167 -8.56 -66.66 -24.02
N PRO K 168 -8.06 -67.55 -23.15
CA PRO K 168 -8.47 -67.51 -21.74
C PRO K 168 -8.17 -66.20 -21.02
N GLU K 169 -7.04 -65.57 -21.33
CA GLU K 169 -6.71 -64.30 -20.67
C GLU K 169 -7.71 -63.22 -21.03
N GLN K 170 -8.14 -63.17 -22.29
CA GLN K 170 -9.18 -62.22 -22.67
C GLN K 170 -10.49 -62.53 -21.96
N ALA K 171 -10.79 -63.82 -21.78
CA ALA K 171 -12.00 -64.18 -21.05
C ALA K 171 -11.95 -63.71 -19.60
N THR K 172 -10.81 -63.87 -18.94
CA THR K 172 -10.68 -63.39 -17.57
C THR K 172 -10.75 -61.87 -17.51
N LEU K 173 -10.17 -61.18 -18.50
CA LEU K 173 -10.28 -59.73 -18.55
C LEU K 173 -11.73 -59.29 -18.70
N ILE K 174 -12.49 -59.98 -19.56
CA ILE K 174 -13.91 -59.66 -19.72
C ILE K 174 -14.66 -59.92 -18.42
N GLU K 175 -14.34 -61.02 -17.74
CA GLU K 175 -14.97 -61.32 -16.47
C GLU K 175 -14.71 -60.22 -15.45
N MET K 176 -13.46 -59.77 -15.36
CA MET K 176 -13.13 -58.71 -14.41
C MET K 176 -13.81 -57.40 -14.77
N GLU K 177 -13.88 -57.08 -16.07
CA GLU K 177 -14.58 -55.86 -16.48
C GLU K 177 -16.06 -55.92 -16.10
N VAL K 178 -16.70 -57.07 -16.33
CA VAL K 178 -18.11 -57.22 -15.98
C VAL K 178 -18.30 -57.11 -14.47
N LEU K 179 -17.40 -57.72 -13.70
CA LEU K 179 -17.51 -57.66 -12.25
C LEU K 179 -17.34 -56.24 -11.74
N ARG K 180 -16.37 -55.50 -12.29
CA ARG K 180 -16.20 -54.10 -11.89
C ARG K 180 -17.42 -53.26 -12.27
N THR K 181 -17.99 -53.51 -13.45
CA THR K 181 -19.17 -52.77 -13.86
C THR K 181 -20.35 -53.05 -12.94
N LEU K 182 -20.55 -54.32 -12.56
CA LEU K 182 -21.66 -54.67 -11.69
C LEU K 182 -21.47 -54.14 -10.29
N THR K 183 -20.23 -54.15 -9.78
CA THR K 183 -19.94 -53.72 -8.43
C THR K 183 -19.78 -52.21 -8.29
N SER K 184 -19.90 -51.45 -9.39
CA SER K 184 -19.79 -50.00 -9.30
C SER K 184 -20.89 -49.40 -8.43
N ASP K 185 -22.12 -49.89 -8.59
CA ASP K 185 -23.23 -49.41 -7.78
C ASP K 185 -23.04 -49.83 -6.32
N ASN K 186 -23.20 -48.88 -5.40
CA ASN K 186 -23.03 -49.19 -3.99
C ASN K 186 -24.15 -50.06 -3.44
N ARG K 187 -25.31 -50.08 -4.10
CA ARG K 187 -26.43 -50.90 -3.63
C ARG K 187 -26.09 -52.38 -3.67
N VAL K 188 -25.40 -52.83 -4.72
CA VAL K 188 -25.00 -54.23 -4.86
C VAL K 188 -23.79 -54.48 -3.97
N LYS K 189 -23.78 -55.63 -3.29
CA LYS K 189 -22.68 -55.96 -2.40
C LYS K 189 -21.45 -56.38 -3.19
N SER K 190 -21.56 -57.46 -3.97
CA SER K 190 -20.43 -57.99 -4.72
C SER K 190 -20.97 -58.89 -5.82
N ALA K 191 -20.05 -59.46 -6.60
CA ALA K 191 -20.42 -60.36 -7.68
C ALA K 191 -19.28 -61.36 -7.90
N ASN K 192 -19.62 -62.48 -8.52
CA ASN K 192 -18.65 -63.52 -8.79
C ASN K 192 -19.17 -64.41 -9.93
N LEU K 193 -18.25 -64.87 -10.77
CA LEU K 193 -18.61 -65.76 -11.86
C LEU K 193 -18.98 -67.14 -11.34
N ILE K 194 -19.96 -67.76 -11.99
CA ILE K 194 -20.43 -69.09 -11.62
C ILE K 194 -20.06 -70.14 -12.67
N ASP K 195 -19.96 -69.78 -13.94
CA ASP K 195 -19.64 -70.74 -14.98
C ASP K 195 -19.04 -70.01 -16.18
N TRP K 196 -18.10 -70.67 -16.84
CA TRP K 196 -17.46 -70.17 -18.06
C TRP K 196 -17.66 -71.17 -19.18
N LYS K 197 -17.89 -70.67 -20.40
CA LYS K 197 -18.13 -71.54 -21.53
C LYS K 197 -17.79 -70.78 -22.80
N ILE K 198 -16.73 -71.21 -23.49
CA ILE K 198 -16.31 -70.63 -24.76
C ILE K 198 -16.19 -71.77 -25.76
N GLN K 199 -16.97 -71.71 -26.84
CA GLN K 199 -16.97 -72.72 -27.89
C GLN K 199 -17.15 -72.02 -29.23
N GLY K 200 -16.14 -72.11 -30.08
CA GLY K 200 -16.20 -71.51 -31.42
C GLY K 200 -15.78 -70.04 -31.39
N ASN K 201 -16.75 -69.14 -31.56
CA ASN K 201 -16.50 -67.70 -31.57
C ASN K 201 -17.56 -66.93 -30.78
N VAL K 202 -18.19 -67.58 -29.80
CA VAL K 202 -19.23 -66.98 -28.98
C VAL K 202 -18.86 -67.15 -27.52
N TYR K 203 -18.89 -66.07 -26.76
CA TYR K 203 -18.60 -66.08 -25.33
C TYR K 203 -19.90 -66.14 -24.56
N SER K 204 -19.97 -67.06 -23.59
CA SER K 204 -21.15 -67.26 -22.76
C SER K 204 -20.73 -67.39 -21.31
N GLY K 205 -21.65 -67.03 -20.42
CA GLY K 205 -21.38 -67.11 -19.00
C GLY K 205 -22.55 -66.57 -18.21
N GLN K 206 -22.39 -66.60 -16.89
CA GLN K 206 -23.40 -66.09 -15.98
C GLN K 206 -22.73 -65.59 -14.71
N PHE K 207 -23.44 -64.72 -13.99
CA PHE K 207 -22.94 -64.12 -12.77
C PHE K 207 -24.07 -64.07 -11.74
N SER K 208 -23.67 -64.00 -10.47
CA SER K 208 -24.58 -63.88 -9.34
C SER K 208 -24.23 -62.62 -8.55
N VAL K 209 -25.25 -61.89 -8.15
CA VAL K 209 -25.10 -60.62 -7.44
C VAL K 209 -25.87 -60.69 -6.13
N GLU K 210 -25.23 -60.27 -5.04
CA GLU K 210 -25.85 -60.27 -3.71
C GLU K 210 -26.45 -58.89 -3.47
N ILE K 211 -27.72 -58.74 -3.85
CA ILE K 211 -28.42 -57.47 -3.67
C ILE K 211 -28.85 -57.35 -2.21
N LYS K 212 -28.66 -56.16 -1.64
CA LYS K 212 -29.06 -55.92 -0.26
C LYS K 212 -30.57 -56.03 -0.12
N SER K 213 -31.01 -56.72 0.93
CA SER K 213 -32.43 -56.92 1.20
C SER K 213 -33.11 -57.66 0.06
N MET L 1 14.23 -23.19 18.74
CA MET L 1 13.56 -24.18 17.84
C MET L 1 12.27 -23.59 17.28
N VAL L 2 11.51 -24.40 16.55
CA VAL L 2 10.32 -23.91 15.85
C VAL L 2 9.27 -23.39 16.83
N VAL L 3 9.08 -24.11 17.95
CA VAL L 3 8.04 -23.73 18.90
C VAL L 3 8.40 -22.54 19.77
N ARG L 4 9.67 -22.13 19.78
CA ARG L 4 10.11 -21.02 20.61
C ARG L 4 9.63 -19.66 20.08
N PHE L 5 9.18 -19.59 18.82
CA PHE L 5 8.76 -18.31 18.23
C PHE L 5 7.41 -17.92 18.82
N GLN L 6 7.47 -17.25 19.97
CA GLN L 6 6.29 -16.69 20.63
C GLN L 6 6.67 -15.32 21.18
N SER L 7 5.73 -14.70 21.89
CA SER L 7 5.98 -13.38 22.47
C SER L 7 7.06 -13.50 23.55
N SER L 8 8.11 -12.70 23.43
CA SER L 8 9.20 -12.71 24.39
C SER L 8 9.83 -11.33 24.43
N MET L 9 10.52 -11.04 25.54
CA MET L 9 11.16 -9.75 25.73
C MET L 9 12.32 -9.92 26.70
N GLY L 10 13.31 -9.04 26.56
CA GLY L 10 14.47 -9.03 27.42
C GLY L 10 15.61 -9.87 26.88
N ARG L 11 16.81 -9.55 27.36
CA ARG L 11 17.99 -10.31 26.97
C ARG L 11 17.88 -11.77 27.42
N SER L 12 17.41 -11.98 28.65
CA SER L 12 17.11 -13.30 29.15
C SER L 12 15.70 -13.70 28.72
N LEU L 13 15.51 -14.99 28.45
CA LEU L 13 14.23 -15.46 27.96
C LEU L 13 13.16 -15.32 29.05
N LYS L 14 12.04 -14.69 28.70
CA LYS L 14 10.91 -14.54 29.60
C LYS L 14 9.63 -14.65 28.78
N ARG L 15 8.64 -15.34 29.34
CA ARG L 15 7.35 -15.51 28.66
C ARG L 15 6.51 -14.26 28.91
N VAL L 16 6.29 -13.49 27.85
CA VAL L 16 5.46 -12.29 27.94
C VAL L 16 4.01 -12.70 27.94
N ASP L 17 3.25 -12.19 28.90
CA ASP L 17 1.85 -12.59 29.11
C ASP L 17 1.11 -11.39 29.67
N SER L 18 -0.08 -11.63 30.23
CA SER L 18 -0.88 -10.55 30.80
C SER L 18 -0.20 -9.87 31.98
N ASP L 19 0.79 -10.51 32.60
CA ASP L 19 1.50 -9.88 33.71
C ASP L 19 2.24 -8.63 33.25
N ASP L 20 2.86 -8.68 32.07
CA ASP L 20 3.59 -7.52 31.56
C ASP L 20 2.66 -6.34 31.30
N LEU L 21 1.40 -6.61 30.94
CA LEU L 21 0.45 -5.53 30.72
C LEU L 21 0.22 -4.72 31.99
N ASN L 22 0.16 -5.40 33.13
CA ASN L 22 -0.01 -4.72 34.41
C ASN L 22 1.17 -3.79 34.68
N VAL L 23 0.86 -2.57 35.11
CA VAL L 23 1.90 -1.59 35.40
C VAL L 23 2.39 -1.77 36.84
N LYS L 24 3.69 -1.99 36.97
CA LYS L 24 4.35 -2.19 38.26
C LYS L 24 4.82 -0.83 38.76
N GLY L 25 4.29 -0.41 39.91
CA GLY L 25 4.75 0.81 40.56
C GLY L 25 3.91 2.04 40.25
N LEU L 26 4.49 3.22 40.50
CA LEU L 26 3.82 4.50 40.34
C LEU L 26 4.45 5.28 39.21
N VAL L 27 3.66 6.17 38.61
CA VAL L 27 4.09 6.99 37.48
C VAL L 27 3.63 8.43 37.71
N LEU L 28 4.30 9.35 37.03
CA LEU L 28 4.00 10.77 37.10
C LEU L 28 3.24 11.22 35.85
N ALA L 29 2.52 12.33 36.01
CA ALA L 29 1.77 12.92 34.90
C ALA L 29 1.50 14.38 35.22
N THR L 30 1.10 15.12 34.20
CA THR L 30 0.81 16.55 34.30
C THR L 30 -0.69 16.77 34.14
N VAL L 31 -1.19 17.77 34.86
CA VAL L 31 -2.61 18.11 34.80
C VAL L 31 -2.84 19.00 33.58
N SER L 32 -3.70 18.55 32.67
CA SER L 32 -4.01 19.25 31.44
C SER L 32 -5.39 19.91 31.46
N LYS L 33 -6.38 19.26 32.07
CA LYS L 33 -7.73 19.78 32.13
C LYS L 33 -8.36 19.36 33.45
N ILE L 34 -9.20 20.23 34.01
CA ILE L 34 -9.87 20.00 35.28
C ILE L 34 -11.36 20.20 35.09
N ASN L 35 -12.14 19.25 35.57
CA ASN L 35 -13.61 19.37 35.60
C ASN L 35 -13.98 20.09 36.89
N TYR L 36 -14.24 21.38 36.79
CA TYR L 36 -14.45 22.21 37.98
C TYR L 36 -15.70 21.79 38.74
N LYS L 37 -16.74 21.35 38.01
CA LYS L 37 -18.00 21.01 38.66
C LYS L 37 -17.84 19.83 39.60
N TYR L 38 -17.14 18.78 39.15
CA TYR L 38 -16.83 17.61 39.97
C TYR L 38 -15.45 17.66 40.60
N GLN L 39 -14.60 18.61 40.20
CA GLN L 39 -13.24 18.74 40.74
C GLN L 39 -12.44 17.45 40.54
N SER L 40 -12.62 16.82 39.37
CA SER L 40 -11.87 15.64 38.97
C SER L 40 -11.12 15.98 37.68
N VAL L 41 -9.82 15.73 37.69
CA VAL L 41 -8.94 16.16 36.61
C VAL L 41 -8.67 14.98 35.67
N GLU L 42 -8.09 15.29 34.52
CA GLU L 42 -7.55 14.30 33.60
C GLU L 42 -6.08 14.63 33.37
N VAL L 43 -5.22 13.64 33.61
CA VAL L 43 -3.77 13.81 33.57
C VAL L 43 -3.24 13.30 32.24
N LYS L 44 -2.22 13.98 31.72
CA LYS L 44 -1.59 13.62 30.45
C LYS L 44 -0.27 12.91 30.69
N VAL L 45 -0.13 11.73 30.08
CA VAL L 45 1.15 11.04 30.01
C VAL L 45 1.92 11.71 28.89
N ASN L 46 3.22 11.40 28.77
CA ASN L 46 4.06 12.06 27.78
C ASN L 46 3.52 11.90 26.36
N ASN L 47 2.87 10.77 26.07
CA ASN L 47 2.23 10.55 24.77
C ASN L 47 0.87 9.86 24.93
N LEU L 48 0.19 10.11 26.04
CA LEU L 48 -1.14 9.54 26.24
C LEU L 48 -1.86 10.39 27.29
N THR L 49 -3.18 10.32 27.27
CA THR L 49 -4.03 11.01 28.24
C THR L 49 -4.93 9.99 28.93
N LEU L 50 -4.80 9.90 30.25
CA LEU L 50 -5.68 9.04 31.04
C LEU L 50 -7.02 9.73 31.26
N GLY L 51 -8.06 8.93 31.44
CA GLY L 51 -9.40 9.49 31.56
C GLY L 51 -9.85 10.07 30.23
N SER L 52 -10.52 11.22 30.30
CA SER L 52 -11.02 11.92 29.11
C SER L 52 -11.97 11.04 28.31
N ARG L 53 -12.78 10.25 29.02
CA ARG L 53 -13.75 9.37 28.37
C ARG L 53 -14.91 10.20 27.82
N ILE L 54 -15.87 9.51 27.21
CA ILE L 54 -17.03 10.19 26.63
C ILE L 54 -17.81 10.94 27.71
N GLY L 55 -17.89 10.37 28.91
CA GLY L 55 -18.48 11.07 30.03
C GLY L 55 -17.77 12.38 30.32
N ASP L 56 -18.53 13.47 30.46
CA ASP L 56 -17.93 14.80 30.57
C ASP L 56 -17.12 14.94 31.86
N ASP L 57 -17.80 14.98 33.01
CA ASP L 57 -17.17 15.21 34.30
C ASP L 57 -17.55 14.16 35.33
N GLY L 58 -18.78 13.66 35.27
CA GLY L 58 -19.33 12.87 36.36
C GLY L 58 -19.08 11.37 36.29
N SER L 59 -19.47 10.73 35.19
CA SER L 59 -19.51 9.27 35.15
C SER L 59 -18.12 8.67 35.29
N LEU L 60 -17.13 9.23 34.61
CA LEU L 60 -15.76 8.74 34.67
C LEU L 60 -14.80 9.92 34.76
N ALA L 61 -13.88 9.85 35.72
CA ALA L 61 -12.86 10.87 35.91
C ALA L 61 -11.86 10.36 36.95
N VAL L 62 -10.80 11.12 37.14
CA VAL L 62 -9.75 10.78 38.09
C VAL L 62 -10.02 11.54 39.39
N PRO L 63 -10.28 10.87 40.51
CA PRO L 63 -10.45 11.59 41.77
C PRO L 63 -9.15 12.29 42.19
N TYR L 64 -9.28 13.12 43.22
CA TYR L 64 -8.19 13.90 43.78
C TYR L 64 -8.20 13.74 45.29
N PRO L 65 -7.03 13.83 45.96
CA PRO L 65 -7.04 13.74 47.43
C PRO L 65 -7.80 14.89 48.08
N LYS L 66 -8.38 14.60 49.24
CA LYS L 66 -9.09 15.57 50.04
C LYS L 66 -8.54 15.56 51.45
N SER L 67 -8.53 16.72 52.10
CA SER L 67 -8.03 16.80 53.48
C SER L 67 -8.90 15.96 54.41
N PHE L 68 -10.22 16.07 54.27
CA PHE L 68 -11.15 15.29 55.07
C PHE L 68 -12.55 15.50 54.50
N ILE L 69 -13.39 14.47 54.63
CA ILE L 69 -14.75 14.52 54.11
C ILE L 69 -15.59 13.52 54.88
N GLY L 70 -16.86 13.84 55.07
CA GLY L 70 -17.75 12.96 55.81
C GLY L 70 -19.14 13.55 55.88
N ARG L 71 -19.97 12.90 56.70
CA ARG L 71 -21.36 13.30 56.91
C ARG L 71 -21.67 13.32 58.39
N THR L 72 -22.45 14.31 58.81
CA THR L 72 -22.82 14.46 60.22
C THR L 72 -24.00 13.54 60.56
N PRO L 73 -24.27 13.33 61.85
CA PRO L 73 -25.46 12.54 62.21
C PRO L 73 -26.75 13.12 61.69
N GLU L 74 -26.87 14.45 61.60
CA GLU L 74 -28.08 15.06 61.07
C GLU L 74 -28.27 14.71 59.60
N GLY L 75 -27.18 14.47 58.86
CA GLY L 75 -27.23 14.10 57.46
C GLY L 75 -26.48 15.05 56.54
N SER L 76 -26.23 16.29 56.98
CA SER L 76 -25.54 17.25 56.15
C SER L 76 -24.11 16.80 55.89
N VAL L 77 -23.65 16.98 54.65
CA VAL L 77 -22.32 16.57 54.22
C VAL L 77 -21.35 17.71 54.45
N PHE L 78 -20.13 17.35 54.84
CA PHE L 78 -19.06 18.33 55.06
C PHE L 78 -17.77 17.77 54.46
N GLY L 79 -16.85 18.68 54.15
CA GLY L 79 -15.58 18.26 53.59
C GLY L 79 -14.74 19.45 53.21
N THR L 80 -13.81 19.21 52.28
CA THR L 80 -12.89 20.24 51.81
C THR L 80 -12.74 20.12 50.30
N LYS L 81 -12.34 21.23 49.68
CA LYS L 81 -12.07 21.30 48.24
C LYS L 81 -10.69 21.93 48.07
N PRO L 82 -9.61 21.15 48.24
CA PRO L 82 -8.28 21.74 48.09
C PRO L 82 -8.04 22.26 46.69
N LEU L 83 -7.22 23.30 46.60
CA LEU L 83 -7.01 23.99 45.34
C LEU L 83 -6.37 23.06 44.31
N ILE L 84 -6.82 23.18 43.06
CA ILE L 84 -6.32 22.39 41.94
C ILE L 84 -5.71 23.35 40.93
N THR L 85 -4.56 22.96 40.39
CA THR L 85 -3.78 23.80 39.48
C THR L 85 -3.44 23.04 38.23
N GLU L 86 -3.51 23.72 37.09
CA GLU L 86 -3.16 23.12 35.81
C GLU L 86 -1.65 23.16 35.61
N GLY L 87 -1.11 22.10 34.99
CA GLY L 87 0.30 22.01 34.72
C GLY L 87 1.15 21.47 35.85
N SER L 88 0.55 21.15 37.00
CA SER L 88 1.31 20.64 38.12
C SER L 88 1.60 19.14 37.95
N VAL L 89 2.64 18.68 38.62
CA VAL L 89 3.05 17.28 38.58
C VAL L 89 2.36 16.55 39.73
N VAL L 90 1.70 15.44 39.41
CA VAL L 90 0.92 14.66 40.38
C VAL L 90 1.34 13.20 40.30
N LEU L 91 1.55 12.59 41.45
CA LEU L 91 1.86 11.17 41.52
C LEU L 91 0.57 10.36 41.42
N ILE L 92 0.63 9.25 40.67
CA ILE L 92 -0.53 8.43 40.36
C ILE L 92 -0.25 6.99 40.77
N GLY L 93 -1.25 6.35 41.35
CA GLY L 93 -1.18 4.94 41.70
C GLY L 93 -2.38 4.17 41.18
N PHE L 94 -2.12 3.23 40.27
CA PHE L 94 -3.21 2.47 39.66
C PHE L 94 -3.78 1.44 40.64
N LEU L 95 -5.08 1.20 40.52
CA LEU L 95 -5.73 0.24 41.38
C LEU L 95 -5.39 -1.18 40.95
N ASN L 96 -4.89 -1.97 41.89
CA ASN L 96 -4.51 -3.37 41.67
C ASN L 96 -3.44 -3.52 40.59
N ASP L 97 -2.64 -2.46 40.37
CA ASP L 97 -1.66 -2.43 39.29
C ASP L 97 -2.32 -2.75 37.94
N ASP L 98 -3.52 -2.20 37.73
CA ASP L 98 -4.28 -2.36 36.50
C ASP L 98 -4.37 -1.01 35.82
N ILE L 99 -3.90 -0.94 34.56
CA ILE L 99 -3.92 0.31 33.84
C ILE L 99 -5.35 0.74 33.56
N ASN L 100 -5.51 2.02 33.20
CA ASN L 100 -6.81 2.62 32.93
C ASN L 100 -7.66 2.68 34.20
N SER L 101 -7.02 3.04 35.33
CA SER L 101 -7.72 3.25 36.59
C SER L 101 -6.86 4.10 37.51
N PRO L 102 -6.59 5.36 37.15
CA PRO L 102 -5.67 6.18 37.95
C PRO L 102 -6.34 6.85 39.13
N ILE L 103 -5.54 7.03 40.19
CA ILE L 103 -5.90 7.86 41.34
C ILE L 103 -4.68 8.69 41.71
N ILE L 104 -4.89 9.99 41.91
CA ILE L 104 -3.80 10.89 42.27
C ILE L 104 -3.53 10.73 43.76
N LEU L 105 -2.25 10.47 44.10
CA LEU L 105 -1.87 10.32 45.50
C LEU L 105 -1.57 11.67 46.14
N SER L 106 -0.77 12.49 45.48
CA SER L 106 -0.40 13.80 45.99
C SER L 106 0.12 14.64 44.83
N VAL L 107 0.45 15.89 45.13
CA VAL L 107 0.98 16.85 44.16
C VAL L 107 2.37 17.28 44.62
N TYR L 108 3.33 17.23 43.72
CA TYR L 108 4.72 17.56 43.99
C TYR L 108 5.18 18.65 43.04
N GLY L 109 5.82 19.68 43.59
CA GLY L 109 6.28 20.80 42.79
C GLY L 109 7.69 20.61 42.26
N ASP L 110 8.05 21.44 41.28
CA ASP L 110 9.39 21.41 40.72
C ASP L 110 10.40 21.97 41.72
N ASN L 111 11.67 21.63 41.50
CA ASN L 111 12.72 22.12 42.39
C ASN L 111 12.82 23.64 42.34
N GLU L 112 12.70 24.23 41.15
CA GLU L 112 12.73 25.68 41.04
C GLU L 112 11.55 26.31 41.77
N GLN L 113 10.36 25.73 41.62
CA GLN L 113 9.18 26.27 42.30
C GLN L 113 9.33 26.17 43.81
N ASN L 114 9.84 25.05 44.31
CA ASN L 114 10.06 24.91 45.75
C ASN L 114 11.10 25.91 46.24
N LYS L 115 12.17 26.11 45.47
CA LYS L 115 13.19 27.08 45.84
C LYS L 115 12.64 28.50 45.86
N MET L 116 11.66 28.79 45.00
CA MET L 116 11.13 30.14 44.92
C MET L 116 10.18 30.47 46.06
N ILE L 117 9.47 29.46 46.60
CA ILE L 117 8.41 29.70 47.57
C ILE L 117 8.86 29.38 48.99
N ASN L 118 10.17 29.47 49.25
CA ASN L 118 10.71 29.31 50.60
C ASN L 118 11.67 30.45 50.89
N THR L 119 11.70 30.85 52.16
CA THR L 119 12.54 31.95 52.64
C THR L 119 13.64 31.49 53.58
N ASN L 120 13.92 30.19 53.63
CA ASN L 120 14.96 29.70 54.53
C ASN L 120 16.32 29.84 53.86
N PRO L 121 17.25 30.63 54.41
CA PRO L 121 18.56 30.78 53.75
C PRO L 121 19.54 29.66 54.08
N LEU L 122 19.28 28.86 55.11
CA LEU L 122 20.21 27.80 55.48
C LEU L 122 20.29 26.73 54.40
N ASP L 123 21.52 26.32 54.08
CA ASP L 123 21.70 25.23 53.13
C ASP L 123 21.40 23.87 53.75
N GLY L 124 21.69 23.71 55.04
CA GLY L 124 21.44 22.44 55.70
C GLY L 124 21.78 22.55 57.18
N GLY L 125 21.56 21.45 57.88
CA GLY L 125 21.81 21.36 59.30
C GLY L 125 20.75 20.52 59.99
N LYS L 126 21.12 19.94 61.12
CA LYS L 126 20.19 19.12 61.88
C LYS L 126 19.05 19.98 62.43
N PHE L 127 17.85 19.42 62.41
CA PHE L 127 16.67 20.15 62.88
C PHE L 127 16.71 20.40 64.38
N ASP L 128 17.46 19.60 65.15
CA ASP L 128 17.48 19.74 66.59
C ASP L 128 18.25 20.97 67.06
N THR L 129 19.05 21.59 66.21
CA THR L 129 19.80 22.78 66.62
C THR L 129 18.84 23.94 66.89
N GLU L 130 19.13 24.68 67.97
CA GLU L 130 18.25 25.78 68.35
C GLU L 130 18.23 26.88 67.30
N SER L 131 19.40 27.24 66.76
CA SER L 131 19.45 28.29 65.75
C SER L 131 18.73 27.86 64.48
N VAL L 132 18.90 26.62 64.06
CA VAL L 132 18.21 26.13 62.87
C VAL L 132 16.70 26.07 63.10
N TYR L 133 16.28 25.86 64.36
CA TYR L 133 14.85 25.80 64.65
C TYR L 133 14.16 27.12 64.35
N LYS L 134 14.89 28.23 64.41
CA LYS L 134 14.28 29.54 64.13
C LYS L 134 13.82 29.62 62.68
N TYR L 135 14.63 29.12 61.75
CA TYR L 135 14.33 29.19 60.32
C TYR L 135 13.68 27.92 59.79
N SER L 136 14.11 26.75 60.25
CA SER L 136 13.56 25.50 59.74
C SER L 136 12.08 25.35 60.10
N SER L 137 11.72 25.69 61.34
CA SER L 137 10.34 25.59 61.79
C SER L 137 9.58 26.81 61.31
N SER L 138 9.01 26.71 60.11
CA SER L 138 8.26 27.81 59.52
C SER L 138 7.19 27.23 58.61
N LEU L 139 5.93 27.29 59.04
CA LEU L 139 4.80 26.81 58.24
C LEU L 139 4.42 27.92 57.27
N TYR L 140 5.25 28.08 56.24
CA TYR L 140 5.09 29.13 55.24
C TYR L 140 4.18 28.62 54.13
N GLU L 141 3.06 29.31 53.92
CA GLU L 141 2.09 28.95 52.91
C GLU L 141 1.63 30.20 52.18
N ILE L 142 1.34 30.03 50.89
CA ILE L 142 0.86 31.11 50.03
C ILE L 142 -0.49 30.70 49.47
N LEU L 143 -1.48 31.57 49.64
CA LEU L 143 -2.82 31.33 49.13
C LEU L 143 -2.80 31.46 47.60
N PRO L 144 -3.89 31.07 46.92
CA PRO L 144 -3.98 31.38 45.49
C PRO L 144 -3.84 32.87 45.21
N SER L 145 -4.38 33.72 46.07
CA SER L 145 -4.02 35.13 46.05
C SER L 145 -2.59 35.28 46.53
N LEU L 146 -1.87 36.25 45.96
CA LEU L 146 -0.45 36.39 46.26
C LEU L 146 -0.20 36.79 47.72
N ASN L 147 -1.20 37.32 48.42
CA ASN L 147 -1.07 37.52 49.85
C ASN L 147 -0.93 36.16 50.54
N TYR L 148 0.01 36.07 51.46
CA TYR L 148 0.43 34.81 52.07
C TYR L 148 0.12 34.79 53.56
N LYS L 149 0.31 33.61 54.15
CA LYS L 149 0.19 33.40 55.59
C LYS L 149 1.46 32.73 56.07
N TYR L 150 1.92 33.12 57.27
CA TYR L 150 3.20 32.68 57.79
C TYR L 150 3.09 32.38 59.27
N ASP L 151 3.68 31.26 59.68
CA ASP L 151 3.82 30.89 61.08
C ASP L 151 5.22 30.34 61.29
N ASP L 152 5.67 30.40 62.55
CA ASP L 152 7.04 30.01 62.88
C ASP L 152 7.08 29.45 64.28
N GLY L 153 8.14 28.68 64.56
CA GLY L 153 8.33 28.16 65.91
C GLY L 153 8.50 29.26 66.93
N GLU L 154 9.15 30.35 66.55
CA GLU L 154 9.23 31.52 67.41
C GLU L 154 7.88 32.22 67.46
N GLY L 155 7.82 33.33 68.19
CA GLY L 155 6.57 34.06 68.34
C GLY L 155 6.13 34.82 67.11
N THR L 156 7.00 34.97 66.12
CA THR L 156 6.63 35.69 64.90
C THR L 156 5.55 34.94 64.14
N SER L 157 4.56 35.69 63.66
CA SER L 157 3.47 35.13 62.86
C SER L 157 2.87 36.24 62.04
N ILE L 158 2.93 36.12 60.71
CA ILE L 158 2.56 37.19 59.79
C ILE L 158 1.46 36.70 58.87
N ARG L 159 0.44 37.53 58.67
CA ARG L 159 -0.64 37.29 57.72
C ARG L 159 -0.82 38.54 56.87
N THR L 160 -1.21 38.33 55.61
CA THR L 160 -1.34 39.39 54.63
C THR L 160 -2.72 39.33 54.00
N TYR L 161 -3.13 40.46 53.44
CA TYR L 161 -4.44 40.62 52.80
C TYR L 161 -4.23 41.41 51.51
N ASN L 162 -5.33 41.90 50.95
CA ASN L 162 -5.26 42.69 49.72
C ASN L 162 -4.43 43.95 49.93
N GLY L 163 -3.70 44.34 48.89
CA GLY L 163 -2.82 45.48 49.02
C GLY L 163 -1.67 45.18 49.96
N LYS L 164 -1.13 46.24 50.56
CA LYS L 164 -0.05 46.12 51.52
C LYS L 164 -0.53 45.90 52.95
N SER L 165 -1.84 45.79 53.16
CA SER L 165 -2.37 45.52 54.50
C SER L 165 -1.89 44.16 54.99
N PHE L 166 -1.64 44.07 56.29
CA PHE L 166 -1.13 42.83 56.87
C PHE L 166 -1.44 42.81 58.36
N PHE L 167 -1.37 41.60 58.93
CA PHE L 167 -1.51 41.37 60.36
C PHE L 167 -0.26 40.63 60.85
N SER L 168 0.27 41.05 62.00
CA SER L 168 1.50 40.49 62.50
C SER L 168 1.48 40.48 64.03
N MET L 169 2.32 39.63 64.60
CA MET L 169 2.47 39.55 66.05
C MET L 169 3.86 38.99 66.35
N THR L 170 4.41 39.41 67.49
CA THR L 170 5.71 38.94 67.93
C THR L 170 5.91 39.37 69.39
N SER L 171 6.89 38.76 70.04
CA SER L 171 7.19 39.00 71.44
C SER L 171 8.61 39.46 71.70
N GLY L 172 9.59 38.95 70.94
CA GLY L 172 10.97 39.32 71.18
C GLY L 172 11.21 40.79 70.86
N GLU L 173 12.04 41.44 71.69
CA GLU L 173 12.38 42.83 71.47
C GLU L 173 13.20 43.01 70.20
N GLU L 174 14.01 42.01 69.85
CA GLU L 174 14.77 42.07 68.60
C GLU L 174 13.82 42.10 67.40
N GLU L 175 12.75 41.32 67.44
CA GLU L 175 11.75 41.28 66.39
C GLU L 175 10.67 42.33 66.57
N LYS L 176 10.84 43.27 67.50
CA LYS L 176 9.85 44.32 67.71
C LYS L 176 9.54 45.14 66.45
N PRO L 177 10.50 45.53 65.62
CA PRO L 177 10.14 46.31 64.41
C PRO L 177 9.21 45.57 63.46
N GLN L 178 9.19 44.23 63.49
CA GLN L 178 8.35 43.48 62.56
C GLN L 178 6.87 43.77 62.78
N ALA L 179 6.47 44.06 64.03
CA ALA L 179 5.07 44.28 64.40
C ALA L 179 4.94 45.52 65.27
N THR L 180 5.59 46.60 64.85
CA THR L 180 5.55 47.88 65.56
C THR L 180 4.57 48.82 64.88
N ASP L 181 4.24 49.91 65.58
CA ASP L 181 3.35 50.96 65.09
C ASP L 181 3.91 52.34 65.40
N PHE L 182 5.23 52.48 65.41
CA PHE L 182 5.85 53.76 65.66
C PHE L 182 5.75 54.65 64.42
N TYR L 183 5.41 55.92 64.64
CA TYR L 183 5.28 56.90 63.56
C TYR L 183 4.22 56.42 62.57
N THR L 184 4.65 55.85 61.42
CA THR L 184 3.74 55.33 60.42
C THR L 184 3.63 53.81 60.43
N GLY L 185 4.34 53.13 61.34
CA GLY L 185 4.34 51.68 61.38
C GLY L 185 5.34 51.08 60.42
N THR L 186 5.59 49.79 60.60
CA THR L 186 6.54 49.09 59.76
C THR L 186 6.01 48.95 58.34
N GLU L 187 6.90 49.08 57.36
CA GLU L 187 6.52 48.92 55.97
C GLU L 187 6.41 47.45 55.61
N TYR L 188 5.63 47.18 54.57
CA TYR L 188 5.47 45.81 54.09
C TYR L 188 6.78 45.25 53.56
N GLN L 189 7.64 46.11 52.99
CA GLN L 189 8.92 45.66 52.47
C GLN L 189 9.90 45.28 53.57
N ASP L 190 9.74 45.84 54.78
CA ASP L 190 10.69 45.56 55.85
C ASP L 190 10.64 44.09 56.27
N LEU L 191 9.47 43.46 56.18
CA LEU L 191 9.35 42.07 56.59
C LEU L 191 10.12 41.16 55.63
N PHE L 192 10.94 40.27 56.20
CA PHE L 192 11.72 39.35 55.36
C PHE L 192 10.85 38.26 54.73
N THR L 193 9.72 37.93 55.35
CA THR L 193 8.83 36.92 54.79
C THR L 193 8.08 37.40 53.55
N SER L 194 8.12 38.69 53.24
CA SER L 194 7.42 39.25 52.09
C SER L 194 8.24 39.16 50.80
N TYR L 195 9.36 38.44 50.81
CA TYR L 195 10.21 38.26 49.64
C TYR L 195 10.27 36.79 49.25
N TYR L 196 10.26 36.53 47.95
CA TYR L 196 10.50 35.18 47.46
C TYR L 196 11.93 34.75 47.78
N GLY L 197 12.21 33.47 47.52
CA GLY L 197 13.55 32.95 47.79
C GLY L 197 14.62 33.63 46.97
N ASN L 198 14.33 33.93 45.70
CA ASN L 198 15.32 34.50 44.79
C ASN L 198 15.29 36.02 44.80
N LYS L 199 15.33 36.61 46.00
CA LYS L 199 15.53 38.05 46.19
C LYS L 199 14.50 38.88 45.41
N THR L 200 13.25 38.45 45.45
CA THR L 200 12.15 39.12 44.74
C THR L 200 11.00 39.38 45.70
N LEU L 201 10.42 40.57 45.59
CA LEU L 201 9.32 40.95 46.44
C LEU L 201 8.06 40.15 46.08
N ILE L 202 7.25 39.86 47.10
CA ILE L 202 5.99 39.15 46.91
C ILE L 202 4.92 40.22 46.70
N GLU L 203 4.70 40.57 45.44
CA GLU L 203 3.70 41.57 45.11
C GLU L 203 2.30 41.05 45.43
N PRO L 204 1.44 41.82 46.11
CA PRO L 204 0.04 41.43 46.18
C PRO L 204 -0.62 41.47 44.80
N ARG L 205 -1.54 40.53 44.58
CA ARG L 205 -2.23 40.48 43.29
C ARG L 205 -3.17 41.66 43.12
N ILE L 206 -3.92 42.00 44.17
CA ILE L 206 -4.89 43.10 44.15
C ILE L 206 -4.33 44.21 45.02
N GLN L 207 -4.20 45.40 44.44
CA GLN L 207 -3.66 46.55 45.15
C GLN L 207 -4.74 47.43 45.78
N LYS L 208 -6.01 47.26 45.37
CA LYS L 208 -7.09 48.04 45.96
C LYS L 208 -7.25 47.67 47.43
N ALA L 209 -7.57 48.68 48.25
CA ALA L 209 -7.70 48.45 49.67
C ALA L 209 -8.93 47.60 49.97
N PRO L 210 -8.87 46.70 50.97
CA PRO L 210 -10.07 45.91 51.32
C PRO L 210 -11.00 46.64 52.26
N ASN L 211 -12.14 46.04 52.57
CA ASN L 211 -13.06 46.56 53.59
C ASN L 211 -13.55 45.39 54.43
N MET L 212 -13.15 45.37 55.70
CA MET L 212 -13.45 44.27 56.62
C MET L 212 -14.70 44.58 57.44
N LEU L 213 -15.27 43.52 58.00
CA LEU L 213 -16.41 43.65 58.91
C LEU L 213 -16.58 42.35 59.66
N PHE L 214 -17.04 42.45 60.90
CA PHE L 214 -17.27 41.30 61.78
C PHE L 214 -18.73 41.36 62.22
N LYS L 215 -19.61 40.77 61.42
CA LYS L 215 -21.04 40.79 61.71
C LYS L 215 -21.40 39.62 62.62
N HIS L 216 -22.08 39.92 63.72
CA HIS L 216 -22.43 38.95 64.75
C HIS L 216 -23.93 38.97 64.96
N GLN L 217 -24.55 37.79 64.99
CA GLN L 217 -25.98 37.65 65.17
C GLN L 217 -26.29 36.19 65.46
N GLY L 218 -27.55 35.94 65.82
CA GLY L 218 -28.01 34.59 66.12
C GLY L 218 -29.50 34.41 65.87
N VAL L 219 -30.08 33.38 66.49
CA VAL L 219 -31.50 33.06 66.33
C VAL L 219 -32.21 33.01 67.69
N PHE L 220 -31.66 32.25 68.63
CA PHE L 220 -32.27 32.14 69.95
C PHE L 220 -31.18 31.72 70.95
N TYR L 221 -31.58 31.58 72.21
CA TYR L 221 -30.67 31.17 73.26
C TYR L 221 -31.49 30.45 74.34
N ASP L 222 -30.82 30.06 75.43
CA ASP L 222 -31.45 29.21 76.44
C ASP L 222 -32.65 29.90 77.09
N ASP L 223 -32.68 31.23 77.13
CA ASP L 223 -33.82 31.92 77.71
C ASP L 223 -35.09 31.69 76.91
N GLY L 224 -34.98 31.36 75.62
CA GLY L 224 -36.11 31.05 74.78
C GLY L 224 -36.61 32.21 73.94
N THR L 225 -36.26 33.45 74.31
CA THR L 225 -36.67 34.58 73.52
C THR L 225 -35.88 34.64 72.22
N PRO L 226 -36.43 35.22 71.15
CA PRO L 226 -35.68 35.30 69.89
C PRO L 226 -34.48 36.23 70.01
N ASP L 227 -33.45 35.92 69.24
CA ASP L 227 -32.26 36.75 69.17
C ASP L 227 -32.44 37.79 68.09
N ASN L 228 -32.26 39.06 68.47
CA ASN L 228 -32.43 40.18 67.53
C ASN L 228 -31.33 41.22 67.67
N HIS L 229 -30.20 40.86 68.29
CA HIS L 229 -29.11 41.80 68.56
C HIS L 229 -28.04 41.63 67.48
N ILE L 230 -27.79 42.70 66.74
CA ILE L 230 -26.85 42.70 65.62
C ILE L 230 -25.78 43.74 65.90
N THR L 231 -24.51 43.34 65.76
CA THR L 231 -23.38 44.23 65.95
C THR L 231 -22.37 43.99 64.84
N THR L 232 -21.63 45.04 64.49
CA THR L 232 -20.68 45.01 63.39
C THR L 232 -19.44 45.80 63.76
N LEU L 233 -18.34 45.46 63.10
CA LEU L 233 -17.05 46.12 63.23
C LEU L 233 -16.52 46.52 61.85
N PHE L 234 -17.39 47.14 61.06
CA PHE L 234 -17.08 47.44 59.67
C PHE L 234 -15.90 48.38 59.55
N ILE L 235 -15.05 48.12 58.56
CA ILE L 235 -13.93 48.99 58.19
C ILE L 235 -14.02 49.25 56.69
N SER L 236 -13.98 50.52 56.31
CA SER L 236 -14.10 50.91 54.92
C SER L 236 -12.74 50.93 54.24
N GLU L 237 -12.75 51.02 52.90
CA GLU L 237 -11.51 51.11 52.16
C GLU L 237 -10.80 52.44 52.41
N ARG L 238 -11.55 53.48 52.76
CA ARG L 238 -10.99 54.80 52.97
C ARG L 238 -10.42 55.00 54.37
N GLY L 239 -10.48 53.97 55.23
CA GLY L 239 -9.93 54.04 56.57
C GLY L 239 -10.93 54.29 57.67
N ASP L 240 -12.22 54.39 57.35
CA ASP L 240 -13.22 54.60 58.38
C ASP L 240 -13.39 53.35 59.24
N ILE L 241 -13.73 53.55 60.50
CA ILE L 241 -14.02 52.48 61.45
C ILE L 241 -15.38 52.75 62.06
N ARG L 242 -16.24 51.73 62.07
CA ARG L 242 -17.58 51.85 62.63
C ARG L 242 -17.86 50.60 63.47
N ALA L 243 -17.98 50.79 64.79
CA ALA L 243 -18.42 49.75 65.71
C ALA L 243 -19.83 50.11 66.16
N SER L 244 -20.78 49.21 65.89
CA SER L 244 -22.19 49.47 66.11
C SER L 244 -22.86 48.29 66.80
N VAL L 245 -23.93 48.59 67.54
CA VAL L 245 -24.80 47.59 68.15
C VAL L 245 -26.22 47.95 67.78
N LEU L 246 -26.98 46.96 67.28
CA LEU L 246 -28.30 47.17 66.71
C LEU L 246 -29.30 46.20 67.32
N ASN L 247 -30.57 46.62 67.29
CA ASN L 247 -31.70 45.77 67.67
C ASN L 247 -32.80 46.09 66.65
N THR L 248 -32.86 45.26 65.60
CA THR L 248 -33.67 45.61 64.43
C THR L 248 -35.16 45.66 64.76
N GLU L 249 -35.66 44.74 65.60
CA GLU L 249 -37.08 44.69 65.88
C GLU L 249 -37.54 45.93 66.65
N THR L 250 -36.75 46.37 67.63
CA THR L 250 -37.07 47.57 68.39
C THR L 250 -36.69 48.85 67.68
N GLN L 251 -35.95 48.77 66.56
CA GLN L 251 -35.57 49.95 65.78
C GLN L 251 -34.70 50.89 66.59
N LYS L 252 -33.63 50.35 67.17
CA LYS L 252 -32.67 51.10 67.97
C LYS L 252 -31.26 50.75 67.53
N ARG L 253 -30.37 51.73 67.63
CA ARG L 253 -28.98 51.55 67.22
C ARG L 253 -28.09 52.52 67.99
N THR L 254 -26.87 52.06 68.27
CA THR L 254 -25.82 52.90 68.81
C THR L 254 -24.54 52.60 68.04
N THR L 255 -23.92 53.65 67.50
CA THR L 255 -22.77 53.51 66.60
C THR L 255 -21.62 54.38 67.07
N GLN L 256 -20.42 53.83 67.02
CA GLN L 256 -19.18 54.56 67.27
C GLN L 256 -18.42 54.60 65.94
N GLU L 257 -18.44 55.76 65.30
CA GLU L 257 -17.94 55.93 63.93
C GLU L 257 -16.67 56.76 63.92
N MET L 258 -15.76 56.39 63.03
CA MET L 258 -14.52 57.13 62.77
C MET L 258 -14.43 57.44 61.29
N SER L 259 -14.21 58.70 60.96
CA SER L 259 -14.09 59.12 59.57
C SER L 259 -12.65 59.02 59.09
N SER L 260 -12.49 58.99 57.76
CA SER L 260 -11.16 58.96 57.18
C SER L 260 -10.37 60.21 57.52
N ASP L 261 -11.05 61.37 57.57
CA ASP L 261 -10.39 62.63 57.93
C ASP L 261 -9.98 62.66 59.40
N GLY L 262 -10.46 61.74 60.23
CA GLY L 262 -10.12 61.70 61.63
C GLY L 262 -11.15 62.30 62.55
N SER L 263 -12.43 62.07 62.32
CA SER L 263 -13.51 62.62 63.13
C SER L 263 -14.02 61.55 64.08
N TYR L 264 -13.90 61.81 65.38
CA TYR L 264 -14.47 60.93 66.39
C TYR L 264 -15.95 61.26 66.57
N ARG L 265 -16.80 60.24 66.52
CA ARG L 265 -18.23 60.45 66.60
C ARG L 265 -18.91 59.20 67.13
N VAL L 266 -19.76 59.38 68.14
CA VAL L 266 -20.59 58.32 68.70
C VAL L 266 -22.04 58.77 68.60
N ILE L 267 -22.88 57.94 67.98
CA ILE L 267 -24.27 58.28 67.69
C ILE L 267 -25.17 57.22 68.28
N LYS L 268 -26.25 57.65 68.93
CA LYS L 268 -27.28 56.77 69.46
C LYS L 268 -28.62 57.14 68.84
N GLN L 269 -29.39 56.12 68.46
CA GLN L 269 -30.69 56.30 67.83
C GLN L 269 -31.71 55.42 68.52
N ASP L 270 -32.94 55.94 68.60
CA ASP L 270 -34.04 55.28 69.32
C ASP L 270 -35.17 54.79 68.41
N ASP L 271 -35.33 55.38 67.21
CA ASP L 271 -36.44 55.03 66.34
C ASP L 271 -36.02 54.95 64.86
N ASP L 272 -34.75 54.76 64.57
CA ASP L 272 -34.30 54.63 63.19
C ASP L 272 -32.92 53.99 63.17
N LEU L 273 -32.81 52.84 62.50
CA LEU L 273 -31.51 52.19 62.38
C LEU L 273 -30.57 53.00 61.49
N MET L 274 -31.06 53.48 60.36
CA MET L 274 -30.24 54.25 59.45
C MET L 274 -29.84 55.57 60.07
N LEU L 275 -28.60 55.99 59.81
CA LEU L 275 -28.12 57.27 60.34
C LEU L 275 -28.92 58.44 59.78
N ASP L 276 -29.21 58.39 58.48
CA ASP L 276 -29.92 59.49 57.84
C ASP L 276 -31.37 59.56 58.31
N GLU L 277 -31.87 60.79 58.45
CA GLU L 277 -33.26 61.04 58.82
C GLU L 277 -33.57 60.45 60.20
N ALA L 278 -32.83 60.93 61.20
CA ALA L 278 -33.01 60.53 62.60
C ALA L 278 -33.69 61.65 63.37
N GLN L 279 -34.78 61.32 64.05
CA GLN L 279 -35.54 62.31 64.80
C GLN L 279 -35.00 62.47 66.22
N VAL L 280 -34.97 61.39 66.99
CA VAL L 280 -34.45 61.39 68.36
C VAL L 280 -33.08 60.75 68.34
N TRP L 281 -32.06 61.50 68.74
CA TRP L 281 -30.69 61.01 68.72
C TRP L 281 -29.81 61.94 69.53
N ILE L 282 -28.63 61.44 69.89
CA ILE L 282 -27.64 62.21 70.64
C ILE L 282 -26.27 61.89 70.04
N GLU L 283 -25.43 62.92 69.93
CA GLU L 283 -24.11 62.80 69.31
C GLU L 283 -23.09 63.57 70.14
N TYR L 284 -21.90 63.01 70.26
CA TYR L 284 -20.78 63.68 70.91
C TYR L 284 -19.49 63.11 70.36
N GLY L 285 -18.49 63.98 70.24
CA GLY L 285 -17.20 63.56 69.72
C GLY L 285 -16.46 64.74 69.10
N ILE L 286 -15.61 64.42 68.12
CA ILE L 286 -14.77 65.39 67.43
C ILE L 286 -15.21 65.42 65.98
N SER L 287 -15.59 66.60 65.49
CA SER L 287 -15.98 66.77 64.11
C SER L 287 -14.75 66.76 63.21
N GLU L 288 -14.98 66.92 61.90
CA GLU L 288 -13.86 67.05 60.97
C GLU L 288 -13.02 68.28 61.31
N ASP L 289 -13.64 69.34 61.81
CA ASP L 289 -12.95 70.49 62.35
C ASP L 289 -12.68 70.27 63.84
N ASN L 290 -11.62 70.93 64.32
CA ASN L 290 -11.19 70.78 65.71
C ASN L 290 -12.18 71.50 66.62
N LYS L 291 -13.26 70.81 66.96
CA LYS L 291 -14.29 71.35 67.84
C LYS L 291 -14.94 70.20 68.60
N PHE L 292 -14.79 70.21 69.93
CA PHE L 292 -15.47 69.25 70.78
C PHE L 292 -16.90 69.72 71.05
N TYR L 293 -17.85 68.80 70.96
CA TYR L 293 -19.25 69.16 71.02
C TYR L 293 -20.09 68.00 71.54
N ILE L 294 -21.23 68.35 72.14
CA ILE L 294 -22.30 67.41 72.46
C ILE L 294 -23.59 68.04 71.97
N LYS L 295 -24.28 67.37 71.04
CA LYS L 295 -25.47 67.91 70.40
C LYS L 295 -26.61 66.91 70.46
N ASN L 296 -27.83 67.44 70.42
CA ASN L 296 -29.05 66.65 70.41
C ASN L 296 -30.10 67.45 69.64
N ASP L 297 -31.37 67.08 69.79
CA ASP L 297 -32.44 67.86 69.17
C ASP L 297 -32.45 69.28 69.71
N LYS L 298 -32.25 69.45 71.01
CA LYS L 298 -32.12 70.78 71.59
C LYS L 298 -30.77 71.38 71.21
N HIS L 299 -30.60 72.67 71.52
CA HIS L 299 -29.36 73.36 71.23
C HIS L 299 -28.18 72.67 71.90
N LYS L 300 -27.08 72.57 71.15
CA LYS L 300 -25.93 71.76 71.54
C LYS L 300 -25.05 72.49 72.54
N PHE L 301 -24.17 71.71 73.18
CA PHE L 301 -23.09 72.22 74.03
C PHE L 301 -21.79 72.02 73.26
N GLU L 302 -21.07 73.11 73.00
CA GLU L 302 -19.88 73.11 72.17
C GLU L 302 -18.71 73.71 72.94
N PHE L 303 -17.53 73.16 72.67
CA PHE L 303 -16.27 73.61 73.28
C PHE L 303 -15.27 73.84 72.14
N THR L 304 -15.22 75.08 71.66
CA THR L 304 -14.28 75.44 70.61
C THR L 304 -12.86 75.45 71.18
N ASP L 305 -11.87 75.70 70.31
CA ASP L 305 -10.50 75.80 70.77
C ASP L 305 -10.31 76.92 71.79
N GLU L 306 -11.12 77.98 71.69
CA GLU L 306 -11.09 79.10 72.63
C GLU L 306 -12.51 79.41 73.07
N GLY L 307 -12.72 79.47 74.38
CA GLY L 307 -13.99 79.86 74.94
C GLY L 307 -14.97 78.70 75.05
N ILE L 308 -16.12 79.00 75.66
CA ILE L 308 -17.22 78.05 75.85
C ILE L 308 -18.47 78.68 75.26
N TYR L 309 -19.19 77.91 74.45
CA TYR L 309 -20.40 78.37 73.78
C TYR L 309 -21.46 77.29 73.86
N ILE L 310 -22.72 77.73 73.82
CA ILE L 310 -23.87 76.83 73.85
C ILE L 310 -24.80 77.19 72.70
N LYS M 2 29.68 8.02 -18.96
CA LYS M 2 30.73 7.07 -18.46
C LYS M 2 30.61 5.72 -19.14
N THR M 3 31.61 4.85 -18.90
CA THR M 3 31.63 3.54 -19.53
C THR M 3 30.47 2.69 -19.04
N ARG M 4 30.02 1.78 -19.90
CA ARG M 4 28.96 0.84 -19.60
C ARG M 4 29.45 -0.58 -19.91
N LYS M 5 28.92 -1.53 -19.15
CA LYS M 5 29.39 -2.91 -19.22
C LYS M 5 28.70 -3.65 -20.37
N LEU M 6 29.09 -4.92 -20.53
CA LEU M 6 28.53 -5.75 -21.60
C LEU M 6 27.03 -5.96 -21.41
N THR M 7 26.59 -6.18 -20.16
CA THR M 7 25.20 -6.53 -19.91
C THR M 7 24.26 -5.41 -20.31
N ASN M 8 24.61 -4.16 -19.97
CA ASN M 8 23.73 -3.03 -20.28
C ASN M 8 23.59 -2.86 -21.79
N ILE M 9 24.70 -2.92 -22.53
CA ILE M 9 24.66 -2.75 -23.97
C ILE M 9 23.88 -3.89 -24.63
N LEU M 10 24.11 -5.13 -24.18
CA LEU M 10 23.38 -6.26 -24.74
C LEU M 10 21.90 -6.15 -24.48
N SER M 11 21.51 -5.75 -23.26
CA SER M 11 20.11 -5.60 -22.94
C SER M 11 19.46 -4.49 -23.77
N LYS M 12 20.17 -3.38 -23.96
CA LYS M 12 19.64 -2.31 -24.80
C LYS M 12 19.46 -2.77 -26.24
N LEU M 13 20.43 -3.52 -26.77
CA LEU M 13 20.31 -4.04 -28.13
C LEU M 13 19.13 -4.98 -28.25
N ILE M 14 18.95 -5.87 -27.27
CA ILE M 14 17.84 -6.82 -27.33
C ILE M 14 16.50 -6.08 -27.26
N ASP M 15 16.40 -5.09 -26.37
CA ASP M 15 15.16 -4.34 -26.23
C ASP M 15 14.84 -3.58 -27.51
N LYS M 16 15.83 -2.95 -28.13
CA LYS M 16 15.59 -2.21 -29.36
C LYS M 16 15.24 -3.14 -30.50
N THR M 17 15.88 -4.32 -30.57
CA THR M 17 15.54 -5.29 -31.59
C THR M 17 14.10 -5.77 -31.45
N MET M 18 13.68 -6.05 -30.21
CA MET M 18 12.29 -6.45 -29.99
C MET M 18 11.32 -5.33 -30.33
N ALA M 19 11.70 -4.09 -30.00
CA ALA M 19 10.83 -2.95 -30.31
C ALA M 19 10.68 -2.76 -31.81
N GLY M 20 11.76 -2.91 -32.57
CA GLY M 20 11.75 -2.66 -33.99
C GLY M 20 11.42 -3.87 -34.83
N THR M 21 11.98 -5.03 -34.48
CA THR M 21 11.86 -6.24 -35.27
C THR M 21 10.76 -7.12 -34.69
N SER M 22 9.77 -7.45 -35.53
CA SER M 22 8.74 -8.41 -35.18
C SER M 22 9.03 -9.82 -35.69
N LYS M 23 9.98 -9.97 -36.62
CA LYS M 23 10.30 -11.27 -37.18
C LYS M 23 11.20 -12.11 -36.28
N ILE M 24 11.82 -11.52 -35.26
CA ILE M 24 12.76 -12.20 -34.38
C ILE M 24 12.16 -12.28 -32.99
N THR M 25 12.07 -13.49 -32.46
CA THR M 25 11.59 -13.73 -31.10
C THR M 25 12.46 -14.68 -30.28
N ASP M 26 13.27 -15.51 -30.92
CA ASP M 26 14.11 -16.48 -30.21
C ASP M 26 15.47 -15.86 -29.92
N PHE M 27 15.91 -15.96 -28.67
CA PHE M 27 17.21 -15.45 -28.23
C PHE M 27 17.91 -16.49 -27.36
N THR M 28 17.79 -17.76 -27.72
CA THR M 28 18.48 -18.82 -27.00
C THR M 28 19.99 -18.71 -27.24
N PRO M 29 20.81 -19.26 -26.34
CA PRO M 29 22.25 -19.27 -26.58
C PRO M 29 22.60 -20.04 -27.84
N GLY M 30 23.60 -19.55 -28.57
CA GLY M 30 24.00 -20.14 -29.83
C GLY M 30 23.29 -19.59 -31.04
N SER M 31 22.27 -18.74 -30.87
CA SER M 31 21.58 -18.16 -32.01
C SER M 31 22.51 -17.21 -32.76
N ALA M 32 22.34 -17.18 -34.09
CA ALA M 32 23.18 -16.33 -34.93
C ALA M 32 22.98 -14.86 -34.61
N SER M 33 21.72 -14.44 -34.45
CA SER M 33 21.43 -13.04 -34.13
C SER M 33 21.99 -12.67 -32.76
N ARG M 34 21.81 -13.55 -31.77
CA ARG M 34 22.35 -13.28 -30.44
C ARG M 34 23.87 -13.23 -30.46
N SER M 35 24.50 -14.12 -31.23
CA SER M 35 25.95 -14.09 -31.35
C SER M 35 26.43 -12.81 -31.98
N LEU M 36 25.72 -12.34 -33.03
CA LEU M 36 26.08 -11.08 -33.67
C LEU M 36 25.97 -9.91 -32.70
N LEU M 37 24.86 -9.86 -31.95
CA LEU M 37 24.67 -8.79 -30.98
C LEU M 37 25.72 -8.84 -29.88
N GLU M 38 26.06 -10.05 -29.42
CA GLU M 38 27.08 -10.19 -28.39
C GLU M 38 28.45 -9.73 -28.89
N ALA M 39 28.79 -10.07 -30.14
CA ALA M 39 30.05 -9.60 -30.70
C ALA M 39 30.09 -8.08 -30.81
N VAL M 40 28.98 -7.49 -31.25
CA VAL M 40 28.91 -6.04 -31.37
C VAL M 40 29.06 -5.40 -29.99
N SER M 41 28.39 -5.95 -28.98
CA SER M 41 28.48 -5.42 -27.63
C SER M 41 29.89 -5.56 -27.07
N LEU M 42 30.56 -6.68 -27.35
CA LEU M 42 31.93 -6.87 -26.90
C LEU M 42 32.86 -5.84 -27.52
N GLU M 43 32.70 -5.59 -28.83
CA GLU M 43 33.52 -4.58 -29.49
C GLU M 43 33.24 -3.19 -28.92
N ILE M 44 31.97 -2.89 -28.64
CA ILE M 44 31.62 -1.60 -28.05
C ILE M 44 32.26 -1.44 -26.67
N GLU M 45 32.22 -2.50 -25.86
CA GLU M 45 32.84 -2.46 -24.55
C GLU M 45 34.36 -2.29 -24.66
N GLN M 46 34.97 -2.94 -25.66
CA GLN M 46 36.40 -2.78 -25.86
C GLN M 46 36.73 -1.34 -26.24
N PHE M 47 35.92 -0.71 -27.08
CA PHE M 47 36.12 0.69 -27.42
C PHE M 47 35.94 1.58 -26.19
N TYR M 48 34.96 1.26 -25.34
CA TYR M 48 34.78 2.00 -24.10
C TYR M 48 36.03 1.90 -23.22
N ILE M 49 36.59 0.71 -23.11
CA ILE M 49 37.80 0.53 -22.31
C ILE M 49 38.98 1.29 -22.92
N LEU M 50 39.04 1.33 -24.25
CA LEU M 50 40.08 2.11 -24.92
C LEU M 50 39.96 3.58 -24.58
N THR M 51 38.75 4.13 -24.64
CA THR M 51 38.55 5.52 -24.28
C THR M 51 38.87 5.76 -22.82
N LYS M 52 38.53 4.80 -21.95
CA LYS M 52 38.85 4.93 -20.52
C LYS M 52 40.36 5.02 -20.30
N GLU M 53 41.12 4.15 -20.97
CA GLU M 53 42.57 4.18 -20.85
C GLU M 53 43.14 5.48 -21.41
N ASN M 54 42.59 5.96 -22.53
CA ASN M 54 43.05 7.23 -23.09
C ASN M 54 42.80 8.38 -22.12
N ILE M 55 41.63 8.38 -21.49
CA ILE M 55 41.31 9.44 -20.53
C ILE M 55 42.23 9.34 -19.31
N ASP M 56 42.54 8.13 -18.88
CA ASP M 56 43.46 7.96 -17.76
C ASP M 56 44.83 8.53 -18.09
N TRP M 57 45.35 8.22 -19.29
CA TRP M 57 46.62 8.78 -19.72
C TRP M 57 46.55 10.30 -19.80
N GLY M 58 45.43 10.83 -20.32
CA GLY M 58 45.30 12.27 -20.46
C GLY M 58 45.31 12.98 -19.12
N ILE M 59 44.55 12.48 -18.15
CA ILE M 59 44.55 13.13 -16.84
C ILE M 59 45.89 12.96 -16.16
N GLN M 60 46.56 11.82 -16.36
CA GLN M 60 47.82 11.59 -15.64
C GLN M 60 48.94 12.47 -16.17
N GLU M 61 49.15 12.50 -17.50
CA GLU M 61 50.26 13.26 -18.07
C GLU M 61 49.94 14.02 -19.36
N GLY M 62 48.74 13.92 -19.90
CA GLY M 62 48.46 14.54 -21.19
C GLY M 62 48.55 16.06 -21.16
N ILE M 63 47.99 16.67 -20.12
CA ILE M 63 47.99 18.14 -20.05
C ILE M 63 49.41 18.67 -19.87
N ILE M 64 50.25 17.94 -19.13
CA ILE M 64 51.62 18.39 -18.90
C ILE M 64 52.52 18.13 -20.10
N GLU M 65 52.11 17.25 -21.02
CA GLU M 65 52.96 16.92 -22.17
C GLU M 65 53.18 18.13 -23.07
N ALA M 66 52.25 19.09 -23.08
CA ALA M 66 52.43 20.28 -23.90
C ALA M 66 53.64 21.08 -23.44
N PHE M 67 53.84 21.19 -22.12
CA PHE M 67 54.99 21.91 -21.60
C PHE M 67 56.27 21.12 -21.85
N ASP M 68 57.41 21.81 -21.74
CA ASP M 68 58.69 21.21 -22.05
C ASP M 68 59.11 20.21 -20.99
N PHE M 69 58.77 18.93 -21.19
CA PHE M 69 59.20 17.86 -20.30
C PHE M 69 58.97 16.54 -21.01
N GLN M 70 59.77 15.55 -20.63
CA GLN M 70 59.74 14.22 -21.25
C GLN M 70 59.24 13.18 -20.26
N LYS M 71 58.44 12.25 -20.74
CA LYS M 71 57.91 11.16 -19.96
C LYS M 71 58.69 9.88 -20.24
N ARG M 72 58.80 9.02 -19.23
CA ARG M 72 59.49 7.74 -19.32
C ARG M 72 58.51 6.63 -18.97
N GLN M 73 58.56 5.54 -19.74
CA GLN M 73 57.62 4.43 -19.63
C GLN M 73 58.33 3.08 -19.51
N SER M 74 59.50 3.06 -18.87
CA SER M 74 60.24 1.83 -18.60
C SER M 74 60.59 1.08 -19.88
N LYS M 75 60.94 1.82 -20.93
CA LYS M 75 61.32 1.19 -22.18
C LYS M 75 62.65 0.46 -22.02
N ARG M 76 62.67 -0.81 -22.44
CA ARG M 76 63.86 -1.62 -22.31
C ARG M 76 64.95 -1.13 -23.27
N ALA M 77 66.20 -1.26 -22.84
CA ALA M 77 67.32 -0.72 -23.60
C ALA M 77 67.46 -1.44 -24.94
N TYR M 78 67.90 -0.69 -25.95
CA TYR M 78 68.10 -1.23 -27.29
C TYR M 78 69.18 -0.43 -27.98
N GLY M 79 69.76 -1.03 -29.02
CA GLY M 79 70.81 -0.39 -29.78
C GLY M 79 71.17 -1.20 -31.00
N ASP M 80 71.92 -0.56 -31.90
CA ASP M 80 72.34 -1.22 -33.13
C ASP M 80 73.56 -2.10 -32.87
N VAL M 81 73.56 -3.27 -33.50
CA VAL M 81 74.66 -4.23 -33.39
C VAL M 81 74.95 -4.78 -34.78
N THR M 82 76.24 -4.96 -35.07
CA THR M 82 76.70 -5.45 -36.37
C THR M 82 77.38 -6.80 -36.21
N ILE M 83 77.31 -7.61 -37.27
CA ILE M 83 77.86 -8.95 -37.29
C ILE M 83 78.72 -9.10 -38.55
N GLN M 84 79.82 -9.83 -38.41
CA GLN M 84 80.78 -10.04 -39.50
C GLN M 84 80.96 -11.54 -39.74
N PHE M 85 81.37 -11.86 -40.96
CA PHE M 85 81.55 -13.25 -41.40
C PHE M 85 82.94 -13.42 -41.98
N TYR M 86 83.40 -14.67 -42.00
CA TYR M 86 84.72 -14.98 -42.56
C TYR M 86 84.78 -14.63 -44.04
N GLN M 87 83.77 -15.02 -44.80
CA GLN M 87 83.70 -14.83 -46.24
C GLN M 87 82.31 -14.32 -46.61
N PRO M 88 82.16 -13.72 -47.80
CA PRO M 88 80.82 -13.31 -48.23
C PRO M 88 79.89 -14.51 -48.36
N LEU M 89 78.62 -14.29 -48.03
CA LEU M 89 77.64 -15.36 -48.05
C LEU M 89 77.31 -15.76 -49.48
N ASP M 90 76.72 -16.96 -49.60
CA ASP M 90 76.22 -17.47 -50.87
C ASP M 90 74.83 -18.06 -50.69
N MET M 91 74.06 -17.51 -49.75
CA MET M 91 72.72 -18.00 -49.46
C MET M 91 72.04 -17.00 -48.54
N ARG M 92 70.71 -17.08 -48.49
CA ARG M 92 69.90 -16.18 -47.66
C ARG M 92 69.75 -16.83 -46.28
N MET M 93 70.70 -16.55 -45.41
CA MET M 93 70.66 -17.09 -44.06
C MET M 93 69.50 -16.51 -43.27
N TYR M 94 68.95 -17.33 -42.37
CA TYR M 94 67.78 -16.96 -41.57
C TYR M 94 68.21 -16.58 -40.17
N ILE M 95 67.61 -15.52 -39.65
CA ILE M 95 67.88 -15.00 -38.30
C ILE M 95 66.55 -14.94 -37.55
N PRO M 96 66.07 -16.03 -36.96
CA PRO M 96 64.74 -15.99 -36.34
C PRO M 96 64.71 -15.10 -35.11
N ALA M 97 63.52 -14.59 -34.81
CA ALA M 97 63.34 -13.73 -33.65
C ALA M 97 63.59 -14.51 -32.36
N GLY M 98 63.98 -13.79 -31.32
CA GLY M 98 64.31 -14.39 -30.05
C GLY M 98 65.73 -14.90 -29.92
N THR M 99 66.58 -14.65 -30.92
CA THR M 99 67.97 -15.07 -30.82
C THR M 99 68.65 -14.31 -29.67
N THR M 100 69.39 -15.06 -28.85
CA THR M 100 70.01 -14.51 -27.65
C THR M 100 71.45 -14.14 -27.95
N PHE M 101 71.78 -12.87 -27.77
CA PHE M 101 73.16 -12.36 -27.91
C PHE M 101 73.75 -12.27 -26.51
N THR M 102 74.38 -13.35 -26.07
CA THR M 102 74.97 -13.38 -24.74
C THR M 102 76.16 -12.44 -24.66
N SER M 103 76.43 -11.95 -23.45
CA SER M 103 77.57 -11.06 -23.23
C SER M 103 78.82 -11.90 -23.03
N THR M 104 79.88 -11.55 -23.78
CA THR M 104 81.13 -12.29 -23.68
C THR M 104 81.76 -12.14 -22.30
N ARG M 105 81.70 -10.92 -21.74
CA ARG M 105 82.27 -10.69 -20.43
C ARG M 105 81.48 -11.43 -19.36
N GLN M 106 82.19 -12.16 -18.51
CA GLN M 106 81.53 -12.92 -17.45
C GLN M 106 80.91 -12.01 -16.40
N GLU M 107 81.53 -10.86 -16.14
CA GLU M 107 81.03 -9.95 -15.12
C GLU M 107 79.69 -9.33 -15.48
N TYR M 108 79.32 -9.33 -16.77
CA TYR M 108 78.05 -8.76 -17.22
C TYR M 108 77.06 -9.89 -17.48
N PRO M 109 76.07 -10.12 -16.61
CA PRO M 109 75.04 -11.12 -16.92
C PRO M 109 73.93 -10.64 -17.84
N GLN M 110 74.04 -9.44 -18.42
CA GLN M 110 72.98 -8.92 -19.26
C GLN M 110 72.84 -9.74 -20.54
N GLN M 111 71.60 -9.84 -21.03
CA GLN M 111 71.29 -10.57 -22.24
C GLN M 111 70.31 -9.75 -23.07
N PHE M 112 70.30 -10.03 -24.38
CA PHE M 112 69.51 -9.28 -25.34
C PHE M 112 68.81 -10.26 -26.28
N GLU M 113 67.69 -9.81 -26.85
CA GLU M 113 66.89 -10.63 -27.75
C GLU M 113 66.44 -9.80 -28.94
N THR M 114 66.23 -10.47 -30.07
CA THR M 114 65.80 -9.84 -31.31
C THR M 114 64.30 -10.04 -31.48
N LEU M 115 63.55 -8.94 -31.62
CA LEU M 115 62.11 -9.03 -31.72
C LEU M 115 61.65 -9.50 -33.09
N VAL M 116 62.34 -9.07 -34.16
CA VAL M 116 61.91 -9.29 -35.53
C VAL M 116 62.97 -10.09 -36.27
N ASP M 117 62.51 -10.93 -37.20
CA ASP M 117 63.41 -11.72 -38.01
C ASP M 117 64.14 -10.83 -39.02
N TYR M 118 65.32 -11.29 -39.44
CA TYR M 118 66.12 -10.62 -40.45
C TYR M 118 66.61 -11.66 -41.45
N TYR M 119 66.67 -11.26 -42.72
CA TYR M 119 67.13 -12.13 -43.80
C TYR M 119 68.45 -11.58 -44.35
N ALA M 120 69.49 -12.40 -44.30
CA ALA M 120 70.78 -11.99 -44.82
C ALA M 120 70.73 -11.89 -46.33
N GLU M 121 71.47 -10.92 -46.87
CA GLU M 121 71.51 -10.73 -48.31
C GLU M 121 72.31 -11.87 -48.95
N PRO M 122 72.15 -12.07 -50.27
CA PRO M 122 72.86 -13.19 -50.92
C PRO M 122 74.38 -13.12 -50.80
N ASP M 123 74.97 -11.91 -50.79
CA ASP M 123 76.41 -11.76 -50.82
C ASP M 123 76.96 -10.66 -49.91
N SER M 124 76.12 -10.02 -49.10
CA SER M 124 76.62 -8.96 -48.22
C SER M 124 77.56 -9.55 -47.17
N THR M 125 78.70 -8.88 -46.97
CA THR M 125 79.68 -9.33 -45.98
C THR M 125 79.36 -8.88 -44.57
N GLU M 126 78.43 -7.92 -44.39
CA GLU M 126 78.08 -7.43 -43.06
C GLU M 126 76.62 -7.01 -43.07
N ILE M 127 76.04 -6.95 -41.87
CA ILE M 127 74.66 -6.53 -41.69
C ILE M 127 74.51 -6.01 -40.27
N VAL M 128 73.64 -5.02 -40.11
CA VAL M 128 73.38 -4.37 -38.83
C VAL M 128 71.92 -4.58 -38.48
N VAL M 129 71.65 -4.99 -37.23
CA VAL M 129 70.30 -5.26 -36.76
C VAL M 129 70.12 -4.60 -35.40
N GLU M 130 68.86 -4.38 -35.04
CA GLU M 130 68.49 -3.79 -33.76
C GLU M 130 68.12 -4.90 -32.79
N VAL M 131 68.66 -4.80 -31.56
CA VAL M 131 68.45 -5.80 -30.52
C VAL M 131 67.98 -5.07 -29.26
N TYR M 132 67.01 -5.67 -28.57
CA TYR M 132 66.43 -5.11 -27.36
C TYR M 132 66.83 -5.95 -26.15
N CYS M 133 67.13 -5.28 -25.05
CA CYS M 133 67.51 -5.98 -23.83
C CYS M 133 66.30 -6.64 -23.18
N LYS M 134 66.56 -7.72 -22.45
CA LYS M 134 65.50 -8.40 -21.72
C LYS M 134 65.09 -7.65 -20.46
N GLU M 135 66.07 -7.06 -19.77
CA GLU M 135 65.84 -6.39 -18.49
C GLU M 135 65.68 -4.90 -18.70
N THR M 136 64.67 -4.32 -18.05
CA THR M 136 64.40 -2.89 -18.15
C THR M 136 65.26 -2.12 -17.15
N GLY M 137 65.09 -0.81 -17.12
CA GLY M 137 65.78 0.04 -16.18
C GLY M 137 67.21 0.35 -16.61
N VAL M 138 67.89 1.08 -15.73
CA VAL M 138 69.28 1.45 -16.00
C VAL M 138 70.22 0.25 -16.00
N ALA M 139 69.81 -0.87 -15.37
CA ALA M 139 70.67 -2.04 -15.33
C ALA M 139 70.94 -2.62 -16.70
N GLY M 140 70.07 -2.35 -17.69
CA GLY M 140 70.28 -2.86 -19.03
C GLY M 140 71.38 -2.17 -19.80
N ASN M 141 71.85 -1.01 -19.33
CA ASN M 141 72.93 -0.33 -20.01
C ASN M 141 74.22 -1.14 -19.94
N VAL M 142 74.96 -1.15 -21.05
CA VAL M 142 76.20 -1.91 -21.17
C VAL M 142 77.25 -0.99 -21.82
N PRO M 143 78.53 -1.07 -21.46
CA PRO M 143 79.52 -0.26 -22.17
C PRO M 143 79.79 -0.80 -23.56
N GLU M 144 80.51 0.01 -24.33
CA GLU M 144 80.85 -0.35 -25.71
C GLU M 144 81.79 -1.55 -25.73
N GLY M 145 81.70 -2.34 -26.80
CA GLY M 145 82.57 -3.48 -26.99
C GLY M 145 82.39 -4.57 -25.95
N THR M 146 81.14 -4.92 -25.67
CA THR M 146 80.80 -5.98 -24.71
C THR M 146 80.01 -7.13 -25.33
N ILE M 147 79.17 -6.85 -26.31
CA ILE M 147 78.35 -7.89 -26.97
C ILE M 147 79.21 -8.46 -28.09
N ASN M 148 79.79 -9.65 -27.86
CA ASN M 148 80.62 -10.32 -28.84
C ASN M 148 80.37 -11.82 -28.85
N THR M 149 79.13 -12.25 -28.57
CA THR M 149 78.78 -13.66 -28.59
C THR M 149 77.32 -13.81 -29.00
N ILE M 150 77.04 -14.86 -29.76
CA ILE M 150 75.69 -15.18 -30.23
C ILE M 150 75.39 -16.63 -29.88
N ALA M 151 74.22 -16.87 -29.31
CA ALA M 151 73.85 -18.24 -28.94
C ALA M 151 73.70 -19.13 -30.17
N SER M 152 73.06 -18.63 -31.22
CA SER M 152 72.86 -19.39 -32.45
C SER M 152 74.08 -19.20 -33.36
N GLY M 153 75.18 -19.81 -32.95
CA GLY M 153 76.41 -19.67 -33.68
C GLY M 153 76.40 -20.46 -34.97
N SER M 154 77.36 -20.13 -35.85
CA SER M 154 77.51 -20.80 -37.12
C SER M 154 78.96 -20.70 -37.57
N SER M 155 79.34 -21.58 -38.50
CA SER M 155 80.71 -21.57 -39.01
C SER M 155 81.02 -20.27 -39.74
N LEU M 156 80.05 -19.76 -40.51
CA LEU M 156 80.28 -18.52 -41.26
C LEU M 156 80.41 -17.33 -40.33
N ILE M 157 79.73 -17.35 -39.19
CA ILE M 157 79.78 -16.22 -38.26
C ILE M 157 81.15 -16.18 -37.60
N ARG M 158 81.79 -15.00 -37.65
CA ARG M 158 83.11 -14.80 -37.06
C ARG M 158 83.04 -14.15 -35.69
N SER M 159 82.43 -12.96 -35.61
CA SER M 159 82.37 -12.23 -34.35
C SER M 159 81.26 -11.18 -34.44
N VAL M 160 80.92 -10.62 -33.29
CA VAL M 160 79.89 -9.58 -33.18
C VAL M 160 80.49 -8.42 -32.40
N ASN M 161 80.01 -7.21 -32.69
CA ASN M 161 80.49 -6.02 -32.02
C ASN M 161 79.46 -4.91 -32.20
N ASN M 162 79.43 -4.01 -31.21
CA ASN M 162 78.55 -2.84 -31.22
C ASN M 162 79.42 -1.59 -31.13
N GLU M 163 79.49 -0.84 -32.23
CA GLU M 163 80.32 0.36 -32.26
C GLU M 163 79.77 1.42 -31.30
N TYR M 164 78.46 1.60 -31.27
CA TYR M 164 77.82 2.64 -30.46
C TYR M 164 77.25 2.03 -29.19
N SER M 165 77.43 2.75 -28.08
CA SER M 165 76.96 2.25 -26.79
C SER M 165 75.45 2.34 -26.69
N PHE M 166 74.89 1.62 -25.72
CA PHE M 166 73.45 1.58 -25.49
C PHE M 166 73.07 2.76 -24.60
N ASN M 167 72.52 3.80 -25.20
CA ASN M 167 72.13 5.01 -24.50
C ASN M 167 70.65 5.09 -24.17
N THR M 168 69.82 4.24 -24.78
CA THR M 168 68.37 4.31 -24.63
C THR M 168 67.85 3.65 -23.36
N GLY M 169 68.72 3.35 -22.40
CA GLY M 169 68.26 2.84 -21.11
C GLY M 169 67.36 3.83 -20.40
N THR M 170 66.20 3.36 -19.96
CA THR M 170 65.17 4.22 -19.39
C THR M 170 64.60 3.60 -18.12
N LYS M 171 64.26 4.47 -17.17
CA LYS M 171 63.64 4.08 -15.91
C LYS M 171 62.46 5.02 -15.65
N GLU M 172 61.36 4.46 -15.14
CA GLU M 172 60.13 5.20 -14.92
C GLU M 172 59.98 5.54 -13.45
N GLU M 173 59.64 6.79 -13.17
CA GLU M 173 59.38 7.28 -11.82
C GLU M 173 57.87 7.46 -11.60
N SER M 174 57.51 7.75 -10.37
CA SER M 174 56.12 7.92 -10.01
C SER M 174 55.57 9.25 -10.53
N GLN M 175 54.25 9.42 -10.44
CA GLN M 175 53.62 10.64 -10.90
C GLN M 175 54.08 11.85 -10.09
N GLU M 176 54.34 11.67 -8.80
CA GLU M 176 54.80 12.79 -7.98
C GLU M 176 56.15 13.31 -8.45
N ASP M 177 57.05 12.42 -8.83
CA ASP M 177 58.35 12.87 -9.36
C ASP M 177 58.17 13.64 -10.66
N PHE M 178 57.24 13.18 -11.51
CA PHE M 178 56.95 13.90 -12.75
C PHE M 178 56.40 15.29 -12.46
N LYS M 179 55.52 15.40 -11.46
CA LYS M 179 54.87 16.67 -11.17
C LYS M 179 55.79 17.64 -10.44
N ARG M 180 56.75 17.13 -9.65
CA ARG M 180 57.60 18.01 -8.86
C ARG M 180 58.51 18.86 -9.74
N ARG M 181 59.05 18.28 -10.82
CA ARG M 181 59.87 19.05 -11.73
C ARG M 181 59.06 20.16 -12.40
N PHE M 182 57.82 19.85 -12.80
CA PHE M 182 56.96 20.86 -13.38
C PHE M 182 56.66 21.98 -12.39
N HIS M 183 56.39 21.62 -11.13
CA HIS M 183 56.15 22.64 -10.11
C HIS M 183 57.37 23.52 -9.89
N SER M 184 58.56 22.90 -9.87
CA SER M 184 59.79 23.68 -9.72
C SER M 184 59.99 24.62 -10.90
N PHE M 185 59.71 24.15 -12.12
CA PHE M 185 59.85 25.00 -13.30
C PHE M 185 58.88 26.17 -13.26
N VAL M 186 57.63 25.92 -12.88
CA VAL M 186 56.65 26.99 -12.79
C VAL M 186 57.04 27.98 -11.68
N GLU M 187 57.47 27.45 -10.53
CA GLU M 187 57.86 28.33 -9.43
C GLU M 187 59.08 29.16 -9.78
N SER M 188 60.01 28.59 -10.55
CA SER M 188 61.22 29.33 -10.92
C SER M 188 60.91 30.52 -11.80
N ARG M 189 59.79 30.50 -12.53
CA ARG M 189 59.43 31.61 -13.40
C ARG M 189 59.00 32.86 -12.64
N GLY M 190 58.74 32.74 -11.34
CA GLY M 190 58.44 33.94 -10.56
C GLY M 190 59.64 34.87 -10.50
N ARG M 191 59.36 36.17 -10.53
CA ARG M 191 60.40 37.19 -10.54
C ARG M 191 59.94 38.37 -9.68
N ALA M 192 60.89 39.25 -9.37
CA ALA M 192 60.63 40.50 -8.64
C ALA M 192 60.04 40.22 -7.26
N THR M 193 60.63 39.24 -6.56
CA THR M 193 60.25 38.94 -5.18
C THR M 193 61.49 38.47 -4.43
N ASN M 194 61.40 38.51 -3.10
CA ASN M 194 62.54 38.13 -2.27
C ASN M 194 62.92 36.67 -2.50
N LYS M 195 61.94 35.77 -2.46
CA LYS M 195 62.23 34.36 -2.66
C LYS M 195 62.72 34.07 -4.08
N SER M 196 62.13 34.73 -5.07
CA SER M 196 62.58 34.54 -6.45
C SER M 196 63.99 35.06 -6.64
N VAL M 197 64.31 36.21 -6.04
CA VAL M 197 65.67 36.74 -6.14
C VAL M 197 66.66 35.81 -5.45
N ARG M 198 66.27 35.26 -4.29
CA ARG M 198 67.13 34.31 -3.60
C ARG M 198 67.38 33.07 -4.46
N TYR M 199 66.32 32.54 -5.08
CA TYR M 199 66.48 31.36 -5.93
C TYR M 199 67.36 31.67 -7.13
N GLY M 200 67.17 32.84 -7.74
CA GLY M 200 68.00 33.21 -8.88
C GLY M 200 69.47 33.35 -8.50
N ALA M 201 69.74 33.93 -7.34
CA ALA M 201 71.12 34.01 -6.86
C ALA M 201 71.68 32.63 -6.60
N LEU M 202 70.89 31.74 -5.98
CA LEU M 202 71.36 30.40 -5.68
C LEU M 202 71.54 29.54 -6.93
N GLN M 203 70.90 29.90 -8.04
CA GLN M 203 71.09 29.14 -9.27
C GLN M 203 72.54 29.17 -9.73
N ILE M 204 73.17 30.34 -9.69
CA ILE M 204 74.57 30.45 -10.10
C ILE M 204 75.44 29.69 -9.10
N PRO M 205 76.46 28.95 -9.53
CA PRO M 205 77.33 28.27 -8.55
C PRO M 205 78.07 29.28 -7.68
N ASP M 206 78.61 28.76 -6.58
CA ASP M 206 79.34 29.56 -5.60
C ASP M 206 78.45 30.66 -5.02
N VAL M 207 77.22 30.29 -4.65
CA VAL M 207 76.26 31.19 -4.02
C VAL M 207 75.55 30.40 -2.93
N GLU M 208 75.88 30.70 -1.67
CA GLU M 208 75.27 30.03 -0.52
C GLU M 208 75.14 31.03 0.62
N GLY M 209 74.08 30.87 1.41
CA GLY M 209 73.86 31.74 2.54
C GLY M 209 73.64 33.19 2.16
N VAL M 210 72.93 33.44 1.07
CA VAL M 210 72.67 34.80 0.62
C VAL M 210 71.59 35.43 1.50
N TYR M 211 71.84 36.64 1.97
CA TYR M 211 70.91 37.40 2.78
C TYR M 211 70.46 38.63 2.01
N VAL M 212 69.16 38.92 2.08
CA VAL M 212 68.53 40.03 1.36
C VAL M 212 67.93 40.98 2.38
N TYR M 213 68.22 42.27 2.22
CA TYR M 213 67.66 43.34 3.05
C TYR M 213 66.88 44.28 2.15
N GLU M 214 65.61 44.51 2.48
CA GLU M 214 64.68 45.23 1.64
C GLU M 214 64.30 46.56 2.26
N GLU M 215 64.22 47.59 1.42
CA GLU M 215 63.76 48.90 1.84
C GLU M 215 63.08 49.59 0.65
N THR M 216 62.26 50.59 0.97
CA THR M 216 61.56 51.32 -0.08
C THR M 216 62.52 52.08 -0.99
N GLY M 217 63.64 52.55 -0.43
CA GLY M 217 64.59 53.34 -1.20
C GLY M 217 65.50 52.50 -2.06
N HIS M 218 66.23 51.57 -1.46
CA HIS M 218 67.19 50.73 -2.15
C HIS M 218 67.10 49.31 -1.62
N ILE M 219 67.55 48.37 -2.45
CA ILE M 219 67.61 46.95 -2.10
C ILE M 219 69.07 46.55 -2.08
N THR M 220 69.54 46.01 -0.96
CA THR M 220 70.92 45.61 -0.76
C THR M 220 70.98 44.11 -0.55
N VAL M 221 71.90 43.45 -1.27
CA VAL M 221 72.12 42.02 -1.18
C VAL M 221 73.60 41.78 -0.93
N PHE M 222 73.90 40.93 0.05
CA PHE M 222 75.27 40.60 0.41
C PHE M 222 75.34 39.15 0.83
N ALA M 223 76.51 38.55 0.66
CA ALA M 223 76.69 37.13 0.96
C ALA M 223 78.16 36.86 1.27
N HIS M 224 78.39 35.72 1.92
CA HIS M 224 79.71 35.21 2.25
C HIS M 224 79.91 33.83 1.63
N ASP M 225 79.53 33.71 0.35
CA ASP M 225 79.38 32.41 -0.28
C ASP M 225 80.72 31.67 -0.38
N ARG M 226 81.78 32.37 -0.79
CA ARG M 226 83.05 31.74 -1.15
C ARG M 226 83.99 31.80 0.06
N ASN M 227 84.00 30.72 0.84
CA ASN M 227 84.94 30.56 1.96
C ASN M 227 84.82 31.71 2.96
N GLY M 228 83.59 32.17 3.18
CA GLY M 228 83.35 33.26 4.11
C GLY M 228 83.66 34.64 3.58
N ASN M 229 83.98 34.78 2.29
CA ASN M 229 84.35 36.04 1.69
C ASN M 229 83.71 36.17 0.31
N LEU M 230 83.56 37.43 -0.13
CA LEU M 230 82.97 37.76 -1.41
C LEU M 230 84.00 38.47 -2.26
N SER M 231 84.14 38.03 -3.51
CA SER M 231 85.09 38.62 -4.45
C SER M 231 84.40 39.62 -5.36
N ASP M 232 85.21 40.55 -5.89
CA ASP M 232 84.67 41.58 -6.77
C ASP M 232 84.13 40.99 -8.07
N THR M 233 84.83 39.99 -8.62
CA THR M 233 84.37 39.36 -9.86
C THR M 233 83.02 38.67 -9.65
N LEU M 234 82.82 38.05 -8.48
CA LEU M 234 81.53 37.44 -8.19
C LEU M 234 80.44 38.51 -8.10
N LYS M 235 80.75 39.67 -7.52
CA LYS M 235 79.78 40.76 -7.49
C LYS M 235 79.43 41.23 -8.89
N GLU M 236 80.43 41.37 -9.75
CA GLU M 236 80.16 41.78 -11.13
C GLU M 236 79.30 40.74 -11.86
N ASP M 237 79.58 39.46 -11.64
CA ASP M 237 78.80 38.42 -12.29
C ASP M 237 77.37 38.39 -11.79
N ILE M 238 77.16 38.56 -10.47
CA ILE M 238 75.83 38.42 -9.91
C ILE M 238 74.99 39.68 -10.11
N ILE M 239 75.61 40.85 -10.31
CA ILE M 239 74.84 42.05 -10.60
C ILE M 239 74.08 41.89 -11.91
N ASP M 240 74.76 41.36 -12.94
CA ASP M 240 74.11 41.21 -14.24
C ASP M 240 72.99 40.18 -14.19
N ALA M 241 73.19 39.09 -13.45
CA ALA M 241 72.20 38.02 -13.40
C ALA M 241 70.89 38.50 -12.77
N LEU M 242 70.99 39.34 -11.73
CA LEU M 242 69.82 39.81 -11.01
C LEU M 242 69.06 40.92 -11.74
N GLN M 243 69.56 41.38 -12.89
CA GLN M 243 68.83 42.39 -13.65
C GLN M 243 67.47 41.88 -14.08
N ASP M 244 67.40 40.60 -14.51
CA ASP M 244 66.11 40.02 -14.87
C ASP M 244 65.22 39.81 -13.64
N TYR M 245 65.82 39.67 -12.45
CA TYR M 245 65.06 39.37 -11.24
C TYR M 245 64.64 40.61 -10.47
N ARG M 246 65.31 41.74 -10.65
CA ARG M 246 64.99 42.91 -9.87
C ARG M 246 63.64 43.50 -10.29
N PRO M 247 62.96 44.22 -9.41
CA PRO M 247 61.76 44.95 -9.85
C PRO M 247 62.12 46.06 -10.82
N SER M 248 61.17 46.38 -11.69
CA SER M 248 61.35 47.48 -12.64
C SER M 248 61.19 48.81 -11.93
N GLY M 249 62.15 49.71 -12.16
CA GLY M 249 62.12 51.02 -11.54
C GLY M 249 62.60 51.09 -10.12
N ILE M 250 63.17 49.99 -9.59
CA ILE M 250 63.68 49.93 -8.22
C ILE M 250 65.17 49.67 -8.28
N MET M 251 65.94 50.48 -7.55
CA MET M 251 67.39 50.35 -7.56
C MET M 251 67.81 49.05 -6.89
N LEU M 252 68.90 48.47 -7.42
CA LEU M 252 69.51 47.26 -6.88
C LEU M 252 70.95 47.55 -6.52
N ASP M 253 71.36 47.10 -5.33
CA ASP M 253 72.71 47.30 -4.84
C ASP M 253 73.26 45.98 -4.30
N VAL M 254 74.56 45.78 -4.49
CA VAL M 254 75.26 44.59 -4.00
C VAL M 254 76.51 45.04 -3.26
N THR M 255 76.72 44.50 -2.05
CA THR M 255 77.84 44.86 -1.21
C THR M 255 78.38 43.60 -0.55
N GLY M 256 79.53 43.75 0.11
CA GLY M 256 80.16 42.65 0.81
C GLY M 256 79.57 42.44 2.19
N VAL M 257 80.19 41.52 2.93
CA VAL M 257 79.79 41.16 4.28
C VAL M 257 80.94 41.48 5.23
N GLU M 258 80.64 42.21 6.30
CA GLU M 258 81.60 42.57 7.32
C GLU M 258 81.32 41.78 8.60
N LYS M 259 82.29 41.82 9.51
CA LYS M 259 82.20 41.12 10.79
C LYS M 259 82.67 42.05 11.90
N GLU M 260 82.15 41.80 13.11
CA GLU M 260 82.48 42.59 14.30
C GLU M 260 82.87 41.62 15.40
N GLU M 261 84.18 41.50 15.65
CA GLU M 261 84.67 40.63 16.71
C GLU M 261 84.25 41.16 18.06
N VAL M 262 83.98 40.24 18.99
CA VAL M 262 83.49 40.55 20.33
C VAL M 262 84.51 40.05 21.35
N ASN M 263 84.91 40.92 22.26
CA ASN M 263 85.80 40.57 23.37
C ASN M 263 84.96 40.43 24.64
N VAL M 264 85.07 39.27 25.28
CA VAL M 264 84.30 38.96 26.48
C VAL M 264 85.22 38.31 27.50
N SER M 265 85.10 38.72 28.76
CA SER M 265 85.83 38.14 29.89
C SER M 265 84.78 37.82 30.96
N ALA M 266 84.19 36.63 30.87
CA ALA M 266 83.11 36.23 31.74
C ALA M 266 83.65 35.56 33.01
N THR M 267 82.77 35.48 34.01
CA THR M 267 83.07 34.81 35.28
C THR M 267 81.93 33.87 35.62
N VAL M 268 82.28 32.69 36.14
CA VAL M 268 81.31 31.66 36.49
C VAL M 268 81.62 31.18 37.90
N THR M 269 80.57 31.04 38.71
CA THR M 269 80.67 30.51 40.06
C THR M 269 80.11 29.09 40.07
N ILE M 270 80.89 28.15 40.61
CA ILE M 270 80.55 26.73 40.61
C ILE M 270 80.20 26.32 42.04
N SER M 271 79.13 25.55 42.18
CA SER M 271 78.69 25.12 43.51
C SER M 271 79.73 24.23 44.19
N ASN M 272 80.34 23.32 43.44
CA ASN M 272 81.34 22.38 43.96
C ASN M 272 82.70 22.80 43.41
N LYS M 273 83.45 23.56 44.21
CA LYS M 273 84.74 24.08 43.76
C LYS M 273 85.78 22.98 43.55
N SER M 274 85.56 21.79 44.11
CA SER M 274 86.52 20.70 43.93
C SER M 274 86.56 20.19 42.50
N ARG M 275 85.51 20.43 41.70
CA ARG M 275 85.44 19.93 40.34
C ARG M 275 86.22 20.77 39.34
N ILE M 276 86.69 21.96 39.73
CA ILE M 276 87.33 22.85 38.77
C ILE M 276 88.64 22.24 38.26
N GLY M 277 89.02 22.64 37.05
CA GLY M 277 90.23 22.15 36.45
C GLY M 277 90.45 22.82 35.11
N ASP M 278 91.63 22.56 34.53
CA ASP M 278 91.97 23.13 33.24
C ASP M 278 91.02 22.64 32.15
N THR M 279 90.68 21.35 32.18
CA THR M 279 89.82 20.78 31.15
C THR M 279 88.44 21.42 31.17
N LEU M 280 87.89 21.64 32.36
CA LEU M 280 86.54 22.20 32.46
C LEU M 280 86.49 23.62 31.89
N GLN M 281 87.47 24.47 32.27
CA GLN M 281 87.47 25.83 31.76
C GLN M 281 87.75 25.87 30.26
N LYS M 282 88.62 24.98 29.78
CA LYS M 282 88.87 24.92 28.34
C LYS M 282 87.61 24.51 27.58
N HIS M 283 86.88 23.52 28.12
CA HIS M 283 85.62 23.11 27.49
C HIS M 283 84.61 24.25 27.50
N ILE M 284 84.53 24.99 28.60
CA ILE M 284 83.59 26.12 28.68
C ILE M 284 83.95 27.17 27.64
N GLU M 285 85.24 27.49 27.53
CA GLU M 285 85.68 28.48 26.53
C GLU M 285 85.38 28.00 25.11
N SER M 286 85.61 26.71 24.83
CA SER M 286 85.32 26.18 23.52
C SER M 286 83.83 26.25 23.21
N VAL M 287 82.99 25.93 24.21
CA VAL M 287 81.55 26.00 24.00
C VAL M 287 81.12 27.44 23.74
N ILE M 288 81.68 28.39 24.49
CA ILE M 288 81.32 29.79 24.32
C ILE M 288 81.72 30.29 22.94
N ARG M 289 82.95 29.95 22.51
CA ARG M 289 83.41 30.44 21.21
C ARG M 289 82.67 29.77 20.07
N SER M 290 82.29 28.49 20.23
CA SER M 290 81.49 27.83 19.20
C SER M 290 80.10 28.45 19.12
N TYR M 291 79.50 28.77 20.26
CA TYR M 291 78.18 29.39 20.26
C TYR M 291 78.23 30.77 19.62
N LEU M 292 79.26 31.56 19.95
CA LEU M 292 79.38 32.90 19.40
C LEU M 292 79.70 32.87 17.91
N ASN M 293 80.48 31.88 17.46
CA ASN M 293 80.79 31.76 16.05
C ASN M 293 79.54 31.47 15.22
N ASN M 294 78.67 30.60 15.73
CA ASN M 294 77.46 30.18 15.00
C ASN M 294 76.35 31.17 15.29
N LEU M 295 76.43 32.33 14.65
CA LEU M 295 75.41 33.37 14.73
C LEU M 295 74.93 33.72 13.33
N LYS M 296 73.62 33.86 13.19
CA LYS M 296 73.03 34.20 11.90
C LYS M 296 73.33 35.65 11.54
N THR M 297 73.22 35.95 10.24
CA THR M 297 73.47 37.30 9.76
C THR M 297 72.44 38.26 10.34
N SER M 298 72.90 39.46 10.70
CA SER M 298 72.05 40.50 11.28
C SER M 298 71.38 40.04 12.56
N ASP M 299 72.06 39.19 13.34
CA ASP M 299 71.54 38.68 14.60
C ASP M 299 72.19 39.46 15.74
N ASP M 300 71.37 40.17 16.51
CA ASP M 300 71.87 40.93 17.64
C ASP M 300 72.38 40.00 18.74
N LEU M 301 73.49 40.38 19.36
CA LEU M 301 74.09 39.58 20.43
C LEU M 301 73.37 39.90 21.72
N ILE M 302 72.28 39.18 21.98
CA ILE M 302 71.51 39.37 23.20
C ILE M 302 72.22 38.68 24.35
N ILE M 303 72.46 39.43 25.43
CA ILE M 303 73.14 38.86 26.59
C ILE M 303 72.29 37.78 27.25
N THR M 304 70.96 37.90 27.17
CA THR M 304 70.09 36.89 27.75
C THR M 304 70.29 35.54 27.08
N ASP M 305 70.40 35.53 25.75
CA ASP M 305 70.64 34.28 25.03
C ASP M 305 71.98 33.67 25.41
N LEU M 306 73.00 34.51 25.57
CA LEU M 306 74.31 34.00 25.98
C LEU M 306 74.25 33.40 27.38
N ILE M 307 73.52 34.05 28.29
CA ILE M 307 73.37 33.51 29.65
C ILE M 307 72.66 32.17 29.61
N GLN M 308 71.59 32.09 28.82
CA GLN M 308 70.86 30.82 28.70
C GLN M 308 71.75 29.73 28.13
N ALA M 309 72.54 30.05 27.10
CA ALA M 309 73.39 29.05 26.48
C ALA M 309 74.48 28.57 27.43
N ILE M 310 75.16 29.50 28.10
CA ILE M 310 76.27 29.12 28.96
C ILE M 310 75.77 28.37 30.20
N MET M 311 74.62 28.78 30.74
CA MET M 311 74.10 28.13 31.94
C MET M 311 73.39 26.81 31.63
N ASN M 312 73.05 26.55 30.37
CA ASN M 312 72.42 25.28 30.01
C ASN M 312 73.40 24.12 29.93
N ILE M 313 74.71 24.37 30.09
CA ILE M 313 75.68 23.28 30.07
C ILE M 313 75.41 22.32 31.21
N ASP M 314 75.21 22.84 32.42
CA ASP M 314 74.83 22.03 33.57
C ASP M 314 74.25 22.95 34.62
N ASP M 315 72.96 22.76 34.94
CA ASP M 315 72.31 23.60 35.92
C ASP M 315 72.90 23.43 37.30
N VAL M 316 73.21 22.18 37.68
CA VAL M 316 73.75 21.92 39.02
C VAL M 316 75.14 22.51 39.17
N LEU M 317 75.96 22.41 38.13
CA LEU M 317 77.34 22.89 38.23
C LEU M 317 77.39 24.40 38.39
N ILE M 318 76.68 25.13 37.54
CA ILE M 318 76.74 26.59 37.51
C ILE M 318 75.75 27.16 38.51
N TYR M 319 76.20 28.10 39.33
CA TYR M 319 75.41 28.76 40.35
C TYR M 319 75.21 30.24 40.08
N ASP M 320 76.23 30.94 39.59
CA ASP M 320 76.11 32.34 39.19
C ASP M 320 77.01 32.59 37.99
N VAL M 321 76.66 33.61 37.22
CA VAL M 321 77.43 34.01 36.04
C VAL M 321 77.36 35.53 35.91
N SER M 322 78.44 36.11 35.41
CA SER M 322 78.47 37.55 35.16
C SER M 322 79.56 37.82 34.12
N PHE M 323 79.46 38.99 33.49
CA PHE M 323 80.38 39.43 32.45
C PHE M 323 81.07 40.70 32.91
N ASP M 324 82.40 40.68 32.93
CA ASP M 324 83.15 41.86 33.37
C ASP M 324 83.23 42.93 32.30
N ASN M 325 83.26 42.56 31.03
CA ASN M 325 83.45 43.47 29.90
C ASN M 325 82.33 43.30 28.87
N LEU M 326 81.09 43.29 29.35
CA LEU M 326 79.92 43.24 28.47
C LEU M 326 78.80 43.98 29.18
N ASP M 327 78.59 45.24 28.79
CA ASP M 327 77.60 46.07 29.49
C ASP M 327 76.18 45.59 29.19
N GLU M 328 75.78 45.62 27.92
CA GLU M 328 74.44 45.26 27.50
C GLU M 328 74.52 44.53 26.17
N ASN M 329 73.36 44.20 25.62
CA ASN M 329 73.30 43.52 24.33
C ASN M 329 73.88 44.43 23.24
N ILE M 330 74.63 43.82 22.33
CA ILE M 330 75.33 44.53 21.26
C ILE M 330 74.47 44.46 20.01
N ILE M 331 74.10 45.62 19.48
CA ILE M 331 73.34 45.70 18.23
C ILE M 331 74.34 45.72 17.08
N VAL M 332 73.96 45.09 15.97
CA VAL M 332 74.82 44.94 14.80
C VAL M 332 74.06 45.45 13.58
N PRO M 333 74.73 45.99 12.56
CA PRO M 333 74.00 46.37 11.33
C PRO M 333 73.51 45.14 10.59
N PRO M 334 72.72 45.31 9.53
CA PRO M 334 72.29 44.15 8.75
C PRO M 334 73.43 43.37 8.13
N GLN M 335 74.52 44.05 7.75
CA GLN M 335 75.64 43.40 7.07
C GLN M 335 76.67 42.80 8.01
N GLY M 336 76.57 43.05 9.31
CA GLY M 336 77.54 42.53 10.26
C GLY M 336 77.21 41.14 10.74
N ILE M 337 78.25 40.41 11.14
CA ILE M 337 78.12 39.06 11.68
C ILE M 337 79.02 38.95 12.89
N ILE M 338 78.53 38.29 13.93
CA ILE M 338 79.27 38.16 15.19
C ILE M 338 80.37 37.13 15.02
N ARG M 339 81.54 37.42 15.61
CA ARG M 339 82.68 36.51 15.59
C ARG M 339 83.40 36.60 16.93
N ALA M 340 84.14 35.55 17.25
CA ALA M 340 84.85 35.43 18.52
C ALA M 340 86.26 35.99 18.34
N GLY M 341 86.49 37.18 18.88
CA GLY M 341 87.81 37.78 18.84
C GLY M 341 88.72 37.26 19.93
N GLU M 342 88.32 37.45 21.18
CA GLU M 342 89.08 36.98 22.33
C GLU M 342 88.11 36.66 23.45
N ILE M 343 88.23 35.45 24.00
CA ILE M 343 87.32 34.95 25.03
C ILE M 343 88.15 34.48 26.22
N LYS M 344 87.73 34.87 27.42
CA LYS M 344 88.36 34.44 28.66
C LYS M 344 87.26 34.08 29.65
N VAL M 345 87.48 33.01 30.41
CA VAL M 345 86.53 32.51 31.41
C VAL M 345 87.26 32.40 32.74
N GLU M 346 86.65 32.93 33.79
CA GLU M 346 87.18 32.89 35.14
C GLU M 346 86.26 32.06 36.03
N LEU M 347 86.85 31.20 36.86
CA LEU M 347 86.11 30.30 37.73
C LEU M 347 86.19 30.82 39.16
N LYS M 348 85.02 30.92 39.81
CA LYS M 348 84.92 31.39 41.18
C LYS M 348 84.40 30.27 42.08
N ALA N 2 -26.98 -25.73 -30.89
CA ALA N 2 -27.77 -26.55 -29.94
C ALA N 2 -28.79 -27.42 -30.68
N ASN N 3 -28.65 -28.74 -30.54
CA ASN N 3 -29.53 -29.70 -31.17
C ASN N 3 -29.95 -30.73 -30.12
N PHE N 4 -31.25 -31.02 -30.06
CA PHE N 4 -31.73 -32.00 -29.08
C PHE N 4 -31.38 -33.42 -29.48
N LEU N 5 -31.27 -33.70 -30.79
CA LEU N 5 -30.82 -35.02 -31.21
C LEU N 5 -29.40 -35.28 -30.75
N LYS N 6 -28.53 -34.28 -30.84
CA LYS N 6 -27.15 -34.40 -30.40
C LYS N 6 -27.05 -34.16 -28.91
N ASN N 7 -26.08 -34.81 -28.27
CA ASN N 7 -25.73 -34.63 -26.87
C ASN N 7 -26.82 -35.12 -25.92
N LEU N 8 -27.80 -35.88 -26.40
CA LEU N 8 -28.90 -36.33 -25.53
C LEU N 8 -28.50 -37.58 -24.75
N HIS N 9 -28.27 -38.68 -25.46
CA HIS N 9 -27.90 -39.94 -24.83
C HIS N 9 -27.41 -40.92 -25.90
N PRO N 10 -26.47 -41.82 -25.60
CA PRO N 10 -26.06 -42.77 -26.65
C PRO N 10 -27.12 -43.81 -26.97
N LEU N 11 -27.74 -44.42 -25.96
CA LEU N 11 -28.59 -45.57 -26.18
C LEU N 11 -30.03 -45.22 -26.57
N LEU N 12 -30.47 -43.98 -26.36
CA LEU N 12 -31.84 -43.62 -26.71
C LEU N 12 -32.02 -43.64 -28.22
N ARG N 13 -33.15 -44.18 -28.66
CA ARG N 13 -33.45 -44.33 -30.08
C ARG N 13 -33.92 -42.99 -30.62
N ARG N 14 -33.10 -42.38 -31.49
CA ARG N 14 -33.34 -41.05 -32.01
C ARG N 14 -34.09 -41.04 -33.34
N ASP N 15 -34.51 -42.21 -33.84
CA ASP N 15 -35.24 -42.32 -35.10
C ASP N 15 -36.47 -43.19 -34.89
N ARG N 16 -37.52 -42.88 -35.65
CA ARG N 16 -38.78 -43.62 -35.52
C ARG N 16 -38.61 -45.05 -35.98
N ASN N 17 -39.39 -45.94 -35.39
CA ASN N 17 -39.39 -47.35 -35.78
C ASN N 17 -40.22 -47.53 -37.05
N LYS N 18 -39.58 -48.04 -38.11
CA LYS N 18 -40.30 -48.29 -39.36
C LYS N 18 -41.19 -49.52 -39.28
N LYS N 19 -40.97 -50.39 -38.30
CA LYS N 19 -41.79 -51.60 -38.18
C LYS N 19 -43.24 -51.26 -37.87
N ASP N 20 -43.47 -50.29 -36.98
CA ASP N 20 -44.80 -49.87 -36.58
C ASP N 20 -44.94 -48.36 -36.77
N ASN N 21 -46.09 -47.94 -37.27
CA ASN N 21 -46.32 -46.52 -37.53
C ASN N 21 -46.32 -45.71 -36.23
N GLN N 22 -46.96 -46.23 -35.19
CA GLN N 22 -47.06 -45.51 -33.93
C GLN N 22 -45.80 -45.71 -33.11
N ASP N 23 -45.35 -44.63 -32.47
CA ASP N 23 -44.13 -44.62 -31.67
C ASP N 23 -44.19 -43.50 -30.66
N PRO N 24 -44.65 -43.73 -29.42
CA PRO N 24 -44.68 -42.64 -28.43
C PRO N 24 -43.32 -42.02 -28.16
N ASN N 25 -42.25 -42.82 -28.18
CA ASN N 25 -40.91 -42.29 -27.94
C ASN N 25 -40.53 -41.27 -29.01
N PHE N 26 -40.75 -41.62 -30.28
CA PHE N 26 -40.42 -40.69 -31.36
C PHE N 26 -41.29 -39.44 -31.29
N ALA N 27 -42.56 -39.60 -30.96
CA ALA N 27 -43.44 -38.43 -30.83
C ALA N 27 -42.96 -37.49 -29.74
N LEU N 28 -42.59 -38.05 -28.58
CA LEU N 28 -42.11 -37.22 -27.47
C LEU N 28 -40.82 -36.51 -27.84
N ILE N 29 -39.88 -37.24 -28.46
CA ILE N 29 -38.61 -36.63 -28.85
C ILE N 29 -38.84 -35.54 -29.88
N ASP N 30 -39.72 -35.79 -30.86
CA ASP N 30 -39.99 -34.80 -31.89
C ASP N 30 -40.63 -33.56 -31.29
N ALA N 31 -41.58 -33.74 -30.36
CA ALA N 31 -42.23 -32.59 -29.75
C ALA N 31 -41.24 -31.75 -28.94
N LEU N 32 -40.39 -32.41 -28.15
CA LEU N 32 -39.39 -31.69 -27.38
C LEU N 32 -38.41 -30.96 -28.29
N ASN N 33 -37.96 -31.63 -29.36
CA ASN N 33 -37.04 -31.00 -30.30
C ASN N 33 -37.69 -29.81 -30.99
N GLU N 34 -38.97 -29.92 -31.35
CA GLU N 34 -39.67 -28.82 -31.98
C GLU N 34 -39.79 -27.63 -31.03
N GLU N 35 -40.12 -27.89 -29.76
CA GLU N 35 -40.23 -26.79 -28.80
C GLU N 35 -38.88 -26.11 -28.60
N MET N 36 -37.81 -26.89 -28.45
CA MET N 36 -36.50 -26.29 -28.23
C MET N 36 -35.99 -25.57 -29.48
N ASN N 37 -36.32 -26.09 -30.66
CA ASN N 37 -35.93 -25.39 -31.89
C ASN N 37 -36.70 -24.09 -32.05
N GLN N 38 -37.98 -24.08 -31.66
CA GLN N 38 -38.74 -22.83 -31.68
C GLN N 38 -38.14 -21.82 -30.70
N VAL N 39 -37.72 -22.29 -29.52
CA VAL N 39 -37.08 -21.40 -28.57
C VAL N 39 -35.78 -20.85 -29.13
N GLU N 40 -35.01 -21.71 -29.81
CA GLU N 40 -33.76 -21.26 -30.42
C GLU N 40 -34.02 -20.21 -31.50
N LYS N 41 -35.04 -20.43 -32.33
CA LYS N 41 -35.39 -19.46 -33.36
C LYS N 41 -35.82 -18.14 -32.75
N ASP N 42 -36.60 -18.19 -31.67
CA ASP N 42 -37.02 -16.97 -31.00
C ASP N 42 -35.81 -16.23 -30.42
N ALA N 43 -34.85 -16.96 -29.84
CA ALA N 43 -33.64 -16.34 -29.33
C ALA N 43 -32.83 -15.70 -30.45
N ILE N 44 -32.71 -16.38 -31.58
CA ILE N 44 -31.98 -15.82 -32.71
C ILE N 44 -32.74 -14.62 -33.28
N GLU N 45 -34.07 -14.68 -33.28
CA GLU N 45 -34.87 -13.57 -33.78
C GLU N 45 -34.72 -12.33 -32.91
N SER N 46 -34.26 -12.45 -31.67
CA SER N 46 -34.10 -11.31 -30.78
C SER N 46 -32.96 -10.38 -31.18
N LYS N 47 -32.13 -10.78 -32.15
CA LYS N 47 -31.03 -9.92 -32.57
C LYS N 47 -31.54 -8.60 -33.13
N LEU N 48 -32.59 -8.65 -33.94
CA LEU N 48 -33.16 -7.41 -34.47
C LEU N 48 -33.76 -6.57 -33.36
N GLN N 49 -34.45 -7.21 -32.40
CA GLN N 49 -35.06 -6.48 -31.30
C GLN N 49 -34.03 -5.88 -30.35
N SER N 50 -32.80 -6.39 -30.36
CA SER N 50 -31.75 -5.91 -29.46
C SER N 50 -31.03 -4.67 -29.96
N SER N 51 -31.37 -4.17 -31.15
CA SER N 51 -30.73 -3.00 -31.75
C SER N 51 -31.79 -1.97 -32.11
N LEU N 52 -31.44 -0.69 -31.92
CA LEU N 52 -32.37 0.39 -32.24
C LEU N 52 -32.65 0.45 -33.73
N LYS N 53 -31.70 0.03 -34.57
CA LYS N 53 -31.88 0.13 -36.02
C LYS N 53 -32.99 -0.79 -36.53
N THR N 54 -33.37 -1.82 -35.77
CA THR N 54 -34.39 -2.77 -36.20
C THR N 54 -35.39 -3.13 -35.11
N SER N 55 -35.34 -2.47 -33.95
CA SER N 55 -36.33 -2.74 -32.90
C SER N 55 -37.71 -2.34 -33.36
N THR N 56 -38.70 -3.16 -33.01
CA THR N 56 -40.09 -2.94 -33.40
C THR N 56 -41.01 -3.31 -32.25
N SER N 57 -42.23 -2.77 -32.31
CA SER N 57 -43.28 -3.08 -31.34
C SER N 57 -42.88 -2.56 -29.95
N GLU N 58 -42.92 -3.40 -28.91
CA GLU N 58 -42.68 -2.91 -27.56
C GLU N 58 -41.23 -2.48 -27.36
N TYR N 59 -40.30 -3.14 -28.03
CA TYR N 59 -38.88 -2.77 -27.89
C TYR N 59 -38.62 -1.35 -28.39
N LEU N 60 -39.22 -0.99 -29.52
CA LEU N 60 -39.06 0.37 -30.03
C LEU N 60 -39.72 1.40 -29.10
N ASP N 61 -40.84 1.03 -28.49
CA ASP N 61 -41.46 1.92 -27.50
C ASP N 61 -40.54 2.11 -26.30
N LYS N 62 -39.90 1.04 -25.85
CA LYS N 62 -38.94 1.15 -24.75
C LYS N 62 -37.77 2.04 -25.14
N PHE N 63 -37.26 1.88 -26.36
CA PHE N 63 -36.18 2.75 -26.83
C PHE N 63 -36.60 4.20 -26.84
N GLY N 64 -37.81 4.49 -27.34
CA GLY N 64 -38.29 5.86 -27.34
C GLY N 64 -38.45 6.42 -25.94
N ASP N 65 -38.95 5.60 -25.01
CA ASP N 65 -39.06 6.04 -23.62
C ASP N 65 -37.69 6.33 -23.02
N TRP N 66 -36.70 5.49 -23.34
CA TRP N 66 -35.34 5.72 -22.87
C TRP N 66 -34.80 7.05 -23.40
N PHE N 67 -34.95 7.29 -24.70
CA PHE N 67 -34.51 8.54 -25.29
C PHE N 67 -35.45 9.70 -24.98
N GLY N 68 -36.62 9.44 -24.40
CA GLY N 68 -37.55 10.49 -24.05
C GLY N 68 -38.50 10.91 -25.16
N VAL N 69 -38.33 10.37 -26.37
CA VAL N 69 -39.21 10.70 -27.47
C VAL N 69 -40.43 9.79 -27.39
N TYR N 70 -41.61 10.39 -27.29
CA TYR N 70 -42.85 9.64 -27.08
C TYR N 70 -43.49 9.30 -28.42
N ARG N 71 -43.99 8.06 -28.51
CA ARG N 71 -44.64 7.61 -29.73
C ARG N 71 -45.92 8.41 -29.97
N LYS N 72 -46.12 8.83 -31.21
CA LYS N 72 -47.35 9.50 -31.61
C LYS N 72 -48.41 8.47 -31.99
N THR N 73 -49.67 8.86 -31.82
CA THR N 73 -50.77 7.95 -32.12
C THR N 73 -50.78 7.59 -33.61
N ASP N 74 -50.98 6.31 -33.90
CA ASP N 74 -51.03 5.81 -35.27
C ASP N 74 -49.74 6.12 -36.03
N GLU N 75 -48.60 5.98 -35.34
CA GLU N 75 -47.29 6.22 -35.91
C GLU N 75 -46.59 4.89 -36.15
N LYS N 76 -46.06 4.72 -37.37
CA LYS N 76 -45.37 3.49 -37.72
C LYS N 76 -43.92 3.55 -37.27
N ASP N 77 -43.28 2.36 -37.23
CA ASP N 77 -41.94 2.26 -36.69
C ASP N 77 -40.92 2.99 -37.56
N ASP N 78 -41.09 2.93 -38.89
CA ASP N 78 -40.10 3.50 -39.79
C ASP N 78 -39.98 5.00 -39.60
N VAL N 79 -41.11 5.71 -39.57
CA VAL N 79 -41.07 7.15 -39.34
C VAL N 79 -40.68 7.46 -37.90
N TYR N 80 -41.07 6.62 -36.94
CA TYR N 80 -40.77 6.88 -35.54
C TYR N 80 -39.27 6.84 -35.28
N ARG N 81 -38.58 5.86 -35.87
CA ARG N 81 -37.13 5.77 -35.70
C ARG N 81 -36.43 6.99 -36.27
N ALA N 82 -36.86 7.43 -37.46
CA ALA N 82 -36.26 8.63 -38.06
C ALA N 82 -36.53 9.85 -37.21
N ARG N 83 -37.73 9.96 -36.64
CA ARG N 83 -38.05 11.09 -35.77
C ARG N 83 -37.18 11.07 -34.52
N ILE N 84 -36.96 9.89 -33.94
CA ILE N 84 -36.09 9.78 -32.78
C ILE N 84 -34.67 10.22 -33.14
N ILE N 85 -34.16 9.76 -34.28
CA ILE N 85 -32.81 10.11 -34.70
C ILE N 85 -32.68 11.61 -34.91
N LYS N 86 -33.68 12.22 -35.56
CA LYS N 86 -33.64 13.65 -35.81
C LYS N 86 -33.72 14.44 -34.51
N TYR N 87 -34.59 14.01 -33.58
CA TYR N 87 -34.73 14.73 -32.33
C TYR N 87 -33.46 14.63 -31.48
N LEU N 88 -32.80 13.47 -31.49
CA LEU N 88 -31.55 13.33 -30.76
C LEU N 88 -30.47 14.26 -31.32
N LEU N 89 -30.52 14.54 -32.62
CA LEU N 89 -29.60 15.46 -33.28
C LEU N 89 -30.26 16.81 -33.56
N LEU N 90 -31.08 17.29 -32.62
CA LEU N 90 -31.81 18.54 -32.82
C LEU N 90 -30.84 19.70 -32.99
N LYS N 91 -31.17 20.60 -33.92
CA LYS N 91 -30.37 21.77 -34.26
C LYS N 91 -31.21 23.01 -33.93
N ARG N 92 -30.89 23.65 -32.80
CA ARG N 92 -31.64 24.83 -32.36
C ARG N 92 -30.72 25.70 -31.52
N GLY N 93 -31.04 27.00 -31.50
CA GLY N 93 -30.28 27.98 -30.75
C GLY N 93 -29.93 29.19 -31.58
N THR N 94 -29.65 28.95 -32.86
CA THR N 94 -29.35 30.02 -33.81
C THR N 94 -30.65 30.49 -34.47
N ASN N 95 -30.64 31.74 -34.92
CA ASN N 95 -31.83 32.31 -35.55
C ASN N 95 -32.20 31.53 -36.81
N ASN N 96 -31.21 31.18 -37.63
CA ASN N 96 -31.49 30.38 -38.82
C ASN N 96 -32.01 29.00 -38.44
N ALA N 97 -31.42 28.38 -37.41
CA ALA N 97 -31.87 27.07 -36.97
C ALA N 97 -33.29 27.15 -36.42
N ILE N 98 -33.61 28.20 -35.66
CA ILE N 98 -34.96 28.38 -35.16
C ILE N 98 -35.94 28.56 -36.30
N ILE N 99 -35.56 29.36 -37.30
CA ILE N 99 -36.39 29.50 -38.50
C ILE N 99 -36.48 28.17 -39.24
N ASP N 100 -35.36 27.46 -39.36
CA ASP N 100 -35.38 26.15 -40.00
C ASP N 100 -36.20 25.15 -39.20
N ALA N 101 -36.34 25.34 -37.89
CA ALA N 101 -37.17 24.47 -37.08
C ALA N 101 -38.66 24.64 -37.34
N ILE N 102 -39.06 25.66 -38.10
CA ILE N 102 -40.47 25.88 -38.42
C ILE N 102 -41.04 24.72 -39.23
N LYS N 103 -40.19 23.97 -39.94
CA LYS N 103 -40.67 22.85 -40.74
C LYS N 103 -41.37 21.80 -39.88
N ASP N 104 -40.90 21.61 -38.64
CA ASP N 104 -41.55 20.71 -37.70
C ASP N 104 -42.78 21.32 -37.04
N TYR N 105 -43.00 22.63 -37.22
CA TYR N 105 -44.14 23.35 -36.66
C TYR N 105 -45.01 23.93 -37.78
N LEU N 106 -45.00 23.30 -38.95
CA LEU N 106 -45.76 23.76 -40.10
C LEU N 106 -46.96 22.86 -40.35
N PRO O 143 40.26 53.05 48.70
CA PRO O 143 38.86 52.85 48.29
C PRO O 143 37.92 53.88 48.90
N LEU O 144 36.79 54.14 48.21
CA LEU O 144 35.85 55.15 48.68
C LEU O 144 35.23 54.74 50.01
N SER O 145 34.76 53.49 50.10
CA SER O 145 34.08 53.03 51.31
C SER O 145 35.02 53.02 52.51
N THR O 146 36.26 52.56 52.31
CA THR O 146 37.22 52.52 53.40
C THR O 146 37.55 53.92 53.89
N ILE O 147 37.74 54.86 52.96
CA ILE O 147 38.06 56.24 53.34
C ILE O 147 36.88 56.85 54.11
N LEU O 148 35.66 56.61 53.63
CA LEU O 148 34.49 57.14 54.33
C LEU O 148 34.37 56.54 55.73
N ALA O 149 34.62 55.24 55.87
CA ALA O 149 34.55 54.61 57.19
C ALA O 149 35.62 55.18 58.12
N LEU O 150 36.83 55.39 57.61
CA LEU O 150 37.89 55.97 58.43
C LEU O 150 37.53 57.39 58.86
N ASP O 151 36.96 58.18 57.94
CA ASP O 151 36.54 59.54 58.29
C ASP O 151 35.46 59.52 59.35
N LEU O 152 34.50 58.61 59.23
CA LEU O 152 33.43 58.50 60.23
C LEU O 152 34.01 58.10 61.57
N ASN O 153 34.96 57.16 61.59
CA ASN O 153 35.59 56.75 62.85
C ASN O 153 36.34 57.91 63.48
N ASP O 154 37.06 58.69 62.67
CA ASP O 154 37.79 59.83 63.19
C ASP O 154 36.84 60.88 63.76
N ASN O 155 35.73 61.13 63.08
CA ASN O 155 34.75 62.13 63.48
C ASN O 155 33.62 61.55 64.33
N LEU O 156 33.76 60.30 64.80
CA LEU O 156 32.69 59.66 65.55
C LEU O 156 32.39 60.42 66.84
N LYS O 157 33.43 60.87 67.55
CA LYS O 157 33.24 61.56 68.81
C LYS O 157 32.55 62.91 68.63
N SER O 158 32.76 63.55 67.48
CA SER O 158 32.22 64.88 67.22
C SER O 158 30.78 64.86 66.71
N LEU O 159 30.22 63.69 66.41
CA LEU O 159 28.86 63.57 65.88
C LEU O 159 27.87 63.19 66.97
N SER O 160 28.06 63.70 68.18
CA SER O 160 27.11 63.44 69.26
C SER O 160 25.74 64.08 69.01
N ASN O 161 25.68 65.07 68.12
CA ASN O 161 24.40 65.72 67.83
C ASN O 161 23.41 64.76 67.20
N ILE O 162 23.89 63.75 66.48
CA ILE O 162 23.00 62.81 65.81
C ILE O 162 22.45 61.84 66.86
N LYS O 163 21.14 61.67 66.87
CA LYS O 163 20.43 60.83 67.81
C LYS O 163 19.83 59.62 67.09
N TYR O 164 19.33 58.68 67.89
CA TYR O 164 18.82 57.41 67.38
C TYR O 164 17.30 57.41 67.37
N MET O 165 16.73 56.90 66.28
CA MET O 165 15.29 56.68 66.18
C MET O 165 15.04 55.52 65.22
N PHE O 166 13.84 54.96 65.31
CA PHE O 166 13.54 53.73 64.58
C PHE O 166 13.64 53.93 63.07
N LYS O 167 12.95 54.94 62.55
CA LYS O 167 12.92 55.22 61.11
C LYS O 167 13.06 56.71 60.86
N GLY O 168 14.03 57.33 61.52
CA GLY O 168 14.30 58.74 61.31
C GLY O 168 14.74 59.03 59.90
N ALA O 169 13.99 59.89 59.20
CA ALA O 169 14.29 60.29 57.83
C ALA O 169 14.19 61.81 57.72
N PRO O 170 15.07 62.54 58.39
CA PRO O 170 15.00 64.00 58.33
C PRO O 170 15.42 64.53 56.97
N LYS O 171 14.89 65.71 56.63
CA LYS O 171 15.22 66.37 55.38
C LYS O 171 16.49 67.21 55.48
N GLU O 172 17.05 67.41 56.66
CA GLU O 172 18.23 68.23 56.88
C GLU O 172 19.46 67.34 57.03
N ASN O 173 20.55 67.74 56.39
CA ASN O 173 21.79 66.99 56.48
C ASN O 173 22.35 67.13 57.90
N PRO O 174 22.67 66.02 58.60
CA PRO O 174 23.21 66.18 59.96
C PRO O 174 24.55 66.91 60.00
N PHE O 175 25.39 66.70 59.00
CA PHE O 175 26.73 67.29 59.01
C PHE O 175 26.72 68.78 58.70
N GLY O 176 25.70 69.26 57.98
CA GLY O 176 25.63 70.68 57.63
C GLY O 176 24.83 71.51 58.63
N THR O 177 24.63 70.98 59.83
CA THR O 177 23.88 71.70 60.85
C THR O 177 24.36 71.28 62.23
N ASP O 178 24.50 72.25 63.12
CA ASP O 178 24.88 71.96 64.51
C ASP O 178 23.72 71.40 65.33
N LYS O 179 22.48 71.68 64.94
CA LYS O 179 21.33 71.23 65.70
C LYS O 179 21.23 69.72 65.70
N ASP O 180 20.78 69.17 66.82
CA ASP O 180 20.60 67.73 66.94
C ASP O 180 19.49 67.26 66.01
N VAL O 181 19.63 66.04 65.49
CA VAL O 181 18.69 65.47 64.55
C VAL O 181 18.68 63.96 64.73
N TYR O 182 17.50 63.35 64.57
CA TYR O 182 17.30 61.92 64.75
C TYR O 182 17.45 61.22 63.41
N ILE O 183 18.43 60.33 63.31
CA ILE O 183 18.74 59.61 62.07
C ILE O 183 19.02 58.16 62.42
N ASP O 184 18.52 57.25 61.57
CA ASP O 184 18.78 55.83 61.71
C ASP O 184 19.97 55.43 60.82
N THR O 185 20.33 54.15 60.86
CA THR O 185 21.53 53.69 60.19
C THR O 185 21.44 53.84 58.67
N TYR O 186 20.28 53.51 58.09
CA TYR O 186 20.14 53.60 56.64
C TYR O 186 20.29 55.04 56.16
N ASN O 187 19.58 55.96 56.80
CA ASN O 187 19.70 57.37 56.44
C ASN O 187 21.09 57.90 56.75
N LEU O 188 21.73 57.39 57.81
CA LEU O 188 23.10 57.79 58.10
C LEU O 188 24.03 57.41 56.95
N LEU O 189 23.89 56.19 56.45
CA LEU O 189 24.71 55.75 55.32
C LEU O 189 24.40 56.58 54.08
N TYR O 190 23.12 56.88 53.86
CA TYR O 190 22.74 57.70 52.70
C TYR O 190 23.38 59.09 52.78
N TRP O 191 23.33 59.72 53.96
CA TRP O 191 23.94 61.04 54.11
C TRP O 191 25.45 60.98 53.98
N LEU O 192 26.06 59.91 54.50
CA LEU O 192 27.52 59.77 54.38
C LEU O 192 27.94 59.64 52.92
N TYR O 193 27.22 58.84 52.13
CA TYR O 193 27.57 58.66 50.74
C TYR O 193 27.08 59.79 49.84
N LEU O 194 26.16 60.63 50.31
CA LEU O 194 25.70 61.77 49.52
C LEU O 194 26.69 62.93 49.55
N GLY O 195 27.59 62.98 50.54
CA GLY O 195 28.56 64.05 50.58
C GLY O 195 29.48 64.05 49.38
N GLU O 196 29.82 62.87 48.87
CA GLU O 196 30.65 62.73 47.69
C GLU O 196 29.77 62.84 46.44
N ASP O 197 30.34 62.52 45.28
CA ASP O 197 29.58 62.63 44.04
C ASP O 197 28.43 61.63 43.98
N GLU O 198 28.57 60.49 44.65
CA GLU O 198 27.53 59.48 44.62
C GLU O 198 26.27 59.98 45.31
N GLU O 199 25.11 59.59 44.77
CA GLU O 199 23.80 60.03 45.25
C GLU O 199 22.98 58.92 45.88
N LEU O 200 22.96 57.73 45.27
CA LEU O 200 22.15 56.59 45.74
C LEU O 200 20.68 57.01 45.68
N ALA O 201 19.84 56.61 46.63
CA ALA O 201 18.43 56.97 46.62
C ALA O 201 17.93 57.03 48.06
N TYR O 202 16.71 57.54 48.22
CA TYR O 202 16.08 57.81 49.50
C TYR O 202 14.76 57.05 49.60
N PRO O 203 14.37 56.52 50.78
CA PRO O 203 15.09 56.47 52.08
C PRO O 203 16.12 55.36 52.17
N MET O 204 16.38 54.62 51.09
CA MET O 204 17.36 53.54 51.08
C MET O 204 16.98 52.45 52.10
N ASN O 205 15.81 51.87 51.89
CA ASN O 205 15.31 50.81 52.75
C ASN O 205 15.97 49.49 52.36
N ILE O 206 15.45 48.38 52.91
CA ILE O 206 16.05 47.07 52.65
C ILE O 206 15.89 46.68 51.19
N ASN O 207 14.83 47.15 50.52
CA ASN O 207 14.61 46.81 49.11
C ASN O 207 15.67 47.40 48.20
N TYR O 208 16.45 48.37 48.68
CA TYR O 208 17.50 48.97 47.85
C TYR O 208 18.54 47.92 47.46
N PHE O 209 18.94 47.07 48.40
CA PHE O 209 20.00 46.10 48.13
C PHE O 209 19.58 44.98 47.19
N PHE O 210 18.26 44.75 47.04
CA PHE O 210 17.81 43.57 46.31
C PHE O 210 18.08 43.69 44.82
N THR O 211 17.73 44.84 44.21
CA THR O 211 17.68 44.97 42.76
C THR O 211 18.49 46.13 42.20
N GLU O 212 18.94 47.08 43.03
CA GLU O 212 19.65 48.24 42.50
C GLU O 212 21.00 47.88 41.90
N GLY O 213 21.59 46.76 42.31
CA GLY O 213 22.87 46.35 41.77
C GLY O 213 24.07 47.10 42.30
N ARG O 214 23.89 47.93 43.33
CA ARG O 214 25.00 48.69 43.91
C ARG O 214 25.91 47.83 44.77
N PHE O 215 25.54 46.59 45.06
CA PHE O 215 26.29 45.74 45.98
C PHE O 215 26.39 44.33 45.42
N PHE O 216 27.41 43.61 45.87
CA PHE O 216 27.58 42.19 45.60
C PHE O 216 27.86 41.48 46.92
N THR O 217 27.12 40.41 47.18
CA THR O 217 27.21 39.73 48.47
C THR O 217 28.57 39.07 48.65
N ILE O 218 29.09 39.16 49.86
CA ILE O 218 30.34 38.49 50.25
C ILE O 218 30.06 37.18 50.96
N PHE O 219 29.14 37.19 51.93
CA PHE O 219 28.70 36.00 52.65
C PHE O 219 27.18 36.01 52.75
N GLY O 220 26.58 34.85 52.51
CA GLY O 220 25.15 34.74 52.54
C GLY O 220 24.60 34.53 53.94
N LYS O 221 23.28 34.73 54.07
CA LYS O 221 22.61 34.54 55.34
C LYS O 221 22.46 33.05 55.64
N GLY O 222 22.32 32.73 56.93
CA GLY O 222 22.08 31.38 57.39
C GLY O 222 23.28 30.68 57.97
N HIS O 223 24.48 31.23 57.79
CA HIS O 223 25.71 30.65 58.32
C HIS O 223 26.44 31.69 59.13
N LYS O 224 27.19 31.22 60.13
CA LYS O 224 27.77 32.09 61.16
C LYS O 224 29.08 31.47 61.62
N TYR O 225 30.19 31.96 61.07
CA TYR O 225 31.53 31.49 61.39
C TYR O 225 32.31 32.60 62.07
N LYS O 226 32.86 32.31 63.24
CA LYS O 226 33.62 33.30 64.01
C LYS O 226 35.09 33.36 63.60
N VAL O 227 35.60 32.37 62.88
CA VAL O 227 36.99 32.38 62.47
C VAL O 227 37.19 33.25 61.23
N ASP O 228 36.20 33.30 60.35
CA ASP O 228 36.30 34.05 59.09
C ASP O 228 36.04 35.54 59.27
N VAL O 229 35.75 36.01 60.49
CA VAL O 229 35.48 37.42 60.71
C VAL O 229 36.72 38.26 60.42
N SER O 230 37.91 37.73 60.73
CA SER O 230 39.13 38.49 60.51
C SER O 230 39.36 38.78 59.02
N LYS O 231 38.83 37.93 58.13
CA LYS O 231 39.03 38.14 56.70
C LYS O 231 38.29 39.37 56.18
N PHE O 232 37.31 39.89 56.91
CA PHE O 232 36.59 41.06 56.46
C PHE O 232 37.50 42.27 56.43
N ILE O 233 37.03 43.32 55.74
CA ILE O 233 37.77 44.57 55.59
C ILE O 233 36.86 45.72 56.01
N VAL O 234 37.47 46.86 56.31
CA VAL O 234 36.73 48.03 56.74
C VAL O 234 35.85 48.52 55.61
N GLY O 235 34.66 49.03 55.95
CA GLY O 235 33.70 49.52 55.00
C GLY O 235 32.59 48.54 54.66
N ASP O 236 32.77 47.27 54.99
CA ASP O 236 31.74 46.27 54.71
C ASP O 236 30.50 46.53 55.57
N ILE O 237 29.34 46.37 54.97
CA ILE O 237 28.08 46.59 55.68
C ILE O 237 27.71 45.32 56.44
N LEU O 238 27.43 45.48 57.73
CA LEU O 238 27.04 44.37 58.59
C LEU O 238 25.56 44.50 58.94
N PHE O 239 24.80 43.43 58.68
CA PHE O 239 23.38 43.39 58.97
C PHE O 239 23.15 42.83 60.38
N PHE O 240 21.98 43.15 60.93
CA PHE O 240 21.58 42.67 62.24
C PHE O 240 20.08 42.39 62.24
N GLY O 241 19.66 41.50 63.13
CA GLY O 241 18.25 41.17 63.27
C GLY O 241 17.83 40.03 62.37
N ARG O 242 16.77 39.36 62.78
CA ARG O 242 16.24 38.23 62.01
C ARG O 242 15.48 38.68 60.77
N SER O 243 15.04 39.94 60.72
CA SER O 243 14.28 40.49 59.61
C SER O 243 14.92 41.78 59.08
N ASP O 244 16.24 41.86 59.13
CA ASP O 244 16.98 43.03 58.66
C ASP O 244 16.54 44.30 59.40
N THR O 245 16.39 44.19 60.72
CA THR O 245 15.92 45.31 61.51
C THR O 245 16.91 46.47 61.49
N ASN O 246 18.21 46.16 61.54
CA ASN O 246 19.24 47.18 61.63
C ASN O 246 20.49 46.70 60.90
N ILE O 247 21.35 47.65 60.54
CA ILE O 247 22.59 47.38 59.83
C ILE O 247 23.73 48.12 60.53
N GLY O 248 24.95 47.88 60.04
CA GLY O 248 26.12 48.51 60.61
C GLY O 248 27.25 48.55 59.61
N ILE O 249 28.30 49.27 59.99
CA ILE O 249 29.51 49.44 59.19
C ILE O 249 30.67 48.83 59.97
N TYR O 250 31.42 47.95 59.33
CA TYR O 250 32.52 47.26 59.99
C TYR O 250 33.75 48.16 60.08
N VAL O 251 34.43 48.09 61.23
CA VAL O 251 35.69 48.76 61.45
C VAL O 251 36.65 47.75 62.05
N GLY O 252 37.95 48.01 61.90
CA GLY O 252 38.96 47.08 62.34
C GLY O 252 38.92 46.81 63.83
N ASP O 253 39.80 45.91 64.25
CA ASP O 253 39.92 45.49 65.66
C ASP O 253 38.64 44.83 66.16
N GLY O 254 37.92 44.15 65.27
CA GLY O 254 36.74 43.39 65.67
C GLY O 254 35.64 44.22 66.28
N GLU O 255 35.30 45.34 65.65
CA GLU O 255 34.27 46.24 66.14
C GLU O 255 33.43 46.73 64.96
N PHE O 256 32.28 47.34 65.28
CA PHE O 256 31.37 47.86 64.27
C PHE O 256 30.73 49.14 64.81
N ILE O 257 30.28 49.97 63.88
CA ILE O 257 29.67 51.27 64.18
C ILE O 257 28.18 51.17 63.87
N SER O 258 27.35 51.44 64.87
CA SER O 258 25.90 51.42 64.72
C SER O 258 25.29 52.17 65.90
N MET O 259 23.98 52.39 65.82
CA MET O 259 23.21 53.01 66.89
C MET O 259 22.40 51.93 67.60
N MET O 260 22.54 51.87 68.93
CA MET O 260 21.85 50.90 69.76
C MET O 260 21.17 51.60 70.91
N GLY O 261 19.94 51.18 71.21
CA GLY O 261 19.18 51.77 72.29
C GLY O 261 17.79 51.19 72.33
N LYS O 262 17.03 51.67 73.32
CA LYS O 262 15.64 51.24 73.45
C LYS O 262 14.83 51.72 72.26
N PHE O 263 13.79 50.94 71.92
CA PHE O 263 13.03 51.20 70.70
C PHE O 263 12.34 52.56 70.68
N PRO O 264 11.59 52.98 71.71
CA PRO O 264 10.78 54.21 71.52
C PRO O 264 11.61 55.49 71.55
N LYS O 265 12.38 55.71 70.48
CA LYS O 265 13.10 56.96 70.25
C LYS O 265 14.09 57.26 71.38
N ASP O 266 15.08 56.40 71.51
CA ASP O 266 16.09 56.58 72.54
C ASP O 266 16.92 57.84 72.26
N GLU O 267 17.33 58.50 73.34
CA GLU O 267 18.16 59.70 73.26
C GLU O 267 19.64 59.40 73.14
N THR O 268 20.04 58.13 73.15
CA THR O 268 21.45 57.78 73.09
C THR O 268 22.04 58.22 71.74
N PRO O 269 23.24 58.79 71.70
CA PRO O 269 23.83 59.19 70.42
C PRO O 269 24.51 58.01 69.75
N ILE O 270 25.06 58.27 68.56
CA ILE O 270 25.79 57.25 67.83
C ILE O 270 27.04 56.86 68.60
N GLY O 271 27.42 55.58 68.48
CA GLY O 271 28.59 55.08 69.19
C GLY O 271 29.11 53.82 68.53
N LYS O 272 30.20 53.31 69.09
CA LYS O 272 30.86 52.10 68.61
C LYS O 272 30.85 51.06 69.72
N TYR O 273 30.56 49.81 69.34
CA TYR O 273 30.39 48.71 70.27
C TYR O 273 31.22 47.52 69.83
N LYS O 274 31.65 46.73 70.80
CA LYS O 274 32.38 45.50 70.50
C LYS O 274 31.47 44.49 69.82
N LEU O 275 32.05 43.66 68.96
CA LEU O 275 31.29 42.67 68.21
C LEU O 275 30.99 41.40 69.01
N ASP O 276 31.66 41.19 70.16
CA ASP O 276 31.52 39.94 70.89
C ASP O 276 30.08 39.75 71.39
N ASP O 277 29.50 40.80 71.99
CA ASP O 277 28.15 40.66 72.54
C ASP O 277 27.09 40.64 71.44
N TYR O 278 27.31 41.37 70.36
CA TYR O 278 26.38 41.42 69.24
C TYR O 278 26.67 40.37 68.16
N TRP O 279 27.67 39.50 68.39
CA TRP O 279 27.96 38.45 67.41
C TRP O 279 26.79 37.49 67.26
N ASN O 280 25.95 37.35 68.30
CA ASN O 280 24.83 36.41 68.23
C ASN O 280 23.84 36.82 67.15
N GLU O 281 23.55 38.12 67.04
CA GLU O 281 22.56 38.64 66.09
C GLU O 281 23.21 39.15 64.81
N PHE O 282 24.34 38.56 64.41
CA PHE O 282 25.03 39.03 63.22
C PHE O 282 24.32 38.60 61.94
N ASN O 283 23.77 37.37 61.93
CA ASN O 283 22.96 36.83 60.84
C ASN O 283 23.76 36.43 59.60
N GLY O 284 25.06 36.73 59.57
CA GLY O 284 25.94 36.24 58.53
C GLY O 284 25.94 37.03 57.23
N ARG O 285 25.00 37.96 57.05
CA ARG O 285 24.92 38.69 55.79
C ARG O 285 25.95 39.80 55.75
N VAL O 286 26.73 39.84 54.65
CA VAL O 286 27.76 40.83 54.44
C VAL O 286 27.71 41.29 52.99
N MET O 287 27.91 42.59 52.76
CA MET O 287 27.87 43.18 51.44
C MET O 287 29.03 44.15 51.28
N ARG O 288 29.23 44.59 50.04
CA ARG O 288 30.35 45.48 49.71
C ARG O 288 29.91 46.39 48.57
N PHE O 289 30.58 47.53 48.45
CA PHE O 289 30.24 48.56 47.48
C PHE O 289 31.08 48.41 46.21
N ASP O 290 30.60 49.06 45.15
CA ASP O 290 31.33 49.10 43.88
C ASP O 290 30.76 50.25 43.06
N GLU O 291 31.63 51.19 42.68
CA GLU O 291 31.24 52.39 41.94
C GLU O 291 31.83 52.47 40.54
N GLU O 292 32.95 51.80 40.27
CA GLU O 292 33.63 51.98 39.00
C GLU O 292 32.80 51.47 37.84
N VAL O 293 32.16 50.31 38.00
CA VAL O 293 31.42 49.70 36.89
C VAL O 293 29.98 50.19 36.80
N TYR O 294 29.40 50.68 37.89
CA TYR O 294 28.01 51.10 37.86
C TYR O 294 27.85 52.36 37.03
N ILE O 295 26.88 52.35 36.12
CA ILE O 295 26.60 53.41 35.14
C ILE O 295 27.86 54.04 34.54
#